data_9BFU
#
_entry.id   9BFU
#
_cell.length_a   1.00
_cell.length_b   1.00
_cell.length_c   1.00
_cell.angle_alpha   90.00
_cell.angle_beta   90.00
_cell.angle_gamma   90.00
#
_symmetry.space_group_name_H-M   'P 1'
#
loop_
_entity.id
_entity.type
_entity.pdbx_description
1 polymer 'Protein sevenless'
2 branched 2-acetamido-2-deoxy-beta-D-glucopyranose-(1-4)-[alpha-L-fucopyranose-(1-6)]2-acetamido-2-deoxy-beta-D-glucopyranose
3 branched 2-acetamido-2-deoxy-beta-D-glucopyranose-(1-4)-2-acetamido-2-deoxy-beta-D-glucopyranose
4 non-polymer 2-acetamido-2-deoxy-beta-D-glucopyranose
#
_entity_poly.entity_id   1
_entity_poly.type   'polypeptide(L)'
_entity_poly.pdbx_seq_one_letter_code
;DVCRSHNYTVHQSPEPVSKDQMRLLRPKLDSDVVEKVAIWHKHAAAAPPSIVEGIAISSRPQSTMAHHPDDRDRDRDPSE
EQHGVDERMVLERVTRDCVQRCIVEEDLFLDEFGIQCEKADNGEKCYKTRCTKGCAQWYRALKELESCQEACLSLQFYPY
DMPCIGACEMAQRDYWHLQRLAISHLVERTQPQLERAPRADGQSTPLTIRWAMHFPEHYLASRPFNIQYQFVDHHGEELD
LEQEDQDASGETGSSAWFNLADYDCDEYYVCEILEALIPYTQYRFRFELPFGENRDEVLYSPATPAYQTPPEGAPISAPV
IEHLMGLDDSHLAVHWHPGRFTNGPIEGYRLRLSSSEGNATSEQLVPAGRGSYIFSQLQAGTNYTLALSMINKQGEGPVA
KGFVQTHSARNEKPAKDLTESVLLVGRRAVMWQSLEPAGENSMIYQSQEELADIAWSKREQQLWLLNVHGELRSLKFESG
QMVSPAQQLKLDLGNISSGRWVPRRLSFDWLHHRLYFAMESPERNQSSFQIISTDLLGESAQKVGESFDLPVEQLEVDAL
NGWIFWRNEESLWRQDLHGRMIHRLLRIRQPGWFLVQPQHFIIHLMLPQEGKFLEISYDGGFKHPLPLPPPSNGAGNGPA
SSHWQSFALLGRSLLLPDSGQLILVEQQGQAASPSASWPLKNLPDCWAVILLVPESQPLTSAGGKPHSLKALLGAQAAKI
SWKEPERNPYQSADAARSWSYELEVLDVASQSAFSIRNIRGPIFGLQRLQPDNLYQLRVRAINVDGEPGEWTEPLAARTW
PLGPHRLRWASRQGSVIHTNELGEGLEVQQEQLERLPGPMTMVNESVGYYVTGDGLLHCINLVHSQWGCPISEPLQHVGS
VTYDWRGGRVYWTDLARNCVVRMDPWSGSRELLPVFEANFLALDPRQGHLYYATSSQLSRHGSTPDEAVTYYRVNGLEGS
IASFVLDTQQDQLFWLVKGSGALRLYRAPLTAGGDSLQMIQQIKGVFQAVPDSLQLLRPLGALLWLERSGRRARLVRLAA
PLDVMELPTPDQASPASALQLLDPQPLPPRDEGVIPMTVLPDSVRLDDGHWDDFHVRWQPSTSGGNHSVSYRLLLEFGQR
LQTLDLSTPFARLTQLPQAQLQLKISITPRTAWRSGDTTRVQLTTPPVAPSQPRRLRVFVERLATALQEANVSAVLRWDA
PEQGQEAPMQALEYHISCWVGSELHEELRLNQSALEARVEHLQPDQTYHFQVEARVAATGAAAGAASHALHVAPEVQAVP
RVLYANAEFIGELDLDTRNRRRLVHTASPVEHLVGIEGEQRLLWVNEHVELLTHVPGSAPAKLARMRAEVLALAVDWIQR
IVYWAELDATAPQAAIIYRLDLCNFEGKILQGERVWSTPRGRLLKDLVALPQAQSLIWLEYEQGSPRNGSLRGRNLTDGS
ELEWATVQPLIRLHAGSLEPGSETLNLVDNQGKLCVYDVARQLCTASALRAQLNLLGEDSIAGQLAQDSGYLYAVKNWSI
RAYGRRRQQLEYTVELEPEEVRLLQAHNYQAYPPKNCLLLPSSGGSLLKATDCEEQRCLLNLPMITASEDCPLPIPGVRY
QLNLTLARGPGSEEHDHGVEPLGQWLLGAGESLNLTDLLPFTRYRVSGILSSFYQKKLALPTLVLAPLELLTASATPSPP
RNFSVRVLSPRELEVSWLPPEQLRSESVYYTLHWQQELDGENVQDRREWEAHERRLETAGTHRLTGIKPGSGYSLWVQAH
ATPTKSNSSERLHVRSFAELPELQLLELGPYSLSLTWAGTPDPLGSLQLECRSSAEQLRRNVAGNHTKMVVEPLQPRTRY
QCRLLLGYAATPGAPLYHGTAEVYETLGDAPSQPGKPQLEHIAEEVFRVTWTAARGNGAPIALYNLEALQARSDINSGGS
LEQLPWAEEPVVVEDQWLDFCNTTELSCIVKSLHSSRLLLFRVRARSLEHGWGPYSEESERVAEPFVSHHHHHHWSHPQF
EK
;
_entity_poly.pdbx_strand_id   A,B
#
loop_
_chem_comp.id
_chem_comp.type
_chem_comp.name
_chem_comp.formula
FUC L-saccharide, alpha linking alpha-L-fucopyranose 'C6 H12 O5'
NAG D-saccharide, beta linking 2-acetamido-2-deoxy-beta-D-glucopyranose 'C8 H15 N O6'
#
# COMPACT_ATOMS: atom_id res chain seq x y z
N VAL A 85 3.85 -47.81 34.48
CA VAL A 85 4.57 -47.74 35.74
C VAL A 85 6.04 -47.46 35.41
N ASP A 86 6.39 -47.69 34.13
CA ASP A 86 7.72 -47.32 33.66
C ASP A 86 7.80 -45.81 33.44
N GLU A 87 6.69 -45.21 33.00
CA GLU A 87 6.63 -43.77 32.70
C GLU A 87 6.72 -42.93 33.97
N ARG A 88 6.03 -43.34 35.02
CA ARG A 88 6.16 -42.60 36.29
C ARG A 88 7.58 -42.79 36.82
N MET A 89 8.12 -43.99 36.72
CA MET A 89 9.51 -44.18 37.13
C MET A 89 10.45 -43.24 36.41
N VAL A 90 10.19 -42.95 35.13
CA VAL A 90 10.98 -41.98 34.37
C VAL A 90 10.74 -40.55 34.87
N LEU A 91 9.48 -40.21 35.19
CA LEU A 91 9.10 -38.93 35.82
C LEU A 91 9.76 -38.71 37.19
N GLU A 92 9.71 -39.72 38.05
CA GLU A 92 10.31 -39.59 39.38
C GLU A 92 11.84 -39.65 39.34
N ARG A 93 12.42 -40.34 38.35
CA ARG A 93 13.87 -40.40 38.21
C ARG A 93 14.44 -39.07 37.71
N VAL A 94 13.75 -38.44 36.74
CA VAL A 94 14.18 -37.15 36.20
C VAL A 94 13.95 -36.03 37.23
N THR A 95 12.87 -36.14 38.02
CA THR A 95 12.60 -35.16 39.09
C THR A 95 13.59 -35.28 40.26
N ARG A 96 13.96 -36.51 40.67
CA ARG A 96 15.00 -36.76 41.66
C ARG A 96 16.37 -36.27 41.21
N ASP A 97 16.70 -36.51 39.93
CA ASP A 97 18.01 -36.13 39.41
C ASP A 97 18.09 -34.62 39.22
N CYS A 98 16.96 -33.98 38.90
CA CYS A 98 16.91 -32.53 38.74
C CYS A 98 17.04 -31.80 40.07
N VAL A 99 16.34 -32.29 41.11
CA VAL A 99 16.41 -31.71 42.46
C VAL A 99 17.79 -31.94 43.07
N GLN A 100 18.41 -33.09 42.75
CA GLN A 100 19.79 -33.38 43.16
C GLN A 100 20.82 -32.48 42.48
N ARG A 101 20.64 -32.15 41.19
CA ARG A 101 21.55 -31.22 40.53
C ARG A 101 21.36 -29.78 40.99
N CYS A 102 20.13 -29.40 41.36
CA CYS A 102 19.96 -28.05 41.91
C CYS A 102 20.47 -27.95 43.34
N ILE A 103 20.51 -29.06 44.08
CA ILE A 103 21.16 -29.08 45.38
C ILE A 103 22.68 -28.99 45.22
N VAL A 104 23.23 -29.69 44.21
CA VAL A 104 24.69 -29.73 44.02
C VAL A 104 25.22 -28.40 43.47
N GLU A 105 24.58 -27.85 42.45
CA GLU A 105 25.15 -26.73 41.72
C GLU A 105 24.68 -25.36 42.21
N GLU A 106 24.43 -25.21 43.51
CA GLU A 106 23.92 -23.93 44.00
C GLU A 106 25.02 -22.89 44.15
N ASP A 107 26.23 -23.30 44.50
CA ASP A 107 27.34 -22.37 44.68
C ASP A 107 28.20 -22.25 43.44
N LEU A 108 27.81 -22.91 42.34
CA LEU A 108 28.65 -22.95 41.16
C LEU A 108 28.54 -21.69 40.33
N PHE A 109 27.32 -21.29 39.97
CA PHE A 109 27.10 -20.20 39.04
C PHE A 109 27.04 -18.88 39.78
N LEU A 110 27.82 -17.92 39.32
CA LEU A 110 27.75 -16.56 39.85
C LEU A 110 26.53 -15.88 39.25
N ASP A 111 25.58 -15.54 40.11
CA ASP A 111 24.37 -14.93 39.61
C ASP A 111 24.60 -13.45 39.35
N GLU A 112 23.72 -12.88 38.53
CA GLU A 112 24.03 -11.61 37.91
C GLU A 112 23.76 -10.45 38.86
N PHE A 113 22.90 -10.64 39.84
CA PHE A 113 22.73 -9.68 40.92
C PHE A 113 23.70 -9.90 42.08
N GLY A 114 24.53 -10.94 42.02
CA GLY A 114 25.42 -11.26 43.12
C GLY A 114 24.68 -11.80 44.32
N ILE A 115 24.10 -12.99 44.19
CA ILE A 115 23.14 -13.47 45.19
C ILE A 115 23.87 -14.08 46.38
N GLN A 116 24.68 -15.14 46.13
CA GLN A 116 25.47 -15.96 47.08
C GLN A 116 24.73 -16.36 48.39
N CYS A 117 23.64 -17.11 48.24
CA CYS A 117 22.97 -17.64 49.43
C CYS A 117 23.73 -18.81 50.05
N GLU A 118 23.29 -19.17 51.25
CA GLU A 118 23.84 -20.28 52.01
C GLU A 118 23.20 -21.59 51.59
N LYS A 119 23.58 -22.69 52.24
CA LYS A 119 23.07 -24.00 51.89
C LYS A 119 21.70 -24.29 52.47
N ALA A 120 21.20 -23.47 53.39
CA ALA A 120 19.91 -23.71 54.02
C ALA A 120 19.07 -22.45 54.13
N ASP A 121 19.12 -21.56 53.14
CA ASP A 121 18.33 -20.34 53.20
C ASP A 121 16.88 -20.62 52.84
N ASN A 122 16.66 -21.35 51.73
CA ASN A 122 15.36 -21.70 51.12
C ASN A 122 14.51 -20.47 50.81
N GLY A 123 15.17 -19.40 50.35
CA GLY A 123 14.51 -18.16 50.06
C GLY A 123 14.52 -17.89 48.57
N GLU A 124 13.73 -16.88 48.18
CA GLU A 124 13.38 -16.71 46.77
C GLU A 124 14.49 -16.07 45.96
N LYS A 125 15.48 -15.47 46.62
CA LYS A 125 16.62 -14.92 45.89
C LYS A 125 17.57 -15.99 45.40
N CYS A 126 17.64 -17.13 46.10
CA CYS A 126 18.71 -18.09 45.95
C CYS A 126 18.56 -18.96 44.70
N TYR A 127 19.62 -19.70 44.40
CA TYR A 127 19.66 -20.56 43.23
C TYR A 127 18.75 -21.77 43.40
N LYS A 128 18.59 -22.23 44.64
CA LYS A 128 17.96 -23.52 44.89
C LYS A 128 16.44 -23.44 44.75
N THR A 129 15.84 -22.30 45.13
CA THR A 129 14.40 -22.15 45.05
C THR A 129 13.93 -21.95 43.61
N ARG A 130 14.68 -21.15 42.83
CA ARG A 130 14.39 -20.98 41.41
C ARG A 130 14.70 -22.23 40.61
N CYS A 131 15.71 -22.99 41.03
CA CYS A 131 16.07 -24.20 40.30
C CYS A 131 15.09 -25.34 40.61
N THR A 132 14.59 -25.40 41.85
CA THR A 132 13.54 -26.38 42.16
C THR A 132 12.20 -25.96 41.61
N LYS A 133 12.00 -24.65 41.36
CA LYS A 133 10.85 -24.19 40.57
C LYS A 133 10.96 -24.66 39.12
N GLY A 134 12.18 -24.67 38.59
CA GLY A 134 12.42 -25.22 37.25
C GLY A 134 12.23 -26.72 37.17
N CYS A 135 12.54 -27.44 38.24
CA CYS A 135 12.27 -28.88 38.25
C CYS A 135 10.86 -29.19 38.73
N ALA A 136 10.11 -28.17 39.15
CA ALA A 136 8.69 -28.36 39.38
C ALA A 136 7.88 -28.07 38.12
N GLN A 137 8.37 -27.19 37.26
CA GLN A 137 7.59 -26.73 36.13
C GLN A 137 7.97 -27.36 34.79
N TRP A 138 8.68 -28.48 34.75
CA TRP A 138 9.10 -29.00 33.45
C TRP A 138 8.05 -29.89 32.82
N TYR A 139 7.31 -30.66 33.62
CA TYR A 139 6.34 -31.61 33.10
C TYR A 139 5.06 -30.95 32.64
N ARG A 140 4.66 -29.86 33.29
CA ARG A 140 3.45 -29.15 32.90
C ARG A 140 3.69 -28.34 31.62
N ALA A 141 4.93 -27.95 31.38
CA ALA A 141 5.27 -27.28 30.13
C ALA A 141 5.31 -28.25 28.96
N LEU A 142 5.58 -29.52 29.24
CA LEU A 142 5.74 -30.49 28.16
C LEU A 142 4.39 -30.97 27.64
N LYS A 143 3.41 -31.16 28.52
CA LYS A 143 2.10 -31.62 28.09
C LYS A 143 1.31 -30.50 27.42
N GLU A 144 1.45 -29.28 27.91
CA GLU A 144 0.63 -28.16 27.44
C GLU A 144 1.35 -27.33 26.39
N LEU A 145 2.50 -27.83 25.89
CA LEU A 145 3.31 -27.26 24.81
C LEU A 145 3.81 -25.85 25.10
N GLU A 146 4.10 -25.57 26.36
CA GLU A 146 4.74 -24.33 26.75
C GLU A 146 6.24 -24.49 26.64
N SER A 147 6.92 -23.42 26.26
CA SER A 147 8.37 -23.39 26.34
C SER A 147 8.80 -23.20 27.79
N CYS A 148 10.09 -23.46 28.05
CA CYS A 148 10.62 -23.29 29.39
C CYS A 148 10.84 -21.82 29.74
N GLN A 149 10.92 -20.94 28.74
CA GLN A 149 10.94 -19.51 29.02
C GLN A 149 9.57 -19.03 29.47
N GLU A 150 8.50 -19.64 28.97
CA GLU A 150 7.16 -19.19 29.31
C GLU A 150 6.64 -19.89 30.55
N ALA A 151 7.14 -21.09 30.85
CA ALA A 151 6.75 -21.75 32.08
C ALA A 151 7.43 -21.13 33.28
N CYS A 152 8.69 -20.77 33.16
CA CYS A 152 9.44 -20.15 34.23
C CYS A 152 9.47 -18.63 34.06
N LEU A 153 8.30 -18.04 34.17
CA LEU A 153 8.12 -16.60 34.05
C LEU A 153 7.76 -16.04 35.41
N SER A 154 8.65 -15.27 36.00
CA SER A 154 8.42 -14.71 37.31
C SER A 154 8.41 -13.19 37.23
N LEU A 155 7.65 -12.58 38.14
CA LEU A 155 7.57 -11.13 38.17
C LEU A 155 8.69 -10.50 38.98
N GLN A 156 9.46 -11.28 39.71
CA GLN A 156 10.61 -10.72 40.41
C GLN A 156 11.82 -10.64 39.50
N PHE A 157 12.25 -11.77 38.96
CA PHE A 157 13.41 -11.83 38.07
C PHE A 157 12.89 -11.80 36.64
N TYR A 158 12.97 -10.63 36.02
CA TYR A 158 12.41 -10.43 34.69
C TYR A 158 13.51 -9.90 33.77
N PRO A 159 13.48 -10.25 32.47
CA PRO A 159 12.54 -11.08 31.71
C PRO A 159 12.85 -12.56 31.72
N TYR A 160 13.98 -13.00 32.26
CA TYR A 160 14.35 -14.41 32.22
C TYR A 160 14.77 -14.86 33.60
N ASP A 161 13.92 -15.65 34.26
CA ASP A 161 14.28 -16.31 35.50
C ASP A 161 15.22 -17.44 35.10
N MET A 162 16.51 -17.19 35.29
CA MET A 162 17.53 -17.87 34.51
C MET A 162 17.82 -19.34 34.95
N PRO A 163 17.97 -19.70 36.27
CA PRO A 163 18.17 -21.13 36.57
C PRO A 163 16.90 -21.96 36.50
N CYS A 164 15.74 -21.31 36.55
CA CYS A 164 14.46 -21.97 36.31
C CYS A 164 14.38 -22.49 34.87
N ILE A 165 14.84 -21.68 33.92
CA ILE A 165 14.88 -22.04 32.51
C ILE A 165 15.94 -23.13 32.26
N GLY A 166 17.08 -23.02 32.96
CA GLY A 166 18.13 -24.04 32.84
C GLY A 166 17.76 -25.40 33.42
N ALA A 167 17.04 -25.40 34.55
CA ALA A 167 16.58 -26.66 35.15
C ALA A 167 15.45 -27.29 34.35
N CYS A 168 14.57 -26.45 33.76
CA CYS A 168 13.49 -26.95 32.90
C CYS A 168 14.03 -27.59 31.62
N GLU A 169 15.04 -26.96 30.99
CA GLU A 169 15.61 -27.49 29.76
C GLU A 169 16.45 -28.74 30.01
N MET A 170 17.13 -28.81 31.16
CA MET A 170 17.94 -29.99 31.46
C MET A 170 17.07 -31.17 31.88
N ALA A 171 15.92 -30.90 32.51
CA ALA A 171 14.98 -31.97 32.84
C ALA A 171 14.27 -32.49 31.61
N GLN A 172 13.97 -31.62 30.64
CA GLN A 172 13.34 -32.08 29.41
C GLN A 172 14.31 -32.87 28.52
N ARG A 173 15.59 -32.49 28.52
CA ARG A 173 16.59 -33.26 27.80
C ARG A 173 16.89 -34.60 28.45
N ASP A 174 16.84 -34.67 29.79
CA ASP A 174 16.98 -35.95 30.49
C ASP A 174 15.78 -36.85 30.26
N TYR A 175 14.58 -36.27 30.11
CA TYR A 175 13.37 -37.02 29.82
C TYR A 175 13.40 -37.62 28.43
N TRP A 176 13.81 -36.84 27.41
CA TRP A 176 13.83 -37.38 26.06
C TRP A 176 15.00 -38.33 25.83
N HIS A 177 16.09 -38.16 26.59
CA HIS A 177 17.18 -39.13 26.58
C HIS A 177 16.76 -40.46 27.18
N LEU A 178 15.98 -40.44 28.27
CA LEU A 178 15.50 -41.67 28.87
C LEU A 178 14.41 -42.34 28.03
N GLN A 179 13.62 -41.57 27.29
CA GLN A 179 12.63 -42.16 26.40
C GLN A 179 13.28 -42.79 25.17
N ARG A 180 14.36 -42.19 24.66
CA ARG A 180 15.09 -42.78 23.53
C ARG A 180 15.82 -44.04 23.95
N LEU A 181 16.38 -44.06 25.18
CA LEU A 181 17.01 -45.27 25.70
C LEU A 181 16.00 -46.35 26.07
N ALA A 182 14.75 -45.96 26.35
CA ALA A 182 13.71 -46.96 26.53
C ALA A 182 13.30 -47.60 25.20
N ILE A 183 13.05 -46.79 24.17
CA ILE A 183 12.38 -47.28 22.97
C ILE A 183 13.40 -47.60 21.86
N SER A 184 14.71 -47.61 22.22
CA SER A 184 15.80 -47.87 21.26
C SER A 184 15.82 -49.29 20.71
N HIS A 185 15.60 -50.30 21.57
CA HIS A 185 15.60 -51.68 21.12
C HIS A 185 14.33 -52.02 20.34
N LEU A 186 13.20 -51.41 20.73
CA LEU A 186 11.94 -51.68 20.05
C LEU A 186 11.88 -51.00 18.69
N VAL A 187 12.59 -49.89 18.52
CA VAL A 187 12.73 -49.32 17.19
C VAL A 187 13.70 -50.15 16.36
N GLU A 188 14.87 -50.51 16.92
CA GLU A 188 15.92 -51.07 16.09
C GLU A 188 15.75 -52.57 15.84
N ARG A 189 14.77 -53.22 16.50
CA ARG A 189 14.47 -54.60 16.14
C ARG A 189 13.36 -54.67 15.10
N THR A 190 12.37 -53.79 15.17
CA THR A 190 11.15 -53.94 14.40
C THR A 190 11.32 -53.41 12.98
N GLN A 191 11.10 -54.28 11.99
CA GLN A 191 11.20 -53.91 10.59
C GLN A 191 9.85 -53.46 10.06
N PRO A 192 9.78 -52.32 9.37
CA PRO A 192 8.57 -51.96 8.64
C PRO A 192 8.32 -52.88 7.46
N GLN A 193 7.04 -53.10 7.17
CA GLN A 193 6.63 -53.99 6.08
C GLN A 193 5.89 -53.18 5.03
N LEU A 194 6.11 -53.51 3.77
CA LEU A 194 5.47 -52.82 2.65
C LEU A 194 4.33 -53.68 2.13
N GLU A 195 3.24 -53.03 1.71
CA GLU A 195 2.13 -53.73 1.08
C GLU A 195 1.48 -52.80 0.07
N ARG A 196 0.74 -53.39 -0.87
CA ARG A 196 0.17 -52.65 -1.98
C ARG A 196 -1.10 -53.33 -2.49
N PRO A 206 -2.89 -47.68 -3.34
CA PRO A 206 -1.88 -46.85 -2.68
C PRO A 206 -0.89 -47.67 -1.85
N LEU A 207 0.37 -47.24 -1.84
CA LEU A 207 1.46 -47.96 -1.20
C LEU A 207 1.40 -47.72 0.30
N THR A 208 1.49 -48.78 1.09
CA THR A 208 1.23 -48.70 2.52
C THR A 208 2.35 -49.36 3.30
N ILE A 209 2.97 -48.61 4.20
CA ILE A 209 3.95 -49.12 5.15
C ILE A 209 3.24 -49.41 6.47
N ARG A 210 3.34 -50.65 6.93
CA ARG A 210 2.89 -51.00 8.27
C ARG A 210 4.11 -51.18 9.16
N TRP A 211 4.21 -50.37 10.19
CA TRP A 211 5.22 -50.50 11.22
C TRP A 211 4.54 -50.94 12.51
N ALA A 212 5.13 -51.90 13.20
CA ALA A 212 4.52 -52.45 14.42
C ALA A 212 4.92 -51.64 15.65
N MET A 213 4.42 -50.42 15.70
CA MET A 213 4.72 -49.49 16.79
C MET A 213 3.45 -48.72 17.13
N HIS A 214 3.64 -47.63 17.89
CA HIS A 214 2.56 -46.76 18.30
C HIS A 214 3.15 -45.37 18.50
N PHE A 215 2.28 -44.36 18.46
CA PHE A 215 2.69 -43.00 18.80
C PHE A 215 2.98 -42.88 20.29
N PRO A 216 3.88 -41.99 20.70
CA PRO A 216 4.13 -41.79 22.13
C PRO A 216 3.00 -41.04 22.83
N GLU A 217 3.11 -40.97 24.16
CA GLU A 217 2.05 -40.36 24.97
C GLU A 217 2.04 -38.85 24.87
N HIS A 218 3.21 -38.21 24.85
CA HIS A 218 3.33 -36.80 24.57
C HIS A 218 3.74 -36.65 23.10
N TYR A 219 2.77 -36.89 22.22
CA TYR A 219 3.04 -37.04 20.80
C TYR A 219 3.26 -35.68 20.13
N LEU A 220 2.56 -34.66 20.62
CA LEU A 220 2.70 -33.35 20.01
C LEU A 220 3.88 -32.57 20.58
N ALA A 221 4.49 -33.08 21.65
CA ALA A 221 5.65 -32.40 22.23
C ALA A 221 6.90 -32.64 21.40
N SER A 222 6.98 -33.79 20.72
CA SER A 222 8.17 -34.13 19.97
C SER A 222 8.14 -33.53 18.59
N ARG A 223 9.24 -33.70 17.87
CA ARG A 223 9.31 -33.32 16.47
C ARG A 223 8.56 -34.32 15.60
N PRO A 224 8.20 -33.94 14.37
CA PRO A 224 7.64 -34.91 13.42
C PRO A 224 8.62 -36.00 13.01
N PHE A 225 8.12 -37.23 13.04
CA PHE A 225 8.84 -38.38 12.52
C PHE A 225 8.89 -38.30 11.00
N ASN A 226 9.97 -38.79 10.42
CA ASN A 226 10.18 -38.70 8.99
C ASN A 226 10.30 -40.08 8.37
N ILE A 227 9.52 -40.34 7.34
CA ILE A 227 9.75 -41.50 6.50
C ILE A 227 10.87 -41.17 5.54
N GLN A 228 11.88 -42.02 5.48
CA GLN A 228 13.05 -41.78 4.65
C GLN A 228 13.14 -42.88 3.59
N TYR A 229 13.49 -42.47 2.36
CA TYR A 229 13.59 -43.39 1.25
C TYR A 229 15.01 -43.43 0.72
N GLN A 230 15.38 -44.58 0.16
CA GLN A 230 16.71 -44.83 -0.35
C GLN A 230 16.62 -45.62 -1.64
N PHE A 231 17.34 -45.16 -2.67
CA PHE A 231 17.49 -45.97 -3.88
C PHE A 231 18.39 -47.15 -3.58
N VAL A 232 18.00 -48.34 -4.04
CA VAL A 232 18.81 -49.53 -3.83
C VAL A 232 20.01 -49.53 -4.76
N ASP A 233 19.80 -49.15 -6.02
CA ASP A 233 20.90 -49.05 -6.97
C ASP A 233 20.84 -47.73 -7.75
N ALA A 256 22.33 -42.37 -0.13
CA ALA A 256 21.96 -41.70 1.11
C ALA A 256 20.45 -41.68 1.28
N TRP A 257 20.00 -41.36 2.49
CA TRP A 257 18.57 -41.34 2.82
C TRP A 257 18.04 -39.93 2.64
N PHE A 258 17.00 -39.78 1.81
CA PHE A 258 16.32 -38.52 1.63
C PHE A 258 14.94 -38.60 2.28
N ASN A 259 14.42 -37.44 2.69
CA ASN A 259 13.13 -37.40 3.36
C ASN A 259 11.99 -37.50 2.35
N LEU A 260 11.02 -38.36 2.65
CA LEU A 260 9.82 -38.47 1.84
C LEU A 260 8.90 -37.31 2.19
N ALA A 261 8.25 -36.76 1.16
CA ALA A 261 7.55 -35.49 1.35
C ALA A 261 6.05 -35.67 1.61
N ASP A 262 5.44 -36.72 1.07
CA ASP A 262 4.00 -36.90 1.13
C ASP A 262 3.65 -38.25 1.71
N TYR A 263 3.09 -38.20 2.91
CA TYR A 263 2.64 -39.45 3.54
C TYR A 263 1.41 -39.20 4.39
N ASP A 264 0.80 -40.25 4.90
CA ASP A 264 -0.41 -40.20 5.73
C ASP A 264 -0.40 -41.32 6.75
N CYS A 265 -0.01 -41.02 7.98
CA CYS A 265 0.05 -42.05 9.01
C CYS A 265 -1.01 -41.78 10.05
N ASP A 266 -1.56 -42.87 10.59
CA ASP A 266 -2.42 -42.83 11.76
C ASP A 266 -1.60 -43.22 12.99
N GLU A 267 -2.31 -43.51 14.09
CA GLU A 267 -1.63 -43.78 15.35
C GLU A 267 -0.98 -45.15 15.41
N TYR A 268 -1.41 -46.07 14.55
CA TYR A 268 -0.80 -47.40 14.49
C TYR A 268 0.22 -47.52 13.37
N TYR A 269 0.71 -46.38 12.85
CA TYR A 269 1.76 -46.24 11.83
C TYR A 269 1.40 -46.92 10.50
N VAL A 270 0.11 -46.98 10.17
CA VAL A 270 -0.32 -47.57 8.88
C VAL A 270 -0.26 -46.43 7.87
N CYS A 271 0.92 -46.24 7.32
CA CYS A 271 1.25 -45.06 6.53
C CYS A 271 0.97 -45.30 5.05
N GLU A 272 0.45 -44.26 4.39
CA GLU A 272 0.14 -44.33 2.97
C GLU A 272 0.97 -43.29 2.23
N ILE A 273 1.77 -43.74 1.28
CA ILE A 273 2.67 -42.85 0.55
C ILE A 273 1.85 -42.17 -0.55
N LEU A 274 1.76 -40.85 -0.50
CA LEU A 274 1.12 -40.09 -1.56
C LEU A 274 2.14 -39.42 -2.48
N GLU A 275 3.42 -39.72 -2.29
CA GLU A 275 4.46 -39.15 -3.13
C GLU A 275 4.49 -39.82 -4.48
N ALA A 276 4.64 -39.03 -5.54
CA ALA A 276 4.80 -39.55 -6.89
C ALA A 276 6.21 -40.13 -7.00
N LEU A 277 6.32 -41.44 -6.83
CA LEU A 277 7.59 -42.13 -6.91
C LEU A 277 8.07 -42.22 -8.36
N ILE A 278 9.37 -42.40 -8.51
CA ILE A 278 9.94 -42.59 -9.85
C ILE A 278 9.62 -44.01 -10.32
N PRO A 279 9.01 -44.17 -11.50
CA PRO A 279 8.65 -45.51 -11.97
C PRO A 279 9.84 -46.35 -12.40
N TYR A 280 9.70 -47.66 -12.12
CA TYR A 280 10.69 -48.73 -12.30
C TYR A 280 11.99 -48.39 -11.58
N THR A 281 11.89 -48.21 -10.26
CA THR A 281 13.02 -47.96 -9.39
C THR A 281 12.81 -48.73 -8.09
N GLN A 282 13.80 -49.48 -7.67
CA GLN A 282 13.71 -50.19 -6.40
C GLN A 282 13.94 -49.24 -5.25
N TYR A 283 13.17 -49.40 -4.17
CA TYR A 283 13.19 -48.46 -3.06
C TYR A 283 13.30 -49.20 -1.74
N ARG A 284 13.89 -48.53 -0.75
CA ARG A 284 13.88 -48.95 0.63
C ARG A 284 13.37 -47.80 1.49
N PHE A 285 12.60 -48.12 2.52
CA PHE A 285 12.00 -47.10 3.37
C PHE A 285 12.35 -47.38 4.82
N ARG A 286 12.43 -46.31 5.62
CA ARG A 286 12.70 -46.44 7.04
C ARG A 286 12.06 -45.28 7.79
N PHE A 287 11.96 -45.43 9.11
CA PHE A 287 11.40 -44.40 9.95
C PHE A 287 12.49 -43.72 10.77
N GLU A 288 12.41 -42.40 10.87
CA GLU A 288 13.24 -41.59 11.73
C GLU A 288 12.36 -41.03 12.82
N LEU A 289 12.66 -41.40 14.07
CA LEU A 289 11.92 -40.90 15.22
C LEU A 289 12.79 -39.89 15.96
N PRO A 290 12.51 -38.60 15.89
CA PRO A 290 13.19 -37.66 16.78
C PRO A 290 12.56 -37.72 18.16
N PHE A 291 13.34 -37.32 19.16
CA PHE A 291 12.88 -37.34 20.54
C PHE A 291 13.09 -35.94 21.11
N GLY A 292 12.03 -35.14 21.11
CA GLY A 292 12.15 -33.76 21.50
C GLY A 292 12.77 -32.92 20.41
N GLU A 293 13.18 -31.71 20.78
CA GLU A 293 13.77 -30.78 19.83
C GLU A 293 15.28 -30.95 19.68
N ASN A 294 15.89 -31.89 20.41
CA ASN A 294 17.31 -32.13 20.27
C ASN A 294 17.62 -32.89 18.99
N ARG A 295 18.60 -32.41 18.24
CA ARG A 295 18.91 -33.02 16.95
C ARG A 295 19.80 -34.25 17.12
N ASP A 296 20.40 -34.42 18.30
CA ASP A 296 21.23 -35.60 18.54
C ASP A 296 20.37 -36.82 18.81
N GLU A 297 19.22 -36.65 19.47
CA GLU A 297 18.40 -37.77 19.91
C GLU A 297 17.38 -38.14 18.82
N VAL A 298 17.88 -38.88 17.83
CA VAL A 298 17.05 -39.48 16.80
C VAL A 298 17.27 -40.98 16.84
N LEU A 299 16.26 -41.74 16.45
CA LEU A 299 16.36 -43.17 16.22
C LEU A 299 16.04 -43.45 14.76
N TYR A 300 16.69 -44.47 14.21
CA TYR A 300 16.39 -44.90 12.86
C TYR A 300 15.90 -46.33 12.91
N SER A 301 14.78 -46.58 12.25
CA SER A 301 14.26 -47.93 12.07
C SER A 301 15.09 -48.68 11.04
N PRO A 302 15.04 -50.01 11.03
CA PRO A 302 15.63 -50.77 9.92
C PRO A 302 14.89 -50.56 8.61
N ALA A 303 15.57 -50.87 7.52
CA ALA A 303 15.02 -50.62 6.20
C ALA A 303 14.00 -51.68 5.82
N THR A 304 13.11 -51.31 4.90
CA THR A 304 12.10 -52.20 4.36
C THR A 304 12.72 -53.23 3.42
N PRO A 305 12.01 -54.34 3.15
CA PRO A 305 12.33 -55.12 1.95
C PRO A 305 12.10 -54.31 0.68
N ALA A 306 12.92 -54.60 -0.33
CA ALA A 306 13.05 -53.73 -1.48
C ALA A 306 11.86 -53.85 -2.43
N TYR A 307 11.21 -52.72 -2.68
CA TYR A 307 10.02 -52.67 -3.52
C TYR A 307 10.33 -51.87 -4.77
N GLN A 308 10.04 -52.45 -5.92
CA GLN A 308 10.21 -51.80 -7.20
C GLN A 308 8.89 -51.15 -7.59
N THR A 309 8.96 -49.93 -8.09
CA THR A 309 7.79 -49.26 -8.64
C THR A 309 7.39 -49.96 -9.95
N PRO A 310 6.10 -50.11 -10.23
CA PRO A 310 5.68 -50.69 -11.51
C PRO A 310 6.02 -49.76 -12.67
N PRO A 311 6.38 -50.31 -13.84
CA PRO A 311 6.92 -49.47 -14.91
C PRO A 311 5.82 -48.75 -15.68
N GLU A 312 6.05 -47.45 -15.92
CA GLU A 312 5.12 -46.61 -16.67
C GLU A 312 5.87 -45.42 -17.23
N GLY A 313 5.57 -45.06 -18.47
CA GLY A 313 5.95 -43.78 -19.01
C GLY A 313 7.27 -43.77 -19.74
N ALA A 314 7.58 -42.59 -20.28
CA ALA A 314 8.82 -42.34 -20.99
C ALA A 314 10.02 -42.34 -20.02
N PRO A 315 11.22 -42.66 -20.51
CA PRO A 315 12.41 -42.47 -19.66
C PRO A 315 12.71 -40.99 -19.44
N ILE A 316 13.22 -40.68 -18.26
CA ILE A 316 13.52 -39.30 -17.89
C ILE A 316 15.01 -39.05 -17.78
N SER A 317 15.83 -40.07 -17.94
CA SER A 317 17.28 -39.93 -17.86
C SER A 317 17.87 -40.16 -19.23
N ALA A 318 18.73 -39.25 -19.66
CA ALA A 318 19.44 -39.43 -20.91
C ALA A 318 20.53 -40.48 -20.74
N PRO A 319 20.81 -41.31 -21.75
CA PRO A 319 21.90 -42.28 -21.63
C PRO A 319 23.25 -41.60 -21.76
N VAL A 320 24.06 -41.69 -20.72
CA VAL A 320 25.34 -41.00 -20.67
C VAL A 320 26.34 -41.81 -21.46
N ILE A 321 26.96 -41.16 -22.46
CA ILE A 321 27.99 -41.80 -23.25
C ILE A 321 29.28 -41.93 -22.45
N GLU A 322 29.90 -43.10 -22.53
CA GLU A 322 31.21 -43.25 -21.93
C GLU A 322 32.29 -42.68 -22.84
N HIS A 323 32.43 -43.25 -24.04
CA HIS A 323 33.51 -42.89 -24.93
C HIS A 323 32.98 -42.70 -26.34
N LEU A 324 33.55 -41.75 -27.05
CA LEU A 324 33.05 -41.34 -28.36
C LEU A 324 34.25 -40.77 -29.14
N MET A 325 34.75 -41.52 -30.11
CA MET A 325 35.91 -41.06 -30.86
C MET A 325 35.88 -41.57 -32.30
N GLY A 326 36.62 -40.88 -33.15
CA GLY A 326 36.79 -41.30 -34.53
C GLY A 326 37.89 -42.33 -34.64
N LEU A 327 37.53 -43.50 -35.17
CA LEU A 327 38.51 -44.56 -35.41
C LEU A 327 39.45 -44.19 -36.55
N ASP A 328 38.87 -43.77 -37.67
CA ASP A 328 39.61 -43.26 -38.82
C ASP A 328 38.72 -42.22 -39.50
N ASP A 329 39.03 -41.94 -40.78
CA ASP A 329 38.33 -40.91 -41.53
C ASP A 329 36.92 -41.33 -41.97
N SER A 330 36.58 -42.61 -41.90
CA SER A 330 35.28 -43.09 -42.38
C SER A 330 34.41 -43.69 -41.29
N HIS A 331 34.95 -44.04 -40.12
CA HIS A 331 34.19 -44.70 -39.08
C HIS A 331 34.18 -43.86 -37.80
N LEU A 332 33.28 -44.23 -36.90
CA LEU A 332 33.09 -43.51 -35.64
C LEU A 332 32.61 -44.50 -34.59
N ALA A 333 33.23 -44.50 -33.42
CA ALA A 333 32.92 -45.47 -32.38
C ALA A 333 32.36 -44.79 -31.14
N VAL A 334 31.36 -45.42 -30.53
CA VAL A 334 30.76 -44.93 -29.30
C VAL A 334 30.48 -46.13 -28.39
N HIS A 335 30.79 -45.96 -27.11
CA HIS A 335 30.42 -46.87 -26.03
C HIS A 335 29.66 -46.07 -24.99
N TRP A 336 28.58 -46.66 -24.47
CA TRP A 336 27.74 -45.97 -23.50
C TRP A 336 27.19 -46.97 -22.49
N HIS A 337 26.71 -46.44 -21.37
CA HIS A 337 26.00 -47.20 -20.35
C HIS A 337 24.58 -46.66 -20.28
N PRO A 338 23.61 -47.45 -19.80
CA PRO A 338 22.26 -46.91 -19.58
C PRO A 338 22.20 -45.90 -18.44
N GLY A 339 21.13 -45.11 -18.47
CA GLY A 339 20.89 -44.11 -17.44
C GLY A 339 20.32 -44.72 -16.17
N ARG A 340 20.10 -43.84 -15.18
CA ARG A 340 19.71 -44.31 -13.87
C ARG A 340 18.22 -44.64 -13.82
N PHE A 341 17.37 -43.71 -14.25
CA PHE A 341 15.92 -43.93 -14.29
C PHE A 341 15.53 -44.32 -15.70
N THR A 342 15.45 -45.63 -15.97
CA THR A 342 15.09 -46.09 -17.30
C THR A 342 13.59 -46.08 -17.52
N ASN A 343 12.81 -46.10 -16.45
CA ASN A 343 11.35 -46.05 -16.34
C ASN A 343 10.66 -47.17 -17.10
N GLY A 344 11.24 -48.35 -17.16
CA GLY A 344 10.66 -49.47 -17.85
C GLY A 344 11.72 -50.51 -18.16
N PRO A 345 11.30 -51.67 -18.66
CA PRO A 345 12.28 -52.63 -19.20
C PRO A 345 12.89 -52.09 -20.49
N ILE A 346 14.20 -52.28 -20.61
CA ILE A 346 14.96 -51.68 -21.69
C ILE A 346 14.73 -52.43 -23.01
N GLU A 347 14.46 -51.68 -24.07
CA GLU A 347 14.21 -52.27 -25.38
C GLU A 347 15.29 -51.89 -26.39
N GLY A 348 15.53 -50.62 -26.63
CA GLY A 348 16.47 -50.21 -27.67
C GLY A 348 16.99 -48.80 -27.51
N TYR A 349 18.19 -48.59 -28.00
CA TYR A 349 18.80 -47.26 -28.01
C TYR A 349 18.81 -46.76 -29.44
N ARG A 350 18.47 -45.47 -29.60
CA ARG A 350 18.41 -44.85 -30.95
C ARG A 350 19.57 -43.88 -31.11
N LEU A 351 20.34 -44.04 -32.19
CA LEU A 351 21.49 -43.21 -32.48
C LEU A 351 21.18 -42.36 -33.71
N ARG A 352 21.42 -41.04 -33.61
CA ARG A 352 21.26 -40.12 -34.71
C ARG A 352 22.58 -39.40 -34.96
N LEU A 353 23.10 -39.50 -36.17
CA LEU A 353 24.39 -38.92 -36.50
C LEU A 353 24.21 -37.85 -37.56
N SER A 354 24.59 -36.62 -37.23
CA SER A 354 24.39 -35.49 -38.12
C SER A 354 25.70 -34.81 -38.51
N THR A 361 21.31 -36.86 -42.07
CA THR A 361 21.53 -37.44 -40.72
C THR A 361 21.36 -38.97 -40.78
N SER A 362 22.16 -39.70 -39.99
CA SER A 362 22.11 -41.18 -40.02
C SER A 362 21.49 -41.71 -38.73
N GLU A 363 20.43 -42.50 -38.85
CA GLU A 363 19.73 -43.02 -37.64
C GLU A 363 19.85 -44.54 -37.59
N GLN A 364 19.93 -45.11 -36.40
CA GLN A 364 20.06 -46.56 -36.23
C GLN A 364 19.52 -46.98 -34.87
N LEU A 365 18.77 -48.08 -34.87
CA LEU A 365 18.24 -48.69 -33.66
C LEU A 365 19.15 -49.84 -33.27
N VAL A 366 19.46 -49.94 -31.98
CA VAL A 366 20.28 -51.04 -31.48
C VAL A 366 19.52 -51.65 -30.30
N PRO A 367 19.57 -52.99 -30.09
CA PRO A 367 18.85 -53.56 -28.95
C PRO A 367 19.48 -53.32 -27.58
N ALA A 368 18.88 -53.96 -26.57
CA ALA A 368 19.16 -53.62 -25.18
C ALA A 368 20.49 -54.19 -24.68
N GLY A 369 20.92 -55.34 -25.21
CA GLY A 369 22.13 -55.96 -24.72
C GLY A 369 23.40 -55.31 -25.22
N ARG A 370 23.30 -54.55 -26.31
CA ARG A 370 24.47 -53.92 -26.90
C ARG A 370 24.58 -52.48 -26.41
N GLY A 371 25.79 -52.07 -26.05
CA GLY A 371 26.04 -50.71 -25.62
C GLY A 371 27.22 -50.09 -26.34
N SER A 372 27.48 -50.56 -27.56
CA SER A 372 28.61 -50.07 -28.34
C SER A 372 28.27 -50.11 -29.81
N TYR A 373 28.46 -48.99 -30.51
CA TYR A 373 28.17 -48.94 -31.93
C TYR A 373 29.26 -48.22 -32.69
N ILE A 374 29.50 -48.67 -33.92
CA ILE A 374 30.48 -48.08 -34.82
C ILE A 374 29.79 -47.80 -36.15
N PHE A 375 29.78 -46.53 -36.54
CA PHE A 375 29.23 -46.09 -37.82
C PHE A 375 30.26 -46.28 -38.93
N SER A 376 29.84 -46.00 -40.15
CA SER A 376 30.71 -46.16 -41.30
C SER A 376 30.33 -45.15 -42.38
N GLN A 377 31.25 -45.00 -43.35
CA GLN A 377 31.13 -44.20 -44.58
C GLN A 377 30.90 -42.72 -44.30
N LEU A 378 31.71 -42.17 -43.40
CA LEU A 378 31.57 -40.77 -43.02
C LEU A 378 32.49 -39.89 -43.85
N GLN A 379 32.23 -38.58 -43.83
CA GLN A 379 33.07 -37.60 -44.48
C GLN A 379 34.36 -37.42 -43.68
N ALA A 380 35.47 -37.22 -44.38
CA ALA A 380 36.76 -37.07 -43.72
C ALA A 380 36.99 -35.62 -43.29
N GLY A 381 37.43 -35.44 -42.05
CA GLY A 381 37.91 -34.15 -41.59
C GLY A 381 36.84 -33.13 -41.23
N THR A 382 35.61 -33.59 -41.08
CA THR A 382 34.51 -32.78 -40.56
C THR A 382 34.08 -33.37 -39.23
N ASN A 383 33.52 -32.53 -38.35
CA ASN A 383 33.01 -33.11 -37.11
C ASN A 383 31.51 -33.39 -37.21
N TYR A 384 31.09 -34.46 -36.55
CA TYR A 384 29.74 -34.96 -36.51
C TYR A 384 29.16 -34.76 -35.12
N THR A 385 27.83 -34.76 -35.08
CA THR A 385 27.08 -34.62 -33.83
C THR A 385 26.24 -35.86 -33.62
N LEU A 386 26.46 -36.53 -32.49
CA LEU A 386 25.75 -37.76 -32.16
C LEU A 386 24.69 -37.46 -31.10
N ALA A 387 23.46 -37.89 -31.38
CA ALA A 387 22.31 -37.73 -30.51
C ALA A 387 21.84 -39.12 -30.11
N LEU A 388 21.99 -39.44 -28.83
CA LEU A 388 21.67 -40.78 -28.32
C LEU A 388 20.44 -40.71 -27.44
N SER A 389 19.47 -41.59 -27.69
CA SER A 389 18.25 -41.62 -26.90
C SER A 389 17.92 -43.04 -26.47
N MET A 390 17.18 -43.12 -25.37
CA MET A 390 16.76 -44.37 -24.75
C MET A 390 15.31 -44.66 -25.13
N ILE A 391 15.01 -45.90 -25.49
CA ILE A 391 13.67 -46.32 -25.89
C ILE A 391 13.30 -47.55 -25.08
N ASN A 392 12.21 -47.46 -24.33
CA ASN A 392 11.56 -48.58 -23.68
C ASN A 392 10.25 -48.87 -24.41
N LYS A 393 9.42 -49.75 -23.82
CA LYS A 393 8.12 -50.11 -24.37
C LYS A 393 7.14 -48.94 -24.43
N GLN A 394 7.20 -48.03 -23.47
CA GLN A 394 6.22 -46.95 -23.42
C GLN A 394 6.57 -45.77 -24.30
N GLY A 395 7.85 -45.42 -24.42
CA GLY A 395 8.21 -44.25 -25.20
C GLY A 395 9.69 -44.08 -25.39
N GLU A 396 10.08 -42.83 -25.64
CA GLU A 396 11.46 -42.46 -25.95
C GLU A 396 11.92 -41.40 -24.96
N GLY A 397 13.13 -41.58 -24.43
CA GLY A 397 13.64 -40.72 -23.39
C GLY A 397 14.29 -39.46 -23.93
N PRO A 398 15.09 -38.81 -23.08
CA PRO A 398 15.78 -37.59 -23.51
C PRO A 398 16.98 -37.89 -24.38
N VAL A 399 17.53 -36.83 -24.95
CA VAL A 399 18.55 -36.94 -25.99
C VAL A 399 19.88 -36.41 -25.47
N ALA A 400 20.91 -37.25 -25.55
CA ALA A 400 22.26 -36.93 -25.15
C ALA A 400 23.04 -36.43 -26.35
N LYS A 401 23.84 -35.39 -26.14
CA LYS A 401 24.39 -34.55 -27.19
C LYS A 401 25.91 -34.74 -27.22
N GLY A 402 26.47 -34.93 -28.41
CA GLY A 402 27.91 -35.18 -28.50
C GLY A 402 28.53 -34.59 -29.74
N PHE A 403 29.70 -34.00 -29.58
CA PHE A 403 30.48 -33.37 -30.64
C PHE A 403 31.76 -34.16 -30.84
N VAL A 404 31.99 -34.68 -32.05
CA VAL A 404 33.13 -35.57 -32.26
C VAL A 404 33.69 -35.43 -33.68
N GLN A 405 35.01 -35.30 -33.77
CA GLN A 405 35.71 -35.23 -35.06
C GLN A 405 35.97 -36.63 -35.60
N THR A 406 36.04 -36.73 -36.92
CA THR A 406 36.69 -37.87 -37.54
C THR A 406 38.17 -37.56 -37.76
N HIS A 407 38.92 -38.58 -38.18
CA HIS A 407 40.30 -38.35 -38.57
C HIS A 407 40.34 -37.67 -39.94
N SER A 408 41.43 -36.94 -40.17
CA SER A 408 41.62 -36.24 -41.44
C SER A 408 41.98 -37.22 -42.54
N ALA A 409 41.84 -36.76 -43.78
CA ALA A 409 42.11 -37.61 -44.94
C ALA A 409 43.61 -37.77 -45.16
N ARG A 410 44.03 -39.02 -45.37
CA ARG A 410 45.42 -39.32 -45.64
C ARG A 410 45.79 -38.89 -47.06
N ASN A 411 47.04 -38.51 -47.26
CA ASN A 411 47.52 -38.12 -48.58
C ASN A 411 47.63 -39.34 -49.48
N GLU A 412 47.02 -39.24 -50.66
CA GLU A 412 46.93 -40.35 -51.60
C GLU A 412 48.11 -40.30 -52.56
N LYS A 413 49.06 -41.22 -52.38
CA LYS A 413 50.19 -41.33 -53.29
C LYS A 413 49.74 -42.02 -54.56
N PRO A 414 50.08 -41.52 -55.74
CA PRO A 414 49.70 -42.19 -56.99
C PRO A 414 50.67 -43.31 -57.34
N ALA A 415 50.46 -43.88 -58.53
CA ALA A 415 51.34 -44.94 -59.02
C ALA A 415 52.70 -44.39 -59.44
N LYS A 416 52.75 -43.15 -59.92
CA LYS A 416 54.00 -42.55 -60.35
C LYS A 416 54.87 -42.10 -59.18
N ASP A 417 54.25 -41.81 -58.03
CA ASP A 417 54.96 -41.31 -56.86
C ASP A 417 54.70 -42.22 -55.67
N LEU A 418 54.81 -43.52 -55.88
CA LEU A 418 54.71 -44.50 -54.81
C LEU A 418 56.12 -44.89 -54.40
N THR A 419 56.52 -44.47 -53.19
CA THR A 419 57.89 -44.65 -52.71
C THR A 419 57.99 -45.71 -51.63
N GLU A 420 56.97 -46.54 -51.46
CA GLU A 420 56.97 -47.50 -50.37
C GLU A 420 57.78 -48.74 -50.74
N SER A 421 58.04 -49.57 -49.73
CA SER A 421 58.74 -50.83 -49.92
C SER A 421 57.98 -51.93 -49.20
N VAL A 422 57.93 -53.11 -49.81
CA VAL A 422 57.27 -54.27 -49.21
C VAL A 422 58.29 -55.38 -49.02
N LEU A 423 57.99 -56.28 -48.09
CA LEU A 423 58.77 -57.49 -47.86
C LEU A 423 57.78 -58.64 -47.95
N LEU A 424 57.84 -59.40 -49.03
CA LEU A 424 56.96 -60.55 -49.15
C LEU A 424 57.72 -61.80 -48.74
N VAL A 425 57.18 -62.49 -47.76
CA VAL A 425 57.75 -63.71 -47.22
C VAL A 425 56.91 -64.88 -47.69
N GLY A 426 57.50 -65.71 -48.54
CA GLY A 426 56.97 -67.02 -48.87
C GLY A 426 57.56 -68.06 -47.94
N ARG A 427 57.12 -69.31 -48.14
CA ARG A 427 57.57 -70.40 -47.28
C ARG A 427 59.02 -70.80 -47.58
N ARG A 428 59.45 -70.68 -48.84
CA ARG A 428 60.79 -71.07 -49.23
C ARG A 428 61.61 -69.96 -49.87
N ALA A 429 60.99 -68.83 -50.24
CA ALA A 429 61.72 -67.72 -50.84
C ALA A 429 61.17 -66.42 -50.27
N VAL A 430 62.05 -65.56 -49.78
CA VAL A 430 61.72 -64.29 -49.16
C VAL A 430 62.32 -63.20 -50.00
N MET A 431 61.50 -62.23 -50.42
CA MET A 431 62.01 -61.20 -51.30
C MET A 431 61.46 -59.81 -50.95
N TRP A 432 62.36 -58.84 -50.98
CA TRP A 432 62.09 -57.42 -50.74
C TRP A 432 61.90 -56.70 -52.05
N GLN A 433 60.89 -55.82 -52.11
CA GLN A 433 60.46 -55.26 -53.38
C GLN A 433 60.15 -53.77 -53.21
N SER A 434 60.49 -52.99 -54.24
CA SER A 434 60.25 -51.55 -54.25
C SER A 434 58.98 -51.25 -55.03
N LEU A 435 58.13 -50.39 -54.47
CA LEU A 435 56.88 -50.02 -55.11
C LEU A 435 57.00 -48.80 -56.02
N GLU A 436 58.20 -48.47 -56.47
CA GLU A 436 58.40 -47.47 -57.49
C GLU A 436 58.01 -48.03 -58.86
N PRO A 437 57.75 -47.16 -59.85
CA PRO A 437 57.70 -47.63 -61.25
C PRO A 437 59.01 -48.23 -61.76
N ALA A 438 60.15 -47.72 -61.29
CA ALA A 438 61.44 -48.37 -61.48
C ALA A 438 61.79 -49.05 -60.15
N GLY A 439 61.24 -50.24 -59.94
CA GLY A 439 61.46 -50.95 -58.70
C GLY A 439 62.43 -52.11 -58.85
N GLU A 440 63.16 -52.41 -57.78
CA GLU A 440 64.17 -53.46 -57.76
C GLU A 440 63.57 -54.68 -57.05
N ASN A 441 63.41 -55.77 -57.80
CA ASN A 441 62.65 -56.94 -57.35
C ASN A 441 63.67 -57.94 -56.79
N SER A 442 64.20 -57.64 -55.60
CA SER A 442 65.53 -58.11 -55.23
C SER A 442 65.51 -59.06 -54.04
N MET A 443 66.25 -60.16 -54.21
CA MET A 443 66.46 -61.24 -53.24
C MET A 443 67.08 -60.76 -51.92
N ILE A 444 66.47 -61.21 -50.81
CA ILE A 444 67.03 -61.02 -49.49
C ILE A 444 67.41 -62.37 -48.86
N TYR A 445 66.52 -63.37 -48.86
CA TYR A 445 66.82 -64.64 -48.21
C TYR A 445 66.07 -65.81 -48.82
N GLN A 446 66.79 -66.88 -49.11
CA GLN A 446 66.23 -68.14 -49.56
C GLN A 446 66.50 -69.20 -48.50
N SER A 447 65.45 -69.88 -48.04
CA SER A 447 65.57 -70.96 -47.07
C SER A 447 64.95 -72.22 -47.67
N GLN A 448 65.73 -73.31 -47.71
CA GLN A 448 65.23 -74.55 -48.28
C GLN A 448 64.25 -75.25 -47.35
N GLU A 449 64.38 -75.02 -46.05
CA GLU A 449 63.42 -75.54 -45.09
C GLU A 449 62.18 -74.66 -45.11
N GLU A 450 61.01 -75.27 -44.88
CA GLU A 450 59.78 -74.49 -44.79
C GLU A 450 59.71 -73.78 -43.44
N LEU A 451 59.46 -72.48 -43.49
CA LEU A 451 59.36 -71.65 -42.30
C LEU A 451 57.92 -71.60 -41.84
N ALA A 452 57.70 -71.83 -40.55
CA ALA A 452 56.35 -71.77 -40.02
C ALA A 452 55.88 -70.32 -39.85
N ASP A 453 56.71 -69.47 -39.24
CA ASP A 453 56.28 -68.10 -38.98
C ASP A 453 57.50 -67.18 -38.97
N ILE A 454 57.23 -65.89 -39.15
CA ILE A 454 58.22 -64.83 -39.08
C ILE A 454 57.86 -63.86 -37.97
N ALA A 455 58.85 -63.07 -37.57
CA ALA A 455 58.64 -61.92 -36.70
C ALA A 455 59.46 -60.77 -37.25
N TRP A 456 58.86 -59.58 -37.35
CA TRP A 456 59.46 -58.46 -38.05
C TRP A 456 59.68 -57.30 -37.10
N SER A 457 60.87 -56.71 -37.14
CA SER A 457 61.22 -55.54 -36.34
C SER A 457 61.38 -54.32 -37.24
N LYS A 458 61.23 -53.13 -36.67
CA LYS A 458 61.31 -51.91 -37.47
C LYS A 458 62.60 -51.14 -37.25
N ARG A 459 62.99 -50.87 -36.01
CA ARG A 459 64.24 -50.16 -35.77
C ARG A 459 65.45 -51.06 -35.97
N GLU A 460 65.34 -52.32 -35.53
CA GLU A 460 66.43 -53.27 -35.74
C GLU A 460 66.48 -53.79 -37.17
N GLN A 461 65.32 -53.84 -37.85
CA GLN A 461 65.05 -54.53 -39.11
C GLN A 461 65.50 -55.99 -39.07
N GLN A 462 64.85 -56.78 -38.22
CA GLN A 462 65.22 -58.17 -37.99
C GLN A 462 64.03 -59.07 -38.26
N LEU A 463 64.22 -60.09 -39.09
CA LEU A 463 63.20 -61.08 -39.40
C LEU A 463 63.58 -62.37 -38.69
N TRP A 464 62.98 -62.60 -37.53
CA TRP A 464 63.08 -63.90 -36.86
C TRP A 464 62.32 -64.94 -37.67
N LEU A 465 62.92 -66.13 -37.82
CA LEU A 465 62.38 -67.20 -38.64
C LEU A 465 62.21 -68.45 -37.79
N LEU A 466 60.99 -68.96 -37.71
CA LEU A 466 60.70 -70.20 -37.01
C LEU A 466 60.21 -71.20 -38.05
N ASN A 467 60.89 -72.35 -38.11
CA ASN A 467 60.62 -73.38 -39.10
C ASN A 467 59.57 -74.37 -38.58
N VAL A 468 59.36 -75.43 -39.35
CA VAL A 468 58.35 -76.43 -38.99
C VAL A 468 58.81 -77.37 -37.89
N HIS A 469 60.11 -77.46 -37.64
CA HIS A 469 60.62 -78.31 -36.57
C HIS A 469 60.66 -77.61 -35.22
N GLY A 470 60.40 -76.31 -35.17
CA GLY A 470 60.39 -75.58 -33.92
C GLY A 470 61.70 -74.91 -33.56
N GLU A 471 62.68 -74.92 -34.45
CA GLU A 471 63.97 -74.35 -34.14
C GLU A 471 64.06 -72.92 -34.68
N LEU A 472 64.67 -72.02 -33.90
CA LEU A 472 64.55 -70.59 -34.14
C LEU A 472 65.85 -70.00 -34.68
N ARG A 473 65.75 -69.37 -35.85
CA ARG A 473 66.88 -68.67 -36.47
C ARG A 473 66.59 -67.18 -36.46
N SER A 474 67.37 -66.43 -35.68
CA SER A 474 67.26 -64.98 -35.64
C SER A 474 68.11 -64.39 -36.76
N LEU A 475 67.48 -63.68 -37.68
CA LEU A 475 68.13 -63.20 -38.89
C LEU A 475 67.99 -61.69 -38.98
N LYS A 476 69.09 -60.97 -38.81
CA LYS A 476 69.10 -59.53 -38.95
C LYS A 476 69.39 -59.15 -40.39
N PHE A 477 68.60 -58.23 -40.92
CA PHE A 477 68.85 -57.65 -42.23
C PHE A 477 69.00 -56.13 -42.10
N GLU A 478 69.17 -55.47 -43.24
CA GLU A 478 69.26 -54.01 -43.29
C GLU A 478 68.83 -53.56 -44.67
N SER A 479 67.63 -52.97 -44.77
CA SER A 479 67.05 -52.30 -45.95
C SER A 479 66.91 -53.22 -47.17
N GLY A 480 66.62 -54.49 -46.93
CA GLY A 480 66.37 -55.40 -48.04
C GLY A 480 67.52 -56.27 -48.47
N GLN A 481 68.57 -56.39 -47.66
CA GLN A 481 69.71 -57.24 -47.97
C GLN A 481 70.37 -57.70 -46.67
N MET A 482 71.21 -58.73 -46.80
CA MET A 482 72.00 -59.26 -45.70
C MET A 482 73.05 -58.31 -45.14
N VAL A 483 73.00 -58.15 -43.82
CA VAL A 483 74.09 -57.56 -43.05
C VAL A 483 74.61 -58.55 -42.00
N SER A 484 73.82 -59.58 -41.67
CA SER A 484 74.15 -60.59 -40.68
C SER A 484 73.44 -61.87 -41.09
N PRO A 485 74.01 -63.06 -40.85
CA PRO A 485 73.31 -64.30 -41.18
C PRO A 485 72.37 -64.71 -40.06
N ALA A 486 71.78 -65.90 -40.22
CA ALA A 486 70.89 -66.44 -39.20
C ALA A 486 71.68 -67.04 -38.06
N GLN A 487 71.33 -66.65 -36.84
CA GLN A 487 71.96 -67.14 -35.63
C GLN A 487 70.98 -68.05 -34.91
N GLN A 488 71.47 -69.17 -34.41
CA GLN A 488 70.62 -70.15 -33.74
C GLN A 488 70.31 -69.66 -32.32
N LEU A 489 69.02 -69.52 -32.00
CA LEU A 489 68.60 -69.05 -30.69
C LEU A 489 67.81 -70.14 -29.99
N LYS A 490 68.23 -70.48 -28.77
CA LYS A 490 67.62 -71.55 -27.99
C LYS A 490 66.73 -70.95 -26.91
N LEU A 491 65.52 -71.46 -26.78
CA LEU A 491 64.56 -71.00 -25.78
C LEU A 491 64.72 -71.82 -24.51
N ASP A 492 64.68 -71.14 -23.37
CA ASP A 492 64.69 -71.83 -22.09
C ASP A 492 63.31 -72.43 -21.82
N LEU A 493 63.28 -73.69 -21.39
CA LEU A 493 62.01 -74.33 -21.07
C LEU A 493 61.59 -74.04 -19.64
N GLY A 494 62.41 -74.44 -18.67
CA GLY A 494 62.14 -74.12 -17.28
C GLY A 494 61.12 -75.05 -16.63
N ASN A 495 60.76 -74.69 -15.39
CA ASN A 495 59.83 -75.48 -14.60
C ASN A 495 58.37 -75.28 -15.00
N ILE A 496 58.05 -74.24 -15.75
CA ILE A 496 56.72 -74.09 -16.33
C ILE A 496 56.52 -75.14 -17.43
N SER A 497 57.51 -75.29 -18.30
CA SER A 497 57.48 -76.25 -19.39
C SER A 497 57.79 -77.64 -18.84
N SER A 498 56.74 -78.41 -18.61
CA SER A 498 56.89 -79.71 -17.94
C SER A 498 57.24 -80.81 -18.94
N GLY A 499 56.51 -80.91 -20.04
CA GLY A 499 56.74 -81.94 -21.03
C GLY A 499 57.46 -81.41 -22.26
N ARG A 500 57.32 -82.14 -23.35
CA ARG A 500 57.87 -81.68 -24.62
C ARG A 500 56.92 -80.70 -25.28
N TRP A 501 57.49 -79.60 -25.77
CA TRP A 501 56.71 -78.49 -26.32
C TRP A 501 57.49 -77.91 -27.50
N VAL A 502 56.86 -77.88 -28.68
CA VAL A 502 57.51 -77.52 -29.94
C VAL A 502 56.91 -76.20 -30.43
N PRO A 503 57.71 -75.16 -30.69
CA PRO A 503 57.14 -73.86 -31.07
C PRO A 503 56.68 -73.80 -32.52
N ARG A 504 55.66 -72.96 -32.76
CA ARG A 504 55.08 -72.77 -34.10
C ARG A 504 54.98 -71.32 -34.58
N ARG A 505 54.64 -70.36 -33.71
CA ARG A 505 54.32 -69.01 -34.18
C ARG A 505 55.24 -67.97 -33.54
N LEU A 506 55.24 -66.77 -34.13
CA LEU A 506 56.12 -65.68 -33.74
C LEU A 506 55.37 -64.35 -33.78
N SER A 507 55.63 -63.50 -32.77
CA SER A 507 55.23 -62.10 -32.76
C SER A 507 56.17 -61.33 -31.85
N PHE A 508 56.53 -60.11 -32.24
CA PHE A 508 57.55 -59.31 -31.57
C PHE A 508 56.94 -58.00 -31.09
N ASP A 509 56.96 -57.78 -29.78
CA ASP A 509 56.50 -56.55 -29.16
C ASP A 509 57.52 -55.46 -29.40
N TRP A 510 57.08 -54.30 -29.91
CA TRP A 510 58.03 -53.22 -30.13
C TRP A 510 58.04 -52.19 -29.00
N LEU A 511 57.33 -52.45 -27.91
CA LEU A 511 57.48 -51.62 -26.72
C LEU A 511 58.31 -52.34 -25.66
N HIS A 512 57.98 -53.59 -25.37
CA HIS A 512 58.65 -54.34 -24.32
C HIS A 512 59.89 -55.08 -24.79
N HIS A 513 60.11 -55.12 -26.12
CA HIS A 513 61.17 -55.89 -26.83
C HIS A 513 61.14 -57.37 -26.46
N ARG A 514 59.95 -57.97 -26.53
CA ARG A 514 59.71 -59.32 -26.06
C ARG A 514 58.95 -60.11 -27.13
N LEU A 515 59.24 -61.40 -27.25
CA LEU A 515 58.59 -62.26 -28.22
C LEU A 515 57.46 -63.06 -27.58
N TYR A 516 56.57 -63.58 -28.43
CA TYR A 516 55.47 -64.41 -27.97
C TYR A 516 55.37 -65.61 -28.88
N PHE A 517 55.20 -66.79 -28.28
CA PHE A 517 55.34 -68.06 -28.99
C PHE A 517 54.07 -68.88 -28.79
N ALA A 518 53.46 -69.30 -29.89
CA ALA A 518 52.44 -70.35 -29.84
C ALA A 518 53.11 -71.68 -30.15
N MET A 519 52.70 -72.70 -29.43
CA MET A 519 53.60 -73.80 -29.12
C MET A 519 52.80 -75.11 -29.11
N GLU A 520 53.39 -76.17 -29.66
CA GLU A 520 52.64 -77.38 -29.99
C GLU A 520 53.08 -78.53 -29.09
N SER A 521 52.13 -79.39 -28.74
CA SER A 521 52.03 -80.54 -27.86
C SER A 521 51.95 -81.85 -28.65
N PRO A 522 52.88 -82.80 -28.47
CA PRO A 522 52.80 -84.08 -29.20
C PRO A 522 52.01 -85.16 -28.46
N GLU A 523 50.77 -84.85 -28.12
CA GLU A 523 49.86 -85.85 -27.57
C GLU A 523 48.74 -86.15 -28.55
N SER A 528 47.58 -79.57 -27.89
CA SER A 528 47.16 -78.37 -27.19
C SER A 528 48.12 -77.21 -27.43
N PHE A 529 47.56 -76.04 -27.73
CA PHE A 529 48.35 -74.86 -28.05
C PHE A 529 48.34 -73.90 -26.86
N GLN A 530 49.52 -73.64 -26.31
CA GLN A 530 49.69 -72.67 -25.25
C GLN A 530 50.69 -71.63 -25.72
N ILE A 531 50.53 -70.40 -25.25
CA ILE A 531 51.35 -69.27 -25.71
C ILE A 531 52.21 -68.79 -24.55
N ILE A 532 53.53 -68.79 -24.78
CA ILE A 532 54.51 -68.39 -23.79
C ILE A 532 55.22 -67.14 -24.31
N SER A 533 55.19 -66.07 -23.52
CA SER A 533 55.99 -64.90 -23.80
C SER A 533 57.42 -65.11 -23.31
N THR A 534 58.36 -64.47 -23.99
CA THR A 534 59.77 -64.68 -23.71
C THR A 534 60.54 -63.41 -24.06
N ASP A 535 61.80 -63.37 -23.65
CA ASP A 535 62.68 -62.24 -23.88
C ASP A 535 63.42 -62.52 -25.20
N LEU A 536 64.21 -61.54 -25.68
CA LEU A 536 65.05 -61.72 -26.87
C LEU A 536 66.19 -62.69 -26.62
N LEU A 537 66.66 -62.79 -25.37
CA LEU A 537 67.65 -63.80 -25.04
C LEU A 537 67.02 -65.19 -24.97
N GLY A 538 65.72 -65.26 -24.65
CA GLY A 538 65.01 -66.52 -24.60
C GLY A 538 64.96 -67.16 -23.24
N GLU A 539 65.49 -66.50 -22.21
CA GLU A 539 65.57 -67.14 -20.90
C GLU A 539 64.36 -66.84 -20.03
N SER A 540 63.86 -65.60 -20.04
CA SER A 540 62.75 -65.20 -19.18
C SER A 540 61.44 -65.55 -19.86
N ALA A 541 61.06 -66.83 -19.76
CA ALA A 541 59.87 -67.36 -20.39
C ALA A 541 58.76 -67.52 -19.36
N GLN A 542 57.57 -67.04 -19.70
CA GLN A 542 56.40 -67.18 -18.84
C GLN A 542 55.18 -67.34 -19.72
N LYS A 543 54.32 -68.30 -19.37
CA LYS A 543 53.16 -68.58 -20.24
C LYS A 543 51.97 -67.71 -19.88
N VAL A 544 51.20 -67.30 -20.88
CA VAL A 544 49.94 -66.59 -20.72
C VAL A 544 48.82 -67.52 -21.16
N GLY A 545 47.62 -67.33 -20.58
CA GLY A 545 46.43 -68.05 -20.98
C GLY A 545 46.42 -69.51 -20.57
N GLU A 546 45.57 -70.28 -21.27
CA GLU A 546 45.40 -71.71 -21.07
C GLU A 546 45.58 -72.42 -22.41
N SER A 547 45.79 -73.74 -22.33
CA SER A 547 46.00 -74.53 -23.53
C SER A 547 44.68 -74.85 -24.23
N PHE A 548 44.69 -74.79 -25.55
CA PHE A 548 43.53 -75.11 -26.37
C PHE A 548 43.98 -75.95 -27.56
N ASP A 549 43.09 -76.83 -28.02
CA ASP A 549 43.44 -77.85 -29.00
C ASP A 549 43.56 -77.32 -30.43
N LEU A 550 43.08 -76.11 -30.69
CA LEU A 550 43.07 -75.58 -32.05
C LEU A 550 44.46 -75.08 -32.44
N PRO A 551 44.86 -75.18 -33.71
CA PRO A 551 46.16 -74.63 -34.13
C PRO A 551 46.09 -73.15 -34.46
N VAL A 552 47.10 -72.41 -34.01
CA VAL A 552 47.20 -70.98 -34.31
C VAL A 552 47.74 -70.81 -35.72
N GLU A 553 46.98 -70.13 -36.57
CA GLU A 553 47.43 -69.87 -37.93
C GLU A 553 48.32 -68.64 -38.02
N GLN A 554 48.05 -67.61 -37.21
CA GLN A 554 48.88 -66.42 -37.19
C GLN A 554 48.83 -65.80 -35.80
N LEU A 555 49.97 -65.36 -35.30
CA LEU A 555 50.09 -64.63 -34.05
C LEU A 555 50.57 -63.22 -34.36
N GLU A 556 49.76 -62.22 -33.99
CA GLU A 556 50.12 -60.83 -34.22
C GLU A 556 49.85 -60.01 -32.96
N VAL A 557 50.71 -59.02 -32.73
CA VAL A 557 50.70 -58.21 -31.52
C VAL A 557 50.40 -56.76 -31.89
N ASP A 558 49.54 -56.12 -31.10
CA ASP A 558 49.43 -54.66 -31.08
C ASP A 558 50.13 -54.22 -29.79
N ALA A 559 51.39 -53.83 -29.93
CA ALA A 559 52.18 -53.42 -28.78
C ALA A 559 51.81 -52.02 -28.31
N LEU A 560 51.33 -51.17 -29.22
CA LEU A 560 50.88 -49.83 -28.85
C LEU A 560 49.58 -49.89 -28.07
N ASN A 561 48.63 -50.70 -28.53
CA ASN A 561 47.34 -50.85 -27.87
C ASN A 561 47.34 -51.97 -26.84
N GLY A 562 48.46 -52.65 -26.65
CA GLY A 562 48.60 -53.60 -25.56
C GLY A 562 47.89 -54.91 -25.75
N TRP A 563 47.75 -55.38 -26.99
CA TRP A 563 47.03 -56.62 -27.27
C TRP A 563 47.92 -57.62 -28.00
N ILE A 564 47.71 -58.89 -27.66
CA ILE A 564 48.14 -60.03 -28.46
C ILE A 564 46.90 -60.74 -28.99
N PHE A 565 46.87 -60.96 -30.30
CA PHE A 565 45.77 -61.63 -30.98
C PHE A 565 46.27 -62.97 -31.45
N TRP A 566 45.54 -64.05 -31.13
CA TRP A 566 45.76 -65.32 -31.80
C TRP A 566 44.53 -65.69 -32.60
N ARG A 567 44.76 -66.16 -33.82
CA ARG A 567 43.72 -66.61 -34.73
C ARG A 567 43.87 -68.11 -34.90
N ASN A 568 42.79 -68.85 -34.70
CA ASN A 568 42.76 -70.26 -35.03
C ASN A 568 41.72 -70.50 -36.10
N GLU A 569 41.46 -71.78 -36.40
CA GLU A 569 40.50 -72.12 -37.45
C GLU A 569 39.06 -72.00 -36.98
N GLU A 570 38.82 -71.90 -35.68
CA GLU A 570 37.47 -71.69 -35.16
C GLU A 570 37.19 -70.24 -34.80
N SER A 571 38.15 -69.51 -34.22
CA SER A 571 37.85 -68.19 -33.70
C SER A 571 39.08 -67.28 -33.71
N LEU A 572 38.81 -65.99 -33.61
CA LEU A 572 39.83 -64.97 -33.40
C LEU A 572 39.70 -64.45 -31.97
N TRP A 573 40.83 -64.40 -31.25
CA TRP A 573 40.80 -64.07 -29.83
C TRP A 573 41.61 -62.81 -29.57
N ARG A 574 41.46 -62.26 -28.36
CA ARG A 574 42.14 -61.04 -27.97
C ARG A 574 42.55 -61.14 -26.51
N GLN A 575 43.83 -60.90 -26.24
CA GLN A 575 44.40 -61.01 -24.90
C GLN A 575 45.22 -59.76 -24.63
N ASP A 576 45.28 -59.36 -23.36
CA ASP A 576 46.24 -58.34 -22.97
C ASP A 576 47.62 -58.98 -22.80
N LEU A 577 48.64 -58.12 -22.64
CA LEU A 577 50.02 -58.60 -22.69
C LEU A 577 50.45 -59.27 -21.39
N HIS A 578 49.73 -59.03 -20.30
CA HIS A 578 50.01 -59.72 -19.05
C HIS A 578 49.14 -60.97 -18.86
N GLY A 579 48.24 -61.26 -19.79
CA GLY A 579 47.37 -62.42 -19.69
C GLY A 579 46.26 -62.29 -18.67
N ARG A 580 45.87 -61.08 -18.29
CA ARG A 580 44.88 -60.90 -17.24
C ARG A 580 43.46 -61.13 -17.74
N MET A 581 43.11 -60.53 -18.88
CA MET A 581 41.74 -60.52 -19.37
C MET A 581 41.70 -61.22 -20.72
N ILE A 582 40.74 -62.14 -20.86
CA ILE A 582 40.61 -62.99 -22.04
C ILE A 582 39.32 -62.64 -22.77
N HIS A 583 39.40 -62.55 -24.09
CA HIS A 583 38.23 -62.25 -24.91
C HIS A 583 38.34 -62.96 -26.26
N ARG A 584 37.18 -63.39 -26.76
CA ARG A 584 37.06 -63.96 -28.09
C ARG A 584 36.26 -63.01 -28.95
N LEU A 585 36.72 -62.76 -30.18
CA LEU A 585 36.14 -61.72 -31.02
C LEU A 585 35.07 -62.25 -31.98
N LEU A 586 35.45 -63.19 -32.84
CA LEU A 586 34.54 -63.69 -33.86
C LEU A 586 34.79 -65.16 -34.09
N ARG A 587 33.71 -65.93 -34.20
CA ARG A 587 33.77 -67.34 -34.59
C ARG A 587 33.37 -67.48 -36.06
N ILE A 588 34.25 -68.08 -36.85
CA ILE A 588 34.07 -68.25 -38.29
C ILE A 588 34.89 -69.49 -38.69
N ARG A 589 34.44 -70.17 -39.74
CA ARG A 589 35.10 -71.38 -40.21
C ARG A 589 36.22 -71.01 -41.18
N GLN A 590 37.45 -71.36 -40.79
CA GLN A 590 38.75 -71.16 -41.46
C GLN A 590 39.02 -69.72 -41.90
N PRO A 591 39.36 -68.80 -40.99
CA PRO A 591 39.72 -67.45 -41.44
C PRO A 591 41.13 -67.40 -42.00
N GLY A 592 41.38 -66.39 -42.82
CA GLY A 592 42.69 -66.14 -43.38
C GLY A 592 43.40 -65.01 -42.69
N TRP A 593 44.40 -64.46 -43.38
CA TRP A 593 45.45 -63.65 -42.76
C TRP A 593 44.94 -62.25 -42.46
N PHE A 594 44.99 -61.86 -41.18
CA PHE A 594 44.44 -60.59 -40.71
C PHE A 594 45.56 -59.58 -40.50
N LEU A 595 45.22 -58.30 -40.70
CA LEU A 595 46.16 -57.22 -40.50
C LEU A 595 45.57 -56.24 -39.49
N VAL A 596 46.37 -55.87 -38.50
CA VAL A 596 45.97 -55.00 -37.41
C VAL A 596 46.58 -53.62 -37.64
N GLN A 597 45.72 -52.62 -37.75
CA GLN A 597 46.16 -51.24 -37.76
C GLN A 597 45.96 -50.65 -36.38
N PRO A 598 47.01 -50.13 -35.73
CA PRO A 598 46.85 -49.68 -34.34
C PRO A 598 46.12 -48.35 -34.19
N GLN A 599 46.37 -47.39 -35.07
CA GLN A 599 45.70 -46.10 -34.94
C GLN A 599 44.36 -46.06 -35.65
N HIS A 600 44.02 -47.08 -36.44
CA HIS A 600 42.68 -47.18 -36.97
C HIS A 600 41.75 -47.93 -36.04
N PHE A 601 42.34 -48.79 -35.16
CA PHE A 601 41.67 -49.71 -34.23
C PHE A 601 40.71 -50.69 -34.91
N ILE A 602 41.03 -51.08 -36.16
CA ILE A 602 40.21 -51.98 -36.95
C ILE A 602 41.10 -53.12 -37.44
N ILE A 603 40.74 -54.35 -37.10
CA ILE A 603 41.32 -55.54 -37.69
C ILE A 603 40.68 -55.72 -39.06
N HIS A 604 41.50 -55.72 -40.12
CA HIS A 604 41.00 -56.06 -41.45
C HIS A 604 41.36 -57.51 -41.74
N LEU A 605 40.35 -58.34 -41.97
CA LEU A 605 40.57 -59.77 -42.08
C LEU A 605 39.99 -60.27 -43.40
N MET A 606 40.67 -61.24 -44.00
CA MET A 606 40.43 -61.71 -45.36
C MET A 606 40.36 -63.22 -45.41
N LEU A 607 39.15 -63.79 -45.44
CA LEU A 607 39.02 -65.22 -45.73
C LEU A 607 39.27 -65.44 -47.23
N PRO A 608 40.15 -66.38 -47.61
CA PRO A 608 40.21 -66.76 -49.03
C PRO A 608 39.03 -67.62 -49.47
N GLN A 609 38.34 -68.26 -48.53
CA GLN A 609 37.17 -69.06 -48.86
C GLN A 609 35.96 -68.20 -49.21
N GLU A 610 35.80 -67.07 -48.52
CA GLU A 610 34.71 -66.16 -48.83
C GLU A 610 35.00 -65.32 -50.08
N GLY A 611 36.16 -64.68 -50.12
CA GLY A 611 36.45 -63.75 -51.20
C GLY A 611 35.75 -62.42 -51.07
N LYS A 612 35.50 -61.97 -49.83
CA LYS A 612 34.88 -60.68 -49.60
C LYS A 612 35.45 -60.06 -48.32
N PHE A 613 35.31 -58.74 -48.22
CA PHE A 613 36.02 -57.95 -47.22
C PHE A 613 35.33 -58.04 -45.86
N LEU A 614 36.15 -58.06 -44.81
CA LEU A 614 35.63 -58.15 -43.45
C LEU A 614 36.42 -57.22 -42.54
N GLU A 615 35.68 -56.34 -41.85
CA GLU A 615 36.22 -55.45 -40.83
C GLU A 615 35.70 -55.87 -39.47
N ILE A 616 36.61 -56.17 -38.55
CA ILE A 616 36.28 -56.47 -37.16
C ILE A 616 36.88 -55.35 -36.32
N SER A 617 36.13 -54.90 -35.31
CA SER A 617 36.69 -53.97 -34.34
C SER A 617 37.39 -54.74 -33.22
N TYR A 618 37.95 -54.01 -32.27
CA TYR A 618 38.74 -54.65 -31.21
C TYR A 618 37.87 -55.33 -30.16
N ASP A 619 36.60 -54.94 -30.01
CA ASP A 619 35.74 -55.69 -29.11
C ASP A 619 35.14 -56.92 -29.79
N GLY A 620 35.16 -56.97 -31.12
CA GLY A 620 34.69 -58.12 -31.85
C GLY A 620 33.20 -58.14 -32.15
N GLY A 621 32.43 -57.21 -31.57
CA GLY A 621 31.00 -57.20 -31.80
C GLY A 621 30.57 -56.47 -33.06
N PHE A 622 31.50 -55.81 -33.74
CA PHE A 622 31.22 -55.07 -34.95
C PHE A 622 31.86 -55.78 -36.13
N LYS A 623 31.03 -56.26 -37.06
CA LYS A 623 31.50 -56.95 -38.25
C LYS A 623 30.92 -56.24 -39.46
N HIS A 624 31.78 -55.84 -40.39
CA HIS A 624 31.36 -54.98 -41.49
C HIS A 624 31.88 -55.50 -42.84
N PRO A 625 31.07 -55.45 -43.90
CA PRO A 625 31.58 -55.75 -45.23
C PRO A 625 32.00 -54.51 -46.01
N LEU A 626 32.83 -54.74 -47.00
CA LEU A 626 33.27 -53.72 -47.96
C LEU A 626 33.36 -54.38 -49.32
N PRO A 627 33.34 -53.60 -50.41
CA PRO A 627 33.64 -54.19 -51.73
C PRO A 627 35.09 -54.61 -51.89
N LEU A 628 35.29 -55.74 -52.57
CA LEU A 628 36.59 -56.29 -52.89
C LEU A 628 36.61 -56.59 -54.38
N PRO A 629 37.72 -56.32 -55.07
CA PRO A 629 37.84 -56.77 -56.47
C PRO A 629 38.03 -58.27 -56.56
N PRO A 630 37.43 -58.92 -57.56
CA PRO A 630 37.52 -60.39 -57.65
C PRO A 630 38.86 -60.82 -58.22
N PRO A 631 39.34 -62.05 -57.90
CA PRO A 631 40.58 -62.51 -58.53
C PRO A 631 40.37 -62.99 -59.96
N HIS A 643 42.54 -66.71 -55.47
CA HIS A 643 42.33 -66.40 -54.07
C HIS A 643 43.66 -66.12 -53.37
N TRP A 644 43.77 -64.94 -52.77
CA TRP A 644 45.00 -64.51 -52.12
C TRP A 644 45.06 -65.01 -50.69
N GLN A 645 46.23 -65.55 -50.31
CA GLN A 645 46.43 -65.94 -48.92
C GLN A 645 46.68 -64.72 -48.04
N SER A 646 47.31 -63.69 -48.59
CA SER A 646 47.66 -62.49 -47.84
C SER A 646 47.37 -61.26 -48.69
N PHE A 647 47.52 -60.09 -48.08
CA PHE A 647 47.21 -58.82 -48.72
C PHE A 647 48.06 -57.75 -48.06
N ALA A 648 47.89 -56.51 -48.52
CA ALA A 648 48.47 -55.36 -47.86
C ALA A 648 47.55 -54.16 -48.03
N LEU A 649 47.58 -53.27 -47.06
CA LEU A 649 46.79 -52.05 -47.07
C LEU A 649 47.72 -50.85 -47.00
N LEU A 650 47.64 -49.97 -48.00
CA LEU A 650 48.51 -48.79 -48.08
C LEU A 650 47.60 -47.58 -48.28
N GLY A 651 47.20 -46.97 -47.18
CA GLY A 651 46.29 -45.82 -47.24
C GLY A 651 44.89 -46.26 -47.58
N ARG A 652 44.35 -45.71 -48.67
CA ARG A 652 43.13 -46.20 -49.26
C ARG A 652 43.38 -47.31 -50.27
N SER A 653 44.64 -47.61 -50.57
CA SER A 653 44.98 -48.57 -51.61
C SER A 653 45.12 -49.97 -51.03
N LEU A 654 44.94 -50.96 -51.89
CA LEU A 654 44.99 -52.37 -51.52
C LEU A 654 45.93 -53.09 -52.47
N LEU A 655 46.90 -53.80 -51.89
CA LEU A 655 47.90 -54.56 -52.64
C LEU A 655 47.54 -56.03 -52.52
N LEU A 656 47.29 -56.67 -53.66
CA LEU A 656 46.95 -58.09 -53.71
C LEU A 656 48.01 -58.84 -54.51
N PRO A 657 48.77 -59.76 -53.90
CA PRO A 657 49.86 -60.40 -54.64
C PRO A 657 49.36 -61.56 -55.50
N ASP A 658 49.62 -61.48 -56.80
CA ASP A 658 49.33 -62.53 -57.76
C ASP A 658 50.56 -63.46 -57.79
N SER A 659 50.44 -64.58 -58.50
CA SER A 659 51.55 -65.53 -58.63
C SER A 659 52.66 -64.99 -59.54
N GLY A 660 52.34 -64.07 -60.44
CA GLY A 660 53.36 -63.49 -61.28
C GLY A 660 53.53 -61.99 -61.12
N GLN A 661 52.46 -61.30 -60.72
CA GLN A 661 52.47 -59.86 -60.61
C GLN A 661 51.97 -59.44 -59.24
N LEU A 662 51.72 -58.14 -59.07
CA LEU A 662 51.07 -57.59 -57.90
C LEU A 662 49.99 -56.64 -58.40
N ILE A 663 48.84 -56.63 -57.71
CA ILE A 663 47.68 -55.86 -58.12
C ILE A 663 47.49 -54.70 -57.16
N LEU A 664 47.46 -53.49 -57.72
CA LEU A 664 47.21 -52.26 -56.97
C LEU A 664 45.79 -51.81 -57.28
N VAL A 665 44.91 -51.88 -56.29
CA VAL A 665 43.52 -51.45 -56.44
C VAL A 665 43.19 -50.46 -55.34
N GLU A 666 41.97 -49.94 -55.39
CA GLU A 666 41.44 -49.04 -54.38
C GLU A 666 40.13 -49.54 -53.79
N GLN A 667 39.90 -50.86 -53.87
CA GLN A 667 38.74 -51.67 -53.43
C GLN A 667 37.44 -51.38 -54.16
N GLN A 668 37.44 -50.54 -55.22
CA GLN A 668 36.30 -50.34 -56.09
C GLN A 668 36.65 -50.49 -57.56
N GLY A 669 37.87 -50.16 -57.97
CA GLY A 669 38.31 -50.47 -59.31
C GLY A 669 38.63 -51.94 -59.47
N GLN A 670 38.71 -52.36 -60.72
CA GLN A 670 38.84 -53.79 -61.02
C GLN A 670 40.29 -54.25 -60.86
N ALA A 671 40.44 -55.53 -60.51
CA ALA A 671 41.75 -56.15 -60.35
C ALA A 671 42.40 -56.53 -61.67
N ALA A 672 41.63 -56.56 -62.76
CA ALA A 672 42.19 -56.85 -64.08
C ALA A 672 42.98 -55.67 -64.64
N SER A 673 42.69 -54.45 -64.19
CA SER A 673 43.42 -53.26 -64.61
C SER A 673 43.95 -52.55 -63.36
N PRO A 674 45.14 -52.93 -62.89
CA PRO A 674 45.73 -52.23 -61.75
C PRO A 674 46.33 -50.90 -62.16
N SER A 675 46.54 -50.03 -61.17
CA SER A 675 47.15 -48.74 -61.44
C SER A 675 48.65 -48.87 -61.66
N ALA A 676 49.29 -49.82 -60.95
CA ALA A 676 50.68 -50.16 -61.20
C ALA A 676 50.89 -51.64 -60.87
N SER A 677 51.84 -52.25 -61.56
CA SER A 677 52.13 -53.67 -61.41
C SER A 677 53.63 -53.86 -61.22
N TRP A 678 53.98 -54.79 -60.32
CA TRP A 678 55.36 -55.14 -60.05
C TRP A 678 55.48 -56.66 -60.15
N PRO A 679 56.54 -57.19 -60.77
CA PRO A 679 56.61 -58.65 -60.99
C PRO A 679 57.02 -59.41 -59.74
N LEU A 680 56.34 -60.52 -59.51
CA LEU A 680 56.59 -61.42 -58.39
C LEU A 680 56.73 -62.86 -58.88
N LYS A 681 57.55 -63.05 -59.92
CA LYS A 681 57.53 -64.31 -60.66
C LYS A 681 58.33 -65.42 -59.98
N ASN A 682 59.26 -65.08 -59.09
CA ASN A 682 60.05 -66.12 -58.43
C ASN A 682 59.37 -66.68 -57.19
N LEU A 683 58.25 -66.10 -56.79
CA LEU A 683 57.55 -66.55 -55.60
C LEU A 683 56.51 -67.61 -55.99
N PRO A 684 56.52 -68.81 -55.35
CA PRO A 684 55.45 -69.78 -55.61
C PRO A 684 54.09 -69.37 -55.04
N ASP A 685 54.07 -68.96 -53.78
CA ASP A 685 52.85 -68.47 -53.15
C ASP A 685 53.21 -67.43 -52.10
N CYS A 686 52.20 -66.67 -51.67
CA CYS A 686 52.39 -65.48 -50.86
C CYS A 686 51.61 -65.64 -49.55
N TRP A 687 52.24 -66.23 -48.54
CA TRP A 687 51.57 -66.33 -47.24
C TRP A 687 51.75 -65.08 -46.38
N ALA A 688 52.87 -64.36 -46.52
CA ALA A 688 53.08 -63.19 -45.68
C ALA A 688 53.47 -62.01 -46.56
N VAL A 689 52.77 -60.88 -46.41
CA VAL A 689 53.16 -59.61 -47.01
C VAL A 689 53.30 -58.61 -45.87
N ILE A 690 54.49 -58.05 -45.70
CA ILE A 690 54.76 -57.08 -44.65
C ILE A 690 55.00 -55.73 -45.32
N LEU A 691 54.23 -54.73 -44.93
CA LEU A 691 54.42 -53.36 -45.38
C LEU A 691 55.45 -52.70 -44.46
N LEU A 692 56.55 -52.23 -45.04
CA LEU A 692 57.65 -51.67 -44.27
C LEU A 692 57.49 -50.16 -44.20
N VAL A 693 56.60 -49.72 -43.33
CA VAL A 693 56.36 -48.30 -43.08
C VAL A 693 56.60 -48.07 -41.59
N PRO A 694 56.90 -46.84 -41.14
CA PRO A 694 56.91 -46.57 -39.69
C PRO A 694 55.52 -46.56 -39.05
N GLU A 695 54.45 -46.42 -39.83
CA GLU A 695 53.09 -46.47 -39.33
C GLU A 695 52.59 -47.89 -39.05
N SER A 696 53.33 -48.92 -39.48
CA SER A 696 52.94 -50.30 -39.17
C SER A 696 53.19 -50.63 -37.70
N GLN A 697 54.30 -50.15 -37.14
CA GLN A 697 54.61 -50.31 -35.72
C GLN A 697 54.86 -48.94 -35.10
N PRO A 698 53.81 -48.21 -34.72
CA PRO A 698 54.04 -46.88 -34.14
C PRO A 698 54.17 -46.89 -32.62
N LEU A 699 54.99 -45.97 -32.12
CA LEU A 699 55.04 -45.72 -30.69
C LEU A 699 54.05 -44.65 -30.26
N THR A 700 53.41 -43.98 -31.22
CA THR A 700 52.55 -42.84 -30.92
C THR A 700 51.10 -43.29 -30.81
N SER A 701 50.47 -42.98 -29.67
CA SER A 701 49.06 -43.26 -29.48
C SER A 701 48.15 -42.29 -30.23
N ALA A 702 48.67 -41.12 -30.61
CA ALA A 702 48.04 -40.06 -31.41
C ALA A 702 46.78 -39.49 -30.77
N GLY A 703 46.70 -39.50 -29.45
CA GLY A 703 45.59 -38.89 -28.75
C GLY A 703 45.97 -38.48 -27.34
N GLY A 704 45.75 -37.21 -27.01
CA GLY A 704 46.05 -36.75 -25.67
C GLY A 704 45.54 -35.36 -25.38
N LYS A 705 44.82 -35.23 -24.28
CA LYS A 705 44.37 -33.95 -23.74
C LYS A 705 44.23 -34.11 -22.24
N PRO A 706 45.09 -33.49 -21.44
CA PRO A 706 44.95 -33.58 -19.97
C PRO A 706 43.76 -32.80 -19.45
N HIS A 707 43.34 -33.17 -18.24
CA HIS A 707 42.12 -32.66 -17.66
C HIS A 707 42.23 -32.77 -16.14
N SER A 708 41.25 -32.13 -15.46
CA SER A 708 41.09 -32.06 -14.00
C SER A 708 42.35 -31.49 -13.32
N LEU A 709 42.79 -30.34 -13.81
CA LEU A 709 43.99 -29.71 -13.29
C LEU A 709 43.69 -29.05 -11.94
N LYS A 710 44.47 -29.41 -10.94
CA LYS A 710 44.30 -28.94 -9.58
C LYS A 710 45.60 -28.34 -9.09
N ALA A 711 45.54 -27.10 -8.62
CA ALA A 711 46.72 -26.39 -8.15
C ALA A 711 46.50 -25.94 -6.72
N LEU A 712 47.42 -26.30 -5.83
CA LEU A 712 47.44 -25.83 -4.46
C LEU A 712 48.62 -24.89 -4.36
N LEU A 713 48.44 -23.78 -3.66
CA LEU A 713 49.43 -22.71 -3.71
C LEU A 713 49.90 -22.34 -2.32
N GLY A 714 51.20 -22.04 -2.23
CA GLY A 714 51.77 -21.54 -1.00
C GLY A 714 52.16 -20.09 -1.14
N ALA A 715 53.03 -19.62 -0.23
CA ALA A 715 53.56 -18.26 -0.39
C ALA A 715 54.60 -18.21 -1.50
N GLN A 716 55.55 -19.15 -1.50
CA GLN A 716 56.60 -19.14 -2.51
C GLN A 716 56.64 -20.42 -3.33
N ALA A 717 55.63 -21.28 -3.23
CA ALA A 717 55.65 -22.56 -3.92
C ALA A 717 54.23 -22.96 -4.28
N ALA A 718 54.13 -24.09 -4.98
CA ALA A 718 52.85 -24.65 -5.40
C ALA A 718 53.02 -26.15 -5.61
N LYS A 719 51.97 -26.90 -5.34
CA LYS A 719 51.91 -28.31 -5.72
C LYS A 719 50.75 -28.48 -6.69
N ILE A 720 51.02 -29.05 -7.85
CA ILE A 720 50.03 -29.16 -8.90
C ILE A 720 49.89 -30.62 -9.33
N SER A 721 48.65 -31.07 -9.45
CA SER A 721 48.35 -32.41 -9.92
C SER A 721 47.26 -32.34 -10.97
N TRP A 722 47.48 -33.04 -12.07
CA TRP A 722 46.51 -33.14 -13.14
C TRP A 722 46.21 -34.62 -13.35
N LYS A 723 44.99 -34.92 -13.77
CA LYS A 723 44.64 -36.27 -14.14
C LYS A 723 45.25 -36.61 -15.49
N GLU A 724 45.60 -37.87 -15.66
CA GLU A 724 46.07 -38.37 -16.94
C GLU A 724 44.88 -38.45 -17.92
N PRO A 725 45.14 -38.28 -19.21
CA PRO A 725 44.13 -38.62 -20.23
C PRO A 725 43.76 -40.08 -20.18
N GLU A 726 42.45 -40.33 -20.09
CA GLU A 726 41.95 -41.66 -19.75
C GLU A 726 42.03 -42.60 -20.93
N ARG A 727 41.81 -43.88 -20.64
CA ARG A 727 41.92 -44.91 -21.64
C ARG A 727 40.54 -45.22 -22.24
N ASN A 728 40.56 -45.41 -23.56
CA ASN A 728 39.49 -45.95 -24.37
C ASN A 728 39.36 -47.44 -24.12
N PRO A 729 38.19 -48.05 -24.43
CA PRO A 729 38.08 -49.51 -24.26
C PRO A 729 38.83 -50.33 -25.30
N TYR A 730 39.28 -49.70 -26.39
CA TYR A 730 39.94 -50.44 -27.46
C TYR A 730 41.37 -50.83 -27.11
N GLN A 731 42.06 -50.09 -26.26
CA GLN A 731 43.38 -50.53 -25.83
C GLN A 731 43.27 -51.11 -24.42
N SER A 732 44.35 -51.74 -23.95
CA SER A 732 44.32 -52.53 -22.72
C SER A 732 44.87 -51.70 -21.57
N ALA A 733 45.05 -52.37 -20.43
CA ALA A 733 45.79 -51.76 -19.33
C ALA A 733 47.29 -51.90 -19.54
N ASP A 734 47.71 -52.80 -20.43
CA ASP A 734 49.11 -52.96 -20.78
C ASP A 734 49.56 -52.04 -21.90
N ALA A 735 48.65 -51.20 -22.42
CA ALA A 735 49.03 -50.20 -23.41
C ALA A 735 49.83 -49.08 -22.76
N ALA A 736 50.82 -48.58 -23.49
CA ALA A 736 51.74 -47.59 -22.97
C ALA A 736 51.40 -46.21 -23.52
N ARG A 737 51.34 -45.21 -22.62
CA ARG A 737 51.09 -43.79 -23.01
C ARG A 737 52.13 -42.96 -22.27
N SER A 738 53.37 -43.43 -22.22
CA SER A 738 54.48 -42.80 -21.50
C SER A 738 54.85 -41.46 -22.14
N TRP A 739 54.65 -40.38 -21.37
CA TRP A 739 54.65 -39.03 -21.91
C TRP A 739 55.52 -38.14 -21.03
N SER A 740 55.67 -36.90 -21.45
CA SER A 740 56.27 -35.85 -20.64
C SER A 740 55.34 -34.64 -20.68
N TYR A 741 54.99 -34.11 -19.52
CA TYR A 741 54.02 -33.03 -19.45
C TYR A 741 54.72 -31.68 -19.35
N GLU A 742 54.21 -30.71 -20.09
CA GLU A 742 54.73 -29.35 -20.09
C GLU A 742 53.71 -28.43 -19.44
N LEU A 743 54.17 -27.65 -18.48
CA LEU A 743 53.34 -26.78 -17.65
C LEU A 743 53.78 -25.35 -17.86
N GLU A 744 52.83 -24.44 -18.07
CA GLU A 744 53.15 -23.03 -18.09
C GLU A 744 52.51 -22.32 -16.92
N VAL A 745 53.22 -21.30 -16.44
CA VAL A 745 52.71 -20.30 -15.53
C VAL A 745 52.64 -18.99 -16.32
N LEU A 746 51.58 -18.22 -16.13
CA LEU A 746 51.39 -16.98 -16.84
C LEU A 746 51.13 -15.92 -15.78
N ASP A 747 52.11 -15.05 -15.58
CA ASP A 747 51.92 -13.91 -14.70
C ASP A 747 51.08 -12.85 -15.39
N VAL A 748 50.02 -12.43 -14.70
CA VAL A 748 49.13 -11.41 -15.24
C VAL A 748 49.66 -10.02 -14.91
N ALA A 749 50.59 -9.95 -13.94
CA ALA A 749 51.21 -8.68 -13.57
C ALA A 749 52.22 -8.24 -14.62
N SER A 750 53.09 -9.15 -15.04
CA SER A 750 54.05 -8.88 -16.10
C SER A 750 53.58 -9.39 -17.45
N GLN A 751 52.43 -10.11 -17.49
CA GLN A 751 51.85 -10.81 -18.65
C GLN A 751 52.83 -11.78 -19.30
N SER A 752 53.58 -12.49 -18.46
CA SER A 752 54.74 -13.26 -18.92
C SER A 752 54.46 -14.75 -18.77
N ALA A 753 54.68 -15.50 -19.84
CA ALA A 753 54.46 -16.93 -19.86
C ALA A 753 55.78 -17.66 -19.74
N PHE A 754 55.93 -18.46 -18.69
CA PHE A 754 57.08 -19.32 -18.50
C PHE A 754 56.64 -20.77 -18.57
N SER A 755 57.35 -21.56 -19.37
CA SER A 755 56.99 -22.94 -19.59
C SER A 755 58.13 -23.85 -19.16
N ILE A 756 57.78 -24.90 -18.41
CA ILE A 756 58.74 -25.92 -18.01
C ILE A 756 58.24 -27.26 -18.54
N ARG A 757 59.13 -28.04 -19.11
CA ARG A 757 58.77 -29.29 -19.77
C ARG A 757 59.50 -30.46 -19.12
N ASN A 758 59.32 -31.63 -19.75
CA ASN A 758 59.91 -32.93 -19.39
C ASN A 758 59.56 -33.37 -17.96
N ILE A 759 58.30 -33.19 -17.56
CA ILE A 759 57.85 -33.68 -16.27
C ILE A 759 57.32 -35.09 -16.45
N ARG A 760 57.91 -36.05 -15.75
CA ARG A 760 57.68 -37.46 -15.99
C ARG A 760 56.50 -38.04 -15.21
N GLY A 761 55.81 -37.21 -14.42
CA GLY A 761 54.69 -37.68 -13.63
C GLY A 761 53.56 -36.67 -13.59
N PRO A 762 52.38 -37.08 -13.10
CA PRO A 762 51.27 -36.13 -13.03
C PRO A 762 51.38 -35.14 -11.87
N ILE A 763 52.16 -35.46 -10.85
CA ILE A 763 52.37 -34.55 -9.74
C ILE A 763 53.61 -33.70 -10.02
N PHE A 764 53.56 -32.42 -9.66
CA PHE A 764 54.71 -31.55 -9.83
C PHE A 764 54.79 -30.56 -8.68
N GLY A 765 55.95 -30.47 -8.05
CA GLY A 765 56.20 -29.47 -7.04
C GLY A 765 56.90 -28.25 -7.61
N LEU A 766 56.13 -27.21 -7.94
CA LEU A 766 56.69 -25.99 -8.51
C LEU A 766 57.18 -25.10 -7.39
N GLN A 767 58.37 -24.51 -7.58
CA GLN A 767 58.96 -23.66 -6.57
C GLN A 767 59.12 -22.26 -7.14
N ARG A 768 59.54 -21.35 -6.24
CA ARG A 768 60.00 -19.98 -6.51
C ARG A 768 58.92 -19.11 -7.16
N LEU A 769 57.82 -18.92 -6.44
CA LEU A 769 56.74 -18.05 -6.86
C LEU A 769 56.76 -16.77 -6.05
N GLN A 770 56.35 -15.69 -6.70
CA GLN A 770 56.23 -14.41 -6.00
C GLN A 770 54.99 -14.41 -5.12
N PRO A 771 55.09 -14.04 -3.85
CA PRO A 771 53.91 -14.06 -2.98
C PRO A 771 52.97 -12.90 -3.28
N ASP A 772 51.70 -13.12 -2.90
CA ASP A 772 50.53 -12.25 -3.11
C ASP A 772 50.33 -11.91 -4.60
N ASN A 773 50.55 -12.91 -5.46
CA ASN A 773 50.51 -12.70 -6.90
C ASN A 773 49.58 -13.73 -7.52
N LEU A 774 48.92 -13.32 -8.60
CA LEU A 774 47.95 -14.16 -9.29
C LEU A 774 48.52 -14.58 -10.64
N TYR A 775 48.24 -15.83 -11.03
CA TYR A 775 48.76 -16.41 -12.25
C TYR A 775 47.68 -17.26 -12.91
N GLN A 776 48.02 -17.74 -14.12
CA GLN A 776 47.22 -18.72 -14.84
C GLN A 776 48.13 -19.88 -15.23
N LEU A 777 47.77 -21.10 -14.84
CA LEU A 777 48.64 -22.26 -15.04
C LEU A 777 47.95 -23.27 -15.94
N ARG A 778 48.64 -23.70 -16.99
CA ARG A 778 48.07 -24.60 -17.99
C ARG A 778 49.04 -25.72 -18.34
N VAL A 779 48.48 -26.92 -18.58
CA VAL A 779 49.27 -28.12 -18.75
C VAL A 779 48.97 -28.75 -20.12
N ARG A 780 49.97 -29.40 -20.69
CA ARG A 780 49.83 -30.20 -21.92
C ARG A 780 50.70 -31.45 -21.79
N ALA A 781 50.44 -32.42 -22.67
CA ALA A 781 51.14 -33.68 -22.67
C ALA A 781 51.85 -33.89 -24.01
N ILE A 782 53.17 -34.01 -23.97
CA ILE A 782 54.00 -34.22 -25.13
C ILE A 782 54.37 -35.70 -25.18
N ASN A 783 54.31 -36.29 -26.38
CA ASN A 783 54.60 -37.69 -26.57
C ASN A 783 56.11 -37.92 -26.79
N VAL A 784 56.46 -39.12 -27.26
CA VAL A 784 57.83 -39.41 -27.66
C VAL A 784 58.19 -38.64 -28.93
N ASP A 785 57.23 -38.51 -29.84
CA ASP A 785 57.45 -37.87 -31.14
C ASP A 785 57.49 -36.35 -31.08
N GLY A 786 57.16 -35.73 -29.96
CA GLY A 786 57.21 -34.29 -29.86
C GLY A 786 55.96 -33.58 -30.31
N GLU A 787 54.85 -34.29 -30.51
CA GLU A 787 53.59 -33.65 -30.83
C GLU A 787 52.81 -33.46 -29.54
N PRO A 788 52.65 -32.22 -29.05
CA PRO A 788 52.01 -32.02 -27.75
C PRO A 788 50.49 -31.99 -27.85
N GLY A 789 49.86 -31.99 -26.68
CA GLY A 789 48.42 -31.88 -26.62
C GLY A 789 47.93 -30.45 -26.73
N GLU A 790 46.62 -30.29 -26.61
CA GLU A 790 46.03 -28.96 -26.65
C GLU A 790 46.12 -28.29 -25.29
N TRP A 791 45.64 -27.04 -25.23
CA TRP A 791 45.73 -26.29 -23.99
C TRP A 791 44.58 -26.70 -23.08
N THR A 792 44.85 -26.71 -21.77
CA THR A 792 43.74 -26.79 -20.84
C THR A 792 43.18 -25.41 -20.57
N GLU A 793 42.02 -25.38 -19.94
CA GLU A 793 41.45 -24.11 -19.51
C GLU A 793 42.21 -23.59 -18.29
N PRO A 794 42.63 -22.33 -18.28
CA PRO A 794 43.41 -21.81 -17.15
C PRO A 794 42.56 -21.54 -15.91
N LEU A 795 43.17 -21.76 -14.76
CA LEU A 795 42.56 -21.46 -13.46
C LEU A 795 43.29 -20.30 -12.82
N ALA A 796 42.53 -19.41 -12.18
CA ALA A 796 43.07 -18.23 -11.51
C ALA A 796 43.73 -18.67 -10.22
N ALA A 797 45.06 -18.73 -10.23
CA ALA A 797 45.84 -19.29 -9.14
C ALA A 797 46.57 -18.16 -8.42
N ARG A 798 46.07 -17.81 -7.24
CA ARG A 798 46.66 -16.72 -6.45
C ARG A 798 47.48 -17.34 -5.33
N THR A 799 48.70 -16.84 -5.13
CA THR A 799 49.55 -17.32 -4.07
C THR A 799 49.13 -16.77 -2.71
N TRP A 800 49.64 -17.41 -1.67
CA TRP A 800 49.52 -16.86 -0.34
C TRP A 800 50.46 -15.67 -0.20
N PRO A 801 50.15 -14.71 0.68
CA PRO A 801 51.12 -13.65 0.99
C PRO A 801 52.28 -14.17 1.83
N LEU A 802 53.32 -13.35 1.90
CA LEU A 802 54.57 -13.75 2.53
C LEU A 802 54.45 -13.71 4.04
N GLY A 803 54.90 -14.78 4.68
CA GLY A 803 54.88 -14.86 6.13
C GLY A 803 54.92 -16.30 6.60
N PRO A 804 55.33 -16.53 7.85
CA PRO A 804 55.28 -17.90 8.40
C PRO A 804 53.86 -18.30 8.77
N HIS A 805 53.11 -18.76 7.77
CA HIS A 805 51.70 -19.05 7.93
C HIS A 805 51.56 -20.53 8.26
N ARG A 806 51.24 -20.82 9.52
CA ARG A 806 51.23 -22.18 10.01
C ARG A 806 49.78 -22.61 10.21
N LEU A 807 49.49 -23.86 9.86
CA LEU A 807 48.17 -24.44 10.03
C LEU A 807 48.27 -25.51 11.11
N ARG A 808 47.30 -25.52 12.02
CA ARG A 808 47.26 -26.48 13.11
C ARG A 808 46.23 -27.56 12.81
N TRP A 809 46.70 -28.77 12.54
CA TRP A 809 45.84 -29.91 12.24
C TRP A 809 45.69 -30.77 13.49
N ALA A 810 44.48 -31.22 13.75
CA ALA A 810 44.20 -32.09 14.87
C ALA A 810 43.43 -33.31 14.39
N SER A 811 43.89 -34.49 14.79
CA SER A 811 43.45 -35.80 14.34
C SER A 811 42.11 -36.19 14.96
N ARG A 812 41.68 -37.41 14.66
CA ARG A 812 40.62 -38.00 15.46
C ARG A 812 41.19 -38.80 16.62
N GLN A 813 42.48 -39.04 16.66
CA GLN A 813 43.12 -39.75 17.76
C GLN A 813 43.79 -38.83 18.76
N GLY A 814 43.73 -37.52 18.55
CA GLY A 814 44.31 -36.58 19.47
C GLY A 814 45.71 -36.12 19.16
N SER A 815 46.28 -36.56 18.04
CA SER A 815 47.59 -36.05 17.66
C SER A 815 47.43 -34.72 16.93
N VAL A 816 48.30 -33.78 17.28
CA VAL A 816 48.25 -32.43 16.74
C VAL A 816 49.57 -32.15 16.04
N ILE A 817 49.49 -31.55 14.85
CA ILE A 817 50.67 -31.25 14.04
C ILE A 817 50.55 -29.83 13.51
N HIS A 818 51.70 -29.19 13.31
CA HIS A 818 51.77 -27.85 12.74
C HIS A 818 52.42 -27.96 11.37
N THR A 819 51.66 -27.68 10.32
CA THR A 819 52.21 -27.62 8.98
C THR A 819 52.27 -26.16 8.53
N ASN A 820 52.74 -25.96 7.30
CA ASN A 820 52.49 -24.68 6.66
C ASN A 820 51.27 -24.85 5.76
N GLU A 821 51.03 -23.86 4.89
CA GLU A 821 49.84 -23.83 4.06
C GLU A 821 49.89 -24.80 2.89
N LEU A 822 51.04 -25.39 2.58
CA LEU A 822 51.12 -26.47 1.61
C LEU A 822 50.92 -27.85 2.22
N GLY A 823 50.89 -27.95 3.55
CA GLY A 823 50.79 -29.24 4.19
C GLY A 823 52.10 -29.93 4.46
N GLU A 824 53.23 -29.25 4.22
CA GLU A 824 54.55 -29.77 4.50
C GLU A 824 55.15 -29.02 5.68
N GLY A 825 56.41 -29.34 5.99
CA GLY A 825 57.14 -28.68 7.06
C GLY A 825 56.63 -29.01 8.44
N LEU A 826 56.42 -30.31 8.70
CA LEU A 826 55.62 -30.72 9.84
C LEU A 826 56.44 -30.69 11.12
N GLU A 827 55.79 -30.25 12.20
CA GLU A 827 56.32 -30.38 13.55
C GLU A 827 55.25 -31.05 14.39
N VAL A 828 55.55 -32.25 14.89
CA VAL A 828 54.64 -32.94 15.79
C VAL A 828 54.76 -32.30 17.16
N GLN A 829 53.66 -31.75 17.64
CA GLN A 829 53.68 -31.04 18.91
C GLN A 829 53.68 -32.01 20.08
N GLN A 830 54.09 -31.49 21.24
CA GLN A 830 54.34 -32.31 22.43
C GLN A 830 53.05 -32.79 23.10
N GLU A 831 51.96 -32.03 22.99
CA GLU A 831 50.76 -32.31 23.76
C GLU A 831 49.94 -33.41 23.10
N GLN A 832 49.12 -34.07 23.91
CA GLN A 832 48.23 -35.13 23.47
C GLN A 832 46.80 -34.75 23.80
N LEU A 833 45.97 -34.65 22.77
CA LEU A 833 44.58 -34.26 22.95
C LEU A 833 43.72 -35.49 23.27
N GLU A 834 42.45 -35.25 23.57
CA GLU A 834 41.52 -36.36 23.73
C GLU A 834 40.94 -36.76 22.38
N ARG A 835 40.08 -37.77 22.41
CA ARG A 835 39.55 -38.34 21.18
C ARG A 835 38.45 -37.46 20.58
N LEU A 836 38.48 -37.36 19.25
CA LEU A 836 37.71 -36.47 18.37
C LEU A 836 37.62 -34.99 18.79
N PRO A 837 38.70 -34.21 18.87
CA PRO A 837 38.57 -32.84 19.36
C PRO A 837 38.12 -31.89 18.25
N GLY A 838 37.59 -30.75 18.69
CA GLY A 838 37.26 -29.66 17.81
C GLY A 838 38.37 -28.63 17.79
N PRO A 839 38.08 -27.40 17.35
CA PRO A 839 39.12 -26.37 17.27
C PRO A 839 39.54 -25.84 18.63
N MET A 840 40.82 -25.50 18.74
CA MET A 840 41.44 -25.08 19.98
C MET A 840 41.19 -23.59 20.19
N THR A 841 40.70 -23.23 21.36
CA THR A 841 40.53 -21.82 21.70
C THR A 841 41.51 -21.45 22.81
N MET A 842 42.35 -20.46 22.53
CA MET A 842 43.48 -20.11 23.37
C MET A 842 43.11 -18.91 24.24
N VAL A 843 43.46 -18.97 25.52
CA VAL A 843 43.20 -17.88 26.46
C VAL A 843 44.42 -16.98 26.63
N ASN A 844 45.55 -17.56 27.03
CA ASN A 844 46.84 -17.00 26.71
C ASN A 844 47.61 -18.10 25.99
N GLU A 845 48.94 -17.97 25.90
CA GLU A 845 49.74 -18.85 25.06
C GLU A 845 49.96 -20.25 25.65
N SER A 846 49.56 -20.48 26.91
CA SER A 846 49.69 -21.79 27.54
C SER A 846 48.36 -22.53 27.59
N VAL A 847 47.27 -21.85 27.94
CA VAL A 847 45.99 -22.49 28.26
C VAL A 847 45.12 -22.54 27.01
N GLY A 848 44.68 -23.75 26.65
CA GLY A 848 43.75 -23.92 25.56
C GLY A 848 42.47 -24.61 26.01
N TYR A 849 41.38 -24.26 25.34
CA TYR A 849 40.09 -24.88 25.56
C TYR A 849 39.61 -25.49 24.26
N TYR A 850 39.02 -26.68 24.34
CA TYR A 850 38.49 -27.33 23.16
C TYR A 850 37.28 -28.18 23.52
N VAL A 851 36.49 -28.51 22.50
CA VAL A 851 35.32 -29.34 22.66
C VAL A 851 35.59 -30.66 21.91
N THR A 852 35.28 -31.78 22.53
CA THR A 852 35.43 -33.06 21.86
C THR A 852 34.15 -33.41 21.13
N GLY A 853 34.13 -34.61 20.53
CA GLY A 853 33.01 -35.00 19.69
C GLY A 853 31.78 -35.43 20.45
N ASP A 854 31.93 -35.80 21.72
CA ASP A 854 30.79 -36.19 22.54
C ASP A 854 30.21 -35.04 23.34
N GLY A 855 30.65 -33.82 23.08
CA GLY A 855 30.14 -32.65 23.78
C GLY A 855 30.89 -32.29 25.04
N LEU A 856 31.98 -32.96 25.35
CA LEU A 856 32.75 -32.63 26.54
C LEU A 856 33.69 -31.49 26.25
N LEU A 857 33.83 -30.59 27.21
CA LEU A 857 34.71 -29.42 27.09
C LEU A 857 35.95 -29.67 27.95
N HIS A 858 37.12 -29.47 27.38
CA HIS A 858 38.36 -29.74 28.07
C HIS A 858 39.28 -28.52 28.06
N CYS A 859 39.89 -28.27 29.21
CA CYS A 859 40.98 -27.33 29.35
C CYS A 859 42.28 -28.11 29.39
N ILE A 860 43.29 -27.62 28.66
CA ILE A 860 44.65 -28.15 28.75
C ILE A 860 45.60 -26.98 28.94
N ASN A 861 46.76 -27.26 29.52
CA ASN A 861 47.85 -26.30 29.58
C ASN A 861 48.98 -26.86 28.73
N LEU A 862 49.49 -26.05 27.81
CA LEU A 862 50.53 -26.53 26.89
C LEU A 862 51.89 -26.58 27.57
N VAL A 863 52.20 -25.58 28.40
CA VAL A 863 53.57 -25.44 28.89
C VAL A 863 53.79 -26.30 30.13
N HIS A 864 53.04 -26.02 31.20
CA HIS A 864 53.21 -26.74 32.46
C HIS A 864 51.86 -27.30 32.87
N SER A 865 51.76 -28.62 32.94
CA SER A 865 50.45 -29.26 33.04
C SER A 865 49.96 -29.37 34.48
N GLN A 866 50.76 -28.93 35.46
CA GLN A 866 50.35 -29.06 36.85
C GLN A 866 49.44 -27.92 37.28
N TRP A 867 49.36 -26.85 36.48
CA TRP A 867 48.59 -25.67 36.85
C TRP A 867 48.12 -24.94 35.59
N GLY A 868 46.96 -24.30 35.70
CA GLY A 868 46.45 -23.48 34.62
C GLY A 868 44.96 -23.58 34.38
N CYS A 869 44.33 -24.68 34.78
CA CYS A 869 42.92 -24.90 34.49
C CYS A 869 42.09 -24.63 35.73
N PRO A 870 41.13 -23.71 35.67
CA PRO A 870 40.33 -23.42 36.88
C PRO A 870 39.25 -24.46 37.15
N ILE A 871 38.82 -25.19 36.13
CA ILE A 871 37.77 -26.18 36.29
C ILE A 871 38.43 -27.57 36.31
N SER A 872 38.04 -28.39 37.29
CA SER A 872 38.75 -29.64 37.53
C SER A 872 38.31 -30.74 36.56
N GLU A 873 37.01 -30.85 36.33
CA GLU A 873 36.44 -31.93 35.54
C GLU A 873 36.03 -31.41 34.17
N PRO A 874 35.92 -32.29 33.17
CA PRO A 874 35.26 -31.89 31.92
C PRO A 874 33.77 -31.65 32.12
N LEU A 875 33.22 -30.77 31.29
CA LEU A 875 31.83 -30.37 31.38
C LEU A 875 31.07 -30.91 30.17
N GLN A 876 29.97 -31.61 30.43
CA GLN A 876 29.25 -32.28 29.36
C GLN A 876 28.34 -31.32 28.64
N HIS A 877 27.90 -31.76 27.44
CA HIS A 877 26.87 -31.14 26.58
C HIS A 877 27.21 -29.72 26.15
N VAL A 878 28.42 -29.55 25.62
CA VAL A 878 28.92 -28.25 25.18
C VAL A 878 28.97 -28.27 23.65
N GLY A 879 28.36 -27.25 23.03
CA GLY A 879 28.38 -27.17 21.59
C GLY A 879 29.68 -26.67 21.02
N SER A 880 30.03 -25.42 21.30
CA SER A 880 31.26 -24.82 20.81
C SER A 880 31.83 -23.95 21.92
N VAL A 881 32.97 -23.32 21.66
CA VAL A 881 33.61 -22.47 22.65
C VAL A 881 34.31 -21.32 21.92
N THR A 882 34.38 -20.16 22.57
CA THR A 882 35.10 -19.00 22.06
C THR A 882 35.61 -18.19 23.24
N TYR A 883 36.44 -17.19 22.94
CA TYR A 883 37.07 -16.38 23.99
C TYR A 883 37.07 -14.92 23.59
N ASP A 884 36.72 -14.07 24.54
CA ASP A 884 36.83 -12.63 24.39
C ASP A 884 38.12 -12.17 25.05
N TRP A 885 39.03 -11.63 24.25
CA TRP A 885 40.29 -11.13 24.78
C TRP A 885 40.14 -9.78 25.47
N ARG A 886 39.18 -8.96 25.03
CA ARG A 886 39.04 -7.63 25.64
C ARG A 886 38.35 -7.72 26.99
N GLY A 887 37.22 -8.44 27.05
CA GLY A 887 36.67 -8.76 28.35
C GLY A 887 37.46 -9.81 29.08
N GLY A 888 38.12 -10.71 28.35
CA GLY A 888 38.83 -11.82 28.95
C GLY A 888 37.87 -12.81 29.53
N ARG A 889 36.94 -13.31 28.71
CA ARG A 889 35.89 -14.21 29.19
C ARG A 889 35.69 -15.33 28.19
N VAL A 890 35.52 -16.56 28.70
CA VAL A 890 35.32 -17.73 27.87
C VAL A 890 33.81 -17.93 27.73
N TYR A 891 33.33 -17.99 26.50
CA TYR A 891 31.91 -18.16 26.22
C TYR A 891 31.68 -19.51 25.57
N TRP A 892 30.78 -20.32 26.14
CA TRP A 892 30.41 -21.57 25.49
C TRP A 892 28.90 -21.73 25.49
N THR A 893 28.42 -22.61 24.61
CA THR A 893 27.00 -22.97 24.59
C THR A 893 26.80 -24.27 25.33
N ASP A 894 26.11 -24.21 26.45
CA ASP A 894 25.71 -25.40 27.18
C ASP A 894 24.43 -25.87 26.51
N LEU A 895 24.51 -26.98 25.77
CA LEU A 895 23.39 -27.45 24.96
C LEU A 895 22.31 -28.12 25.79
N ALA A 896 22.65 -28.58 27.00
CA ALA A 896 21.63 -29.16 27.87
C ALA A 896 20.75 -28.08 28.48
N ARG A 897 21.30 -26.88 28.63
CA ARG A 897 20.49 -25.76 29.17
C ARG A 897 20.15 -24.79 28.06
N ASN A 898 20.33 -25.18 26.81
CA ASN A 898 20.22 -24.23 25.69
C ASN A 898 20.64 -22.83 26.09
N CYS A 899 21.80 -22.70 26.70
CA CYS A 899 22.22 -21.39 27.20
C CYS A 899 23.66 -21.13 26.80
N VAL A 900 24.11 -19.94 27.15
CA VAL A 900 25.48 -19.52 26.95
C VAL A 900 26.09 -19.23 28.31
N VAL A 901 27.19 -19.89 28.62
CA VAL A 901 27.88 -19.74 29.90
C VAL A 901 29.11 -18.90 29.64
N ARG A 902 29.30 -17.86 30.46
CA ARG A 902 30.48 -17.01 30.43
C ARG A 902 31.29 -17.28 31.68
N MET A 903 32.58 -17.55 31.51
CA MET A 903 33.46 -17.95 32.59
C MET A 903 34.72 -17.08 32.62
N ASP A 904 35.07 -16.59 33.79
CA ASP A 904 36.38 -15.99 34.02
C ASP A 904 37.43 -17.09 34.00
N PRO A 905 38.45 -17.02 33.14
CA PRO A 905 39.46 -18.10 33.11
C PRO A 905 40.44 -18.07 34.26
N TRP A 906 40.52 -16.97 35.02
CA TRP A 906 41.45 -16.92 36.13
C TRP A 906 40.84 -17.47 37.41
N SER A 907 39.52 -17.58 37.49
CA SER A 907 38.86 -18.02 38.71
C SER A 907 37.84 -19.12 38.51
N GLY A 908 37.34 -19.32 37.30
CA GLY A 908 36.33 -20.35 37.08
C GLY A 908 34.95 -19.97 37.55
N SER A 909 34.67 -18.68 37.70
CA SER A 909 33.35 -18.21 38.09
C SER A 909 32.49 -18.13 36.84
N ARG A 910 31.38 -18.84 36.84
CA ARG A 910 30.54 -18.99 35.67
C ARG A 910 29.29 -18.14 35.79
N GLU A 911 28.97 -17.43 34.72
CA GLU A 911 27.73 -16.65 34.65
C GLU A 911 26.89 -17.21 33.52
N LEU A 912 25.64 -17.55 33.82
CA LEU A 912 24.69 -17.87 32.78
C LEU A 912 24.26 -16.61 32.06
N LEU A 913 24.14 -16.70 30.76
CA LEU A 913 23.85 -15.50 30.00
C LEU A 913 22.65 -15.75 29.09
N PRO A 914 21.66 -14.83 29.02
CA PRO A 914 20.38 -15.11 28.36
C PRO A 914 20.43 -15.12 26.83
N VAL A 915 21.08 -16.12 26.26
CA VAL A 915 21.06 -16.40 24.84
C VAL A 915 20.59 -17.84 24.67
N PHE A 916 19.51 -18.04 23.93
CA PHE A 916 18.79 -19.30 23.95
C PHE A 916 18.93 -20.05 22.64
N GLU A 917 19.08 -21.38 22.81
CA GLU A 917 19.14 -22.41 21.75
C GLU A 917 20.31 -22.20 20.79
N ALA A 918 21.41 -21.65 21.29
CA ALA A 918 22.56 -21.32 20.47
C ALA A 918 23.49 -22.53 20.38
N ASN A 919 24.14 -22.66 19.23
CA ASN A 919 25.19 -23.66 19.04
C ASN A 919 26.58 -23.08 18.91
N PHE A 920 26.74 -22.04 18.09
CA PHE A 920 28.05 -21.47 17.81
C PHE A 920 28.05 -19.99 18.14
N LEU A 921 29.18 -19.52 18.67
CA LEU A 921 29.34 -18.16 19.15
C LEU A 921 30.54 -17.50 18.50
N ALA A 922 30.44 -16.19 18.32
CA ALA A 922 31.59 -15.34 18.01
C ALA A 922 31.27 -13.97 18.59
N LEU A 923 32.19 -13.41 19.36
CA LEU A 923 31.90 -12.11 19.96
C LEU A 923 32.80 -11.04 19.35
N ASP A 924 32.18 -9.91 19.01
CA ASP A 924 32.88 -8.75 18.49
C ASP A 924 33.50 -8.00 19.66
N PRO A 925 34.82 -7.85 19.72
CA PRO A 925 35.44 -7.24 20.91
C PRO A 925 35.34 -5.72 20.94
N ARG A 926 34.98 -5.10 19.82
CA ARG A 926 34.95 -3.64 19.75
C ARG A 926 33.73 -3.08 20.48
N GLN A 927 32.59 -3.75 20.34
CA GLN A 927 31.34 -3.25 20.87
C GLN A 927 30.72 -4.15 21.92
N GLY A 928 31.27 -5.34 22.14
CA GLY A 928 30.73 -6.27 23.09
C GLY A 928 29.56 -7.08 22.60
N HIS A 929 29.23 -7.00 21.31
CA HIS A 929 28.11 -7.76 20.77
C HIS A 929 28.47 -9.23 20.61
N LEU A 930 27.60 -10.09 21.11
CA LEU A 930 27.73 -11.52 20.90
C LEU A 930 26.94 -11.87 19.65
N TYR A 931 27.46 -12.81 18.87
CA TYR A 931 26.84 -13.24 17.64
C TYR A 931 26.67 -14.73 17.75
N TYR A 932 25.44 -15.21 17.55
CA TYR A 932 25.20 -16.62 17.78
C TYR A 932 24.40 -17.21 16.63
N ALA A 933 24.62 -18.51 16.45
CA ALA A 933 23.95 -19.28 15.40
C ALA A 933 23.22 -20.44 16.07
N THR A 934 21.93 -20.54 15.81
CA THR A 934 21.17 -21.70 16.22
C THR A 934 21.19 -22.75 15.11
N SER A 935 20.35 -23.76 15.24
CA SER A 935 20.15 -24.66 14.11
C SER A 935 19.24 -24.04 13.06
N SER A 936 18.40 -23.09 13.47
CA SER A 936 17.50 -22.38 12.58
C SER A 936 18.04 -21.03 12.13
N GLN A 937 18.51 -20.22 13.06
CA GLN A 937 18.69 -18.80 12.82
C GLN A 937 20.07 -18.35 13.27
N LEU A 938 20.49 -17.23 12.71
CA LEU A 938 21.73 -16.56 13.07
C LEU A 938 21.41 -15.11 13.36
N SER A 939 21.87 -14.64 14.52
CA SER A 939 21.43 -13.35 15.05
C SER A 939 22.45 -12.83 16.05
N ARG A 940 22.10 -11.72 16.69
CA ARG A 940 23.00 -10.91 17.50
C ARG A 940 22.35 -10.64 18.85
N HIS A 941 23.14 -10.68 19.92
CA HIS A 941 22.70 -10.26 21.24
C HIS A 941 23.64 -9.17 21.73
N GLY A 942 23.06 -8.06 22.19
CA GLY A 942 23.84 -6.96 22.70
C GLY A 942 23.62 -6.76 24.18
N SER A 943 24.10 -5.64 24.72
CA SER A 943 23.85 -5.34 26.13
C SER A 943 22.42 -4.89 26.36
N THR A 944 21.84 -4.21 25.40
CA THR A 944 20.47 -3.72 25.41
C THR A 944 19.63 -4.58 24.48
N PRO A 945 18.30 -4.63 24.66
CA PRO A 945 17.45 -5.34 23.69
C PRO A 945 17.27 -4.62 22.36
N ASP A 946 17.66 -3.35 22.24
CA ASP A 946 17.54 -2.63 20.98
C ASP A 946 18.60 -3.05 19.96
N GLU A 947 19.70 -3.65 20.40
CA GLU A 947 20.80 -4.01 19.51
C GLU A 947 20.64 -5.41 18.93
N ALA A 948 19.59 -6.13 19.27
CA ALA A 948 19.39 -7.50 18.81
C ALA A 948 18.79 -7.47 17.42
N VAL A 949 19.55 -7.98 16.43
CA VAL A 949 19.12 -8.00 15.04
C VAL A 949 19.28 -9.44 14.54
N THR A 950 18.32 -9.89 13.73
CA THR A 950 18.36 -11.24 13.18
C THR A 950 18.82 -11.18 11.73
N TYR A 951 19.94 -11.83 11.44
CA TYR A 951 20.50 -11.83 10.10
C TYR A 951 19.90 -12.89 9.21
N TYR A 952 19.70 -14.11 9.73
CA TYR A 952 19.30 -15.19 8.83
C TYR A 952 18.37 -16.17 9.51
N ARG A 953 17.38 -16.63 8.76
CA ARG A 953 16.55 -17.78 9.13
C ARG A 953 16.51 -18.72 7.94
N VAL A 954 16.60 -20.02 8.19
CA VAL A 954 16.52 -20.99 7.11
C VAL A 954 15.08 -21.24 6.69
N GLY A 959 17.98 -26.53 5.22
CA GLY A 959 18.75 -27.36 6.13
C GLY A 959 19.00 -26.73 7.48
N SER A 960 20.27 -26.60 7.85
CA SER A 960 20.65 -26.02 9.14
C SER A 960 22.01 -25.36 8.99
N ILE A 961 22.28 -24.42 9.89
CA ILE A 961 23.54 -23.68 9.86
C ILE A 961 24.62 -24.54 10.49
N ALA A 962 25.68 -24.82 9.73
CA ALA A 962 26.70 -25.78 10.14
C ALA A 962 27.84 -25.13 10.92
N SER A 963 28.30 -23.95 10.50
CA SER A 963 29.31 -23.17 11.19
C SER A 963 29.19 -21.73 10.72
N PHE A 964 29.76 -20.81 11.51
CA PHE A 964 29.87 -19.45 11.03
C PHE A 964 31.17 -18.85 11.57
N VAL A 965 31.54 -17.70 11.03
CA VAL A 965 32.73 -16.99 11.46
C VAL A 965 32.46 -15.49 11.34
N LEU A 966 33.05 -14.71 12.23
CA LEU A 966 32.87 -13.28 12.29
C LEU A 966 34.11 -12.56 11.80
N ASP A 967 33.95 -11.62 10.88
CA ASP A 967 35.04 -10.79 10.39
C ASP A 967 34.86 -9.41 11.03
N THR A 968 35.63 -9.14 12.08
CA THR A 968 35.49 -7.90 12.83
C THR A 968 36.09 -6.71 12.10
N GLN A 969 37.11 -6.96 11.26
CA GLN A 969 37.85 -5.83 10.65
C GLN A 969 37.07 -5.26 9.47
N GLN A 970 36.60 -6.11 8.57
CA GLN A 970 35.95 -5.65 7.36
C GLN A 970 34.44 -5.50 7.50
N ASP A 971 33.90 -5.78 8.70
CA ASP A 971 32.48 -5.69 9.10
C ASP A 971 31.57 -6.54 8.19
N GLN A 972 31.93 -7.81 8.04
CA GLN A 972 31.09 -8.76 7.33
C GLN A 972 31.03 -10.05 8.12
N LEU A 973 30.17 -10.96 7.68
CA LEU A 973 29.93 -12.20 8.40
C LEU A 973 29.64 -13.25 7.35
N PHE A 974 30.10 -14.48 7.60
CA PHE A 974 29.86 -15.60 6.70
C PHE A 974 29.28 -16.76 7.49
N TRP A 975 28.46 -17.58 6.82
CA TRP A 975 27.99 -18.82 7.43
C TRP A 975 27.76 -19.87 6.36
N LEU A 976 27.79 -21.13 6.79
CA LEU A 976 27.56 -22.29 5.95
C LEU A 976 26.18 -22.85 6.27
N VAL A 977 25.34 -23.03 5.26
CA VAL A 977 24.09 -23.74 5.40
C VAL A 977 24.27 -25.11 4.79
N LYS A 978 24.19 -26.15 5.62
CA LYS A 978 24.30 -27.53 5.18
C LYS A 978 22.87 -28.00 4.92
N GLY A 979 22.45 -27.91 3.67
CA GLY A 979 21.10 -28.27 3.28
C GLY A 979 20.99 -29.73 2.90
N SER A 980 20.22 -30.00 1.85
CA SER A 980 20.01 -31.36 1.36
C SER A 980 21.04 -31.62 0.27
N GLY A 981 22.23 -32.04 0.68
CA GLY A 981 23.30 -32.37 -0.23
C GLY A 981 23.96 -31.18 -0.90
N ALA A 982 23.87 -29.99 -0.34
CA ALA A 982 24.44 -28.80 -0.96
C ALA A 982 24.88 -27.82 0.12
N LEU A 983 26.18 -27.62 0.24
CA LEU A 983 26.70 -26.62 1.15
C LEU A 983 26.60 -25.24 0.50
N ARG A 984 25.82 -24.37 1.11
CA ARG A 984 25.59 -23.03 0.56
C ARG A 984 26.26 -22.03 1.49
N LEU A 985 27.22 -21.27 0.98
CA LEU A 985 27.95 -20.32 1.81
C LEU A 985 27.41 -18.92 1.56
N TYR A 986 27.35 -18.11 2.61
CA TYR A 986 26.71 -16.81 2.50
C TYR A 986 27.61 -15.70 3.05
N ARG A 987 27.09 -14.47 2.97
CA ARG A 987 27.78 -13.28 3.47
C ARG A 987 26.75 -12.21 3.76
N ALA A 988 26.84 -11.58 4.93
CA ALA A 988 25.99 -10.46 5.26
C ALA A 988 26.81 -9.40 6.00
N PRO A 989 26.47 -8.12 5.85
CA PRO A 989 27.13 -7.09 6.65
C PRO A 989 26.59 -7.09 8.08
N LEU A 990 27.33 -6.40 8.95
CA LEU A 990 26.97 -6.26 10.35
C LEU A 990 25.98 -5.13 10.60
N THR A 991 25.61 -4.37 9.58
CA THR A 991 24.67 -3.26 9.74
C THR A 991 23.24 -3.76 9.87
N SER A 996 22.62 -6.46 2.60
CA SER A 996 22.86 -7.23 1.38
C SER A 996 23.26 -8.67 1.70
N LEU A 997 22.31 -9.59 1.60
CA LEU A 997 22.58 -11.00 1.84
C LEU A 997 22.75 -11.67 0.47
N GLN A 998 23.92 -12.24 0.22
CA GLN A 998 24.16 -12.97 -1.02
C GLN A 998 24.67 -14.37 -0.74
N MET A 999 24.46 -15.22 -1.73
CA MET A 999 24.93 -16.61 -1.74
C MET A 999 26.26 -16.60 -2.50
N ILE A 1000 27.34 -16.99 -1.82
CA ILE A 1000 28.65 -16.93 -2.47
C ILE A 1000 28.87 -18.17 -3.34
N GLN A 1001 28.84 -19.36 -2.74
CA GLN A 1001 29.19 -20.56 -3.47
C GLN A 1001 28.41 -21.74 -2.92
N GLN A 1002 27.83 -22.52 -3.83
CA GLN A 1002 27.07 -23.71 -3.49
C GLN A 1002 27.83 -24.92 -4.03
N ILE A 1003 28.18 -25.84 -3.14
CA ILE A 1003 28.92 -27.03 -3.50
C ILE A 1003 27.99 -28.23 -3.30
N LYS A 1004 27.69 -28.93 -4.39
CA LYS A 1004 26.77 -30.05 -4.36
C LYS A 1004 27.54 -31.35 -4.27
N GLY A 1005 26.97 -32.31 -3.55
CA GLY A 1005 27.61 -33.59 -3.35
C GLY A 1005 27.19 -34.19 -2.01
N VAL A 1006 27.56 -35.45 -1.83
CA VAL A 1006 27.21 -36.15 -0.60
C VAL A 1006 28.18 -35.78 0.53
N PHE A 1007 29.39 -35.30 0.18
CA PHE A 1007 30.34 -34.86 1.19
C PHE A 1007 29.97 -33.47 1.69
N GLN A 1008 30.14 -33.26 2.99
CA GLN A 1008 29.75 -32.02 3.63
C GLN A 1008 30.79 -31.65 4.68
N ALA A 1009 30.52 -30.58 5.41
CA ALA A 1009 31.49 -30.06 6.36
C ALA A 1009 31.27 -30.66 7.75
N VAL A 1010 32.34 -30.62 8.53
CA VAL A 1010 32.21 -30.81 9.98
C VAL A 1010 31.46 -29.62 10.56
N PRO A 1011 30.56 -29.81 11.52
CA PRO A 1011 30.04 -28.66 12.27
C PRO A 1011 31.13 -28.04 13.14
N ASP A 1012 31.07 -26.71 13.25
CA ASP A 1012 32.10 -25.81 13.80
C ASP A 1012 33.46 -26.04 13.14
N SER A 1013 33.51 -25.80 11.83
CA SER A 1013 34.74 -25.97 11.11
C SER A 1013 35.01 -24.91 10.05
N LEU A 1014 34.22 -23.84 9.98
CA LEU A 1014 34.50 -22.77 9.03
C LEU A 1014 35.42 -21.74 9.68
N GLN A 1015 36.67 -21.68 9.23
CA GLN A 1015 37.58 -20.62 9.66
C GLN A 1015 37.83 -19.62 8.55
N LEU A 1016 38.19 -18.41 8.97
CA LEU A 1016 38.48 -17.29 8.08
C LEU A 1016 39.99 -17.15 7.96
N LEU A 1017 40.52 -17.47 6.78
CA LEU A 1017 41.94 -17.28 6.49
C LEU A 1017 42.14 -15.80 6.21
N ARG A 1018 42.68 -15.14 7.23
CA ARG A 1018 42.90 -13.69 7.11
C ARG A 1018 43.94 -13.39 6.05
N PRO A 1019 45.23 -13.81 6.12
CA PRO A 1019 46.18 -13.30 5.11
C PRO A 1019 45.78 -13.56 3.66
N LEU A 1020 45.32 -14.77 3.35
CA LEU A 1020 44.83 -15.06 2.00
C LEU A 1020 43.51 -14.37 1.70
N GLY A 1021 42.66 -14.18 2.71
CA GLY A 1021 41.32 -13.70 2.47
C GLY A 1021 40.50 -14.81 1.88
N ALA A 1022 40.29 -15.87 2.66
CA ALA A 1022 39.59 -17.03 2.17
C ALA A 1022 38.81 -17.66 3.31
N LEU A 1023 38.00 -18.65 2.97
CA LEU A 1023 37.26 -19.43 3.95
C LEU A 1023 37.62 -20.90 3.81
N LEU A 1024 37.78 -21.57 4.94
CA LEU A 1024 38.17 -22.96 4.99
C LEU A 1024 37.11 -23.75 5.72
N TRP A 1025 36.82 -24.95 5.24
CA TRP A 1025 36.10 -25.92 6.05
C TRP A 1025 36.65 -27.31 5.85
N LEU A 1026 36.80 -28.04 6.95
CA LEU A 1026 37.19 -29.44 6.89
C LEU A 1026 35.98 -30.29 6.47
N GLU A 1027 36.25 -31.28 5.65
CA GLU A 1027 35.20 -32.19 5.19
C GLU A 1027 34.95 -33.28 6.23
N ARG A 1028 33.81 -33.95 6.09
CA ARG A 1028 33.34 -34.88 7.12
C ARG A 1028 34.09 -36.20 7.09
N SER A 1029 34.76 -36.51 5.99
CA SER A 1029 35.56 -37.73 5.92
C SER A 1029 36.85 -37.58 6.71
N GLY A 1030 37.35 -36.37 6.87
CA GLY A 1030 38.58 -36.13 7.59
C GLY A 1030 39.84 -36.24 6.77
N ARG A 1031 39.73 -36.30 5.45
CA ARG A 1031 40.90 -36.42 4.58
C ARG A 1031 41.00 -35.28 3.59
N ARG A 1032 40.16 -34.26 3.70
CA ARG A 1032 40.20 -33.14 2.78
C ARG A 1032 39.67 -31.90 3.48
N ALA A 1033 40.20 -30.74 3.08
CA ALA A 1033 39.65 -29.45 3.47
C ALA A 1033 39.39 -28.64 2.20
N ARG A 1034 38.39 -27.78 2.23
CA ARG A 1034 38.07 -26.96 1.07
C ARG A 1034 38.28 -25.50 1.38
N LEU A 1035 38.81 -24.76 0.40
CA LEU A 1035 39.20 -23.37 0.56
C LEU A 1035 38.60 -22.56 -0.57
N VAL A 1036 37.88 -21.48 -0.22
CA VAL A 1036 37.24 -20.61 -1.21
C VAL A 1036 37.70 -19.19 -0.94
N ARG A 1037 38.32 -18.56 -1.94
CA ARG A 1037 38.76 -17.18 -1.81
C ARG A 1037 37.57 -16.23 -1.99
N LEU A 1038 37.74 -14.98 -1.56
CA LEU A 1038 36.63 -14.03 -1.62
C LEU A 1038 36.58 -13.31 -2.96
N ALA A 1039 37.73 -13.04 -3.56
CA ALA A 1039 37.78 -12.30 -4.82
C ALA A 1039 37.35 -13.17 -5.99
N ALA A 1040 37.80 -14.42 -6.02
CA ALA A 1040 37.29 -15.42 -6.95
C ALA A 1040 36.42 -16.39 -6.16
N PRO A 1041 35.10 -16.30 -6.26
CA PRO A 1041 34.26 -17.22 -5.47
C PRO A 1041 34.15 -18.60 -6.05
N LEU A 1042 34.38 -18.75 -7.36
CA LEU A 1042 34.01 -19.98 -8.05
C LEU A 1042 35.03 -21.10 -7.84
N ASP A 1043 36.30 -20.75 -7.67
CA ASP A 1043 37.30 -21.79 -7.48
C ASP A 1043 37.32 -22.32 -6.05
N VAL A 1044 37.25 -23.65 -5.93
CA VAL A 1044 37.31 -24.32 -4.63
C VAL A 1044 38.54 -25.19 -4.60
N MET A 1045 39.63 -24.66 -4.04
CA MET A 1045 40.84 -25.46 -3.87
C MET A 1045 40.64 -26.45 -2.74
N GLU A 1046 41.27 -27.61 -2.87
CA GLU A 1046 41.20 -28.63 -1.83
C GLU A 1046 42.60 -28.85 -1.27
N LEU A 1047 42.69 -28.92 0.05
CA LEU A 1047 43.93 -29.26 0.71
C LEU A 1047 43.82 -30.68 1.27
N PRO A 1048 44.64 -31.61 0.81
CA PRO A 1048 44.68 -32.94 1.42
C PRO A 1048 45.38 -32.90 2.77
N THR A 1049 45.08 -33.87 3.56
CA THR A 1049 45.48 -34.03 4.95
C THR A 1049 46.79 -34.81 5.03
N PRO A 1050 47.75 -34.38 5.86
CA PRO A 1050 48.97 -35.17 6.09
C PRO A 1050 48.68 -36.49 6.77
N ASP A 1051 49.49 -37.50 6.42
CA ASP A 1051 49.16 -38.89 6.69
C ASP A 1051 49.53 -39.36 8.08
N GLN A 1052 50.21 -38.54 8.89
CA GLN A 1052 50.42 -38.91 10.28
C GLN A 1052 49.13 -38.75 11.09
N ALA A 1053 48.41 -37.66 10.85
CA ALA A 1053 47.08 -37.48 11.43
C ALA A 1053 46.04 -37.70 10.34
N SER A 1054 45.75 -38.99 10.06
CA SER A 1054 45.11 -39.34 8.78
C SER A 1054 43.61 -39.05 8.73
N PRO A 1055 42.75 -39.34 9.79
CA PRO A 1055 41.47 -38.61 9.80
C PRO A 1055 41.54 -37.32 10.60
N ALA A 1056 41.29 -36.20 9.94
CA ALA A 1056 41.41 -34.89 10.58
C ALA A 1056 40.08 -34.49 11.18
N SER A 1057 40.08 -34.05 12.43
CA SER A 1057 38.87 -33.55 13.05
C SER A 1057 38.88 -32.05 13.27
N ALA A 1058 40.04 -31.39 13.23
CA ALA A 1058 40.05 -29.95 13.41
C ALA A 1058 41.19 -29.34 12.60
N LEU A 1059 40.97 -28.13 12.11
CA LEU A 1059 42.06 -27.40 11.48
C LEU A 1059 41.91 -25.96 11.94
N GLN A 1060 43.02 -25.30 12.18
CA GLN A 1060 42.99 -23.88 12.52
C GLN A 1060 44.09 -23.14 11.77
N LEU A 1061 43.86 -21.87 11.49
CA LEU A 1061 44.94 -20.97 11.11
C LEU A 1061 45.49 -20.28 12.35
N LEU A 1062 46.75 -20.53 12.67
CA LEU A 1062 47.38 -19.86 13.80
C LEU A 1062 47.75 -18.44 13.41
N ASP A 1063 47.43 -17.49 14.28
CA ASP A 1063 47.77 -16.11 14.02
C ASP A 1063 49.28 -15.85 14.23
N PRO A 1064 49.88 -14.95 13.43
CA PRO A 1064 51.31 -14.68 13.62
C PRO A 1064 51.61 -13.82 14.82
N GLN A 1065 50.76 -12.83 15.10
CA GLN A 1065 50.89 -12.07 16.34
C GLN A 1065 50.41 -12.91 17.51
N PRO A 1066 50.91 -12.67 18.72
CA PRO A 1066 50.31 -13.30 19.90
C PRO A 1066 48.99 -12.64 20.26
N LEU A 1067 48.27 -13.33 21.15
CA LEU A 1067 46.98 -12.83 21.61
C LEU A 1067 47.17 -11.63 22.53
N PRO A 1068 46.36 -10.57 22.41
CA PRO A 1068 46.51 -9.42 23.30
C PRO A 1068 46.03 -9.76 24.70
N PRO A 1069 46.52 -9.08 25.73
CA PRO A 1069 46.07 -9.36 27.09
C PRO A 1069 44.69 -8.75 27.37
N ARG A 1070 44.20 -9.03 28.57
CA ARG A 1070 42.89 -8.56 28.99
C ARG A 1070 42.92 -7.06 29.25
N ASP A 1071 41.79 -6.41 29.03
CA ASP A 1071 41.72 -4.96 29.11
C ASP A 1071 41.18 -4.56 30.47
N GLU A 1072 41.88 -3.66 31.15
CA GLU A 1072 41.37 -3.06 32.37
C GLU A 1072 40.49 -1.84 32.09
N GLY A 1073 40.37 -1.44 30.82
CA GLY A 1073 39.49 -0.38 30.42
C GLY A 1073 38.04 -0.74 30.33
N VAL A 1074 37.69 -2.03 30.36
CA VAL A 1074 36.31 -2.47 30.32
C VAL A 1074 35.85 -3.00 31.65
N ILE A 1075 36.72 -3.11 32.64
CA ILE A 1075 36.35 -3.55 33.99
C ILE A 1075 35.63 -2.41 34.68
N PRO A 1076 34.41 -2.61 35.16
CA PRO A 1076 33.75 -1.56 35.93
C PRO A 1076 34.37 -1.46 37.32
N MET A 1077 34.51 -0.23 37.80
CA MET A 1077 35.00 -0.04 39.16
C MET A 1077 33.90 -0.38 40.15
N THR A 1078 34.33 -0.74 41.36
CA THR A 1078 33.40 -1.11 42.41
C THR A 1078 32.71 0.14 42.95
N VAL A 1079 31.39 0.03 43.13
CA VAL A 1079 30.57 1.12 43.67
C VAL A 1079 30.93 1.34 45.13
N LEU A 1080 31.19 2.60 45.50
CA LEU A 1080 31.61 2.94 46.85
C LEU A 1080 30.46 2.77 47.83
N PRO A 1081 30.64 1.97 48.90
CA PRO A 1081 29.50 1.64 49.78
C PRO A 1081 29.11 2.76 50.72
N ASP A 1082 30.00 3.73 50.95
CA ASP A 1082 29.61 4.91 51.70
C ASP A 1082 28.74 5.87 50.90
N SER A 1083 28.84 5.84 49.57
CA SER A 1083 28.11 6.77 48.73
C SER A 1083 26.72 6.28 48.38
N VAL A 1084 26.34 5.06 48.77
CA VAL A 1084 24.99 4.58 48.53
C VAL A 1084 24.08 5.22 49.57
N ARG A 1085 23.38 6.28 49.16
CA ARG A 1085 22.51 7.01 50.08
C ARG A 1085 21.05 6.70 49.76
N LEU A 1086 20.26 6.61 50.82
CA LEU A 1086 18.81 6.55 50.69
C LEU A 1086 18.20 7.91 50.98
N ASP A 1087 18.28 8.83 50.01
CA ASP A 1087 17.68 10.14 50.21
C ASP A 1087 16.29 10.22 49.59
N ASP A 1088 15.33 10.68 50.38
CA ASP A 1088 13.95 10.74 49.96
C ASP A 1088 13.55 12.20 49.81
N GLY A 1089 12.76 12.48 48.79
CA GLY A 1089 12.27 13.81 48.56
C GLY A 1089 10.86 13.99 49.07
N HIS A 1090 10.25 15.09 48.63
CA HIS A 1090 8.85 15.31 48.91
C HIS A 1090 7.98 14.42 48.02
N TRP A 1091 6.74 14.25 48.45
CA TRP A 1091 5.65 13.41 47.87
C TRP A 1091 6.12 11.96 47.85
N ASP A 1092 5.93 11.23 46.76
CA ASP A 1092 6.17 9.80 46.72
C ASP A 1092 7.56 9.45 46.18
N ASP A 1093 8.47 10.41 46.08
CA ASP A 1093 9.81 10.16 45.56
C ASP A 1093 10.66 9.58 46.69
N PHE A 1094 10.73 8.25 46.75
CA PHE A 1094 11.55 7.53 47.70
C PHE A 1094 12.57 6.74 46.90
N HIS A 1095 13.81 7.21 46.86
CA HIS A 1095 14.76 6.67 45.90
C HIS A 1095 16.14 6.48 46.51
N VAL A 1096 16.97 5.70 45.81
CA VAL A 1096 18.33 5.41 46.23
C VAL A 1096 19.28 5.82 45.11
N ARG A 1097 20.37 6.46 45.51
CA ARG A 1097 21.36 6.92 44.53
C ARG A 1097 22.75 6.56 45.06
N TRP A 1098 23.72 6.50 44.19
CA TRP A 1098 25.10 6.21 44.54
C TRP A 1098 26.03 6.97 43.60
N GLN A 1099 27.31 6.96 43.94
CA GLN A 1099 28.34 7.52 43.07
C GLN A 1099 28.50 6.62 41.84
N PRO A 1100 28.47 7.18 40.62
CA PRO A 1100 28.42 6.34 39.41
C PRO A 1100 29.73 5.65 39.10
N SER A 1101 29.66 4.34 38.89
CA SER A 1101 30.84 3.54 38.61
C SER A 1101 31.29 3.75 37.17
N THR A 1102 32.56 4.07 37.00
CA THR A 1102 33.13 4.25 35.69
C THR A 1102 34.00 3.05 35.36
N SER A 1103 34.54 3.06 34.14
CA SER A 1103 35.55 2.10 33.73
C SER A 1103 36.82 2.86 33.38
N GLY A 1104 37.81 2.13 32.87
CA GLY A 1104 39.08 2.74 32.51
C GLY A 1104 38.97 3.59 31.27
N GLY A 1105 38.77 2.96 30.12
CA GLY A 1105 38.20 3.66 28.98
C GLY A 1105 36.75 3.94 29.30
N ASN A 1106 36.25 5.08 28.85
CA ASN A 1106 34.93 5.53 29.28
C ASN A 1106 33.82 4.81 28.52
N HIS A 1107 33.37 3.68 29.08
CA HIS A 1107 32.36 2.83 28.49
C HIS A 1107 31.05 2.94 29.26
N SER A 1108 30.00 2.39 28.67
CA SER A 1108 28.67 2.47 29.24
C SER A 1108 28.53 1.46 30.36
N VAL A 1109 28.32 1.93 31.57
CA VAL A 1109 28.20 1.08 32.74
C VAL A 1109 26.74 1.05 33.16
N SER A 1110 26.09 -0.09 33.01
CA SER A 1110 24.74 -0.28 33.49
C SER A 1110 24.79 -0.94 34.87
N TYR A 1111 23.63 -1.03 35.50
CA TYR A 1111 23.55 -1.53 36.87
C TYR A 1111 22.42 -2.52 36.99
N ARG A 1112 22.59 -3.46 37.90
CA ARG A 1112 21.50 -4.35 38.31
C ARG A 1112 21.37 -4.26 39.82
N LEU A 1113 20.15 -4.24 40.30
CA LEU A 1113 19.86 -3.86 41.67
C LEU A 1113 18.88 -4.80 42.33
N LEU A 1114 19.14 -5.11 43.60
CA LEU A 1114 18.26 -5.96 44.39
C LEU A 1114 17.89 -5.28 45.71
N LEU A 1115 16.59 -5.23 45.99
CA LEU A 1115 15.98 -4.80 47.25
C LEU A 1115 15.52 -6.01 48.03
N GLU A 1116 15.86 -6.02 49.32
CA GLU A 1116 15.33 -6.97 50.30
C GLU A 1116 14.71 -6.18 51.45
N PHE A 1117 13.39 -6.21 51.55
CA PHE A 1117 12.64 -5.74 52.72
C PHE A 1117 12.25 -6.96 53.54
N GLY A 1118 13.25 -7.69 54.02
CA GLY A 1118 12.94 -8.91 54.73
C GLY A 1118 12.64 -10.03 53.75
N GLN A 1119 11.36 -10.34 53.58
CA GLN A 1119 10.96 -11.35 52.60
C GLN A 1119 10.42 -10.71 51.32
N ARG A 1120 10.20 -9.40 51.30
CA ARG A 1120 9.88 -8.70 50.06
C ARG A 1120 11.13 -8.53 49.22
N LEU A 1121 11.01 -8.87 47.95
CA LEU A 1121 12.14 -8.86 47.01
C LEU A 1121 11.77 -7.97 45.84
N GLN A 1122 12.74 -7.22 45.32
CA GLN A 1122 12.52 -6.43 44.12
C GLN A 1122 13.81 -6.29 43.32
N THR A 1123 13.77 -6.63 42.03
CA THR A 1123 14.92 -6.51 41.16
C THR A 1123 14.68 -5.40 40.14
N LEU A 1124 15.72 -4.63 39.85
CA LEU A 1124 15.64 -3.58 38.83
C LEU A 1124 16.86 -3.66 37.93
N ASP A 1125 16.66 -3.36 36.65
CA ASP A 1125 17.74 -3.24 35.68
C ASP A 1125 17.81 -1.75 35.32
N LEU A 1126 18.97 -1.13 35.55
CA LEU A 1126 19.11 0.30 35.55
C LEU A 1126 20.19 0.72 34.56
N SER A 1127 20.05 1.94 34.04
CA SER A 1127 21.08 2.54 33.23
C SER A 1127 21.61 3.84 33.79
N THR A 1128 21.18 4.24 34.99
CA THR A 1128 21.58 5.43 35.70
C THR A 1128 21.93 5.06 37.14
N PRO A 1129 22.75 5.86 37.84
CA PRO A 1129 22.91 5.63 39.29
C PRO A 1129 21.74 6.13 40.13
N PHE A 1130 20.59 5.46 40.04
CA PHE A 1130 19.31 5.95 40.53
C PHE A 1130 18.31 4.82 40.50
N ALA A 1131 17.53 4.66 41.57
CA ALA A 1131 16.42 3.71 41.55
C ALA A 1131 15.31 4.20 42.46
N ARG A 1132 14.10 4.26 41.92
CA ARG A 1132 12.94 4.68 42.70
C ARG A 1132 12.35 3.47 43.39
N LEU A 1133 12.09 3.58 44.69
CA LEU A 1133 11.50 2.48 45.45
C LEU A 1133 10.00 2.71 45.54
N THR A 1134 9.21 1.75 45.06
CA THR A 1134 7.77 1.92 45.03
C THR A 1134 7.09 1.39 46.30
N GLN A 1135 7.21 0.09 46.56
CA GLN A 1135 6.47 -0.53 47.67
C GLN A 1135 7.26 -0.37 48.97
N LEU A 1136 7.13 0.81 49.56
CA LEU A 1136 7.85 1.08 50.79
C LEU A 1136 6.97 0.74 51.98
N PRO A 1137 7.42 -0.13 52.89
CA PRO A 1137 6.49 -0.72 53.86
C PRO A 1137 6.24 0.12 55.09
N GLN A 1138 6.91 1.27 55.22
CA GLN A 1138 6.70 2.40 56.15
C GLN A 1138 7.01 2.13 57.63
N ALA A 1139 7.36 0.90 58.02
CA ALA A 1139 7.49 0.53 59.42
C ALA A 1139 8.94 0.25 59.83
N GLN A 1140 9.88 1.04 59.28
CA GLN A 1140 11.28 1.18 59.72
C GLN A 1140 12.09 -0.12 59.63
N LEU A 1141 12.16 -0.69 58.42
CA LEU A 1141 12.94 -1.91 58.25
C LEU A 1141 14.38 -1.59 57.87
N GLN A 1142 15.20 -2.63 57.90
CA GLN A 1142 16.58 -2.57 57.44
C GLN A 1142 16.62 -3.12 56.02
N LEU A 1143 16.63 -2.21 55.05
CA LEU A 1143 16.60 -2.54 53.64
C LEU A 1143 17.97 -3.03 53.21
N LYS A 1144 18.02 -4.14 52.48
CA LYS A 1144 19.27 -4.63 51.93
C LYS A 1144 19.34 -4.28 50.45
N ILE A 1145 20.40 -3.59 50.07
CA ILE A 1145 20.64 -3.09 48.72
C ILE A 1145 21.86 -3.83 48.18
N SER A 1146 21.73 -4.45 47.01
CA SER A 1146 22.94 -4.90 46.33
C SER A 1146 23.00 -4.33 44.92
N ILE A 1147 24.17 -3.82 44.55
CA ILE A 1147 24.46 -3.17 43.28
C ILE A 1147 25.43 -4.08 42.53
N THR A 1148 25.13 -4.39 41.27
CA THR A 1148 26.10 -5.01 40.39
C THR A 1148 26.30 -4.13 39.17
N PRO A 1149 27.40 -3.38 39.09
CA PRO A 1149 27.70 -2.65 37.86
C PRO A 1149 28.23 -3.59 36.80
N ARG A 1150 28.01 -3.22 35.54
CA ARG A 1150 28.48 -4.02 34.44
C ARG A 1150 28.74 -3.13 33.24
N THR A 1151 29.52 -3.66 32.31
CA THR A 1151 29.73 -3.08 31.00
C THR A 1151 29.18 -4.05 29.97
N ALA A 1152 29.50 -3.80 28.71
CA ALA A 1152 29.12 -4.72 27.65
C ALA A 1152 29.95 -6.01 27.67
N TRP A 1153 31.15 -5.98 28.25
CA TRP A 1153 32.06 -7.10 28.19
C TRP A 1153 32.05 -7.97 29.44
N ARG A 1154 32.12 -7.38 30.63
CA ARG A 1154 32.14 -8.17 31.85
C ARG A 1154 31.40 -7.42 32.95
N SER A 1155 31.48 -7.95 34.16
CA SER A 1155 30.77 -7.39 35.30
C SER A 1155 31.74 -7.10 36.42
N GLY A 1156 31.47 -6.03 37.16
CA GLY A 1156 32.25 -5.69 38.33
C GLY A 1156 31.79 -6.44 39.56
N ASP A 1157 32.39 -6.08 40.69
CA ASP A 1157 32.03 -6.71 41.95
C ASP A 1157 30.71 -6.16 42.49
N THR A 1158 30.09 -6.96 43.34
CA THR A 1158 28.81 -6.60 43.95
C THR A 1158 29.05 -5.76 45.18
N THR A 1159 28.31 -4.66 45.31
CA THR A 1159 28.36 -3.82 46.49
C THR A 1159 27.08 -4.06 47.29
N ARG A 1160 27.23 -4.52 48.53
CA ARG A 1160 26.09 -4.86 49.38
C ARG A 1160 26.09 -3.94 50.59
N VAL A 1161 25.01 -3.17 50.77
CA VAL A 1161 24.85 -2.33 51.94
C VAL A 1161 23.49 -2.60 52.57
N GLN A 1162 23.35 -2.17 53.83
CA GLN A 1162 22.09 -2.23 54.55
C GLN A 1162 21.78 -0.84 55.05
N LEU A 1163 20.60 -0.34 54.72
CA LEU A 1163 20.22 1.04 55.00
C LEU A 1163 18.92 1.07 55.81
N THR A 1164 18.82 2.03 56.71
CA THR A 1164 17.60 2.23 57.49
C THR A 1164 16.63 3.05 56.66
N THR A 1165 15.35 2.70 56.74
CA THR A 1165 14.32 3.42 56.00
C THR A 1165 14.04 4.76 56.68
N PRO A 1166 13.78 5.83 55.93
CA PRO A 1166 13.23 7.03 56.55
C PRO A 1166 11.79 6.81 56.98
N PRO A 1167 11.30 7.56 57.98
CA PRO A 1167 9.91 7.37 58.41
C PRO A 1167 8.90 7.96 57.44
N VAL A 1168 7.87 7.15 57.14
CA VAL A 1168 6.79 7.57 56.26
C VAL A 1168 5.51 7.67 57.06
N ALA A 1169 5.05 8.89 57.31
CA ALA A 1169 3.75 9.07 57.97
C ALA A 1169 2.55 8.96 57.02
N PRO A 1170 2.47 9.66 55.79
CA PRO A 1170 1.24 9.47 55.01
C PRO A 1170 1.19 8.18 54.21
N SER A 1171 0.03 7.52 54.25
CA SER A 1171 -0.28 6.39 53.40
C SER A 1171 -1.54 6.74 52.61
N GLN A 1172 -1.38 6.92 51.31
CA GLN A 1172 -2.45 7.42 50.46
C GLN A 1172 -2.75 6.39 49.38
N PRO A 1173 -4.03 6.21 49.00
CA PRO A 1173 -4.35 5.29 47.90
C PRO A 1173 -3.89 5.82 46.54
N ARG A 1174 -3.47 4.89 45.69
CA ARG A 1174 -2.79 5.22 44.45
C ARG A 1174 -3.80 5.15 43.31
N ARG A 1175 -3.87 6.21 42.53
CA ARG A 1175 -4.93 6.35 41.53
C ARG A 1175 -4.44 5.90 40.16
N LEU A 1176 -5.42 5.60 39.30
CA LEU A 1176 -5.13 5.17 37.95
C LEU A 1176 -4.75 6.36 37.09
N ARG A 1177 -3.58 6.27 36.45
CA ARG A 1177 -3.00 7.39 35.71
C ARG A 1177 -2.95 6.99 34.24
N VAL A 1178 -3.83 7.59 33.43
CA VAL A 1178 -3.92 7.28 32.00
C VAL A 1178 -3.46 8.49 31.20
N PHE A 1179 -2.55 8.26 30.25
CA PHE A 1179 -2.09 9.31 29.36
C PHE A 1179 -2.26 8.82 27.93
N VAL A 1180 -2.83 9.65 27.08
CA VAL A 1180 -2.90 9.29 25.67
C VAL A 1180 -1.64 9.83 25.00
N GLU A 1181 -1.09 9.09 24.05
CA GLU A 1181 0.01 9.55 23.23
C GLU A 1181 -0.31 9.31 21.77
N ARG A 1182 0.11 10.22 20.92
CA ARG A 1182 -0.10 10.17 19.49
C ARG A 1182 1.26 10.02 18.83
N LEU A 1183 1.52 8.86 18.24
CA LEU A 1183 2.84 8.56 17.73
C LEU A 1183 2.73 8.46 16.22
N ALA A 1184 3.53 9.27 15.52
CA ALA A 1184 3.46 9.40 14.08
C ALA A 1184 4.81 9.11 13.47
N THR A 1185 4.86 8.06 12.67
CA THR A 1185 6.00 7.72 11.83
C THR A 1185 5.68 8.24 10.43
N ALA A 1186 6.70 8.77 9.75
CA ALA A 1186 6.58 9.09 8.33
C ALA A 1186 6.32 7.83 7.51
N LEU A 1187 5.49 8.00 6.47
CA LEU A 1187 4.84 6.98 5.60
C LEU A 1187 3.94 6.02 6.36
N GLN A 1188 3.53 6.40 7.57
CA GLN A 1188 2.60 5.51 8.31
C GLN A 1188 1.47 6.35 8.91
N GLU A 1189 0.42 5.69 9.35
CA GLU A 1189 -0.72 6.48 9.86
C GLU A 1189 -0.36 6.85 11.28
N ALA A 1190 -0.80 8.03 11.74
CA ALA A 1190 -0.54 8.35 13.15
C ALA A 1190 -1.31 7.31 13.95
N ASN A 1191 -0.75 6.82 15.06
CA ASN A 1191 -1.48 5.88 15.93
C ASN A 1191 -1.69 6.62 17.25
N VAL A 1192 -2.92 6.70 17.73
CA VAL A 1192 -3.14 7.33 19.06
C VAL A 1192 -3.41 6.21 20.06
N SER A 1193 -2.67 6.15 21.16
CA SER A 1193 -2.83 5.02 22.09
C SER A 1193 -2.91 5.51 23.53
N ALA A 1194 -3.40 4.67 24.43
CA ALA A 1194 -3.55 5.08 25.82
C ALA A 1194 -2.65 4.23 26.70
N VAL A 1195 -1.74 4.89 27.41
CA VAL A 1195 -0.83 4.23 28.35
C VAL A 1195 -1.47 4.33 29.72
N LEU A 1196 -1.73 3.19 30.34
CA LEU A 1196 -2.28 3.15 31.68
C LEU A 1196 -1.20 2.73 32.66
N ARG A 1197 -0.99 3.52 33.69
CA ARG A 1197 -0.07 3.18 34.76
C ARG A 1197 -0.83 3.27 36.08
N TRP A 1198 -0.83 2.16 36.82
CA TRP A 1198 -1.45 2.09 38.14
C TRP A 1198 -0.48 1.39 39.06
N ASP A 1199 -0.24 1.98 40.22
CA ASP A 1199 0.61 1.34 41.21
C ASP A 1199 -0.16 0.24 41.92
N ALA A 1200 0.58 -0.62 42.57
CA ALA A 1200 0.02 -1.68 43.38
C ALA A 1200 -0.57 -1.11 44.66
N PRO A 1201 -1.60 -1.75 45.23
CA PRO A 1201 -2.00 -1.42 46.60
C PRO A 1201 -0.97 -1.89 47.62
N GLU A 1202 -1.04 -1.30 48.80
CA GLU A 1202 0.00 -1.48 49.80
C GLU A 1202 -0.10 -2.85 50.46
N GLN A 1203 1.03 -3.56 50.50
CA GLN A 1203 1.11 -4.91 51.02
C GLN A 1203 1.95 -4.90 52.29
N GLY A 1204 1.81 -5.95 53.09
CA GLY A 1204 2.64 -6.07 54.27
C GLY A 1204 4.04 -6.49 53.92
N GLN A 1205 4.97 -6.23 54.84
CA GLN A 1205 6.36 -6.58 54.58
C GLN A 1205 6.63 -8.05 54.88
N GLU A 1206 5.74 -8.70 55.62
CA GLU A 1206 5.86 -10.14 55.85
C GLU A 1206 5.43 -10.91 54.59
N ALA A 1207 4.40 -10.42 53.90
CA ALA A 1207 3.98 -11.05 52.67
C ALA A 1207 4.93 -10.67 51.53
N PRO A 1208 5.16 -11.57 50.58
CA PRO A 1208 6.00 -11.22 49.42
C PRO A 1208 5.22 -10.44 48.37
N MET A 1209 5.89 -10.19 47.25
CA MET A 1209 5.27 -9.48 46.14
C MET A 1209 4.30 -10.40 45.41
N GLN A 1210 3.07 -9.94 45.25
CA GLN A 1210 1.98 -10.74 44.74
C GLN A 1210 1.67 -10.36 43.31
N ALA A 1211 1.27 -11.35 42.52
CA ALA A 1211 0.78 -11.10 41.18
C ALA A 1211 -0.63 -10.51 41.26
N LEU A 1212 -0.82 -9.39 40.57
CA LEU A 1212 -2.13 -8.76 40.50
C LEU A 1212 -2.67 -8.92 39.09
N GLU A 1213 -3.79 -9.61 38.98
CA GLU A 1213 -4.44 -9.78 37.70
C GLU A 1213 -5.28 -8.54 37.42
N TYR A 1214 -4.91 -7.80 36.37
CA TYR A 1214 -5.56 -6.56 36.00
C TYR A 1214 -6.47 -6.84 34.82
N HIS A 1215 -7.76 -6.60 35.01
CA HIS A 1215 -8.76 -6.75 33.96
C HIS A 1215 -9.18 -5.37 33.52
N ILE A 1216 -9.02 -5.07 32.24
CA ILE A 1216 -9.42 -3.79 31.68
C ILE A 1216 -10.56 -4.02 30.69
N SER A 1217 -11.60 -3.21 30.80
CA SER A 1217 -12.65 -3.11 29.79
C SER A 1217 -12.67 -1.69 29.27
N CYS A 1218 -12.41 -1.51 27.99
CA CYS A 1218 -12.43 -0.20 27.37
C CYS A 1218 -13.75 -0.06 26.63
N TRP A 1219 -14.45 1.06 26.84
CA TRP A 1219 -15.77 1.26 26.27
C TRP A 1219 -15.83 2.52 25.44
N VAL A 1220 -16.40 2.39 24.25
CA VAL A 1220 -16.78 3.51 23.41
C VAL A 1220 -18.28 3.69 23.57
N GLY A 1221 -18.70 4.62 24.43
CA GLY A 1221 -20.11 4.91 24.58
C GLY A 1221 -20.84 3.84 25.37
N SER A 1222 -21.54 2.99 24.63
CA SER A 1222 -22.18 1.81 25.18
C SER A 1222 -21.64 0.51 24.62
N GLU A 1223 -20.66 0.54 23.71
CA GLU A 1223 -20.10 -0.71 23.18
C GLU A 1223 -18.67 -0.93 23.67
N LEU A 1224 -18.20 -2.16 23.52
CA LEU A 1224 -16.91 -2.59 24.06
C LEU A 1224 -15.85 -2.54 22.97
N HIS A 1225 -14.73 -1.89 23.26
CA HIS A 1225 -13.68 -1.68 22.26
C HIS A 1225 -12.59 -2.75 22.35
N GLU A 1226 -11.91 -2.82 23.49
CA GLU A 1226 -10.89 -3.82 23.75
C GLU A 1226 -11.06 -4.37 25.16
N GLU A 1227 -10.43 -5.51 25.42
CA GLU A 1227 -10.45 -6.15 26.73
C GLU A 1227 -9.19 -6.99 26.87
N LEU A 1228 -8.40 -6.72 27.92
CA LEU A 1228 -7.13 -7.40 28.11
C LEU A 1228 -7.05 -7.91 29.54
N ARG A 1229 -6.43 -9.07 29.71
CA ARG A 1229 -6.22 -9.71 31.01
C ARG A 1229 -4.71 -9.82 31.19
N LEU A 1230 -4.17 -9.20 32.24
CA LEU A 1230 -2.72 -9.13 32.41
C LEU A 1230 -2.29 -9.51 33.81
N ASN A 1231 -1.24 -10.33 33.90
CA ASN A 1231 -0.59 -10.69 35.17
C ASN A 1231 0.57 -9.73 35.36
N GLN A 1232 0.41 -8.71 36.20
CA GLN A 1232 1.52 -7.78 36.42
C GLN A 1232 1.64 -7.43 37.90
N SER A 1233 2.85 -7.06 38.30
CA SER A 1233 3.06 -6.59 39.67
C SER A 1233 2.56 -5.17 39.85
N ALA A 1234 2.71 -4.33 38.83
CA ALA A 1234 2.09 -3.03 38.77
C ALA A 1234 1.60 -2.83 37.35
N LEU A 1235 0.49 -2.11 37.20
CA LEU A 1235 -0.17 -2.04 35.91
C LEU A 1235 0.54 -1.05 34.99
N GLU A 1236 1.11 -1.57 33.91
CA GLU A 1236 1.63 -0.75 32.83
C GLU A 1236 1.08 -1.37 31.54
N ALA A 1237 0.00 -0.79 31.02
CA ALA A 1237 -0.69 -1.37 29.89
C ALA A 1237 -0.82 -0.34 28.79
N ARG A 1238 -1.14 -0.83 27.59
CA ARG A 1238 -1.32 0.09 26.44
C ARG A 1238 -2.51 -0.34 25.58
N VAL A 1239 -3.53 0.48 25.51
CA VAL A 1239 -4.71 0.26 24.68
C VAL A 1239 -4.43 0.94 23.35
N GLU A 1240 -4.48 0.17 22.27
CA GLU A 1240 -4.14 0.74 20.98
C GLU A 1240 -5.41 1.15 20.24
N HIS A 1241 -5.19 1.86 19.12
CA HIS A 1241 -6.18 2.22 18.08
C HIS A 1241 -7.32 3.09 18.60
N LEU A 1242 -7.03 4.06 19.46
CA LEU A 1242 -8.05 5.01 19.85
C LEU A 1242 -8.32 6.01 18.74
N GLN A 1243 -9.52 6.59 18.77
CA GLN A 1243 -9.90 7.62 17.81
C GLN A 1243 -9.88 8.99 18.47
N PRO A 1244 -9.47 10.04 17.75
CA PRO A 1244 -9.49 11.38 18.34
C PRO A 1244 -10.90 11.93 18.45
N ASP A 1245 -11.06 12.85 19.43
CA ASP A 1245 -12.31 13.59 19.77
C ASP A 1245 -13.47 12.67 20.11
N GLN A 1246 -13.25 11.75 21.05
CA GLN A 1246 -14.29 10.83 21.49
C GLN A 1246 -14.00 10.43 22.93
N THR A 1247 -15.05 10.26 23.71
CA THR A 1247 -14.94 9.94 25.13
C THR A 1247 -14.89 8.42 25.31
N TYR A 1248 -13.83 7.92 25.93
CA TYR A 1248 -13.62 6.51 26.20
C TYR A 1248 -13.78 6.27 27.69
N HIS A 1249 -14.14 5.05 28.08
CA HIS A 1249 -14.26 4.70 29.48
C HIS A 1249 -13.45 3.44 29.75
N PHE A 1250 -12.36 3.57 30.49
CA PHE A 1250 -11.52 2.45 30.87
C PHE A 1250 -11.93 2.02 32.27
N GLN A 1251 -12.32 0.76 32.42
CA GLN A 1251 -12.76 0.21 33.70
C GLN A 1251 -11.78 -0.89 34.07
N VAL A 1252 -10.99 -0.66 35.11
CA VAL A 1252 -9.93 -1.57 35.50
C VAL A 1252 -10.31 -2.20 36.83
N GLU A 1253 -10.28 -3.53 36.89
CA GLU A 1253 -10.43 -4.24 38.15
C GLU A 1253 -9.14 -4.99 38.46
N ALA A 1254 -8.61 -4.79 39.66
CA ALA A 1254 -7.38 -5.42 40.09
C ALA A 1254 -7.71 -6.46 41.14
N ARG A 1255 -7.39 -7.72 40.84
CA ARG A 1255 -7.50 -8.78 41.82
C ARG A 1255 -6.13 -9.34 42.12
N VAL A 1256 -5.99 -9.99 43.27
CA VAL A 1256 -4.80 -10.82 43.48
C VAL A 1256 -4.97 -12.07 42.64
N ALA A 1257 -3.93 -12.42 41.87
CA ALA A 1257 -4.08 -13.45 40.84
C ALA A 1257 -4.09 -14.85 41.43
N ALA A 1258 -3.42 -15.05 42.56
CA ALA A 1258 -3.35 -16.37 43.17
C ALA A 1258 -4.65 -16.71 43.90
N THR A 1259 -5.25 -15.74 44.56
CA THR A 1259 -6.40 -15.99 45.42
C THR A 1259 -7.73 -15.59 44.81
N GLY A 1260 -7.75 -14.58 43.95
CA GLY A 1260 -8.99 -14.06 43.42
C GLY A 1260 -9.62 -12.96 44.25
N ALA A 1261 -8.99 -12.56 45.34
CA ALA A 1261 -9.50 -11.46 46.16
C ALA A 1261 -9.25 -10.13 45.48
N ALA A 1262 -10.27 -9.27 45.51
CA ALA A 1262 -10.26 -8.02 44.74
C ALA A 1262 -9.39 -6.99 45.44
N ALA A 1263 -8.29 -6.61 44.80
CA ALA A 1263 -7.39 -5.62 45.38
C ALA A 1263 -7.95 -4.21 45.22
N GLY A 1264 -8.61 -3.94 44.09
CA GLY A 1264 -9.14 -2.60 43.89
C GLY A 1264 -9.87 -2.50 42.58
N ALA A 1265 -10.41 -1.31 42.32
CA ALA A 1265 -11.08 -1.02 41.07
C ALA A 1265 -10.93 0.45 40.76
N ALA A 1266 -10.95 0.78 39.48
CA ALA A 1266 -10.81 2.14 39.03
C ALA A 1266 -11.60 2.35 37.76
N SER A 1267 -12.03 3.59 37.54
CA SER A 1267 -12.82 3.94 36.36
C SER A 1267 -12.34 5.30 35.87
N HIS A 1268 -11.61 5.30 34.77
CA HIS A 1268 -11.10 6.50 34.13
C HIS A 1268 -11.89 6.74 32.86
N ALA A 1269 -12.56 7.86 32.78
CA ALA A 1269 -13.09 8.29 31.50
C ALA A 1269 -12.21 9.38 30.93
N LEU A 1270 -12.13 9.42 29.60
CA LEU A 1270 -11.11 10.21 28.93
C LEU A 1270 -11.65 10.66 27.59
N HIS A 1271 -11.91 11.96 27.46
CA HIS A 1271 -11.89 12.58 26.15
C HIS A 1271 -10.45 12.56 25.68
N VAL A 1272 -10.23 12.27 24.40
CA VAL A 1272 -8.87 11.97 23.93
C VAL A 1272 -8.07 13.26 23.79
N ALA A 1273 -8.45 14.12 22.83
CA ALA A 1273 -7.86 15.42 22.50
C ALA A 1273 -6.33 15.42 22.38
N PRO A 1274 -5.77 14.88 21.30
CA PRO A 1274 -4.32 14.58 21.29
C PRO A 1274 -3.42 15.78 21.06
N GLU A 1275 -4.00 16.97 20.84
CA GLU A 1275 -3.19 18.16 20.66
C GLU A 1275 -2.83 18.79 22.01
N VAL A 1276 -3.50 18.39 23.08
CA VAL A 1276 -3.27 18.98 24.40
C VAL A 1276 -2.86 17.95 25.44
N GLN A 1277 -2.75 16.68 25.07
CA GLN A 1277 -2.40 15.62 26.01
C GLN A 1277 -1.27 14.75 25.47
N ALA A 1278 -0.31 14.45 26.34
CA ALA A 1278 0.82 13.59 26.00
C ALA A 1278 1.31 12.92 27.27
N VAL A 1279 2.32 12.08 27.12
CA VAL A 1279 2.96 11.40 28.24
C VAL A 1279 4.07 12.29 28.77
N PRO A 1280 4.14 12.58 30.08
CA PRO A 1280 5.18 13.48 30.59
C PRO A 1280 6.58 12.89 30.64
N ARG A 1281 7.26 12.88 29.49
CA ARG A 1281 8.62 12.42 29.37
C ARG A 1281 9.48 13.50 28.74
N VAL A 1282 10.61 13.80 29.35
CA VAL A 1282 11.55 14.77 28.79
C VAL A 1282 12.85 14.05 28.46
N LEU A 1283 13.66 14.71 27.64
CA LEU A 1283 15.02 14.28 27.33
C LEU A 1283 15.97 15.25 28.00
N TYR A 1284 16.73 14.77 28.95
CA TYR A 1284 17.66 15.59 29.70
C TYR A 1284 19.08 15.18 29.34
N ALA A 1285 19.97 16.17 29.27
CA ALA A 1285 21.35 15.91 28.90
C ALA A 1285 22.26 16.61 29.90
N ASN A 1286 23.00 15.81 30.67
CA ASN A 1286 24.09 16.29 31.50
C ASN A 1286 25.41 16.11 30.79
N ALA A 1287 26.51 16.23 31.55
CA ALA A 1287 27.85 16.10 31.00
C ALA A 1287 28.22 14.67 30.63
N GLU A 1288 27.52 13.66 31.16
CA GLU A 1288 27.86 12.27 30.91
C GLU A 1288 27.01 11.63 29.83
N PHE A 1289 25.71 11.87 29.82
CA PHE A 1289 24.81 11.06 28.99
C PHE A 1289 23.58 11.87 28.60
N ILE A 1290 22.76 11.26 27.77
CA ILE A 1290 21.44 11.78 27.39
C ILE A 1290 20.41 10.76 27.80
N GLY A 1291 19.48 11.15 28.67
CA GLY A 1291 18.51 10.22 29.20
C GLY A 1291 17.09 10.73 29.06
N GLU A 1292 16.15 9.84 29.33
CA GLU A 1292 14.73 10.16 29.36
C GLU A 1292 14.27 10.17 30.80
N LEU A 1293 13.63 11.25 31.20
CA LEU A 1293 13.04 11.36 32.52
C LEU A 1293 11.53 11.35 32.34
N ASP A 1294 10.91 10.24 32.72
CA ASP A 1294 9.46 10.13 32.77
C ASP A 1294 9.01 10.80 34.06
N LEU A 1295 8.17 11.83 33.96
CA LEU A 1295 7.81 12.58 35.16
C LEU A 1295 6.69 11.93 35.94
N ASP A 1296 6.01 10.93 35.39
CA ASP A 1296 5.00 10.24 36.17
C ASP A 1296 5.62 9.24 37.13
N THR A 1297 6.39 8.30 36.60
CA THR A 1297 6.97 7.23 37.40
C THR A 1297 8.25 7.63 38.10
N ARG A 1298 8.76 8.85 37.81
CA ARG A 1298 10.01 9.44 38.31
C ARG A 1298 11.21 8.57 38.01
N ASN A 1299 11.24 8.00 36.81
CA ASN A 1299 12.26 7.02 36.42
C ASN A 1299 13.16 7.61 35.34
N ARG A 1300 14.44 7.29 35.42
CA ARG A 1300 15.45 7.83 34.52
C ARG A 1300 16.07 6.72 33.71
N ARG A 1301 16.35 7.01 32.46
CA ARG A 1301 16.99 6.08 31.55
C ARG A 1301 18.29 6.68 31.04
N ARG A 1302 18.94 5.98 30.12
CA ARG A 1302 20.08 6.50 29.39
C ARG A 1302 19.93 6.05 27.96
N LEU A 1303 19.69 7.01 27.05
CA LEU A 1303 19.56 6.63 25.65
C LEU A 1303 20.93 6.45 25.02
N VAL A 1304 21.87 7.34 25.32
CA VAL A 1304 23.18 7.31 24.69
C VAL A 1304 24.20 7.86 25.69
N HIS A 1305 25.37 7.22 25.75
CA HIS A 1305 26.47 7.67 26.59
C HIS A 1305 27.39 8.51 25.73
N THR A 1306 27.64 9.73 26.18
CA THR A 1306 28.46 10.67 25.43
C THR A 1306 29.85 10.79 26.06
N ALA A 1307 30.88 10.71 25.21
CA ALA A 1307 32.25 10.84 25.72
C ALA A 1307 32.59 12.29 26.04
N SER A 1308 31.94 13.22 25.37
CA SER A 1308 32.11 14.66 25.52
C SER A 1308 30.73 15.29 25.67
N PRO A 1309 30.59 16.37 26.46
CA PRO A 1309 29.25 16.83 26.86
C PRO A 1309 28.46 17.53 25.77
N VAL A 1310 27.15 17.52 25.93
CA VAL A 1310 26.20 17.98 24.92
C VAL A 1310 25.92 19.46 25.14
N GLU A 1311 26.03 20.26 24.08
CA GLU A 1311 25.72 21.67 24.13
C GLU A 1311 24.33 22.01 23.61
N HIS A 1312 23.92 21.44 22.49
CA HIS A 1312 22.58 21.63 21.95
C HIS A 1312 22.01 20.28 21.57
N LEU A 1313 20.68 20.15 21.61
CA LEU A 1313 20.06 18.85 21.39
C LEU A 1313 18.67 19.05 20.78
N VAL A 1314 18.46 18.51 19.59
CA VAL A 1314 17.17 18.47 18.92
C VAL A 1314 16.92 17.02 18.49
N GLY A 1315 15.71 16.72 18.03
CA GLY A 1315 15.43 15.35 17.61
C GLY A 1315 14.41 15.16 16.51
N ILE A 1316 14.47 14.01 15.85
CA ILE A 1316 13.39 13.51 15.00
C ILE A 1316 12.82 12.28 15.67
N GLU A 1317 11.53 12.32 16.00
CA GLU A 1317 10.95 11.31 16.86
C GLU A 1317 10.03 10.34 16.13
N GLY A 1318 9.89 10.49 14.81
CA GLY A 1318 9.23 9.44 14.04
C GLY A 1318 10.11 8.22 13.89
N GLU A 1319 11.43 8.44 13.84
CA GLU A 1319 12.41 7.36 13.76
C GLU A 1319 13.33 7.31 14.97
N GLN A 1320 12.96 8.03 16.04
CA GLN A 1320 13.62 8.06 17.37
C GLN A 1320 15.07 8.53 17.29
N ARG A 1321 15.35 9.47 16.39
CA ARG A 1321 16.71 9.89 16.10
C ARG A 1321 17.06 11.12 16.93
N LEU A 1322 18.17 11.05 17.64
CA LEU A 1322 18.71 12.19 18.39
C LEU A 1322 19.83 12.83 17.58
N LEU A 1323 19.86 14.16 17.54
CA LEU A 1323 20.89 14.92 16.85
C LEU A 1323 21.45 15.94 17.83
N TRP A 1324 22.76 15.92 18.03
CA TRP A 1324 23.32 16.82 19.04
C TRP A 1324 24.70 17.34 18.63
N VAL A 1325 25.14 18.37 19.34
CA VAL A 1325 26.41 19.05 19.12
C VAL A 1325 27.24 18.89 20.39
N ASN A 1326 28.46 18.38 20.26
CA ASN A 1326 29.26 18.11 21.44
C ASN A 1326 30.17 19.30 21.79
N GLU A 1327 30.95 19.12 22.86
CA GLU A 1327 31.84 20.18 23.33
C GLU A 1327 33.06 20.33 22.44
N HIS A 1328 33.67 19.21 22.03
CA HIS A 1328 34.40 19.21 20.78
C HIS A 1328 33.36 19.39 19.70
N VAL A 1329 33.48 20.46 18.91
CA VAL A 1329 32.34 20.98 18.17
C VAL A 1329 32.10 20.12 16.94
N GLU A 1330 31.28 19.09 17.14
CA GLU A 1330 31.01 18.02 16.21
C GLU A 1330 29.53 17.69 16.35
N LEU A 1331 28.87 17.44 15.23
CA LEU A 1331 27.45 17.12 15.23
C LEU A 1331 27.30 15.63 14.99
N LEU A 1332 26.52 14.99 15.85
CA LEU A 1332 26.39 13.55 15.96
C LEU A 1332 24.92 13.16 15.98
N THR A 1333 24.64 11.89 15.71
CA THR A 1333 23.29 11.36 15.74
C THR A 1333 23.26 10.02 16.45
N HIS A 1334 22.05 9.59 16.79
CA HIS A 1334 21.83 8.28 17.41
C HIS A 1334 20.46 7.76 17.04
N VAL A 1335 20.43 6.55 16.50
CA VAL A 1335 19.22 5.74 16.29
C VAL A 1335 19.33 4.67 17.37
N PRO A 1336 18.24 4.18 17.96
CA PRO A 1336 18.36 3.08 18.93
C PRO A 1336 18.75 1.76 18.28
N GLY A 1337 19.76 1.13 18.84
CA GLY A 1337 20.31 -0.08 18.28
C GLY A 1337 21.61 0.08 17.51
N SER A 1338 22.31 1.20 17.67
CA SER A 1338 23.55 1.41 16.95
C SER A 1338 24.48 2.30 17.74
N ALA A 1339 25.66 2.52 17.18
CA ALA A 1339 26.65 3.42 17.73
C ALA A 1339 26.23 4.87 17.47
N PRO A 1340 26.77 5.82 18.23
CA PRO A 1340 26.65 7.24 17.82
C PRO A 1340 27.47 7.51 16.57
N ALA A 1341 26.77 7.93 15.52
CA ALA A 1341 27.39 8.17 14.22
C ALA A 1341 27.78 9.64 14.12
N LYS A 1342 28.97 9.89 13.59
CA LYS A 1342 29.45 11.24 13.39
C LYS A 1342 28.84 11.78 12.11
N LEU A 1343 28.17 12.93 12.19
CA LEU A 1343 27.59 13.52 10.99
C LEU A 1343 28.45 14.63 10.43
N ALA A 1344 28.90 15.55 11.26
CA ALA A 1344 29.71 16.66 10.76
C ALA A 1344 30.72 17.07 11.80
N ARG A 1345 31.80 17.69 11.33
CA ARG A 1345 32.77 18.34 12.19
C ARG A 1345 32.96 19.76 11.67
N MET A 1346 32.72 20.73 12.53
CA MET A 1346 32.82 22.13 12.13
C MET A 1346 33.71 22.90 13.10
N ARG A 1347 34.20 24.05 12.63
CA ARG A 1347 35.39 24.68 13.15
C ARG A 1347 35.12 26.01 13.84
N ALA A 1348 33.89 26.25 14.30
CA ALA A 1348 33.55 27.50 14.94
C ALA A 1348 32.58 27.21 16.07
N GLU A 1349 32.28 28.25 16.85
CA GLU A 1349 31.33 28.09 17.95
C GLU A 1349 29.91 28.05 17.43
N VAL A 1350 29.19 26.98 17.77
CA VAL A 1350 27.80 26.80 17.35
C VAL A 1350 26.90 27.49 18.36
N LEU A 1351 26.11 28.44 17.89
CA LEU A 1351 25.20 29.18 18.74
C LEU A 1351 23.85 28.51 18.91
N ALA A 1352 23.34 27.85 17.88
CA ALA A 1352 22.00 27.27 17.94
C ALA A 1352 21.91 26.09 16.99
N LEU A 1353 20.87 25.29 17.16
CA LEU A 1353 20.67 24.07 16.40
C LEU A 1353 19.18 23.83 16.23
N ALA A 1354 18.77 23.39 15.04
CA ALA A 1354 17.37 23.11 14.75
C ALA A 1354 17.30 22.02 13.70
N VAL A 1355 16.13 21.38 13.60
CA VAL A 1355 15.90 20.35 12.60
C VAL A 1355 14.52 20.55 11.97
N ASP A 1356 14.47 20.48 10.65
CA ASP A 1356 13.23 20.20 9.95
C ASP A 1356 13.05 18.69 9.91
N TRP A 1357 12.00 18.18 10.55
CA TRP A 1357 11.81 16.74 10.60
C TRP A 1357 11.27 16.15 9.31
N ILE A 1358 10.57 16.95 8.50
CA ILE A 1358 9.97 16.45 7.27
C ILE A 1358 11.04 16.23 6.21
N GLN A 1359 11.76 17.30 5.85
CA GLN A 1359 12.75 17.24 4.79
C GLN A 1359 14.10 16.70 5.24
N ARG A 1360 14.25 16.40 6.53
CA ARG A 1360 15.43 15.82 7.19
C ARG A 1360 16.66 16.70 7.01
N ILE A 1361 16.48 18.00 7.24
CA ILE A 1361 17.55 18.98 7.13
C ILE A 1361 17.86 19.48 8.52
N VAL A 1362 19.14 19.46 8.88
CA VAL A 1362 19.63 19.96 10.16
C VAL A 1362 20.24 21.33 9.90
N TYR A 1363 19.71 22.35 10.54
CA TYR A 1363 20.23 23.71 10.44
C TYR A 1363 20.95 24.06 11.73
N TRP A 1364 22.12 24.68 11.61
CA TRP A 1364 22.78 25.22 12.79
C TRP A 1364 23.37 26.57 12.45
N ALA A 1365 23.90 27.23 13.45
CA ALA A 1365 24.48 28.56 13.30
C ALA A 1365 25.89 28.59 13.87
N GLU A 1366 26.82 29.09 13.10
CA GLU A 1366 28.22 29.16 13.51
C GLU A 1366 28.64 30.61 13.68
N LEU A 1367 29.47 30.85 14.69
CA LEU A 1367 30.00 32.18 14.94
C LEU A 1367 31.06 32.54 13.90
N ASP A 1368 30.94 33.73 13.33
CA ASP A 1368 31.96 34.27 12.44
C ASP A 1368 32.71 35.36 13.20
N ALA A 1369 34.00 35.13 13.39
CA ALA A 1369 34.82 35.88 14.32
C ALA A 1369 35.62 36.98 13.65
N THR A 1370 35.05 37.65 12.64
CA THR A 1370 35.61 38.89 12.15
C THR A 1370 35.22 40.04 13.08
N ALA A 1371 35.78 41.23 12.80
CA ALA A 1371 35.66 42.36 13.73
C ALA A 1371 34.26 42.98 13.79
N PRO A 1372 33.43 42.94 12.75
CA PRO A 1372 31.99 42.73 13.03
C PRO A 1372 31.69 41.25 13.07
N GLN A 1373 31.32 40.75 14.25
CA GLN A 1373 31.03 39.33 14.45
C GLN A 1373 29.67 39.02 13.87
N ALA A 1374 29.55 37.87 13.21
CA ALA A 1374 28.31 37.46 12.58
C ALA A 1374 28.00 36.03 12.98
N ALA A 1375 26.94 35.48 12.40
CA ALA A 1375 26.62 34.07 12.56
C ALA A 1375 26.00 33.55 11.27
N ILE A 1376 26.59 32.48 10.75
CA ILE A 1376 26.26 31.94 9.44
C ILE A 1376 25.41 30.70 9.65
N ILE A 1377 24.33 30.56 8.89
CA ILE A 1377 23.45 29.41 9.05
C ILE A 1377 23.86 28.33 8.06
N TYR A 1378 24.26 27.18 8.60
CA TYR A 1378 24.70 26.04 7.82
C TYR A 1378 23.61 24.98 7.84
N ARG A 1379 23.47 24.26 6.73
CA ARG A 1379 22.49 23.19 6.68
C ARG A 1379 23.16 21.90 6.26
N LEU A 1380 22.54 20.78 6.62
CA LEU A 1380 23.01 19.46 6.26
C LEU A 1380 21.78 18.61 5.98
N ASP A 1381 21.85 17.75 4.98
CA ASP A 1381 20.75 16.87 4.65
C ASP A 1381 21.04 15.48 5.21
N LEU A 1382 20.05 14.88 5.89
CA LEU A 1382 20.25 13.57 6.46
C LEU A 1382 20.09 12.46 5.44
N CYS A 1383 19.50 12.75 4.28
CA CYS A 1383 19.34 11.76 3.24
C CYS A 1383 20.62 11.51 2.46
N ASN A 1384 21.60 12.41 2.57
CA ASN A 1384 22.90 12.25 1.94
C ASN A 1384 23.91 11.57 2.86
N PHE A 1385 23.48 11.11 4.02
CA PHE A 1385 24.37 10.46 4.99
C PHE A 1385 24.37 8.96 4.77
N GLU A 1386 25.51 8.42 4.37
CA GLU A 1386 25.64 6.99 4.13
C GLU A 1386 26.68 6.34 5.06
N GLY A 1387 27.13 7.04 6.10
CA GLY A 1387 28.07 6.49 7.04
C GLY A 1387 29.39 7.24 7.16
N LYS A 1388 29.62 8.27 6.38
CA LYS A 1388 30.85 9.03 6.44
C LYS A 1388 30.53 10.49 6.77
N ILE A 1389 31.58 11.25 7.09
CA ILE A 1389 31.43 12.60 7.60
C ILE A 1389 31.11 13.56 6.46
N LEU A 1390 29.96 14.20 6.55
CA LEU A 1390 29.52 15.18 5.57
C LEU A 1390 30.00 16.57 6.00
N GLN A 1391 29.75 17.55 5.14
CA GLN A 1391 30.10 18.94 5.42
C GLN A 1391 28.92 19.84 5.11
N GLY A 1392 28.75 20.88 5.91
CA GLY A 1392 27.61 21.75 5.76
C GLY A 1392 27.75 22.74 4.63
N GLU A 1393 26.63 23.37 4.29
CA GLU A 1393 26.57 24.37 3.22
C GLU A 1393 26.03 25.66 3.78
N ARG A 1394 26.67 26.77 3.44
CA ARG A 1394 26.18 28.09 3.86
C ARG A 1394 24.94 28.46 3.07
N VAL A 1395 23.86 28.75 3.78
CA VAL A 1395 22.59 29.11 3.15
C VAL A 1395 22.28 30.58 3.32
N TRP A 1396 22.24 31.06 4.56
CA TRP A 1396 22.00 32.47 4.83
C TRP A 1396 22.98 32.94 5.88
N SER A 1397 23.01 34.26 6.08
CA SER A 1397 23.81 34.85 7.14
C SER A 1397 23.08 36.06 7.67
N THR A 1398 23.40 36.44 8.89
CA THR A 1398 22.85 37.63 9.48
C THR A 1398 23.60 38.86 8.97
N PRO A 1399 23.02 40.06 9.08
CA PRO A 1399 23.80 41.29 8.92
C PRO A 1399 24.84 41.44 10.01
N ARG A 1400 25.92 42.14 9.67
CA ARG A 1400 27.14 42.17 10.48
C ARG A 1400 26.95 43.00 11.76
N GLY A 1401 27.55 42.51 12.83
CA GLY A 1401 27.35 43.08 14.15
C GLY A 1401 26.20 42.48 14.94
N ARG A 1402 25.40 41.62 14.32
CA ARG A 1402 24.27 40.98 14.96
C ARG A 1402 24.56 39.50 15.11
N LEU A 1403 23.88 38.85 16.06
CA LEU A 1403 24.14 37.46 16.39
C LEU A 1403 22.82 36.71 16.56
N LEU A 1404 22.89 35.39 16.36
CA LEU A 1404 21.74 34.51 16.54
C LEU A 1404 21.72 33.83 17.89
N LYS A 1405 20.54 33.33 18.23
CA LYS A 1405 20.22 32.55 19.41
C LYS A 1405 18.90 31.88 19.12
N ASP A 1406 18.80 30.60 19.53
CA ASP A 1406 17.57 29.79 19.65
C ASP A 1406 16.84 29.59 18.31
N LEU A 1407 17.49 28.85 17.42
CA LEU A 1407 16.95 28.52 16.11
C LEU A 1407 15.83 27.51 16.25
N VAL A 1408 14.65 27.85 15.72
CA VAL A 1408 13.48 26.98 15.72
C VAL A 1408 13.00 26.84 14.28
N ALA A 1409 12.92 25.61 13.79
CA ALA A 1409 12.47 25.35 12.42
C ALA A 1409 10.98 25.03 12.44
N LEU A 1410 10.22 25.73 11.61
CA LEU A 1410 8.80 25.52 11.45
C LEU A 1410 8.57 24.93 10.07
N PRO A 1411 8.36 23.62 9.93
CA PRO A 1411 8.29 23.02 8.59
C PRO A 1411 6.96 23.27 7.88
N GLN A 1412 5.87 23.25 8.63
CA GLN A 1412 4.57 23.42 8.01
C GLN A 1412 4.26 24.88 7.72
N ALA A 1413 4.94 25.80 8.41
CA ALA A 1413 4.91 27.19 8.01
C ALA A 1413 6.03 27.55 7.06
N GLN A 1414 6.97 26.61 6.83
CA GLN A 1414 8.18 26.74 6.00
C GLN A 1414 9.05 27.92 6.41
N SER A 1415 9.24 28.10 7.72
CA SER A 1415 9.99 29.20 8.26
C SER A 1415 11.15 28.69 9.09
N LEU A 1416 12.14 29.55 9.27
CA LEU A 1416 13.28 29.30 10.15
C LEU A 1416 13.38 30.55 11.02
N ILE A 1417 12.97 30.43 12.28
CA ILE A 1417 12.82 31.58 13.16
C ILE A 1417 13.93 31.55 14.20
N TRP A 1418 14.69 32.63 14.30
CA TRP A 1418 15.63 32.78 15.38
C TRP A 1418 15.35 34.07 16.13
N LEU A 1419 16.09 34.23 17.22
CA LEU A 1419 16.15 35.47 17.99
C LEU A 1419 17.42 36.19 17.57
N GLU A 1420 17.28 37.27 16.83
CA GLU A 1420 18.40 38.05 16.35
C GLU A 1420 18.65 39.14 17.38
N TYR A 1421 19.84 39.14 17.96
CA TYR A 1421 20.25 40.17 18.90
C TYR A 1421 21.54 40.81 18.37
N GLU A 1422 21.82 42.00 18.86
CA GLU A 1422 23.02 42.75 18.47
C GLU A 1422 24.06 42.49 19.56
N GLN A 1423 25.33 42.37 19.15
CA GLN A 1423 26.43 42.07 20.06
C GLN A 1423 26.70 43.23 21.01
N GLY A 1424 26.68 42.92 22.30
CA GLY A 1424 26.70 43.91 23.35
C GLY A 1424 25.35 44.23 23.94
N SER A 1425 24.27 43.87 23.25
CA SER A 1425 22.91 44.09 23.75
C SER A 1425 22.14 42.78 23.63
N PRO A 1426 22.28 41.87 24.61
CA PRO A 1426 21.59 40.59 24.48
C PRO A 1426 20.13 40.65 24.87
N ARG A 1427 19.70 41.70 25.54
CA ARG A 1427 18.29 41.84 25.90
C ARG A 1427 17.50 42.63 24.87
N ASN A 1428 18.14 43.08 23.79
CA ASN A 1428 17.43 43.47 22.57
C ASN A 1428 17.34 42.26 21.64
N GLY A 1429 16.33 41.45 21.87
CA GLY A 1429 16.02 40.34 20.99
C GLY A 1429 14.87 40.70 20.06
N SER A 1430 15.05 40.39 18.79
CA SER A 1430 13.99 40.59 17.81
C SER A 1430 13.79 39.29 17.04
N LEU A 1431 12.53 39.01 16.71
CA LEU A 1431 12.18 37.73 16.12
C LEU A 1431 12.40 37.81 14.62
N ARG A 1432 13.47 37.19 14.13
CA ARG A 1432 13.81 37.23 12.71
C ARG A 1432 13.67 35.82 12.14
N GLY A 1433 13.68 35.72 10.81
CA GLY A 1433 13.66 34.39 10.22
C GLY A 1433 13.88 34.45 8.73
N ARG A 1434 13.92 33.25 8.15
CA ARG A 1434 13.96 33.07 6.70
C ARG A 1434 12.82 32.18 6.27
N ASN A 1435 12.45 32.28 5.00
CA ASN A 1435 11.48 31.35 4.44
C ASN A 1435 12.21 30.18 3.79
N LEU A 1436 11.75 28.97 4.09
CA LEU A 1436 12.52 27.76 3.76
C LEU A 1436 12.42 27.36 2.30
N THR A 1437 11.51 27.95 1.53
CA THR A 1437 11.39 27.57 0.12
C THR A 1437 12.23 28.46 -0.77
N ASP A 1438 12.02 29.77 -0.70
CA ASP A 1438 12.63 30.72 -1.62
C ASP A 1438 13.76 31.54 -1.00
N GLY A 1439 14.02 31.39 0.29
CA GLY A 1439 15.12 32.10 0.91
C GLY A 1439 14.86 33.55 1.24
N SER A 1440 13.61 34.00 1.20
CA SER A 1440 13.31 35.38 1.52
C SER A 1440 13.32 35.62 3.02
N GLU A 1441 13.79 36.81 3.40
CA GLU A 1441 13.86 37.16 4.81
C GLU A 1441 12.48 37.53 5.34
N LEU A 1442 12.19 37.11 6.56
CA LEU A 1442 10.89 37.33 7.18
C LEU A 1442 11.06 37.91 8.58
N GLU A 1443 10.10 38.75 8.96
CA GLU A 1443 10.12 39.46 10.22
C GLU A 1443 8.84 39.16 10.97
N TRP A 1444 8.94 39.01 12.28
CA TRP A 1444 7.78 38.82 13.14
C TRP A 1444 7.76 39.90 14.21
N ALA A 1445 6.58 40.44 14.47
CA ALA A 1445 6.44 41.64 15.29
C ALA A 1445 6.23 41.26 16.75
N THR A 1446 7.05 41.82 17.63
CA THR A 1446 6.88 41.69 19.06
C THR A 1446 6.65 43.06 19.67
N VAL A 1447 5.97 43.08 20.82
CA VAL A 1447 5.71 44.35 21.49
C VAL A 1447 6.84 44.75 22.43
N GLN A 1448 7.83 43.88 22.65
CA GLN A 1448 8.90 44.17 23.58
C GLN A 1448 10.15 43.42 23.12
N PRO A 1449 11.35 43.96 23.38
CA PRO A 1449 12.57 43.19 23.09
C PRO A 1449 12.73 41.97 23.98
N LEU A 1450 13.42 40.97 23.45
CA LEU A 1450 13.41 39.60 23.93
C LEU A 1450 14.73 39.22 24.59
N ILE A 1451 14.70 38.08 25.30
CA ILE A 1451 15.92 37.45 25.79
C ILE A 1451 16.05 36.01 25.32
N ARG A 1452 14.93 35.32 25.08
CA ARG A 1452 14.95 33.87 24.91
C ARG A 1452 13.71 33.42 24.15
N LEU A 1453 13.89 32.41 23.30
CA LEU A 1453 12.83 31.86 22.47
C LEU A 1453 12.85 30.34 22.57
N HIS A 1454 11.67 29.73 22.74
CA HIS A 1454 11.56 28.28 22.72
C HIS A 1454 10.42 27.90 21.79
N ALA A 1455 10.51 26.68 21.26
CA ALA A 1455 9.56 26.13 20.31
C ALA A 1455 8.22 25.86 20.96
N GLY A 1456 7.17 25.86 20.15
CA GLY A 1456 5.84 25.89 20.68
C GLY A 1456 5.00 24.63 20.51
N SER A 1457 3.80 24.80 19.97
CA SER A 1457 2.88 23.67 19.86
C SER A 1457 3.25 22.75 18.69
N LEU A 1458 3.73 23.36 17.60
CA LEU A 1458 4.19 22.74 16.33
C LEU A 1458 3.09 21.93 15.64
N GLU A 1459 1.85 22.34 15.81
CA GLU A 1459 0.65 21.73 15.26
C GLU A 1459 0.24 22.51 14.02
N PRO A 1460 -0.19 21.85 12.90
CA PRO A 1460 -0.48 22.59 11.67
C PRO A 1460 -1.69 23.52 11.71
N GLY A 1461 -1.43 24.80 11.47
CA GLY A 1461 -2.43 25.83 11.59
C GLY A 1461 -2.48 26.52 12.93
N SER A 1462 -1.84 25.96 13.95
CA SER A 1462 -1.84 26.54 15.29
C SER A 1462 -0.47 26.52 15.93
N GLU A 1463 0.56 26.92 15.18
CA GLU A 1463 1.92 26.91 15.71
C GLU A 1463 2.13 28.08 16.67
N THR A 1464 2.73 27.79 17.81
CA THR A 1464 2.99 28.79 18.82
C THR A 1464 4.49 28.90 19.02
N LEU A 1465 4.88 29.84 19.89
CA LEU A 1465 6.25 30.01 20.36
C LEU A 1465 6.21 30.50 21.79
N ASN A 1466 7.02 29.91 22.67
CA ASN A 1466 7.12 30.47 24.02
C ASN A 1466 8.28 31.44 24.05
N LEU A 1467 8.01 32.73 24.21
CA LEU A 1467 9.09 33.69 24.08
C LEU A 1467 9.07 34.66 25.26
N VAL A 1468 10.26 34.94 25.79
CA VAL A 1468 10.44 35.67 27.04
C VAL A 1468 11.00 37.04 26.71
N ASP A 1469 10.35 38.10 27.20
CA ASP A 1469 10.86 39.43 26.90
C ASP A 1469 11.90 39.86 27.96
N ASN A 1470 12.29 41.13 27.87
CA ASN A 1470 13.38 41.64 28.70
C ASN A 1470 13.02 41.86 30.17
N GLN A 1471 11.74 41.92 30.51
CA GLN A 1471 11.29 42.04 31.89
C GLN A 1471 10.99 40.68 32.52
N GLY A 1472 11.31 39.59 31.81
CA GLY A 1472 11.11 38.26 32.33
C GLY A 1472 9.67 37.79 32.35
N LYS A 1473 8.91 38.16 31.33
CA LYS A 1473 7.54 37.69 31.17
C LYS A 1473 7.47 36.85 29.91
N LEU A 1474 6.45 35.99 29.83
CA LEU A 1474 6.29 35.14 28.67
C LEU A 1474 5.08 35.57 27.86
N CYS A 1475 5.21 35.50 26.53
CA CYS A 1475 4.04 35.39 25.66
C CYS A 1475 4.03 34.04 24.98
N VAL A 1476 2.83 33.54 24.76
CA VAL A 1476 2.59 32.45 23.80
C VAL A 1476 2.28 33.13 22.48
N TYR A 1477 3.28 33.15 21.59
CA TYR A 1477 3.12 33.75 20.27
C TYR A 1477 2.31 32.83 19.37
N ASP A 1478 1.23 33.35 18.83
CA ASP A 1478 0.58 32.75 17.67
C ASP A 1478 1.23 33.37 16.45
N VAL A 1479 1.80 32.51 15.60
CA VAL A 1479 2.73 32.99 14.59
C VAL A 1479 1.97 33.30 13.30
N ALA A 1480 0.75 32.78 13.16
CA ALA A 1480 -0.08 33.14 12.02
C ALA A 1480 -0.70 34.53 12.23
N ARG A 1481 -1.17 34.81 13.45
CA ARG A 1481 -1.67 36.13 13.79
C ARG A 1481 -0.55 37.08 14.18
N GLN A 1482 0.65 36.54 14.43
CA GLN A 1482 1.86 37.21 14.92
C GLN A 1482 1.63 37.99 16.22
N LEU A 1483 0.89 37.44 17.17
CA LEU A 1483 0.52 38.18 18.37
C LEU A 1483 0.73 37.34 19.63
N CYS A 1484 0.86 38.04 20.76
CA CYS A 1484 0.82 37.39 22.07
C CYS A 1484 -0.58 36.86 22.35
N THR A 1485 -0.65 35.74 23.04
CA THR A 1485 -1.91 35.09 23.34
C THR A 1485 -1.99 34.84 24.84
N ALA A 1486 -3.11 35.23 25.44
CA ALA A 1486 -3.33 35.09 26.87
C ALA A 1486 -3.69 33.65 27.18
N SER A 1487 -3.07 33.08 28.21
CA SER A 1487 -3.39 31.76 28.70
C SER A 1487 -3.30 31.76 30.22
N ALA A 1488 -3.82 30.69 30.83
CA ALA A 1488 -3.78 30.59 32.29
C ALA A 1488 -2.44 30.07 32.79
N LEU A 1489 -1.57 29.59 31.91
CA LEU A 1489 -0.25 29.13 32.32
C LEU A 1489 0.74 30.27 32.42
N ARG A 1490 0.37 31.44 31.89
CA ARG A 1490 1.31 32.54 31.70
C ARG A 1490 1.69 33.21 33.02
N ALA A 1491 0.70 33.42 33.89
CA ALA A 1491 0.97 34.04 35.20
C ALA A 1491 1.68 33.07 36.13
N GLN A 1492 1.40 31.76 35.99
CA GLN A 1492 2.06 30.75 36.80
C GLN A 1492 3.50 30.53 36.36
N LEU A 1493 3.78 30.71 35.07
CA LEU A 1493 5.17 30.66 34.61
C LEU A 1493 5.91 31.94 34.96
N ASN A 1494 5.20 33.08 34.98
CA ASN A 1494 5.87 34.34 35.30
C ASN A 1494 6.08 34.51 36.80
N LEU A 1495 5.38 33.72 37.62
CA LEU A 1495 5.62 33.71 39.05
C LEU A 1495 6.92 33.00 39.44
N LEU A 1496 7.47 32.16 38.55
CA LEU A 1496 8.65 31.37 38.88
C LEU A 1496 9.93 32.21 38.90
N GLY A 1497 9.96 33.29 38.14
CA GLY A 1497 11.14 34.14 38.05
C GLY A 1497 11.80 34.07 36.69
N GLU A 1498 12.74 35.00 36.49
CA GLU A 1498 13.34 35.22 35.18
C GLU A 1498 14.34 34.13 34.81
N ASP A 1499 15.10 33.64 35.80
CA ASP A 1499 16.18 32.68 35.54
C ASP A 1499 15.64 31.30 35.22
N SER A 1500 14.51 30.95 35.82
CA SER A 1500 13.86 29.67 35.56
C SER A 1500 13.19 29.65 34.19
N ILE A 1501 12.62 30.78 33.77
CA ILE A 1501 11.92 30.83 32.49
C ILE A 1501 12.90 31.12 31.36
N ALA A 1502 14.11 31.59 31.68
CA ALA A 1502 15.10 31.88 30.66
C ALA A 1502 16.11 30.76 30.49
N GLY A 1503 16.34 29.95 31.52
CA GLY A 1503 17.33 28.90 31.42
C GLY A 1503 16.90 27.69 30.60
N GLN A 1504 15.94 26.92 31.11
CA GLN A 1504 15.48 25.71 30.44
C GLN A 1504 13.97 25.72 30.39
N LEU A 1505 13.41 25.69 29.19
CA LEU A 1505 11.97 25.61 28.99
C LEU A 1505 11.71 24.74 27.78
N ALA A 1506 10.83 23.77 27.93
CA ALA A 1506 10.51 22.87 26.83
C ALA A 1506 9.01 22.68 26.76
N GLN A 1507 8.50 22.35 25.59
CA GLN A 1507 7.06 22.14 25.45
C GLN A 1507 6.80 21.02 24.46
N ASP A 1508 6.17 19.96 24.92
CA ASP A 1508 5.63 18.95 24.02
C ASP A 1508 4.17 19.28 23.74
N SER A 1509 3.41 18.33 23.21
CA SER A 1509 2.01 18.59 22.89
C SER A 1509 1.14 18.61 24.14
N GLY A 1510 1.55 17.93 25.21
CA GLY A 1510 0.69 17.80 26.36
C GLY A 1510 1.05 18.65 27.55
N TYR A 1511 2.34 18.91 27.74
CA TYR A 1511 2.79 19.58 28.95
C TYR A 1511 3.73 20.71 28.57
N LEU A 1512 4.28 21.35 29.59
CA LEU A 1512 5.19 22.48 29.42
C LEU A 1512 6.10 22.51 30.63
N TYR A 1513 7.41 22.35 30.41
CA TYR A 1513 8.37 22.01 31.44
C TYR A 1513 9.32 23.18 31.69
N ALA A 1514 9.52 23.47 32.97
CA ALA A 1514 10.48 24.48 33.40
C ALA A 1514 11.35 23.90 34.50
N VAL A 1515 12.53 24.48 34.69
CA VAL A 1515 13.45 24.06 35.75
C VAL A 1515 13.61 25.21 36.73
N LYS A 1516 13.24 24.98 37.98
CA LYS A 1516 13.38 25.99 39.03
C LYS A 1516 13.78 25.29 40.32
N ASN A 1517 14.93 25.70 40.87
CA ASN A 1517 15.48 25.33 42.19
C ASN A 1517 15.72 23.82 42.31
N TRP A 1518 16.45 23.30 41.30
CA TRP A 1518 16.82 21.88 41.11
C TRP A 1518 15.59 20.97 41.06
N SER A 1519 14.55 21.44 40.39
CA SER A 1519 13.31 20.68 40.29
C SER A 1519 12.65 21.01 38.97
N ILE A 1520 12.19 19.98 38.28
CA ILE A 1520 11.51 20.14 37.00
C ILE A 1520 10.00 20.17 37.25
N ARG A 1521 9.35 21.22 36.76
CA ARG A 1521 7.92 21.43 36.94
C ARG A 1521 7.24 21.28 35.60
N ALA A 1522 6.24 20.39 35.54
CA ALA A 1522 5.45 20.15 34.36
C ALA A 1522 4.06 20.73 34.55
N TYR A 1523 3.70 21.64 33.67
CA TYR A 1523 2.42 22.32 33.69
C TYR A 1523 1.60 21.75 32.55
N GLY A 1524 0.37 21.32 32.84
CA GLY A 1524 -0.46 20.71 31.81
C GLY A 1524 -1.04 21.77 30.90
N ARG A 1525 -1.26 21.41 29.64
CA ARG A 1525 -1.81 22.38 28.71
C ARG A 1525 -3.33 22.35 28.68
N ARG A 1526 -3.93 21.20 28.94
CA ARG A 1526 -5.39 21.10 28.88
C ARG A 1526 -6.03 21.66 30.14
N ARG A 1527 -5.59 21.18 31.31
CA ARG A 1527 -6.16 21.63 32.57
C ARG A 1527 -5.62 22.97 33.03
N GLN A 1528 -4.52 23.45 32.42
CA GLN A 1528 -3.83 24.73 32.68
C GLN A 1528 -3.40 24.87 34.14
N GLN A 1529 -2.91 23.79 34.72
CA GLN A 1529 -2.50 23.77 36.12
C GLN A 1529 -1.13 23.13 36.23
N LEU A 1530 -0.54 23.25 37.41
CA LEU A 1530 0.70 22.54 37.71
C LEU A 1530 0.39 21.07 37.96
N GLU A 1531 0.95 20.20 37.13
CA GLU A 1531 0.68 18.77 37.25
C GLU A 1531 1.79 18.00 37.94
N TYR A 1532 3.05 18.24 37.60
CA TYR A 1532 4.12 17.42 38.18
C TYR A 1532 5.24 18.31 38.68
N THR A 1533 5.91 17.87 39.74
CA THR A 1533 7.09 18.54 40.27
C THR A 1533 8.04 17.45 40.75
N VAL A 1534 9.18 17.32 40.07
CA VAL A 1534 10.12 16.23 40.32
C VAL A 1534 11.44 16.84 40.75
N GLU A 1535 11.93 16.44 41.93
CA GLU A 1535 13.19 16.93 42.44
C GLU A 1535 14.35 16.31 41.69
N LEU A 1536 15.46 17.03 41.61
CA LEU A 1536 16.63 16.59 40.88
C LEU A 1536 17.86 16.67 41.79
N GLU A 1537 18.96 16.12 41.30
CA GLU A 1537 20.28 16.42 41.81
C GLU A 1537 20.73 17.77 41.23
N PRO A 1538 21.72 18.44 41.85
CA PRO A 1538 22.19 19.73 41.28
C PRO A 1538 22.91 19.68 39.93
N GLU A 1539 23.30 18.51 39.43
CA GLU A 1539 23.84 18.44 38.09
C GLU A 1539 23.27 17.25 37.31
N GLU A 1540 21.94 17.16 37.27
CA GLU A 1540 21.32 16.07 36.50
C GLU A 1540 20.77 16.63 35.20
N VAL A 1541 20.37 17.90 35.20
CA VAL A 1541 19.83 18.51 34.00
C VAL A 1541 20.69 19.73 33.66
N ARG A 1542 21.35 19.66 32.50
CA ARG A 1542 21.92 20.84 31.88
C ARG A 1542 21.18 21.25 30.61
N LEU A 1543 20.64 20.29 29.87
CA LEU A 1543 19.76 20.58 28.76
C LEU A 1543 18.45 19.82 28.91
N LEU A 1544 17.37 20.49 28.56
CA LEU A 1544 16.03 19.91 28.60
C LEU A 1544 15.42 20.00 27.21
N GLN A 1545 14.76 18.93 26.79
CA GLN A 1545 14.09 18.91 25.51
C GLN A 1545 12.85 18.03 25.68
N ALA A 1546 11.84 18.24 24.83
CA ALA A 1546 10.58 17.55 25.00
C ALA A 1546 10.24 16.75 23.76
N HIS A 1547 9.42 15.71 23.95
CA HIS A 1547 8.93 14.91 22.83
C HIS A 1547 7.72 15.59 22.19
N ASN A 1548 8.01 16.63 21.42
CA ASN A 1548 6.96 17.41 20.76
C ASN A 1548 6.42 16.66 19.56
N TYR A 1549 5.14 16.87 19.28
CA TYR A 1549 4.47 16.09 18.26
C TYR A 1549 4.84 16.60 16.88
N GLN A 1550 5.67 15.84 16.19
CA GLN A 1550 6.16 16.19 14.87
C GLN A 1550 5.13 15.66 13.87
N ALA A 1551 4.27 16.56 13.39
CA ALA A 1551 3.16 16.19 12.53
C ALA A 1551 3.65 15.95 11.12
N TYR A 1552 3.50 14.75 10.66
CA TYR A 1552 4.00 14.36 9.35
C TYR A 1552 2.95 14.63 8.27
N PRO A 1553 3.37 14.86 7.02
CA PRO A 1553 2.41 14.94 5.90
C PRO A 1553 1.83 13.57 5.56
N PRO A 1554 0.73 13.52 4.79
CA PRO A 1554 0.22 12.23 4.31
C PRO A 1554 1.12 11.57 3.28
N LYS A 1555 0.75 10.32 2.94
CA LYS A 1555 1.64 9.38 2.27
C LYS A 1555 1.85 9.72 0.80
N ASN A 1556 0.92 10.45 0.18
CA ASN A 1556 1.17 10.92 -1.18
C ASN A 1556 2.12 12.11 -1.20
N CYS A 1557 2.16 12.89 -0.12
CA CYS A 1557 2.96 14.11 -0.09
C CYS A 1557 4.43 13.82 0.17
N LEU A 1558 4.70 12.83 1.03
CA LEU A 1558 6.08 12.49 1.37
C LEU A 1558 6.77 11.72 0.24
N LEU A 1559 6.01 11.01 -0.56
CA LEU A 1559 6.58 10.05 -1.49
C LEU A 1559 6.85 10.77 -2.83
N LEU A 1560 7.36 10.00 -3.78
CA LEU A 1560 7.59 10.48 -5.14
C LEU A 1560 6.25 10.79 -5.83
N PRO A 1561 6.18 11.82 -6.67
CA PRO A 1561 4.91 12.15 -7.31
C PRO A 1561 4.59 11.18 -8.43
N SER A 1562 3.30 11.09 -8.75
CA SER A 1562 2.87 10.19 -9.82
C SER A 1562 3.16 10.80 -11.18
N SER A 1563 2.64 11.99 -11.44
CA SER A 1563 2.81 12.66 -12.72
C SER A 1563 4.21 13.28 -12.80
N GLY A 1564 4.82 13.18 -13.98
CA GLY A 1564 6.13 13.79 -14.17
C GLY A 1564 6.04 15.29 -14.33
N GLY A 1565 5.47 15.75 -15.43
CA GLY A 1565 5.31 17.16 -15.67
C GLY A 1565 6.57 17.83 -16.17
N SER A 1566 6.46 19.13 -16.41
CA SER A 1566 7.59 19.94 -16.88
C SER A 1566 8.25 20.67 -15.70
N LEU A 1567 8.85 19.86 -14.82
CA LEU A 1567 9.59 20.40 -13.67
C LEU A 1567 10.91 21.04 -14.10
N LEU A 1568 11.54 20.53 -15.14
CA LEU A 1568 12.78 21.07 -15.66
C LEU A 1568 12.45 22.26 -16.55
N LYS A 1569 12.96 23.43 -16.19
CA LYS A 1569 12.71 24.65 -16.94
C LYS A 1569 14.04 25.20 -17.46
N ALA A 1570 14.11 25.43 -18.77
CA ALA A 1570 15.33 25.92 -19.37
C ALA A 1570 15.43 27.43 -19.23
N THR A 1571 16.62 27.90 -18.84
CA THR A 1571 16.88 29.33 -18.74
C THR A 1571 17.35 29.87 -20.09
N ASP A 1572 17.73 31.14 -20.10
CA ASP A 1572 18.24 31.76 -21.32
C ASP A 1572 19.69 31.34 -21.54
N CYS A 1573 19.91 30.56 -22.59
CA CYS A 1573 21.21 29.97 -22.87
C CYS A 1573 22.15 30.99 -23.51
N GLU A 1574 23.42 30.93 -23.11
CA GLU A 1574 24.50 31.46 -23.91
C GLU A 1574 24.95 30.39 -24.91
N GLU A 1575 25.96 30.74 -25.71
CA GLU A 1575 26.49 29.81 -26.69
C GLU A 1575 27.37 28.75 -26.03
N GLN A 1576 28.07 29.12 -24.95
CA GLN A 1576 29.01 28.20 -24.33
C GLN A 1576 28.36 27.31 -23.28
N ARG A 1577 27.48 27.88 -22.46
CA ARG A 1577 26.89 27.12 -21.36
C ARG A 1577 25.47 27.58 -21.08
N CYS A 1578 24.68 26.67 -20.52
CA CYS A 1578 23.31 26.93 -20.11
C CYS A 1578 23.18 26.66 -18.62
N LEU A 1579 22.56 27.58 -17.90
CA LEU A 1579 22.34 27.40 -16.46
C LEU A 1579 21.01 26.69 -16.25
N LEU A 1580 21.07 25.36 -16.19
CA LEU A 1580 19.86 24.59 -15.89
C LEU A 1580 19.58 24.65 -14.40
N ASN A 1581 18.40 25.17 -14.04
CA ASN A 1581 18.00 25.32 -12.66
C ASN A 1581 17.28 24.05 -12.23
N LEU A 1582 17.56 23.61 -11.01
CA LEU A 1582 16.94 22.41 -10.47
C LEU A 1582 16.02 22.85 -9.34
N PRO A 1583 14.72 23.01 -9.59
CA PRO A 1583 13.82 23.46 -8.52
C PRO A 1583 13.40 22.33 -7.58
N MET A 1584 12.57 22.66 -6.61
CA MET A 1584 12.19 21.67 -5.62
C MET A 1584 10.71 21.36 -5.82
N ILE A 1585 10.38 20.08 -5.71
CA ILE A 1585 9.16 19.50 -6.24
C ILE A 1585 8.21 19.25 -5.08
N THR A 1586 6.95 19.69 -5.22
CA THR A 1586 5.85 19.19 -4.43
C THR A 1586 5.06 18.19 -5.25
N ALA A 1587 4.38 17.27 -4.56
CA ALA A 1587 3.82 16.08 -5.21
C ALA A 1587 2.56 16.38 -6.01
N SER A 1588 1.70 17.26 -5.50
CA SER A 1588 0.48 17.65 -6.19
C SER A 1588 0.14 19.07 -5.78
N GLU A 1589 -1.09 19.49 -6.07
CA GLU A 1589 -1.57 20.75 -5.52
C GLU A 1589 -2.13 20.56 -4.12
N ASP A 1590 -2.37 19.31 -3.72
CA ASP A 1590 -2.86 19.02 -2.38
C ASP A 1590 -1.73 18.91 -1.36
N CYS A 1591 -0.47 18.92 -1.82
CA CYS A 1591 0.68 18.79 -0.94
C CYS A 1591 1.43 20.10 -0.93
N PRO A 1592 1.29 20.94 0.10
CA PRO A 1592 1.99 22.24 0.10
C PRO A 1592 3.44 22.13 0.51
N LEU A 1593 3.81 21.04 1.16
CA LEU A 1593 5.15 20.88 1.70
C LEU A 1593 6.05 20.20 0.69
N PRO A 1594 7.36 20.52 0.68
CA PRO A 1594 8.29 19.86 -0.25
C PRO A 1594 8.53 18.37 -0.01
N ILE A 1595 8.87 17.67 -1.08
CA ILE A 1595 9.16 16.24 -1.00
C ILE A 1595 10.54 16.03 -0.39
N PRO A 1596 10.69 15.17 0.61
CA PRO A 1596 12.00 14.99 1.25
C PRO A 1596 12.96 14.17 0.40
N GLY A 1597 14.24 14.56 0.46
CA GLY A 1597 15.34 13.81 -0.13
C GLY A 1597 15.38 13.74 -1.64
N VAL A 1598 15.06 14.84 -2.31
CA VAL A 1598 14.91 14.86 -3.76
C VAL A 1598 16.28 14.86 -4.43
N ARG A 1599 16.51 13.86 -5.28
CA ARG A 1599 17.74 13.73 -6.04
C ARG A 1599 17.38 13.52 -7.51
N TYR A 1600 17.74 14.48 -8.35
CA TYR A 1600 17.73 14.28 -9.79
C TYR A 1600 18.93 13.44 -10.20
N GLN A 1601 18.77 12.65 -11.26
CA GLN A 1601 19.90 12.02 -11.92
C GLN A 1601 19.79 12.24 -13.42
N LEU A 1602 20.85 12.79 -14.00
CA LEU A 1602 20.84 13.29 -15.37
C LEU A 1602 21.91 12.65 -16.23
N ASN A 1603 21.49 12.19 -17.41
CA ASN A 1603 22.31 12.08 -18.60
C ASN A 1603 22.25 13.41 -19.34
N LEU A 1604 23.39 13.81 -19.89
CA LEU A 1604 23.44 14.84 -20.93
C LEU A 1604 23.76 14.16 -22.27
N THR A 1605 23.01 14.52 -23.30
CA THR A 1605 23.21 13.96 -24.63
C THR A 1605 23.19 15.07 -25.66
N LEU A 1606 23.84 14.81 -26.80
CA LEU A 1606 23.87 15.76 -27.91
C LEU A 1606 22.67 15.49 -28.81
N ALA A 1607 21.69 16.39 -28.79
CA ALA A 1607 20.48 16.23 -29.56
C ALA A 1607 20.71 16.56 -31.03
N PRO A 1621 27.01 8.67 -22.50
CA PRO A 1621 26.47 10.02 -22.28
C PRO A 1621 27.56 11.08 -22.19
N LEU A 1622 27.18 12.35 -22.41
CA LEU A 1622 28.16 13.43 -22.30
C LEU A 1622 28.46 13.77 -20.85
N GLY A 1623 27.50 13.57 -19.96
CA GLY A 1623 27.71 13.87 -18.56
C GLY A 1623 26.67 13.18 -17.69
N GLN A 1624 27.09 12.81 -16.49
CA GLN A 1624 26.25 12.12 -15.52
C GLN A 1624 26.26 12.92 -14.23
N TRP A 1625 25.07 13.23 -13.69
CA TRP A 1625 24.99 13.92 -12.41
C TRP A 1625 23.95 13.28 -11.51
N LEU A 1626 24.32 13.12 -10.24
CA LEU A 1626 23.38 12.83 -9.15
C LEU A 1626 23.36 14.08 -8.27
N LEU A 1627 22.35 14.91 -8.44
CA LEU A 1627 22.34 16.22 -7.81
C LEU A 1627 21.02 16.46 -7.09
N GLY A 1628 21.10 17.05 -5.90
CA GLY A 1628 19.93 17.32 -5.11
C GLY A 1628 19.18 18.55 -5.58
N ALA A 1629 18.07 18.83 -4.90
CA ALA A 1629 17.24 19.97 -5.23
C ALA A 1629 17.79 21.25 -4.61
N GLY A 1630 17.51 22.37 -5.27
CA GLY A 1630 17.85 23.69 -4.79
C GLY A 1630 19.01 24.35 -5.49
N GLU A 1631 19.94 23.57 -6.02
CA GLU A 1631 21.10 24.07 -6.73
C GLU A 1631 20.85 24.08 -8.23
N SER A 1632 21.90 24.27 -9.02
CA SER A 1632 21.76 24.37 -10.47
C SER A 1632 22.86 23.57 -11.15
N LEU A 1633 22.61 23.19 -12.40
CA LEU A 1633 23.57 22.47 -13.23
C LEU A 1633 23.99 23.37 -14.37
N ASN A 1634 25.28 23.38 -14.69
CA ASN A 1634 25.82 24.61 -15.20
C ASN A 1634 26.35 24.43 -16.61
N LEU A 1635 26.67 23.18 -16.98
CA LEU A 1635 26.64 22.61 -18.33
C LEU A 1635 27.69 23.25 -19.26
N THR A 1636 28.95 23.10 -18.88
CA THR A 1636 30.06 23.67 -19.62
C THR A 1636 30.40 22.80 -20.83
N ASP A 1637 31.24 23.39 -21.71
CA ASP A 1637 31.80 22.81 -22.94
C ASP A 1637 30.73 22.34 -23.92
N LEU A 1638 29.68 23.16 -24.07
CA LEU A 1638 28.64 22.93 -25.06
C LEU A 1638 28.97 23.70 -26.33
N LEU A 1639 28.68 23.07 -27.47
CA LEU A 1639 29.00 23.68 -28.76
C LEU A 1639 27.99 24.78 -29.10
N PRO A 1640 28.44 25.88 -29.72
CA PRO A 1640 27.49 26.93 -30.11
C PRO A 1640 26.65 26.55 -31.32
N PHE A 1641 25.42 27.09 -31.33
CA PHE A 1641 24.35 26.84 -32.32
C PHE A 1641 24.02 25.36 -32.46
N THR A 1642 23.99 24.65 -31.32
CA THR A 1642 23.85 23.20 -31.31
C THR A 1642 22.77 22.81 -30.30
N ARG A 1643 21.85 21.97 -30.73
CA ARG A 1643 20.82 21.45 -29.85
C ARG A 1643 21.40 20.41 -28.90
N TYR A 1644 20.90 20.39 -27.67
CA TYR A 1644 21.32 19.43 -26.65
C TYR A 1644 20.08 18.92 -25.93
N ARG A 1645 20.23 17.76 -25.29
CA ARG A 1645 19.12 17.15 -24.57
C ARG A 1645 19.62 16.73 -23.20
N VAL A 1646 18.76 16.88 -22.19
CA VAL A 1646 19.02 16.33 -20.87
C VAL A 1646 17.89 15.38 -20.53
N SER A 1647 18.26 14.27 -19.90
CA SER A 1647 17.28 13.27 -19.49
C SER A 1647 17.58 12.88 -18.05
N GLY A 1648 16.54 12.77 -17.25
CA GLY A 1648 16.78 12.50 -15.84
C GLY A 1648 15.66 11.71 -15.21
N ILE A 1649 16.05 10.89 -14.24
CA ILE A 1649 15.08 10.26 -13.36
C ILE A 1649 15.02 11.07 -12.08
N LEU A 1650 13.90 10.97 -11.39
CA LEU A 1650 13.68 11.65 -10.13
C LEU A 1650 13.62 10.60 -9.03
N SER A 1651 14.34 10.85 -7.94
CA SER A 1651 14.35 9.93 -6.82
C SER A 1651 14.11 10.71 -5.54
N SER A 1652 13.52 10.04 -4.57
CA SER A 1652 13.33 10.59 -3.23
C SER A 1652 13.97 9.64 -2.24
N PHE A 1653 14.01 10.07 -0.98
CA PHE A 1653 14.52 9.22 0.08
C PHE A 1653 13.54 8.10 0.40
N TYR A 1654 12.25 8.40 0.34
CA TYR A 1654 11.25 7.44 0.78
C TYR A 1654 10.95 6.39 -0.29
N GLN A 1655 11.19 6.72 -1.56
CA GLN A 1655 11.04 5.68 -2.59
C GLN A 1655 12.24 4.76 -2.62
N LYS A 1656 13.39 5.21 -2.11
CA LYS A 1656 14.51 4.29 -1.88
C LYS A 1656 14.27 3.47 -0.64
N LYS A 1657 13.56 4.03 0.34
CA LYS A 1657 13.29 3.29 1.58
C LYS A 1657 12.21 2.23 1.38
N LEU A 1658 11.20 2.53 0.55
CA LEU A 1658 10.12 1.58 0.31
C LEU A 1658 10.40 0.64 -0.84
N ALA A 1659 11.50 0.82 -1.57
CA ALA A 1659 11.89 0.21 -2.85
C ALA A 1659 10.80 0.37 -3.90
N LEU A 1660 10.18 1.54 -3.98
CA LEU A 1660 9.28 1.85 -5.08
C LEU A 1660 10.12 2.10 -6.33
N PRO A 1661 9.59 1.83 -7.52
CA PRO A 1661 10.26 2.27 -8.74
C PRO A 1661 10.22 3.78 -8.90
N THR A 1662 11.26 4.30 -9.55
CA THR A 1662 11.47 5.72 -9.76
C THR A 1662 10.57 6.26 -10.86
N LEU A 1663 10.56 7.58 -10.99
CA LEU A 1663 9.77 8.27 -12.00
C LEU A 1663 10.71 8.89 -13.02
N VAL A 1664 10.52 8.54 -14.28
CA VAL A 1664 11.27 9.14 -15.39
C VAL A 1664 10.55 10.43 -15.76
N LEU A 1665 11.27 11.54 -15.72
CA LEU A 1665 10.67 12.83 -15.99
C LEU A 1665 10.69 13.13 -17.49
N ALA A 1666 10.32 14.36 -17.82
CA ALA A 1666 10.32 14.78 -19.21
C ALA A 1666 11.75 15.08 -19.66
N PRO A 1667 12.24 14.46 -20.74
CA PRO A 1667 13.56 14.82 -21.25
C PRO A 1667 13.52 16.16 -21.98
N LEU A 1668 14.31 17.10 -21.48
CA LEU A 1668 14.19 18.50 -21.88
C LEU A 1668 15.27 18.84 -22.91
N GLU A 1669 14.85 19.53 -23.96
CA GLU A 1669 15.74 19.97 -25.03
C GLU A 1669 16.14 21.41 -24.74
N LEU A 1670 17.43 21.69 -24.85
CA LEU A 1670 17.98 23.03 -24.66
C LEU A 1670 18.79 23.40 -25.89
N LEU A 1671 18.53 24.59 -26.44
CA LEU A 1671 19.22 25.04 -27.63
C LEU A 1671 20.34 25.99 -27.26
N THR A 1672 21.53 25.72 -27.79
CA THR A 1672 22.67 26.62 -27.66
C THR A 1672 22.92 27.34 -28.97
N PRO A 1679 32.28 32.14 -36.85
CA PRO A 1679 31.43 33.34 -36.77
C PRO A 1679 30.51 33.47 -37.98
N PRO A 1680 30.11 34.70 -38.29
CA PRO A 1680 29.42 34.94 -39.56
C PRO A 1680 30.39 34.81 -40.72
N ARG A 1681 30.15 33.81 -41.56
CA ARG A 1681 31.12 33.36 -42.55
C ARG A 1681 31.19 34.31 -43.75
N ASN A 1682 32.32 35.03 -43.81
CA ASN A 1682 32.78 35.87 -44.94
C ASN A 1682 31.78 37.00 -45.23
N PHE A 1683 31.67 37.92 -44.28
CA PHE A 1683 30.86 39.12 -44.47
C PHE A 1683 31.52 40.06 -45.47
N SER A 1684 30.74 40.57 -46.41
CA SER A 1684 31.27 41.44 -47.45
C SER A 1684 30.39 42.67 -47.57
N VAL A 1685 30.98 43.77 -48.00
CA VAL A 1685 30.30 45.04 -48.14
C VAL A 1685 30.53 45.58 -49.55
N ARG A 1686 29.46 45.95 -50.22
CA ARG A 1686 29.53 46.53 -51.56
C ARG A 1686 28.89 47.91 -51.54
N VAL A 1687 29.61 48.90 -52.06
CA VAL A 1687 29.10 50.26 -52.16
C VAL A 1687 28.26 50.36 -53.43
N LEU A 1688 26.94 50.40 -53.26
CA LEU A 1688 26.02 50.47 -54.39
C LEU A 1688 25.72 51.89 -54.83
N SER A 1689 25.28 52.74 -53.90
CA SER A 1689 24.97 54.13 -54.19
C SER A 1689 25.44 54.97 -53.01
N PRO A 1690 25.31 56.30 -53.11
CA PRO A 1690 25.93 57.19 -52.10
C PRO A 1690 25.21 57.23 -50.76
N ARG A 1691 24.01 56.67 -50.66
CA ARG A 1691 23.40 56.34 -49.39
C ARG A 1691 23.03 54.86 -49.29
N GLU A 1692 23.56 54.02 -50.16
CA GLU A 1692 23.09 52.62 -50.22
C GLU A 1692 24.27 51.67 -50.28
N LEU A 1693 24.37 50.78 -49.28
CA LEU A 1693 25.40 49.76 -49.25
C LEU A 1693 24.75 48.38 -49.33
N GLU A 1694 25.50 47.43 -49.90
CA GLU A 1694 25.03 46.07 -50.03
C GLU A 1694 25.89 45.16 -49.15
N VAL A 1695 25.26 44.57 -48.13
CA VAL A 1695 25.94 43.67 -47.21
C VAL A 1695 25.60 42.24 -47.58
N SER A 1696 26.57 41.35 -47.46
CA SER A 1696 26.38 39.95 -47.81
C SER A 1696 27.23 39.08 -46.91
N TRP A 1697 26.58 38.15 -46.21
CA TRP A 1697 27.26 37.26 -45.28
C TRP A 1697 26.56 35.92 -45.27
N LEU A 1698 27.28 34.91 -44.82
CA LEU A 1698 26.75 33.56 -44.70
C LEU A 1698 26.77 33.09 -43.25
N PRO A 1699 26.08 31.99 -42.94
CA PRO A 1699 25.95 31.44 -41.58
C PRO A 1699 27.24 30.81 -41.05
N VAL A 1708 19.26 30.76 -35.47
CA VAL A 1708 20.19 31.81 -35.14
C VAL A 1708 19.89 33.07 -35.95
N TYR A 1709 19.90 34.22 -35.29
CA TYR A 1709 19.65 35.51 -35.92
C TYR A 1709 20.96 36.27 -36.07
N TYR A 1710 20.87 37.42 -36.74
CA TYR A 1710 22.03 38.26 -37.00
C TYR A 1710 21.74 39.69 -36.59
N THR A 1711 22.79 40.39 -36.18
CA THR A 1711 22.73 41.80 -35.80
C THR A 1711 23.78 42.55 -36.60
N LEU A 1712 23.34 43.48 -37.45
CA LEU A 1712 24.25 44.23 -38.29
C LEU A 1712 24.51 45.61 -37.69
N HIS A 1713 25.78 45.92 -37.43
CA HIS A 1713 26.17 47.20 -36.87
C HIS A 1713 27.00 47.98 -37.88
N TRP A 1714 26.59 49.21 -38.16
CA TRP A 1714 27.31 50.09 -39.06
C TRP A 1714 27.52 51.42 -38.39
N GLN A 1715 28.77 51.87 -38.35
CA GLN A 1715 29.13 53.10 -37.65
C GLN A 1715 29.87 54.03 -38.60
N GLN A 1716 29.49 55.30 -38.61
CA GLN A 1716 30.15 56.28 -39.46
C GLN A 1716 31.48 56.69 -38.86
N GLU A 1717 32.52 56.74 -39.71
CA GLU A 1717 33.85 57.12 -39.26
C GLU A 1717 33.99 58.63 -39.18
N GLU A 1733 22.33 49.37 -35.30
CA GLU A 1733 22.18 47.92 -35.35
C GLU A 1733 20.80 47.53 -35.88
N ARG A 1734 20.77 46.50 -36.72
CA ARG A 1734 19.53 46.01 -37.32
C ARG A 1734 19.48 44.50 -37.13
N ARG A 1735 18.32 44.01 -36.69
CA ARG A 1735 18.14 42.57 -36.48
C ARG A 1735 17.61 41.92 -37.75
N LEU A 1736 18.22 40.79 -38.11
CA LEU A 1736 17.81 40.02 -39.28
C LEU A 1736 17.62 38.58 -38.87
N GLU A 1737 16.64 37.91 -39.47
CA GLU A 1737 16.32 36.54 -39.11
C GLU A 1737 17.19 35.52 -39.84
N THR A 1738 17.65 35.84 -41.04
CA THR A 1738 18.42 34.90 -41.85
C THR A 1738 19.63 35.61 -42.46
N ALA A 1739 20.65 34.81 -42.73
CA ALA A 1739 21.84 35.33 -43.40
C ALA A 1739 21.59 35.43 -44.91
N GLY A 1740 22.52 36.10 -45.59
CA GLY A 1740 22.40 36.29 -47.02
C GLY A 1740 22.78 37.69 -47.45
N THR A 1741 22.00 38.27 -48.35
CA THR A 1741 22.24 39.61 -48.86
C THR A 1741 21.17 40.56 -48.33
N HIS A 1742 21.61 41.74 -47.91
CA HIS A 1742 20.71 42.78 -47.42
C HIS A 1742 21.20 44.13 -47.92
N ARG A 1743 20.31 45.11 -47.91
CA ARG A 1743 20.62 46.47 -48.34
C ARG A 1743 20.49 47.42 -47.17
N LEU A 1744 21.55 48.18 -46.90
CA LEU A 1744 21.60 49.17 -45.83
C LEU A 1744 21.44 50.54 -46.46
N THR A 1745 20.35 51.22 -46.14
CA THR A 1745 20.04 52.54 -46.69
C THR A 1745 20.44 53.63 -45.71
N GLY A 1746 20.54 54.85 -46.22
CA GLY A 1746 20.88 55.99 -45.41
C GLY A 1746 22.36 56.07 -45.07
N GLY A 1752 33.30 57.03 -44.86
CA GLY A 1752 33.88 56.18 -43.84
C GLY A 1752 32.85 55.49 -42.98
N TYR A 1753 32.83 54.17 -43.03
CA TYR A 1753 31.88 53.38 -42.28
C TYR A 1753 32.49 52.02 -41.94
N SER A 1754 32.41 51.65 -40.67
CA SER A 1754 32.86 50.35 -40.19
C SER A 1754 31.64 49.49 -39.92
N LEU A 1755 31.61 48.30 -40.51
CA LEU A 1755 30.47 47.40 -40.43
C LEU A 1755 30.88 46.06 -39.86
N TRP A 1756 29.99 45.48 -39.07
CA TRP A 1756 30.20 44.16 -38.49
C TRP A 1756 28.85 43.44 -38.41
N VAL A 1757 28.92 42.12 -38.39
CA VAL A 1757 27.75 41.27 -38.29
C VAL A 1757 27.96 40.27 -37.17
N GLN A 1758 27.03 40.25 -36.21
CA GLN A 1758 27.09 39.34 -35.08
C GLN A 1758 26.05 38.25 -35.24
N ALA A 1759 26.47 37.01 -35.05
CA ALA A 1759 25.59 35.85 -35.15
C ALA A 1759 25.21 35.39 -33.75
N HIS A 1760 23.92 35.55 -33.41
CA HIS A 1760 23.44 35.17 -32.08
C HIS A 1760 22.50 33.98 -32.17
N SER A 1766 27.84 34.35 -28.23
CA SER A 1766 27.63 34.94 -29.54
C SER A 1766 28.84 35.75 -30.00
N ASN A 1767 29.44 35.33 -31.11
CA ASN A 1767 30.56 36.03 -31.72
C ASN A 1767 30.14 36.89 -32.91
N SER A 1768 31.00 37.84 -33.27
CA SER A 1768 30.80 38.71 -34.41
C SER A 1768 31.88 38.45 -35.46
N SER A 1769 31.65 38.99 -36.65
CA SER A 1769 32.61 38.88 -37.73
C SER A 1769 33.63 40.03 -37.66
N GLU A 1770 34.49 40.07 -38.68
CA GLU A 1770 35.48 41.13 -38.77
C GLU A 1770 34.84 42.44 -39.22
N ARG A 1771 35.37 43.54 -38.71
CA ARG A 1771 34.86 44.87 -39.04
C ARG A 1771 35.48 45.34 -40.35
N LEU A 1772 34.63 45.67 -41.30
CA LEU A 1772 35.06 46.13 -42.62
C LEU A 1772 34.86 47.64 -42.74
N HIS A 1773 35.89 48.31 -43.23
CA HIS A 1773 35.86 49.76 -43.40
C HIS A 1773 35.66 50.08 -44.88
N VAL A 1774 34.65 50.91 -45.17
CA VAL A 1774 34.30 51.27 -46.54
C VAL A 1774 34.05 52.76 -46.63
N ARG A 1775 34.00 53.26 -47.85
CA ARG A 1775 33.73 54.67 -48.10
C ARG A 1775 32.46 54.84 -48.94
N GLU A 1779 28.57 61.49 -51.50
CA GLU A 1779 27.58 61.95 -52.46
C GLU A 1779 28.23 62.36 -53.77
N LEU A 1780 27.63 61.95 -54.87
CA LEU A 1780 28.16 62.29 -56.18
C LEU A 1780 27.77 63.72 -56.55
N PRO A 1781 28.58 64.40 -57.36
CA PRO A 1781 28.23 65.75 -57.79
C PRO A 1781 27.21 65.72 -58.93
N GLU A 1782 26.59 66.88 -59.16
CA GLU A 1782 25.62 67.00 -60.25
C GLU A 1782 26.33 67.13 -61.59
N LEU A 1783 25.58 66.93 -62.67
CA LEU A 1783 26.16 66.97 -64.00
C LEU A 1783 26.30 68.40 -64.48
N GLN A 1784 27.50 68.77 -64.92
CA GLN A 1784 27.79 70.07 -65.47
C GLN A 1784 27.99 69.95 -66.98
N LEU A 1785 27.28 70.78 -67.74
CA LEU A 1785 27.34 70.73 -69.19
C LEU A 1785 28.60 71.44 -69.67
N LEU A 1786 29.52 70.68 -70.26
CA LEU A 1786 30.74 71.25 -70.80
C LEU A 1786 30.56 71.75 -72.23
N GLU A 1787 29.82 71.00 -73.04
CA GLU A 1787 29.58 71.37 -74.42
C GLU A 1787 28.19 70.90 -74.85
N LEU A 1788 27.44 71.82 -75.46
CA LEU A 1788 26.08 71.53 -75.95
C LEU A 1788 26.10 71.64 -77.46
N GLY A 1789 25.74 70.55 -78.14
CA GLY A 1789 25.72 70.52 -79.58
C GLY A 1789 24.40 70.03 -80.14
N PRO A 1790 24.27 70.04 -81.47
CA PRO A 1790 23.02 69.55 -82.08
C PRO A 1790 22.95 68.03 -82.13
N TYR A 1791 24.07 67.34 -82.26
CA TYR A 1791 24.10 65.88 -82.31
C TYR A 1791 25.00 65.28 -81.25
N SER A 1792 25.43 66.06 -80.27
CA SER A 1792 26.31 65.56 -79.22
C SER A 1792 26.11 66.40 -77.96
N LEU A 1793 26.53 65.84 -76.82
CA LEU A 1793 26.51 66.55 -75.55
C LEU A 1793 27.66 66.06 -74.69
N SER A 1794 28.59 66.96 -74.35
CA SER A 1794 29.74 66.63 -73.51
C SER A 1794 29.47 67.16 -72.10
N LEU A 1795 29.44 66.26 -71.13
CA LEU A 1795 29.15 66.61 -69.75
C LEU A 1795 30.29 66.17 -68.84
N THR A 1796 30.42 66.85 -67.70
CA THR A 1796 31.52 66.61 -66.79
C THR A 1796 31.03 66.56 -65.35
N TRP A 1797 31.72 65.79 -64.53
CA TRP A 1797 31.46 65.71 -63.11
C TRP A 1797 32.75 65.37 -62.39
N ALA A 1798 32.89 65.87 -61.16
CA ALA A 1798 34.12 65.66 -60.41
C ALA A 1798 34.14 64.27 -59.77
N GLY A 1799 33.21 64.02 -58.85
CA GLY A 1799 33.07 62.73 -58.22
C GLY A 1799 34.04 62.51 -57.09
N THR A 1800 33.77 61.48 -56.30
CA THR A 1800 34.71 61.08 -55.26
C THR A 1800 35.87 60.30 -55.88
N PRO A 1801 37.08 60.42 -55.33
CA PRO A 1801 38.23 59.69 -55.90
C PRO A 1801 38.35 58.28 -55.34
N ASP A 1802 37.40 57.43 -55.70
CA ASP A 1802 37.36 56.05 -55.26
C ASP A 1802 37.16 55.14 -56.46
N PRO A 1803 37.67 53.91 -56.42
CA PRO A 1803 37.49 53.01 -57.56
C PRO A 1803 36.11 52.39 -57.56
N LEU A 1804 35.42 52.49 -58.70
CA LEU A 1804 34.10 51.91 -58.88
C LEU A 1804 34.16 50.88 -59.99
N GLY A 1805 33.44 49.77 -59.83
CA GLY A 1805 33.38 48.76 -60.87
C GLY A 1805 32.54 49.21 -62.06
N SER A 1806 31.45 49.91 -61.80
CA SER A 1806 30.57 50.41 -62.85
C SER A 1806 30.41 51.91 -62.70
N LEU A 1807 30.45 52.62 -63.83
CA LEU A 1807 30.21 54.06 -63.87
C LEU A 1807 29.70 54.38 -65.28
N GLN A 1808 28.42 54.70 -65.38
CA GLN A 1808 27.79 54.92 -66.68
C GLN A 1808 26.94 56.19 -66.65
N LEU A 1809 26.74 56.76 -67.83
CA LEU A 1809 25.88 57.93 -68.00
C LEU A 1809 24.69 57.54 -68.88
N GLU A 1810 23.48 57.73 -68.37
CA GLU A 1810 22.27 57.35 -69.09
C GLU A 1810 21.47 58.60 -69.44
N CYS A 1811 21.19 58.79 -70.73
CA CYS A 1811 20.39 59.91 -71.21
C CYS A 1811 19.14 59.35 -71.89
N ARG A 1812 17.97 59.67 -71.33
CA ARG A 1812 16.70 59.17 -71.84
C ARG A 1812 15.90 60.35 -72.38
N SER A 1813 15.48 60.24 -73.64
CA SER A 1813 14.59 61.19 -74.28
C SER A 1813 13.20 60.57 -74.38
N SER A 1814 12.30 61.26 -75.09
CA SER A 1814 10.94 60.76 -75.26
C SER A 1814 10.87 59.59 -76.25
N ALA A 1815 11.83 59.51 -77.17
CA ALA A 1815 11.83 58.46 -78.19
C ALA A 1815 13.01 57.51 -78.10
N GLU A 1816 14.11 57.91 -77.45
CA GLU A 1816 15.30 57.09 -77.37
C GLU A 1816 15.93 57.18 -75.99
N GLN A 1817 16.66 56.14 -75.62
CA GLN A 1817 17.43 56.11 -74.38
C GLN A 1817 18.78 55.49 -74.66
N LEU A 1818 19.85 56.19 -74.29
CA LEU A 1818 21.21 55.75 -74.56
C LEU A 1818 22.01 55.71 -73.27
N ARG A 1819 22.70 54.59 -73.04
CA ARG A 1819 23.60 54.43 -71.91
C ARG A 1819 25.03 54.33 -72.43
N ARG A 1820 25.91 55.19 -71.92
CA ARG A 1820 27.29 55.24 -72.36
C ARG A 1820 28.20 54.90 -71.19
N ASN A 1821 29.14 53.98 -71.43
CA ASN A 1821 30.10 53.61 -70.40
C ASN A 1821 31.17 54.68 -70.26
N VAL A 1822 31.30 55.23 -69.07
CA VAL A 1822 32.29 56.27 -68.82
C VAL A 1822 33.66 55.66 -68.59
N LYS A 1828 34.13 62.97 -67.19
CA LYS A 1828 33.64 63.55 -68.43
C LYS A 1828 33.18 62.46 -69.40
N MET A 1829 32.09 62.73 -70.11
CA MET A 1829 31.55 61.78 -71.08
C MET A 1829 30.85 62.55 -72.19
N VAL A 1830 30.98 62.05 -73.41
CA VAL A 1830 30.34 62.64 -74.58
C VAL A 1830 29.29 61.68 -75.11
N VAL A 1831 28.03 62.15 -75.16
CA VAL A 1831 26.91 61.36 -75.67
C VAL A 1831 26.68 61.78 -77.11
N GLU A 1832 26.84 60.84 -78.02
CA GLU A 1832 26.67 61.06 -79.45
C GLU A 1832 26.35 59.73 -80.10
N PRO A 1833 25.43 59.69 -81.10
CA PRO A 1833 24.62 60.78 -81.66
C PRO A 1833 23.33 61.04 -80.89
N LEU A 1834 22.77 62.23 -80.99
CA LEU A 1834 21.50 62.59 -80.36
C LEU A 1834 20.66 63.37 -81.35
N GLN A 1835 19.33 63.36 -81.12
CA GLN A 1835 18.40 64.05 -81.99
C GLN A 1835 18.45 65.55 -81.76
N PRO A 1836 18.33 66.35 -82.82
CA PRO A 1836 18.37 67.81 -82.65
C PRO A 1836 17.06 68.36 -82.13
N ARG A 1837 17.19 69.36 -81.26
CA ARG A 1837 16.12 70.02 -80.47
C ARG A 1837 15.29 69.01 -79.68
N THR A 1838 15.99 68.08 -79.04
CA THR A 1838 15.37 67.03 -78.25
C THR A 1838 15.86 67.13 -76.81
N ARG A 1839 14.91 67.02 -75.88
CA ARG A 1839 15.24 67.08 -74.45
C ARG A 1839 15.48 65.67 -73.92
N TYR A 1840 16.55 65.51 -73.15
CA TYR A 1840 16.91 64.23 -72.55
C TYR A 1840 17.29 64.44 -71.10
N GLN A 1841 16.85 63.53 -70.23
CA GLN A 1841 17.25 63.51 -68.83
C GLN A 1841 18.45 62.58 -68.70
N CYS A 1842 19.55 63.11 -68.19
CA CYS A 1842 20.80 62.37 -68.04
C CYS A 1842 21.10 62.19 -66.56
N ARG A 1843 21.62 61.00 -66.23
CA ARG A 1843 21.93 60.64 -64.85
C ARG A 1843 23.15 59.74 -64.83
N LEU A 1844 23.76 59.64 -63.65
CA LEU A 1844 24.93 58.80 -63.46
C LEU A 1844 24.55 57.57 -62.65
N LEU A 1845 24.94 56.39 -63.16
CA LEU A 1845 24.66 55.11 -62.52
C LEU A 1845 25.97 54.47 -62.10
N LEU A 1846 26.02 53.98 -60.87
CA LEU A 1846 27.21 53.34 -60.33
C LEU A 1846 26.97 51.86 -60.07
N GLY A 1859 22.04 58.30 -60.11
CA GLY A 1859 22.12 59.55 -59.39
C GLY A 1859 21.01 60.52 -59.73
N THR A 1860 21.27 61.81 -59.52
CA THR A 1860 20.28 62.84 -59.84
C THR A 1860 20.22 63.06 -61.35
N ALA A 1861 19.02 63.34 -61.84
CA ALA A 1861 18.76 63.47 -63.27
C ALA A 1861 18.66 64.95 -63.63
N GLU A 1862 19.37 65.33 -64.69
CA GLU A 1862 19.32 66.69 -65.22
C GLU A 1862 18.81 66.67 -66.66
N VAL A 1863 17.87 67.56 -66.96
CA VAL A 1863 17.25 67.64 -68.28
C VAL A 1863 18.04 68.64 -69.11
N TYR A 1864 18.47 68.21 -70.30
CA TYR A 1864 19.21 69.06 -71.22
C TYR A 1864 18.56 68.99 -72.60
N GLU A 1865 18.49 70.14 -73.27
CA GLU A 1865 17.90 70.25 -74.59
C GLU A 1865 19.02 70.44 -75.61
N THR A 1866 18.98 69.65 -76.69
CA THR A 1866 20.01 69.73 -77.70
C THR A 1866 19.78 70.92 -78.62
N LEU A 1867 20.83 71.29 -79.35
CA LEU A 1867 20.77 72.41 -80.27
C LEU A 1867 20.06 72.02 -81.56
N GLY A 1868 19.65 73.02 -82.32
CA GLY A 1868 18.98 72.80 -83.60
C GLY A 1868 19.85 73.14 -84.78
N VAL B 85 -26.83 -12.58 51.19
CA VAL B 85 -27.88 -13.58 51.21
C VAL B 85 -29.01 -13.04 50.34
N ASP B 86 -28.96 -11.74 50.06
CA ASP B 86 -29.90 -11.13 49.13
C ASP B 86 -29.54 -11.48 47.70
N GLU B 87 -28.23 -11.57 47.41
CA GLU B 87 -27.72 -11.84 46.07
C GLU B 87 -28.04 -13.27 45.62
N ARG B 88 -27.87 -14.24 46.52
CA ARG B 88 -28.20 -15.63 46.19
C ARG B 88 -29.71 -15.85 46.13
N MET B 89 -30.49 -15.03 46.84
CA MET B 89 -31.92 -15.01 46.65
C MET B 89 -32.32 -14.47 45.28
N VAL B 90 -31.57 -13.48 44.77
CA VAL B 90 -31.80 -12.95 43.41
C VAL B 90 -31.42 -13.99 42.34
N LEU B 91 -30.29 -14.70 42.55
CA LEU B 91 -29.86 -15.83 41.71
C LEU B 91 -30.87 -16.98 41.65
N GLU B 92 -31.38 -17.40 42.82
CA GLU B 92 -32.35 -18.47 42.85
C GLU B 92 -33.73 -18.05 42.37
N ARG B 93 -34.08 -16.76 42.52
CA ARG B 93 -35.37 -16.27 42.04
C ARG B 93 -35.39 -16.15 40.51
N VAL B 94 -34.28 -15.68 39.92
CA VAL B 94 -34.17 -15.57 38.46
C VAL B 94 -34.06 -16.96 37.82
N THR B 95 -33.38 -17.90 38.50
CA THR B 95 -33.29 -19.28 38.02
C THR B 95 -34.64 -20.03 38.11
N ARG B 96 -35.41 -19.81 39.18
CA ARG B 96 -36.76 -20.33 39.32
C ARG B 96 -37.73 -19.78 38.27
N ASP B 97 -37.63 -18.47 38.01
CA ASP B 97 -38.51 -17.83 37.03
C ASP B 97 -38.14 -18.24 35.61
N CYS B 98 -36.85 -18.51 35.36
CA CYS B 98 -36.38 -18.93 34.04
C CYS B 98 -36.80 -20.37 33.74
N VAL B 99 -36.63 -21.27 34.72
CA VAL B 99 -36.99 -22.68 34.54
C VAL B 99 -38.50 -22.86 34.46
N GLN B 100 -39.26 -22.06 35.24
CA GLN B 100 -40.72 -22.02 35.15
C GLN B 100 -41.21 -21.45 33.82
N ARG B 101 -40.48 -20.48 33.25
CA ARG B 101 -40.86 -19.92 31.96
C ARG B 101 -40.55 -20.88 30.81
N CYS B 102 -39.48 -21.65 30.92
CA CYS B 102 -39.20 -22.66 29.90
C CYS B 102 -40.13 -23.86 30.01
N ILE B 103 -40.66 -24.13 31.21
CA ILE B 103 -41.70 -25.13 31.36
C ILE B 103 -43.01 -24.66 30.76
N VAL B 104 -43.34 -23.37 30.92
CA VAL B 104 -44.60 -22.81 30.41
C VAL B 104 -44.58 -22.67 28.89
N GLU B 105 -43.51 -22.11 28.33
CA GLU B 105 -43.51 -21.72 26.93
C GLU B 105 -42.92 -22.78 26.00
N GLU B 106 -43.10 -24.07 26.29
CA GLU B 106 -42.50 -25.09 25.45
C GLU B 106 -43.29 -25.34 24.18
N ASP B 107 -44.61 -25.21 24.22
CA ASP B 107 -45.45 -25.43 23.05
C ASP B 107 -45.78 -24.15 22.31
N LEU B 108 -45.22 -23.02 22.74
CA LEU B 108 -45.59 -21.74 22.16
C LEU B 108 -44.88 -21.49 20.83
N PHE B 109 -43.56 -21.60 20.80
CA PHE B 109 -42.77 -21.24 19.65
C PHE B 109 -42.67 -22.41 18.68
N LEU B 110 -43.01 -22.16 17.43
CA LEU B 110 -42.80 -23.13 16.37
C LEU B 110 -41.32 -23.15 16.01
N ASP B 111 -40.67 -24.27 16.26
CA ASP B 111 -39.25 -24.34 15.99
C ASP B 111 -39.01 -24.58 14.50
N GLU B 112 -37.81 -24.26 14.06
CA GLU B 112 -37.57 -24.09 12.64
C GLU B 112 -37.37 -25.43 11.95
N PHE B 113 -36.97 -26.46 12.68
CA PHE B 113 -36.96 -27.82 12.18
C PHE B 113 -38.28 -28.54 12.36
N GLY B 114 -39.28 -27.92 13.00
CA GLY B 114 -40.53 -28.57 13.29
C GLY B 114 -40.39 -29.64 14.35
N ILE B 115 -40.11 -29.22 15.58
CA ILE B 115 -39.69 -30.17 16.62
C ILE B 115 -40.91 -30.84 17.25
N GLN B 116 -41.81 -30.04 17.85
CA GLN B 116 -43.04 -30.40 18.59
C GLN B 116 -42.91 -31.60 19.54
N CYS B 117 -42.07 -31.45 20.56
CA CYS B 117 -41.98 -32.48 21.60
C CYS B 117 -43.17 -32.45 22.55
N GLU B 118 -43.26 -33.50 23.36
CA GLU B 118 -44.29 -33.66 24.37
C GLU B 118 -43.87 -32.95 25.65
N LYS B 119 -44.70 -33.05 26.70
CA LYS B 119 -44.44 -32.38 27.96
C LYS B 119 -43.45 -33.13 28.85
N ALA B 120 -43.11 -34.37 28.53
CA ALA B 120 -42.22 -35.16 29.35
C ALA B 120 -41.17 -35.92 28.55
N ASP B 121 -40.68 -35.35 27.44
CA ASP B 121 -39.68 -36.04 26.63
C ASP B 121 -38.31 -35.96 27.28
N ASN B 122 -37.91 -34.75 27.70
CA ASN B 122 -36.61 -34.38 28.30
C ASN B 122 -35.42 -34.75 27.40
N GLY B 123 -35.62 -34.57 26.09
CA GLY B 123 -34.61 -34.93 25.12
C GLY B 123 -34.07 -33.68 24.45
N GLU B 124 -32.97 -33.88 23.70
CA GLU B 124 -32.13 -32.76 23.28
C GLU B 124 -32.72 -32.00 22.10
N LYS B 125 -33.71 -32.58 21.41
CA LYS B 125 -34.37 -31.85 20.33
C LYS B 125 -35.32 -30.78 20.85
N CYS B 126 -35.88 -30.97 22.05
CA CYS B 126 -37.04 -30.23 22.52
C CYS B 126 -36.67 -28.83 22.98
N TYR B 127 -37.72 -28.02 23.19
CA TYR B 127 -37.55 -26.64 23.64
C TYR B 127 -37.09 -26.58 25.09
N LYS B 128 -37.48 -27.56 25.89
CA LYS B 128 -37.28 -27.49 27.34
C LYS B 128 -35.84 -27.75 27.73
N THR B 129 -35.16 -28.65 27.01
CA THR B 129 -33.78 -28.99 27.35
C THR B 129 -32.82 -27.89 26.93
N ARG B 130 -33.04 -27.30 25.74
CA ARG B 130 -32.24 -26.17 25.29
C ARG B 130 -32.54 -24.91 26.10
N CYS B 131 -33.79 -24.76 26.55
CA CYS B 131 -34.16 -23.58 27.31
C CYS B 131 -33.65 -23.67 28.74
N THR B 132 -33.63 -24.88 29.32
CA THR B 132 -33.02 -25.05 30.64
C THR B 132 -31.50 -25.04 30.57
N LYS B 133 -30.93 -25.34 29.40
CA LYS B 133 -29.51 -25.09 29.16
C LYS B 133 -29.22 -23.58 29.15
N GLY B 134 -30.16 -22.80 28.59
CA GLY B 134 -30.05 -21.34 28.64
C GLY B 134 -30.21 -20.77 30.03
N CYS B 135 -31.02 -21.41 30.87
CA CYS B 135 -31.14 -20.96 32.26
C CYS B 135 -30.08 -21.60 33.14
N ALA B 136 -29.30 -22.53 32.60
CA ALA B 136 -28.13 -23.01 33.32
C ALA B 136 -26.90 -22.16 33.00
N GLN B 137 -26.85 -21.58 31.78
CA GLN B 137 -25.64 -20.91 31.34
C GLN B 137 -25.69 -19.40 31.39
N TRP B 138 -26.61 -18.78 32.16
CA TRP B 138 -26.67 -17.33 32.13
C TRP B 138 -25.70 -16.69 33.13
N TYR B 139 -25.48 -17.32 34.28
CA TYR B 139 -24.66 -16.74 35.33
C TYR B 139 -23.18 -16.86 35.04
N ARG B 140 -22.78 -17.94 34.37
CA ARG B 140 -21.37 -18.13 34.04
C ARG B 140 -20.96 -17.23 32.89
N ALA B 141 -21.91 -16.84 32.04
CA ALA B 141 -21.63 -15.88 30.98
C ALA B 141 -21.51 -14.48 31.53
N LEU B 142 -22.15 -14.19 32.66
CA LEU B 142 -22.16 -12.84 33.17
C LEU B 142 -20.88 -12.51 33.92
N LYS B 143 -20.32 -13.48 34.66
CA LYS B 143 -19.09 -13.24 35.41
C LYS B 143 -17.89 -13.23 34.49
N GLU B 144 -17.88 -14.07 33.47
CA GLU B 144 -16.71 -14.26 32.62
C GLU B 144 -16.80 -13.45 31.34
N LEU B 145 -17.79 -12.54 31.25
CA LEU B 145 -18.03 -11.57 30.17
C LEU B 145 -18.25 -12.24 28.81
N GLU B 146 -18.88 -13.40 28.82
CA GLU B 146 -19.29 -14.05 27.59
C GLU B 146 -20.67 -13.55 27.19
N SER B 147 -20.89 -13.43 25.89
CA SER B 147 -22.23 -13.16 25.41
C SER B 147 -23.07 -14.43 25.46
N CYS B 148 -24.38 -14.26 25.35
CA CYS B 148 -25.28 -15.42 25.37
C CYS B 148 -25.26 -16.20 24.07
N GLN B 149 -24.78 -15.60 22.98
CA GLN B 149 -24.53 -16.36 21.76
C GLN B 149 -23.33 -17.27 21.91
N GLU B 150 -22.33 -16.85 22.69
CA GLU B 150 -21.12 -17.65 22.83
C GLU B 150 -21.23 -18.64 23.99
N ALA B 151 -22.08 -18.33 24.98
CA ALA B 151 -22.31 -19.30 26.04
C ALA B 151 -23.18 -20.45 25.58
N CYS B 152 -24.21 -20.15 24.80
CA CYS B 152 -25.11 -21.17 24.29
C CYS B 152 -24.71 -21.55 22.86
N LEU B 153 -23.54 -22.15 22.75
CA LEU B 153 -22.99 -22.61 21.48
C LEU B 153 -22.99 -24.13 21.48
N SER B 154 -23.81 -24.72 20.63
CA SER B 154 -23.93 -26.16 20.56
C SER B 154 -23.49 -26.64 19.19
N LEU B 155 -22.97 -27.86 19.13
CA LEU B 155 -22.54 -28.43 17.87
C LEU B 155 -23.67 -29.12 17.12
N GLN B 156 -24.83 -29.27 17.75
CA GLN B 156 -25.97 -29.85 17.06
C GLN B 156 -26.78 -28.79 16.34
N PHE B 157 -27.26 -27.79 17.07
CA PHE B 157 -28.05 -26.70 16.49
C PHE B 157 -27.09 -25.54 16.24
N TYR B 158 -26.64 -25.40 15.00
CA TYR B 158 -25.64 -24.42 14.63
C TYR B 158 -26.18 -23.52 13.54
N PRO B 159 -25.81 -22.22 13.51
CA PRO B 159 -24.92 -21.46 14.38
C PRO B 159 -25.59 -20.84 15.60
N TYR B 160 -26.92 -20.86 15.70
CA TYR B 160 -27.60 -20.20 16.81
C TYR B 160 -28.59 -21.15 17.44
N ASP B 161 -28.28 -21.63 18.64
CA ASP B 161 -29.24 -22.37 19.45
C ASP B 161 -30.18 -21.33 20.05
N MET B 162 -31.31 -21.12 19.37
CA MET B 162 -32.19 -19.99 19.65
C MET B 162 -32.91 -19.96 21.01
N PRO B 163 -33.51 -21.05 21.57
CA PRO B 163 -34.13 -20.90 22.90
C PRO B 163 -33.13 -20.82 24.04
N CYS B 164 -31.92 -21.33 23.83
CA CYS B 164 -30.83 -21.19 24.79
C CYS B 164 -30.40 -19.73 24.90
N ILE B 165 -30.30 -19.04 23.76
CA ILE B 165 -29.94 -17.63 23.69
C ILE B 165 -31.05 -16.76 24.26
N GLY B 166 -32.32 -17.11 23.97
CA GLY B 166 -33.46 -16.37 24.51
C GLY B 166 -33.64 -16.51 26.01
N ALA B 167 -33.38 -17.72 26.54
CA ALA B 167 -33.46 -17.93 27.99
C ALA B 167 -32.32 -17.26 28.73
N CYS B 168 -31.11 -17.25 28.12
CA CYS B 168 -29.96 -16.56 28.69
C CYS B 168 -30.15 -15.05 28.73
N GLU B 169 -30.70 -14.47 27.65
CA GLU B 169 -30.92 -13.02 27.58
C GLU B 169 -32.06 -12.58 28.49
N MET B 170 -33.11 -13.42 28.64
CA MET B 170 -34.23 -13.03 29.48
C MET B 170 -33.88 -13.18 30.96
N ALA B 171 -33.01 -14.14 31.29
CA ALA B 171 -32.50 -14.27 32.65
C ALA B 171 -31.55 -13.14 33.01
N GLN B 172 -30.78 -12.64 32.04
CA GLN B 172 -29.88 -11.52 32.33
C GLN B 172 -30.63 -10.20 32.48
N ARG B 173 -31.69 -9.98 31.69
CA ARG B 173 -32.49 -8.77 31.88
C ARG B 173 -33.35 -8.84 33.15
N ASP B 174 -33.77 -10.05 33.56
CA ASP B 174 -34.45 -10.21 34.84
C ASP B 174 -33.51 -9.97 36.02
N TYR B 175 -32.23 -10.36 35.87
CA TYR B 175 -31.23 -10.12 36.90
C TYR B 175 -30.92 -8.63 37.07
N TRP B 176 -30.77 -7.91 35.96
CA TRP B 176 -30.44 -6.49 36.07
C TRP B 176 -31.67 -5.66 36.48
N HIS B 177 -32.88 -6.13 36.15
CA HIS B 177 -34.10 -5.52 36.64
C HIS B 177 -34.26 -5.69 38.15
N LEU B 178 -33.93 -6.88 38.67
CA LEU B 178 -34.02 -7.11 40.10
C LEU B 178 -32.91 -6.39 40.88
N GLN B 179 -31.75 -6.20 40.25
CA GLN B 179 -30.69 -5.43 40.90
C GLN B 179 -31.00 -3.94 40.95
N ARG B 180 -31.63 -3.40 39.89
CA ARG B 180 -32.03 -1.99 39.88
C ARG B 180 -33.17 -1.72 40.84
N LEU B 181 -34.11 -2.67 40.97
CA LEU B 181 -35.17 -2.54 41.96
C LEU B 181 -34.67 -2.77 43.38
N ALA B 182 -33.55 -3.47 43.53
CA ALA B 182 -32.94 -3.57 44.86
C ALA B 182 -32.27 -2.28 45.27
N ILE B 183 -31.51 -1.64 44.39
CA ILE B 183 -30.59 -0.58 44.81
C ILE B 183 -31.16 0.82 44.48
N SER B 184 -32.41 0.89 44.00
CA SER B 184 -33.06 2.14 43.56
C SER B 184 -33.29 3.16 44.68
N HIS B 185 -33.67 2.69 45.88
CA HIS B 185 -33.88 3.60 47.00
C HIS B 185 -32.57 4.13 47.55
N LEU B 186 -31.52 3.30 47.56
CA LEU B 186 -30.22 3.73 48.06
C LEU B 186 -29.52 4.67 47.08
N VAL B 187 -29.83 4.55 45.78
CA VAL B 187 -29.35 5.53 44.83
C VAL B 187 -30.11 6.85 44.96
N GLU B 188 -31.45 6.78 45.04
CA GLU B 188 -32.24 8.00 44.95
C GLU B 188 -32.35 8.74 46.28
N ARG B 189 -31.86 8.14 47.38
CA ARG B 189 -31.77 8.91 48.62
C ARG B 189 -30.44 9.61 48.78
N THR B 190 -29.34 8.97 48.34
CA THR B 190 -28.00 9.43 48.68
C THR B 190 -27.55 10.54 47.74
N GLN B 191 -27.24 11.71 48.32
CA GLN B 191 -26.76 12.86 47.58
C GLN B 191 -25.25 12.84 47.49
N PRO B 192 -24.68 13.03 46.29
CA PRO B 192 -23.23 13.25 46.18
C PRO B 192 -22.82 14.59 46.75
N GLN B 193 -21.63 14.63 47.34
CA GLN B 193 -21.09 15.83 47.96
C GLN B 193 -19.87 16.28 47.18
N LEU B 194 -19.69 17.60 47.10
CA LEU B 194 -18.58 18.20 46.38
C LEU B 194 -17.56 18.72 47.39
N GLU B 195 -16.27 18.59 47.06
CA GLU B 195 -15.22 19.14 47.89
C GLU B 195 -14.05 19.56 47.00
N ARG B 196 -13.21 20.44 47.52
CA ARG B 196 -12.13 21.04 46.75
C ARG B 196 -10.97 21.44 47.65
N PRO B 206 -7.71 19.70 42.94
CA PRO B 206 -8.66 19.04 42.04
C PRO B 206 -10.03 18.85 42.66
N LEU B 207 -11.08 18.98 41.85
CA LEU B 207 -12.46 18.93 42.31
C LEU B 207 -12.86 17.48 42.52
N THR B 208 -13.47 17.18 43.66
CA THR B 208 -13.71 15.79 44.06
C THR B 208 -15.15 15.61 44.50
N ILE B 209 -15.84 14.68 43.84
CA ILE B 209 -17.18 14.25 44.24
C ILE B 209 -17.06 13.00 45.10
N ARG B 210 -17.59 13.05 46.31
CA ARG B 210 -17.72 11.87 47.15
C ARG B 210 -19.17 11.43 47.14
N TRP B 211 -19.40 10.22 46.67
CA TRP B 211 -20.72 9.60 46.73
C TRP B 211 -20.65 8.42 47.70
N ALA B 212 -21.64 8.30 48.56
CA ALA B 212 -21.65 7.26 49.60
C ALA B 212 -22.24 5.96 49.07
N MET B 213 -21.52 5.33 48.15
CA MET B 213 -21.93 4.10 47.51
C MET B 213 -20.72 3.19 47.34
N HIS B 214 -20.88 2.17 46.52
CA HIS B 214 -19.84 1.22 46.20
C HIS B 214 -20.11 0.67 44.81
N PHE B 215 -19.06 0.15 44.18
CA PHE B 215 -19.21 -0.55 42.91
C PHE B 215 -19.96 -1.88 43.12
N PRO B 216 -20.69 -2.36 42.11
CA PRO B 216 -21.38 -3.64 42.26
C PRO B 216 -20.43 -4.83 42.16
N GLU B 217 -21.00 -6.02 42.40
CA GLU B 217 -20.19 -7.23 42.44
C GLU B 217 -19.76 -7.70 41.06
N HIS B 218 -20.68 -7.69 40.10
CA HIS B 218 -20.35 -7.96 38.70
C HIS B 218 -20.17 -6.62 38.00
N TYR B 219 -19.04 -5.98 38.31
CA TYR B 219 -18.84 -4.58 37.99
C TYR B 219 -18.46 -4.39 36.52
N LEU B 220 -17.73 -5.35 35.96
CA LEU B 220 -17.32 -5.21 34.56
C LEU B 220 -18.40 -5.71 33.60
N ALA B 221 -19.44 -6.35 34.11
CA ALA B 221 -20.52 -6.82 33.24
C ALA B 221 -21.42 -5.67 32.82
N SER B 222 -21.51 -4.63 33.63
CA SER B 222 -22.43 -3.54 33.35
C SER B 222 -21.81 -2.51 32.42
N ARG B 223 -22.63 -1.54 32.02
CA ARG B 223 -22.16 -0.41 31.24
C ARG B 223 -21.42 0.59 32.13
N PRO B 224 -20.64 1.50 31.54
CA PRO B 224 -20.07 2.61 32.32
C PRO B 224 -21.08 3.56 32.93
N PHE B 225 -20.88 3.83 34.21
CA PHE B 225 -21.60 4.89 34.90
C PHE B 225 -21.08 6.24 34.43
N ASN B 226 -21.99 7.21 34.35
CA ASN B 226 -21.66 8.52 33.81
C ASN B 226 -21.90 9.60 34.85
N ILE B 227 -20.90 10.42 35.12
CA ILE B 227 -21.14 11.66 35.84
C ILE B 227 -21.73 12.66 34.85
N GLN B 228 -22.85 13.25 35.23
CA GLN B 228 -23.55 14.20 34.38
C GLN B 228 -23.53 15.57 35.04
N TYR B 229 -23.31 16.61 34.24
CA TYR B 229 -23.23 17.98 34.74
C TYR B 229 -24.35 18.81 34.14
N GLN B 230 -24.79 19.81 34.90
CA GLN B 230 -25.88 20.68 34.53
C GLN B 230 -25.53 22.10 34.92
N PHE B 231 -25.72 23.04 33.99
CA PHE B 231 -25.64 24.46 34.32
C PHE B 231 -26.84 24.85 35.17
N VAL B 232 -26.59 25.59 36.24
CA VAL B 232 -27.69 26.06 37.10
C VAL B 232 -28.44 27.18 36.41
N ASP B 233 -27.73 28.10 35.77
CA ASP B 233 -28.36 29.16 35.03
C ASP B 233 -27.67 29.41 33.69
N ALA B 256 -30.45 20.94 30.47
CA ALA B 256 -30.38 19.49 30.33
C ALA B 256 -29.06 18.96 30.87
N TRP B 257 -28.99 17.65 31.06
CA TRP B 257 -27.81 17.01 31.62
C TRP B 257 -26.92 16.51 30.50
N PHE B 258 -25.68 16.98 30.47
CA PHE B 258 -24.68 16.51 29.52
C PHE B 258 -23.67 15.63 30.23
N ASN B 259 -23.06 14.71 29.49
CA ASN B 259 -22.11 13.78 30.08
C ASN B 259 -20.76 14.46 30.28
N LEU B 260 -20.20 14.29 31.48
CA LEU B 260 -18.85 14.76 31.77
C LEU B 260 -17.86 13.81 31.13
N ALA B 261 -16.80 14.36 30.54
CA ALA B 261 -15.92 13.55 29.72
C ALA B 261 -14.74 12.99 30.50
N ASP B 262 -14.18 13.76 31.42
CA ASP B 262 -12.94 13.39 32.10
C ASP B 262 -13.15 13.30 33.60
N TYR B 263 -13.09 12.08 34.13
CA TYR B 263 -13.20 11.84 35.57
C TYR B 263 -12.44 10.58 35.95
N ASP B 264 -12.09 10.48 37.23
CA ASP B 264 -11.28 9.39 37.79
C ASP B 264 -11.92 8.88 39.06
N CYS B 265 -12.62 7.77 39.00
CA CYS B 265 -13.27 7.23 40.17
C CYS B 265 -12.59 5.94 40.62
N ASP B 266 -12.56 5.74 41.93
CA ASP B 266 -12.14 4.48 42.53
C ASP B 266 -13.39 3.72 42.97
N GLU B 267 -13.17 2.68 43.79
CA GLU B 267 -14.26 1.77 44.15
C GLU B 267 -15.19 2.38 45.19
N TYR B 268 -14.76 3.40 45.90
CA TYR B 268 -15.62 4.08 46.87
C TYR B 268 -16.21 5.37 46.33
N TYR B 269 -16.21 5.53 45.00
CA TYR B 269 -16.78 6.66 44.23
C TYR B 269 -16.17 8.01 44.60
N VAL B 270 -14.90 8.03 44.98
CA VAL B 270 -14.22 9.29 45.31
C VAL B 270 -13.65 9.80 43.99
N CYS B 271 -14.49 10.49 43.25
CA CYS B 271 -14.22 10.85 41.87
C CYS B 271 -13.52 12.20 41.78
N GLU B 272 -12.58 12.30 40.85
CA GLU B 272 -11.84 13.53 40.64
C GLU B 272 -12.08 14.01 39.22
N ILE B 273 -12.58 15.23 39.08
CA ILE B 273 -12.93 15.77 37.77
C ILE B 273 -11.66 16.32 37.15
N LEU B 274 -11.26 15.77 36.01
CA LEU B 274 -10.14 16.29 35.25
C LEU B 274 -10.59 17.12 34.05
N GLU B 275 -11.89 17.37 33.93
CA GLU B 275 -12.41 18.15 32.83
C GLU B 275 -12.15 19.63 33.06
N ALA B 276 -11.72 20.33 32.00
CA ALA B 276 -11.54 21.77 32.04
C ALA B 276 -12.93 22.41 32.04
N LEU B 277 -13.41 22.78 33.22
CA LEU B 277 -14.72 23.39 33.38
C LEU B 277 -14.70 24.83 32.89
N ILE B 278 -15.89 25.34 32.58
CA ILE B 278 -16.01 26.76 32.21
C ILE B 278 -15.89 27.60 33.48
N PRO B 279 -14.98 28.58 33.52
CA PRO B 279 -14.84 29.40 34.73
C PRO B 279 -15.98 30.37 34.94
N TYR B 280 -16.24 30.64 36.23
CA TYR B 280 -17.32 31.47 36.78
C TYR B 280 -18.70 31.02 36.31
N THR B 281 -18.91 29.70 36.31
CA THR B 281 -20.21 29.12 36.01
C THR B 281 -20.57 28.16 37.12
N GLN B 282 -21.79 28.28 37.65
CA GLN B 282 -22.25 27.36 38.67
C GLN B 282 -22.63 26.03 38.05
N TYR B 283 -22.40 24.94 38.79
CA TYR B 283 -22.58 23.60 38.24
C TYR B 283 -23.33 22.73 39.23
N ARG B 284 -24.03 21.73 38.69
CA ARG B 284 -24.58 20.64 39.48
C ARG B 284 -24.15 19.33 38.84
N PHE B 285 -23.91 18.32 39.67
CA PHE B 285 -23.41 17.04 39.19
C PHE B 285 -24.29 15.92 39.72
N ARG B 286 -24.36 14.83 38.95
CA ARG B 286 -25.13 13.66 39.37
C ARG B 286 -24.53 12.41 38.74
N PHE B 287 -24.91 11.26 39.28
CA PHE B 287 -24.43 9.98 38.77
C PHE B 287 -25.54 9.27 38.01
N GLU B 288 -25.16 8.62 36.91
CA GLU B 288 -26.04 7.77 36.11
C GLU B 288 -25.48 6.36 36.16
N LEU B 289 -26.24 5.43 36.74
CA LEU B 289 -25.81 4.04 36.80
C LEU B 289 -26.64 3.23 35.83
N PRO B 290 -26.08 2.75 34.71
CA PRO B 290 -26.80 1.78 33.90
C PRO B 290 -26.67 0.39 34.48
N PHE B 291 -27.56 -0.49 34.08
CA PHE B 291 -27.59 -1.86 34.61
C PHE B 291 -27.69 -2.82 33.44
N GLY B 292 -26.56 -3.38 33.04
CA GLY B 292 -26.51 -4.21 31.86
C GLY B 292 -26.54 -3.37 30.59
N GLU B 293 -26.75 -4.04 29.48
CA GLU B 293 -26.80 -3.38 28.18
C GLU B 293 -28.17 -2.81 27.85
N ASN B 294 -29.17 -3.02 28.71
CA ASN B 294 -30.51 -2.50 28.46
C ASN B 294 -30.54 -1.00 28.74
N ARG B 295 -31.07 -0.23 27.79
CA ARG B 295 -31.03 1.23 27.90
C ARG B 295 -32.15 1.77 28.76
N ASP B 296 -33.15 0.93 29.07
CA ASP B 296 -34.25 1.38 29.93
C ASP B 296 -33.83 1.40 31.39
N GLU B 297 -32.96 0.46 31.79
CA GLU B 297 -32.61 0.28 33.20
C GLU B 297 -31.41 1.16 33.56
N VAL B 298 -31.70 2.44 33.78
CA VAL B 298 -30.72 3.38 34.31
C VAL B 298 -31.27 3.94 35.62
N LEU B 299 -30.37 4.35 36.50
CA LEU B 299 -30.73 5.07 37.71
C LEU B 299 -30.01 6.41 37.69
N TYR B 300 -30.68 7.43 38.21
CA TYR B 300 -30.08 8.74 38.34
C TYR B 300 -29.99 9.10 39.81
N SER B 301 -28.81 9.52 40.22
CA SER B 301 -28.60 10.05 41.56
C SER B 301 -29.18 11.45 41.67
N PRO B 302 -29.46 11.93 42.89
CA PRO B 302 -29.81 13.34 43.06
C PRO B 302 -28.64 14.27 42.77
N ALA B 303 -28.97 15.53 42.52
CA ALA B 303 -27.96 16.49 42.11
C ALA B 303 -27.15 16.98 43.31
N THR B 304 -25.95 17.46 43.02
CA THR B 304 -25.06 18.02 44.03
C THR B 304 -25.55 19.40 44.48
N PRO B 305 -25.07 19.88 45.64
CA PRO B 305 -25.14 21.31 45.92
C PRO B 305 -24.31 22.11 44.92
N ALA B 306 -24.76 23.32 44.63
CA ALA B 306 -24.28 24.07 43.47
C ALA B 306 -22.91 24.67 43.74
N TYR B 307 -21.95 24.32 42.88
CA TYR B 307 -20.58 24.77 42.98
C TYR B 307 -20.24 25.67 41.82
N GLN B 308 -19.73 26.86 42.13
CA GLN B 308 -19.29 27.83 41.14
C GLN B 308 -17.81 27.64 40.91
N THR B 309 -17.41 27.65 39.65
CA THR B 309 -15.99 27.62 39.31
C THR B 309 -15.37 28.96 39.68
N PRO B 310 -14.13 28.97 40.19
CA PRO B 310 -13.46 30.25 40.47
C PRO B 310 -13.14 31.02 39.21
N PRO B 311 -13.18 32.36 39.27
CA PRO B 311 -13.06 33.15 38.03
C PRO B 311 -11.62 33.26 37.54
N GLU B 312 -11.45 33.06 36.23
CA GLU B 312 -10.16 33.21 35.59
C GLU B 312 -10.36 33.47 34.11
N GLY B 313 -9.59 34.40 33.56
CA GLY B 313 -9.44 34.52 32.13
C GLY B 313 -10.41 35.49 31.48
N ALA B 314 -10.22 35.61 30.17
CA ALA B 314 -11.05 36.46 29.31
C ALA B 314 -12.46 35.86 29.17
N PRO B 315 -13.47 36.69 28.93
CA PRO B 315 -14.79 36.14 28.59
C PRO B 315 -14.79 35.47 27.22
N ILE B 316 -15.58 34.41 27.10
CA ILE B 316 -15.66 33.66 25.85
C ILE B 316 -16.99 33.82 25.16
N SER B 317 -17.92 34.56 25.76
CA SER B 317 -19.24 34.77 25.20
C SER B 317 -19.38 36.24 24.82
N ALA B 318 -19.80 36.49 23.58
CA ALA B 318 -20.06 37.86 23.15
C ALA B 318 -21.35 38.36 23.77
N PRO B 319 -21.44 39.65 24.12
CA PRO B 319 -22.71 40.17 24.65
C PRO B 319 -23.72 40.36 23.52
N VAL B 320 -24.84 39.65 23.63
CA VAL B 320 -25.86 39.64 22.60
C VAL B 320 -26.71 40.89 22.76
N ILE B 321 -26.79 41.70 21.71
CA ILE B 321 -27.62 42.89 21.73
C ILE B 321 -29.10 42.51 21.63
N GLU B 322 -29.92 43.19 22.42
CA GLU B 322 -31.36 43.00 22.29
C GLU B 322 -31.91 43.86 21.16
N HIS B 323 -31.78 45.18 21.30
CA HIS B 323 -32.37 46.09 20.33
C HIS B 323 -31.36 47.17 19.98
N LEU B 324 -31.37 47.58 18.72
CA LEU B 324 -30.38 48.51 18.19
C LEU B 324 -31.05 49.28 17.07
N MET B 325 -31.33 50.56 17.30
CA MET B 325 -32.02 51.35 16.28
C MET B 325 -31.62 52.81 16.36
N GLY B 326 -31.85 53.52 15.25
CA GLY B 326 -31.62 54.94 15.20
C GLY B 326 -32.82 55.70 15.70
N LEU B 327 -32.60 56.52 16.73
CA LEU B 327 -33.67 57.36 17.27
C LEU B 327 -34.03 58.49 16.31
N ASP B 328 -33.02 59.19 15.82
CA ASP B 328 -33.18 60.23 14.81
C ASP B 328 -31.89 60.28 14.00
N ASP B 329 -31.67 61.40 13.31
CA ASP B 329 -30.53 61.53 12.41
C ASP B 329 -29.20 61.74 13.13
N SER B 330 -29.22 62.06 14.44
CA SER B 330 -27.99 62.34 15.17
C SER B 330 -27.71 61.37 16.32
N HIS B 331 -28.68 60.57 16.74
CA HIS B 331 -28.50 59.68 17.88
C HIS B 331 -28.74 58.23 17.47
N LEU B 332 -28.31 57.32 18.34
CA LEU B 332 -28.39 55.89 18.11
C LEU B 332 -28.54 55.18 19.45
N ALA B 333 -29.51 54.28 19.55
CA ALA B 333 -29.81 53.63 20.82
C ALA B 333 -29.58 52.12 20.74
N VAL B 334 -29.03 51.57 21.82
CA VAL B 334 -28.78 50.14 21.94
C VAL B 334 -29.15 49.69 23.35
N HIS B 335 -29.84 48.56 23.43
CA HIS B 335 -30.09 47.84 24.67
C HIS B 335 -29.58 46.42 24.48
N TRP B 336 -28.90 45.90 25.50
CA TRP B 336 -28.30 44.58 25.45
C TRP B 336 -28.41 43.91 26.80
N HIS B 337 -28.14 42.61 26.81
CA HIS B 337 -28.04 41.81 28.02
C HIS B 337 -26.65 41.19 28.05
N PRO B 338 -26.14 40.81 29.23
CA PRO B 338 -24.86 40.09 29.28
C PRO B 338 -24.95 38.68 28.71
N GLY B 339 -23.79 38.15 28.34
CA GLY B 339 -23.68 36.82 27.79
C GLY B 339 -23.74 35.74 28.85
N ARG B 340 -23.62 34.49 28.40
CA ARG B 340 -23.79 33.36 29.30
C ARG B 340 -22.56 33.12 30.16
N PHE B 341 -21.40 32.96 29.53
CA PHE B 341 -20.16 32.70 30.25
C PHE B 341 -19.40 34.01 30.38
N THR B 342 -19.58 34.69 31.50
CA THR B 342 -18.92 35.98 31.71
C THR B 342 -17.46 35.83 32.07
N ASN B 343 -17.08 34.68 32.66
CA ASN B 343 -15.76 34.23 33.08
C ASN B 343 -15.12 35.18 34.09
N GLY B 344 -15.90 35.79 34.97
CA GLY B 344 -15.39 36.71 35.94
C GLY B 344 -16.53 37.60 36.42
N PRO B 345 -16.31 38.36 37.49
CA PRO B 345 -17.27 39.40 37.86
C PRO B 345 -17.28 40.52 36.84
N ILE B 346 -18.47 41.03 36.55
CA ILE B 346 -18.66 41.96 35.45
C ILE B 346 -18.19 43.36 35.85
N GLU B 347 -17.40 43.98 34.97
CA GLU B 347 -16.88 45.32 35.23
C GLU B 347 -17.43 46.33 34.24
N GLY B 348 -17.24 46.15 32.95
CA GLY B 348 -17.64 47.15 31.97
C GLY B 348 -17.81 46.62 30.57
N TYR B 349 -18.69 47.27 29.82
CA TYR B 349 -18.89 46.94 28.42
C TYR B 349 -18.29 48.05 27.57
N ARG B 350 -17.62 47.64 26.48
CA ARG B 350 -16.96 48.61 25.58
C ARG B 350 -17.71 48.68 24.25
N LEU B 351 -18.11 49.89 23.86
CA LEU B 351 -18.86 50.12 22.63
C LEU B 351 -17.97 50.85 21.63
N ARG B 352 -17.91 50.35 20.40
CA ARG B 352 -17.15 50.97 19.33
C ARG B 352 -18.10 51.25 18.17
N LEU B 353 -18.16 52.50 17.74
CA LEU B 353 -19.09 52.89 16.70
C LEU B 353 -18.30 53.41 15.50
N SER B 354 -18.48 52.77 14.35
CA SER B 354 -17.71 53.12 13.16
C SER B 354 -18.60 53.51 11.99
N THR B 361 -13.69 56.92 14.69
CA THR B 361 -14.67 55.97 15.26
C THR B 361 -14.97 56.34 16.71
N SER B 362 -16.14 55.97 17.22
CA SER B 362 -16.53 56.40 18.59
C SER B 362 -16.44 55.22 19.57
N GLU B 363 -15.64 55.37 20.63
CA GLU B 363 -15.51 54.30 21.64
C GLU B 363 -15.99 54.83 22.99
N GLN B 364 -16.57 53.98 23.82
CA GLN B 364 -17.10 54.38 25.11
C GLN B 364 -17.18 53.18 26.05
N LEU B 365 -16.75 53.40 27.30
CA LEU B 365 -16.83 52.40 28.35
C LEU B 365 -18.06 52.68 29.20
N VAL B 366 -18.81 51.64 29.52
CA VAL B 366 -19.99 51.78 30.37
C VAL B 366 -19.84 50.77 31.50
N PRO B 367 -20.28 51.08 32.74
CA PRO B 367 -20.16 50.09 33.83
C PRO B 367 -21.13 48.92 33.77
N ALA B 368 -21.08 48.10 34.82
CA ALA B 368 -21.73 46.80 34.81
C ALA B 368 -23.24 46.89 35.03
N GLY B 369 -23.71 47.92 35.74
CA GLY B 369 -25.13 48.00 36.04
C GLY B 369 -25.96 48.50 34.87
N ARG B 370 -25.34 49.19 33.92
CA ARG B 370 -26.05 49.75 32.79
C ARG B 370 -25.94 48.83 31.58
N GLY B 371 -27.08 48.61 30.92
CA GLY B 371 -27.10 47.80 29.72
C GLY B 371 -27.78 48.50 28.56
N SER B 372 -27.72 49.83 28.55
CA SER B 372 -28.39 50.62 27.53
C SER B 372 -27.59 51.88 27.28
N TYR B 373 -27.26 52.15 26.02
CA TYR B 373 -26.50 53.34 25.68
C TYR B 373 -27.06 54.03 24.45
N ILE B 374 -26.95 55.36 24.45
CA ILE B 374 -27.40 56.20 23.34
C ILE B 374 -26.25 57.12 22.95
N PHE B 375 -25.81 57.01 21.70
CA PHE B 375 -24.76 57.86 21.16
C PHE B 375 -25.36 59.18 20.67
N SER B 376 -24.49 60.08 20.23
CA SER B 376 -24.92 61.38 19.77
C SER B 376 -23.98 61.89 18.70
N GLN B 377 -24.45 62.93 17.99
CA GLN B 377 -23.73 63.73 16.97
C GLN B 377 -23.26 62.87 15.78
N LEU B 378 -24.17 62.07 15.26
CA LEU B 378 -23.86 61.17 14.16
C LEU B 378 -24.19 61.81 12.82
N GLN B 379 -23.64 61.25 11.74
CA GLN B 379 -23.97 61.68 10.39
C GLN B 379 -25.34 61.16 10.01
N ALA B 380 -26.08 61.96 9.24
CA ALA B 380 -27.43 61.58 8.85
C ALA B 380 -27.41 60.72 7.58
N GLY B 381 -28.18 59.63 7.60
CA GLY B 381 -28.45 58.87 6.40
C GLY B 381 -27.37 57.91 5.91
N THR B 382 -26.43 57.58 6.76
CA THR B 382 -25.47 56.50 6.54
C THR B 382 -25.70 55.44 7.61
N ASN B 383 -25.35 54.17 7.34
CA ASN B 383 -25.42 53.25 8.47
C ASN B 383 -24.09 53.26 9.19
N TYR B 384 -24.16 53.02 10.49
CA TYR B 384 -23.04 52.82 11.38
C TYR B 384 -22.92 51.35 11.74
N THR B 385 -21.74 50.98 12.19
CA THR B 385 -21.45 49.63 12.64
C THR B 385 -21.06 49.67 14.12
N LEU B 386 -21.82 48.96 14.94
CA LEU B 386 -21.57 48.92 16.37
C LEU B 386 -20.91 47.60 16.76
N ALA B 387 -19.81 47.70 17.50
CA ALA B 387 -19.03 46.57 17.97
C ALA B 387 -19.06 46.60 19.50
N LEU B 388 -19.67 45.58 20.10
CA LEU B 388 -19.85 45.54 21.55
C LEU B 388 -19.00 44.44 22.14
N SER B 389 -18.30 44.74 23.23
CA SER B 389 -17.45 43.75 23.88
C SER B 389 -17.63 43.80 25.40
N MET B 390 -17.33 42.66 26.03
CA MET B 390 -17.48 42.46 27.46
C MET B 390 -16.10 42.53 28.11
N ILE B 391 -15.99 43.26 29.23
CA ILE B 391 -14.73 43.45 29.95
C ILE B 391 -14.96 43.10 31.41
N ASN B 392 -14.21 42.11 31.90
CA ASN B 392 -14.11 41.77 33.30
C ASN B 392 -12.72 42.22 33.80
N LYS B 393 -12.36 41.81 35.03
CA LYS B 393 -11.08 42.16 35.63
C LYS B 393 -9.88 41.51 34.93
N GLN B 394 -10.07 40.39 34.25
CA GLN B 394 -8.95 39.70 33.63
C GLN B 394 -8.69 40.14 32.21
N GLY B 395 -9.72 40.41 31.42
CA GLY B 395 -9.50 40.76 30.03
C GLY B 395 -10.76 41.22 29.33
N GLU B 396 -10.73 41.13 28.01
CA GLU B 396 -11.79 41.59 27.14
C GLU B 396 -12.30 40.42 26.30
N GLY B 397 -13.63 40.29 26.22
CA GLY B 397 -14.24 39.15 25.55
C GLY B 397 -14.36 39.33 24.05
N PRO B 398 -15.23 38.53 23.43
CA PRO B 398 -15.41 38.62 21.98
C PRO B 398 -16.28 39.82 21.61
N VAL B 399 -16.32 40.07 20.31
CA VAL B 399 -16.91 41.29 19.79
C VAL B 399 -18.17 40.96 18.98
N ALA B 400 -19.28 41.59 19.38
CA ALA B 400 -20.57 41.44 18.71
C ALA B 400 -20.74 42.54 17.67
N LYS B 401 -21.29 42.16 16.52
CA LYS B 401 -21.23 42.94 15.30
C LYS B 401 -22.65 43.41 14.97
N GLY B 402 -22.81 44.67 14.58
CA GLY B 402 -24.13 45.18 14.28
C GLY B 402 -24.11 46.26 13.21
N PHE B 403 -25.10 46.20 12.32
CA PHE B 403 -25.27 47.15 11.21
C PHE B 403 -26.56 47.91 11.44
N VAL B 404 -26.49 49.25 11.55
CA VAL B 404 -27.67 50.01 11.93
C VAL B 404 -27.70 51.41 11.28
N GLN B 405 -28.81 51.70 10.60
CA GLN B 405 -28.99 52.97 9.92
C GLN B 405 -29.45 54.04 10.89
N THR B 406 -29.04 55.27 10.63
CA THR B 406 -29.69 56.41 11.26
C THR B 406 -30.88 56.85 10.43
N HIS B 407 -31.68 57.75 10.99
CA HIS B 407 -32.77 58.36 10.25
C HIS B 407 -32.19 59.36 9.24
N SER B 408 -32.87 59.51 8.11
CA SER B 408 -32.45 60.44 7.08
C SER B 408 -32.69 61.89 7.51
N ALA B 409 -32.02 62.81 6.83
CA ALA B 409 -32.05 64.22 7.21
C ALA B 409 -33.37 64.86 6.77
N ARG B 410 -33.99 65.60 7.69
CA ARG B 410 -35.23 66.30 7.41
C ARG B 410 -34.94 67.51 6.52
N ASN B 411 -35.93 67.87 5.69
CA ASN B 411 -35.82 69.03 4.83
C ASN B 411 -35.89 70.32 5.64
N GLU B 412 -34.92 71.20 5.42
CA GLU B 412 -34.78 72.43 6.19
C GLU B 412 -35.52 73.56 5.49
N LYS B 413 -36.65 73.96 6.04
CA LYS B 413 -37.39 75.09 5.51
C LYS B 413 -36.72 76.38 5.94
N PRO B 414 -36.51 77.35 5.05
CA PRO B 414 -35.89 78.61 5.45
C PRO B 414 -36.92 79.57 6.02
N ALA B 415 -36.47 80.80 6.29
CA ALA B 415 -37.35 81.84 6.80
C ALA B 415 -38.32 82.34 5.73
N LYS B 416 -37.91 82.34 4.47
CA LYS B 416 -38.76 82.81 3.38
C LYS B 416 -39.82 81.80 3.00
N ASP B 417 -39.59 80.51 3.27
CA ASP B 417 -40.51 79.44 2.90
C ASP B 417 -40.90 78.63 4.12
N LEU B 418 -41.25 79.33 5.20
CA LEU B 418 -41.74 78.71 6.42
C LEU B 418 -43.26 78.81 6.40
N THR B 419 -43.94 77.67 6.22
CA THR B 419 -45.38 77.63 6.04
C THR B 419 -46.10 77.07 7.25
N GLU B 420 -45.43 76.97 8.39
CA GLU B 420 -46.03 76.35 9.57
C GLU B 420 -46.94 77.32 10.31
N SER B 421 -47.68 76.79 11.26
CA SER B 421 -48.58 77.57 12.09
C SER B 421 -48.40 77.15 13.54
N VAL B 422 -48.45 78.12 14.45
CA VAL B 422 -48.32 77.86 15.88
C VAL B 422 -49.59 78.34 16.58
N LEU B 423 -49.85 77.75 17.75
CA LEU B 423 -50.93 78.17 18.64
C LEU B 423 -50.29 78.44 19.98
N LEU B 424 -50.15 79.71 20.34
CA LEU B 424 -49.57 80.02 21.65
C LEU B 424 -50.71 80.29 22.62
N VAL B 425 -50.72 79.52 23.70
CA VAL B 425 -51.72 79.62 24.75
C VAL B 425 -51.07 80.27 25.95
N GLY B 426 -51.50 81.48 26.28
CA GLY B 426 -51.21 82.12 27.54
C GLY B 426 -52.33 81.81 28.53
N ARG B 427 -52.16 82.33 29.75
CA ARG B 427 -53.13 82.08 30.82
C ARG B 427 -54.43 82.85 30.60
N ARG B 428 -54.35 84.03 30.01
CA ARG B 428 -55.53 84.85 29.79
C ARG B 428 -55.79 85.20 28.33
N ALA B 429 -54.86 84.96 27.43
CA ALA B 429 -55.04 85.26 26.01
C ALA B 429 -54.43 84.14 25.18
N VAL B 430 -55.20 83.62 24.22
CA VAL B 430 -54.80 82.52 23.36
C VAL B 430 -54.78 83.04 21.94
N MET B 431 -53.64 82.87 21.25
CA MET B 431 -53.55 83.43 19.90
C MET B 431 -52.85 82.47 18.94
N TRP B 432 -53.42 82.36 17.76
CA TRP B 432 -52.92 81.55 16.66
C TRP B 432 -52.13 82.43 15.69
N GLN B 433 -50.98 81.91 15.25
CA GLN B 433 -50.03 82.75 14.53
C GLN B 433 -49.44 81.98 13.35
N SER B 434 -49.23 82.69 12.24
CA SER B 434 -48.67 82.12 11.02
C SER B 434 -47.17 82.40 10.97
N LEU B 435 -46.38 81.37 10.63
CA LEU B 435 -44.93 81.51 10.55
C LEU B 435 -44.45 81.91 9.16
N GLU B 436 -45.30 82.49 8.34
CA GLU B 436 -44.90 83.08 7.09
C GLU B 436 -44.21 84.42 7.35
N PRO B 437 -43.43 84.94 6.38
CA PRO B 437 -43.02 86.35 6.44
C PRO B 437 -44.18 87.35 6.39
N ALA B 438 -45.26 87.01 5.68
CA ALA B 438 -46.52 87.73 5.77
C ALA B 438 -47.46 86.87 6.62
N GLY B 439 -47.32 87.00 7.94
CA GLY B 439 -48.12 86.20 8.84
C GLY B 439 -49.22 86.97 9.53
N GLU B 440 -50.32 86.30 9.84
CA GLU B 440 -51.50 86.91 10.46
C GLU B 440 -51.47 86.57 11.94
N ASN B 441 -51.35 87.61 12.77
CA ASN B 441 -51.08 87.45 14.21
C ASN B 441 -52.44 87.55 14.91
N SER B 442 -53.25 86.51 14.80
CA SER B 442 -54.70 86.67 14.88
C SER B 442 -55.32 85.95 16.08
N MET B 443 -56.19 86.69 16.76
CA MET B 443 -56.98 86.27 17.91
C MET B 443 -57.89 85.08 17.63
N ILE B 444 -57.85 84.09 18.52
CA ILE B 444 -58.77 82.96 18.49
C ILE B 444 -59.63 82.93 19.76
N TYR B 445 -59.05 83.06 20.96
CA TYR B 445 -59.84 83.00 22.19
C TYR B 445 -59.22 83.80 23.33
N GLN B 446 -60.05 84.62 23.96
CA GLN B 446 -59.68 85.34 25.17
C GLN B 446 -60.55 84.85 26.32
N SER B 447 -59.91 84.46 27.43
CA SER B 447 -60.61 84.02 28.62
C SER B 447 -60.13 84.86 29.80
N GLN B 448 -61.07 85.48 30.52
CA GLN B 448 -60.71 86.32 31.65
C GLN B 448 -60.29 85.50 32.86
N GLU B 449 -60.81 84.28 32.98
CA GLU B 449 -60.39 83.37 34.04
C GLU B 449 -59.05 82.77 33.67
N GLU B 450 -58.22 82.48 34.67
CA GLU B 450 -56.95 81.83 34.42
C GLU B 450 -57.16 80.34 34.16
N LEU B 451 -56.60 79.86 33.06
CA LEU B 451 -56.72 78.47 32.66
C LEU B 451 -55.54 77.68 33.21
N ALA B 452 -55.82 76.55 33.85
CA ALA B 452 -54.75 75.74 34.41
C ALA B 452 -54.03 74.94 33.34
N ASP B 453 -54.78 74.28 32.45
CA ASP B 453 -54.15 73.44 31.43
C ASP B 453 -55.05 73.39 30.20
N ILE B 454 -54.46 72.99 29.07
CA ILE B 454 -55.14 72.80 27.81
C ILE B 454 -54.97 71.37 27.35
N ALA B 455 -55.82 70.97 26.41
CA ALA B 455 -55.66 69.72 25.68
C ALA B 455 -55.95 70.00 24.22
N TRP B 456 -55.10 69.51 23.32
CA TRP B 456 -55.14 69.87 21.91
C TRP B 456 -55.38 68.64 21.05
N SER B 457 -56.30 68.74 20.10
CA SER B 457 -56.60 67.67 19.15
C SER B 457 -56.16 68.08 17.76
N LYS B 458 -55.93 67.10 16.90
CA LYS B 458 -55.44 67.39 15.56
C LYS B 458 -56.51 67.25 14.48
N ARG B 459 -57.24 66.13 14.43
CA ARG B 459 -58.28 65.97 13.43
C ARG B 459 -59.52 66.77 13.79
N GLU B 460 -59.87 66.81 15.08
CA GLU B 460 -61.00 67.60 15.52
C GLU B 460 -60.68 69.09 15.60
N GLN B 461 -59.41 69.43 15.86
CA GLN B 461 -58.90 70.76 16.25
C GLN B 461 -59.70 71.35 17.41
N GLN B 462 -59.57 70.72 18.56
CA GLN B 462 -60.32 71.12 19.74
C GLN B 462 -59.36 71.40 20.88
N LEU B 463 -59.50 72.56 21.51
CA LEU B 463 -58.70 72.96 22.65
C LEU B 463 -59.59 72.88 23.89
N TRP B 464 -59.49 71.78 24.63
CA TRP B 464 -60.11 71.68 25.94
C TRP B 464 -59.38 72.60 26.91
N LEU B 465 -60.15 73.31 27.74
CA LEU B 465 -59.61 74.30 28.66
C LEU B 465 -60.05 73.96 30.08
N LEU B 466 -59.06 73.70 30.95
CA LEU B 466 -59.33 73.44 32.36
C LEU B 466 -58.78 74.61 33.15
N ASN B 467 -59.64 75.25 33.95
CA ASN B 467 -59.30 76.46 34.68
C ASN B 467 -58.82 76.12 36.09
N VAL B 468 -58.68 77.16 36.91
CA VAL B 468 -58.15 76.98 38.26
C VAL B 468 -59.20 76.47 39.24
N HIS B 469 -60.48 76.56 38.91
CA HIS B 469 -61.53 76.09 39.82
C HIS B 469 -61.91 74.63 39.59
N GLY B 470 -61.54 74.04 38.46
CA GLY B 470 -61.76 72.63 38.22
C GLY B 470 -62.82 72.30 37.20
N GLU B 471 -63.61 73.28 36.75
CA GLU B 471 -64.61 73.01 35.73
C GLU B 471 -63.99 73.05 34.34
N LEU B 472 -64.53 72.24 33.43
CA LEU B 472 -63.93 71.99 32.12
C LEU B 472 -64.75 72.63 31.03
N ARG B 473 -64.12 73.44 30.19
CA ARG B 473 -64.76 74.03 29.02
C ARG B 473 -64.16 73.39 27.78
N SER B 474 -64.96 72.56 27.11
CA SER B 474 -64.58 71.95 25.85
C SER B 474 -64.85 72.97 24.74
N LEU B 475 -63.82 73.33 23.99
CA LEU B 475 -63.89 74.42 23.02
C LEU B 475 -63.36 73.93 21.68
N LYS B 476 -64.25 73.77 20.72
CA LYS B 476 -63.87 73.39 19.37
C LYS B 476 -63.53 74.62 18.55
N PHE B 477 -62.41 74.57 17.85
CA PHE B 477 -62.06 75.61 16.88
C PHE B 477 -61.87 74.98 15.51
N GLU B 478 -61.47 75.82 14.55
CA GLU B 478 -61.17 75.35 13.19
C GLU B 478 -60.20 76.34 12.57
N SER B 479 -58.95 75.90 12.41
CA SER B 479 -57.84 76.60 11.70
C SER B 479 -57.51 77.96 12.29
N GLY B 480 -57.64 78.11 13.60
CA GLY B 480 -57.25 79.35 14.25
C GLY B 480 -58.36 80.34 14.51
N GLN B 481 -59.62 79.93 14.41
CA GLN B 481 -60.75 80.80 14.70
C GLN B 481 -61.92 79.97 15.22
N MET B 482 -62.88 80.66 15.84
CA MET B 482 -64.12 80.07 16.34
C MET B 482 -65.04 79.47 15.28
N VAL B 483 -65.42 78.22 15.53
CA VAL B 483 -66.53 77.58 14.84
C VAL B 483 -67.59 77.11 15.84
N SER B 484 -67.23 76.97 17.12
CA SER B 484 -68.10 76.53 18.19
C SER B 484 -67.63 77.19 19.48
N PRO B 485 -68.53 77.55 20.40
CA PRO B 485 -68.08 78.13 21.67
C PRO B 485 -67.70 77.06 22.68
N ALA B 486 -67.37 77.50 23.89
CA ALA B 486 -67.02 76.59 24.97
C ALA B 486 -68.26 76.00 25.60
N GLN B 487 -68.21 74.70 25.90
CA GLN B 487 -69.31 73.99 26.53
C GLN B 487 -68.81 73.41 27.85
N GLN B 488 -69.60 73.58 28.91
CA GLN B 488 -69.26 73.03 30.21
C GLN B 488 -69.48 71.52 30.23
N LEU B 489 -68.39 70.78 30.45
CA LEU B 489 -68.45 69.33 30.47
C LEU B 489 -68.23 68.85 31.91
N LYS B 490 -69.17 68.03 32.39
CA LYS B 490 -69.13 67.55 33.77
C LYS B 490 -68.53 66.16 33.80
N LEU B 491 -67.59 65.93 34.71
CA LEU B 491 -66.93 64.65 34.88
C LEU B 491 -67.68 63.84 35.92
N ASP B 492 -67.88 62.56 35.64
CA ASP B 492 -68.48 61.65 36.61
C ASP B 492 -67.46 61.29 37.67
N LEU B 493 -67.86 61.36 38.93
CA LEU B 493 -66.95 61.00 40.02
C LEU B 493 -67.00 59.51 40.31
N GLY B 494 -68.16 59.00 40.70
CA GLY B 494 -68.35 57.57 40.91
C GLY B 494 -67.82 57.03 42.23
N ASN B 495 -67.85 55.70 42.34
CA ASN B 495 -67.48 55.00 43.56
C ASN B 495 -65.98 54.82 43.72
N ILE B 496 -65.20 55.07 42.68
CA ILE B 496 -63.76 55.25 42.84
C ILE B 496 -63.50 56.56 43.61
N SER B 497 -64.22 57.62 43.22
CA SER B 497 -64.03 58.94 43.80
C SER B 497 -64.83 59.11 45.09
N SER B 498 -64.18 58.81 46.21
CA SER B 498 -64.86 58.92 47.50
C SER B 498 -64.93 60.37 47.98
N GLY B 499 -63.82 61.09 47.89
CA GLY B 499 -63.75 62.45 48.41
C GLY B 499 -63.89 63.50 47.32
N ARG B 500 -63.58 64.74 47.72
CA ARG B 500 -63.52 65.82 46.76
C ARG B 500 -62.15 65.83 46.07
N TRP B 501 -62.20 66.00 44.75
CA TRP B 501 -61.03 66.04 43.87
C TRP B 501 -61.23 67.13 42.83
N VAL B 502 -60.30 68.08 42.76
CA VAL B 502 -60.42 69.26 41.91
C VAL B 502 -59.43 69.13 40.75
N PRO B 503 -59.89 69.08 39.49
CA PRO B 503 -58.98 68.81 38.37
C PRO B 503 -58.14 70.02 37.96
N ARG B 504 -56.88 69.74 37.58
CA ARG B 504 -55.93 70.76 37.14
C ARG B 504 -55.28 70.49 35.79
N ARG B 505 -55.12 69.24 35.36
CA ARG B 505 -54.30 68.93 34.19
C ARG B 505 -55.12 68.25 33.11
N LEU B 506 -54.58 68.29 31.88
CA LEU B 506 -55.26 67.78 30.70
C LEU B 506 -54.26 67.15 29.73
N SER B 507 -54.64 66.01 29.17
CA SER B 507 -53.95 65.38 28.04
C SER B 507 -54.94 64.50 27.30
N PHE B 508 -54.84 64.50 25.97
CA PHE B 508 -55.82 63.85 25.11
C PHE B 508 -55.11 62.78 24.27
N ASP B 509 -55.56 61.54 24.41
CA ASP B 509 -55.04 60.42 23.63
C ASP B 509 -55.60 60.50 22.22
N TRP B 510 -54.73 60.50 21.21
CA TRP B 510 -55.24 60.53 19.85
C TRP B 510 -55.38 59.15 19.23
N LEU B 511 -55.14 58.08 19.99
CA LEU B 511 -55.50 56.75 19.54
C LEU B 511 -56.78 56.26 20.22
N HIS B 512 -56.85 56.41 21.55
CA HIS B 512 -57.97 55.88 22.32
C HIS B 512 -59.15 56.83 22.42
N HIS B 513 -58.97 58.09 21.99
CA HIS B 513 -59.92 59.22 22.12
C HIS B 513 -60.38 59.41 23.58
N ARG B 514 -59.41 59.40 24.49
CA ARG B 514 -59.67 59.43 25.92
C ARG B 514 -58.80 60.50 26.58
N LEU B 515 -59.33 61.15 27.60
CA LEU B 515 -58.62 62.20 28.32
C LEU B 515 -58.01 61.65 29.60
N TYR B 516 -57.04 62.39 30.14
CA TYR B 516 -56.39 62.01 31.39
C TYR B 516 -56.28 63.24 32.27
N PHE B 517 -56.69 63.09 33.53
CA PHE B 517 -56.89 64.22 34.44
C PHE B 517 -56.03 64.02 35.68
N ALA B 518 -55.47 65.11 36.20
CA ALA B 518 -54.85 65.11 37.51
C ALA B 518 -55.69 65.96 38.46
N MET B 519 -55.96 65.42 39.65
CA MET B 519 -56.97 65.96 40.55
C MET B 519 -56.37 66.29 41.92
N GLU B 520 -56.93 67.33 42.55
CA GLU B 520 -56.42 67.85 43.81
C GLU B 520 -57.37 67.63 44.97
N SER B 521 -56.87 67.02 46.04
CA SER B 521 -57.67 66.86 47.24
C SER B 521 -57.50 68.07 48.16
N PRO B 522 -58.55 68.53 48.85
CA PRO B 522 -58.40 69.63 49.82
C PRO B 522 -58.11 69.16 51.25
N GLU B 523 -57.03 68.40 51.41
CA GLU B 523 -56.52 68.10 52.76
C GLU B 523 -55.26 68.91 53.04
N SER B 528 -53.39 65.61 47.65
CA SER B 528 -52.67 64.58 46.90
C SER B 528 -53.10 64.56 45.45
N PHE B 529 -52.17 64.22 44.56
CA PHE B 529 -52.41 64.21 43.12
C PHE B 529 -52.63 62.79 42.65
N GLN B 530 -53.84 62.51 42.16
CA GLN B 530 -54.15 61.23 41.55
C GLN B 530 -54.66 61.47 40.14
N ILE B 531 -54.24 60.61 39.21
CA ILE B 531 -54.53 60.77 37.80
C ILE B 531 -55.57 59.73 37.40
N ILE B 532 -56.69 60.23 36.88
CA ILE B 532 -57.82 59.39 36.46
C ILE B 532 -58.02 59.60 34.96
N SER B 533 -58.01 58.48 34.22
CA SER B 533 -58.37 58.53 32.81
C SER B 533 -59.89 58.52 32.66
N THR B 534 -60.36 59.14 31.59
CA THR B 534 -61.79 59.31 31.37
C THR B 534 -62.06 59.33 29.87
N ASP B 535 -63.34 59.24 29.53
CA ASP B 535 -63.80 59.24 28.15
C ASP B 535 -64.09 60.71 27.79
N LEU B 536 -64.41 60.97 26.51
CA LEU B 536 -64.79 62.31 26.06
C LEU B 536 -66.15 62.73 26.62
N LEU B 537 -67.04 61.77 26.88
CA LEU B 537 -68.29 62.09 27.56
C LEU B 537 -68.08 62.39 29.03
N GLY B 538 -67.04 61.81 29.64
CA GLY B 538 -66.71 62.06 31.02
C GLY B 538 -67.27 61.04 32.00
N GLU B 539 -67.95 60.00 31.51
CA GLU B 539 -68.61 59.08 32.42
C GLU B 539 -67.73 57.89 32.80
N SER B 540 -66.98 57.34 31.85
CA SER B 540 -66.18 56.14 32.11
C SER B 540 -64.82 56.57 32.66
N ALA B 541 -64.79 56.83 33.97
CA ALA B 541 -63.60 57.31 34.66
C ALA B 541 -62.99 56.17 35.48
N GLN B 542 -61.67 55.98 35.33
CA GLN B 542 -60.94 54.97 36.08
C GLN B 542 -59.57 55.53 36.41
N LYS B 543 -59.14 55.33 37.66
CA LYS B 543 -57.86 55.84 38.11
C LYS B 543 -56.71 54.99 37.57
N VAL B 544 -55.55 55.63 37.40
CA VAL B 544 -54.28 54.93 37.24
C VAL B 544 -53.34 55.42 38.34
N GLY B 545 -52.42 54.54 38.74
CA GLY B 545 -51.38 54.89 39.70
C GLY B 545 -51.87 55.04 41.13
N GLU B 546 -51.06 55.75 41.92
CA GLU B 546 -51.34 56.05 43.31
C GLU B 546 -51.22 57.55 43.55
N SER B 547 -51.78 58.00 44.66
CA SER B 547 -51.78 59.42 44.99
C SER B 547 -50.42 59.85 45.54
N PHE B 548 -50.00 61.05 45.18
CA PHE B 548 -48.74 61.62 45.62
C PHE B 548 -48.91 63.11 45.85
N ASP B 549 -48.11 63.66 46.77
CA ASP B 549 -48.31 65.02 47.24
C ASP B 549 -47.73 66.09 46.32
N LEU B 550 -46.96 65.70 45.31
CA LEU B 550 -46.26 66.68 44.48
C LEU B 550 -47.20 67.27 43.43
N PRO B 551 -47.08 68.56 43.10
CA PRO B 551 -47.97 69.14 42.08
C PRO B 551 -47.47 68.94 40.65
N VAL B 552 -48.36 68.40 39.81
CA VAL B 552 -48.05 68.17 38.40
C VAL B 552 -48.12 69.50 37.66
N GLU B 553 -46.99 69.87 37.03
CA GLU B 553 -46.94 71.11 36.28
C GLU B 553 -47.43 70.94 34.85
N GLN B 554 -47.22 69.77 34.24
CA GLN B 554 -47.73 69.50 32.91
C GLN B 554 -47.98 68.01 32.77
N LEU B 555 -49.10 67.66 32.14
CA LEU B 555 -49.44 66.29 31.79
C LEU B 555 -49.44 66.17 30.28
N GLU B 556 -48.61 65.27 29.75
CA GLU B 556 -48.52 65.05 28.32
C GLU B 556 -48.53 63.55 28.02
N VAL B 557 -49.13 63.19 26.89
CA VAL B 557 -49.35 61.79 26.50
C VAL B 557 -48.62 61.53 25.18
N ASP B 558 -47.94 60.39 25.12
CA ASP B 558 -47.50 59.81 23.85
C ASP B 558 -48.46 58.66 23.57
N ALA B 559 -49.48 58.94 22.75
CA ALA B 559 -50.49 57.94 22.42
C ALA B 559 -49.97 56.92 21.43
N LEU B 560 -49.02 57.32 20.57
CA LEU B 560 -48.42 56.38 19.63
C LEU B 560 -47.51 55.39 20.34
N ASN B 561 -46.68 55.88 21.26
CA ASN B 561 -45.78 55.03 22.02
C ASN B 561 -46.39 54.51 23.30
N GLY B 562 -47.63 54.85 23.58
CA GLY B 562 -48.35 54.24 24.69
C GLY B 562 -47.96 54.74 26.07
N TRP B 563 -47.55 56.00 26.20
CA TRP B 563 -47.09 56.52 27.47
C TRP B 563 -47.89 57.76 27.87
N ILE B 564 -48.14 57.87 29.16
CA ILE B 564 -48.52 59.12 29.82
C ILE B 564 -47.36 59.56 30.73
N PHE B 565 -46.95 60.81 30.55
CA PHE B 565 -45.87 61.40 31.33
C PHE B 565 -46.46 62.43 32.27
N TRP B 566 -46.16 62.33 33.56
CA TRP B 566 -46.45 63.42 34.49
C TRP B 566 -45.14 63.99 35.00
N ARG B 567 -45.06 65.31 35.00
CA ARG B 567 -43.90 66.05 35.49
C ARG B 567 -44.33 66.82 36.74
N ASN B 568 -43.60 66.63 37.83
CA ASN B 568 -43.80 67.45 39.01
C ASN B 568 -42.52 68.21 39.32
N GLU B 569 -42.51 68.90 40.47
CA GLU B 569 -41.36 69.71 40.84
C GLU B 569 -40.21 68.89 41.39
N GLU B 570 -40.46 67.63 41.77
CA GLU B 570 -39.39 66.74 42.20
C GLU B 570 -38.86 65.85 41.08
N SER B 571 -39.74 65.30 40.24
CA SER B 571 -39.30 64.31 39.27
C SER B 571 -40.20 64.29 38.04
N LEU B 572 -39.66 63.69 36.98
CA LEU B 572 -40.42 63.37 35.77
C LEU B 572 -40.65 61.87 35.75
N TRP B 573 -41.90 61.46 35.53
CA TRP B 573 -42.28 60.06 35.62
C TRP B 573 -42.81 59.57 34.28
N ARG B 574 -42.92 58.25 34.16
CA ARG B 574 -43.40 57.62 32.94
C ARG B 574 -44.31 56.46 33.30
N GLN B 575 -45.53 56.45 32.73
CA GLN B 575 -46.53 55.44 33.02
C GLN B 575 -47.08 54.93 31.70
N ASP B 576 -47.47 53.66 31.67
CA ASP B 576 -48.23 53.14 30.54
C ASP B 576 -49.69 53.55 30.67
N LEU B 577 -50.45 53.32 29.60
CA LEU B 577 -51.81 53.85 29.52
C LEU B 577 -52.80 53.04 30.35
N HIS B 578 -52.47 51.78 30.66
CA HIS B 578 -53.32 50.99 31.53
C HIS B 578 -52.90 51.04 33.00
N GLY B 579 -51.83 51.78 33.32
CA GLY B 579 -51.37 51.87 34.69
C GLY B 579 -50.68 50.65 35.23
N ARG B 580 -50.16 49.78 34.35
CA ARG B 580 -49.57 48.52 34.81
C ARG B 580 -48.16 48.72 35.35
N MET B 581 -47.33 49.46 34.64
CA MET B 581 -45.91 49.57 34.98
C MET B 581 -45.58 51.03 35.23
N ILE B 582 -44.85 51.28 36.32
CA ILE B 582 -44.55 52.63 36.80
C ILE B 582 -43.04 52.84 36.72
N HIS B 583 -42.63 54.02 36.25
CA HIS B 583 -41.22 54.35 36.17
C HIS B 583 -41.01 55.84 36.40
N ARG B 584 -39.89 56.16 37.05
CA ARG B 584 -39.46 57.54 37.26
C ARG B 584 -38.22 57.79 36.43
N LEU B 585 -38.18 58.92 35.74
CA LEU B 585 -37.10 59.16 34.78
C LEU B 585 -35.95 59.95 35.37
N LEU B 586 -36.22 61.16 35.86
CA LEU B 586 -35.17 62.04 36.34
C LEU B 586 -35.67 62.84 37.54
N ARG B 587 -34.80 62.98 38.54
CA ARG B 587 -35.02 63.87 39.67
C ARG B 587 -34.17 65.12 39.49
N ILE B 588 -34.81 66.29 39.67
CA ILE B 588 -34.21 67.60 39.47
C ILE B 588 -35.07 68.58 40.28
N ARG B 589 -34.48 69.71 40.65
CA ARG B 589 -35.23 70.79 41.27
C ARG B 589 -35.88 71.68 40.20
N GLN B 590 -37.23 71.77 40.24
CA GLN B 590 -38.16 72.58 39.46
C GLN B 590 -37.99 72.54 37.94
N PRO B 591 -38.37 71.46 37.25
CA PRO B 591 -38.22 71.45 35.80
C PRO B 591 -39.30 72.26 35.11
N GLY B 592 -38.99 72.72 33.90
CA GLY B 592 -39.94 73.44 33.08
C GLY B 592 -40.53 72.57 31.99
N TRP B 593 -41.07 73.23 30.97
CA TRP B 593 -42.04 72.64 30.06
C TRP B 593 -41.35 71.72 29.05
N PHE B 594 -41.74 70.45 29.05
CA PHE B 594 -41.10 69.43 28.23
C PHE B 594 -41.94 69.14 27.00
N LEU B 595 -41.26 68.75 25.91
CA LEU B 595 -41.91 68.40 24.67
C LEU B 595 -41.50 66.99 24.26
N VAL B 596 -42.48 66.16 23.94
CA VAL B 596 -42.27 64.76 23.59
C VAL B 596 -42.40 64.63 22.08
N GLN B 597 -41.34 64.16 21.44
CA GLN B 597 -41.39 63.77 20.05
C GLN B 597 -41.56 62.26 19.97
N PRO B 598 -42.61 61.75 19.31
CA PRO B 598 -42.84 60.30 19.34
C PRO B 598 -41.91 59.50 18.45
N GLN B 599 -41.60 59.99 17.25
CA GLN B 599 -40.73 59.24 16.35
C GLN B 599 -39.26 59.53 16.58
N HIS B 600 -38.92 60.55 17.39
CA HIS B 600 -37.53 60.73 17.78
C HIS B 600 -37.20 59.95 19.05
N PHE B 601 -38.24 59.63 19.84
CA PHE B 601 -38.18 58.96 21.16
C PHE B 601 -37.33 59.71 22.19
N ILE B 602 -37.28 61.04 22.08
CA ILE B 602 -36.48 61.89 22.95
C ILE B 602 -37.38 62.97 23.53
N ILE B 603 -37.47 63.01 24.86
CA ILE B 603 -38.09 64.12 25.57
C ILE B 603 -37.07 65.25 25.57
N HIS B 604 -37.46 66.40 25.01
CA HIS B 604 -36.64 67.61 25.12
C HIS B 604 -37.21 68.49 26.21
N LEU B 605 -36.41 68.74 27.25
CA LEU B 605 -36.93 69.42 28.44
C LEU B 605 -36.07 70.65 28.72
N MET B 606 -36.73 71.71 29.16
CA MET B 606 -36.15 73.05 29.29
C MET B 606 -36.44 73.63 30.67
N LEU B 607 -35.46 73.56 31.57
CA LEU B 607 -35.58 74.33 32.81
C LEU B 607 -35.34 75.79 32.51
N PRO B 608 -36.22 76.71 32.94
CA PRO B 608 -35.87 78.14 32.87
C PRO B 608 -34.86 78.56 33.93
N GLN B 609 -34.72 77.78 35.00
CA GLN B 609 -33.76 78.10 36.06
C GLN B 609 -32.34 77.81 35.62
N GLU B 610 -32.14 76.74 34.85
CA GLU B 610 -30.81 76.45 34.32
C GLU B 610 -30.46 77.34 33.12
N GLY B 611 -31.33 77.38 32.12
CA GLY B 611 -30.99 78.06 30.89
C GLY B 611 -30.08 77.27 29.98
N LYS B 612 -30.16 75.94 30.01
CA LYS B 612 -29.38 75.10 29.11
C LYS B 612 -30.20 73.89 28.70
N PHE B 613 -29.81 73.30 27.58
CA PHE B 613 -30.60 72.28 26.90
C PHE B 613 -30.46 70.93 27.58
N LEU B 614 -31.56 70.18 27.63
CA LEU B 614 -31.57 68.88 28.27
C LEU B 614 -32.36 67.89 27.41
N GLU B 615 -31.73 66.78 27.06
CA GLU B 615 -32.35 65.67 26.36
C GLU B 615 -32.44 64.48 27.29
N ILE B 616 -33.66 63.99 27.51
CA ILE B 616 -33.90 62.77 28.27
C ILE B 616 -34.48 61.75 27.29
N SER B 617 -34.02 60.50 27.41
CA SER B 617 -34.64 59.42 26.66
C SER B 617 -35.84 58.87 27.43
N TYR B 618 -36.51 57.86 26.85
CA TYR B 618 -37.73 57.34 27.45
C TYR B 618 -37.46 56.44 28.65
N ASP B 619 -36.29 55.84 28.76
CA ASP B 619 -35.98 55.11 29.98
C ASP B 619 -35.50 56.03 31.09
N GLY B 620 -35.08 57.25 30.76
CA GLY B 620 -34.68 58.23 31.75
C GLY B 620 -33.24 58.15 32.20
N GLY B 621 -32.50 57.11 31.80
CA GLY B 621 -31.12 56.98 32.22
C GLY B 621 -30.12 57.73 31.36
N PHE B 622 -30.58 58.31 30.26
CA PHE B 622 -29.72 59.05 29.34
C PHE B 622 -30.07 60.53 29.44
N LYS B 623 -29.12 61.33 29.91
CA LYS B 623 -29.30 62.77 30.04
C LYS B 623 -28.19 63.46 29.27
N HIS B 624 -28.57 64.35 28.35
CA HIS B 624 -27.60 64.93 27.42
C HIS B 624 -27.73 66.45 27.35
N PRO B 625 -26.62 67.19 27.29
CA PRO B 625 -26.71 68.63 27.02
C PRO B 625 -26.52 68.97 25.56
N LEU B 626 -26.99 70.15 25.19
CA LEU B 626 -26.80 70.74 23.88
C LEU B 626 -26.60 72.23 24.06
N PRO B 627 -26.01 72.92 23.08
CA PRO B 627 -25.97 74.39 23.15
C PRO B 627 -27.33 75.04 22.98
N LEU B 628 -27.55 76.12 23.74
CA LEU B 628 -28.76 76.92 23.71
C LEU B 628 -28.34 78.37 23.56
N PRO B 629 -29.05 79.17 22.74
CA PRO B 629 -28.80 80.62 22.71
C PRO B 629 -29.28 81.28 23.98
N PRO B 630 -28.56 82.28 24.50
CA PRO B 630 -28.98 82.92 25.76
C PRO B 630 -30.10 83.92 25.55
N PRO B 631 -30.93 84.17 26.57
CA PRO B 631 -31.96 85.21 26.41
C PRO B 631 -31.40 86.63 26.51
N HIS B 643 -35.77 84.47 30.34
CA HIS B 643 -36.01 83.05 30.51
C HIS B 643 -37.39 82.64 30.01
N TRP B 644 -37.40 81.69 29.08
CA TRP B 644 -38.64 81.26 28.45
C TRP B 644 -39.30 80.16 29.27
N GLN B 645 -40.62 80.31 29.47
CA GLN B 645 -41.37 79.25 30.13
C GLN B 645 -41.62 78.07 29.20
N SER B 646 -41.73 78.34 27.89
CA SER B 646 -42.02 77.30 26.90
C SER B 646 -41.18 77.55 25.67
N PHE B 647 -41.26 76.62 24.72
CA PHE B 647 -40.46 76.64 23.51
C PHE B 647 -41.19 75.86 22.44
N ALA B 648 -40.58 75.79 21.26
CA ALA B 648 -41.06 74.91 20.21
C ALA B 648 -39.88 74.41 19.39
N LEU B 649 -40.03 73.21 18.85
CA LEU B 649 -39.00 72.59 18.02
C LEU B 649 -39.58 72.30 16.65
N LEU B 650 -38.97 72.87 15.60
CA LEU B 650 -39.44 72.72 14.23
C LEU B 650 -38.26 72.25 13.39
N GLY B 651 -38.11 70.92 13.27
CA GLY B 651 -37.00 70.34 12.53
C GLY B 651 -35.71 70.48 13.31
N ARG B 652 -34.73 71.12 12.69
CA ARG B 652 -33.52 71.55 13.39
C ARG B 652 -33.67 72.92 14.02
N SER B 653 -34.79 73.61 13.78
CA SER B 653 -34.99 74.96 14.25
C SER B 653 -35.64 74.99 15.62
N LEU B 654 -35.42 76.09 16.34
CA LEU B 654 -35.92 76.27 17.69
C LEU B 654 -36.64 77.61 17.76
N LEU B 655 -37.89 77.59 18.23
CA LEU B 655 -38.73 78.77 18.37
C LEU B 655 -38.79 79.12 19.85
N LEU B 656 -38.33 80.32 20.20
CA LEU B 656 -38.34 80.80 21.59
C LEU B 656 -39.21 82.03 21.67
N PRO B 657 -40.32 82.01 22.41
CA PRO B 657 -41.21 83.19 22.43
C PRO B 657 -40.74 84.26 23.40
N ASP B 658 -40.52 85.46 22.87
CA ASP B 658 -40.17 86.63 23.66
C ASP B 658 -41.50 87.30 24.07
N SER B 659 -41.42 88.32 24.92
CA SER B 659 -42.61 89.05 25.36
C SER B 659 -43.18 89.93 24.25
N GLY B 660 -42.36 90.35 23.28
CA GLY B 660 -42.86 91.14 22.18
C GLY B 660 -42.71 90.48 20.83
N GLN B 661 -41.71 89.60 20.69
CA GLN B 661 -41.42 88.99 19.40
C GLN B 661 -41.34 87.47 19.58
N LEU B 662 -40.87 86.79 18.54
CA LEU B 662 -40.53 85.38 18.58
C LEU B 662 -39.15 85.22 17.96
N ILE B 663 -38.35 84.31 18.52
CA ILE B 663 -36.96 84.12 18.12
C ILE B 663 -36.83 82.79 17.40
N LEU B 664 -36.33 82.84 16.17
CA LEU B 664 -36.06 81.66 15.36
C LEU B 664 -34.55 81.44 15.34
N VAL B 665 -34.11 80.36 15.99
CA VAL B 665 -32.69 80.01 16.02
C VAL B 665 -32.53 78.58 15.55
N GLU B 666 -31.27 78.14 15.47
CA GLU B 666 -30.93 76.76 15.13
C GLU B 666 -30.05 76.11 16.18
N GLN B 667 -30.13 76.61 17.42
CA GLN B 667 -29.43 76.24 18.67
C GLN B 667 -27.91 76.48 18.64
N GLN B 668 -27.36 77.12 17.61
CA GLN B 668 -25.97 77.55 17.56
C GLN B 668 -25.83 79.02 17.19
N GLY B 669 -26.71 79.56 16.36
CA GLY B 669 -26.73 80.97 16.11
C GLY B 669 -27.32 81.74 17.28
N GLN B 670 -27.07 83.04 17.30
CA GLN B 670 -27.44 83.85 18.45
C GLN B 670 -28.92 84.23 18.42
N ALA B 671 -29.49 84.41 19.62
CA ALA B 671 -30.88 84.80 19.78
C ALA B 671 -31.10 86.29 19.54
N ALA B 672 -30.03 87.10 19.54
CA ALA B 672 -30.17 88.53 19.24
C ALA B 672 -30.41 88.80 17.76
N SER B 673 -30.01 87.88 16.88
CA SER B 673 -30.25 87.99 15.44
C SER B 673 -30.99 86.75 14.97
N PRO B 674 -32.33 86.74 15.04
CA PRO B 674 -33.08 85.60 14.52
C PRO B 674 -33.17 85.63 13.01
N SER B 675 -33.49 84.47 12.43
CA SER B 675 -33.64 84.39 10.98
C SER B 675 -34.97 85.00 10.54
N ALA B 676 -36.01 84.87 11.36
CA ALA B 676 -37.27 85.55 11.13
C ALA B 676 -37.92 85.84 12.48
N SER B 677 -38.70 86.92 12.52
CA SER B 677 -39.35 87.37 13.73
C SER B 677 -40.83 87.63 13.45
N TRP B 678 -41.67 87.24 14.40
CA TRP B 678 -43.11 87.46 14.33
C TRP B 678 -43.55 88.13 15.62
N PRO B 679 -44.42 89.15 15.57
CA PRO B 679 -44.76 89.89 16.79
C PRO B 679 -45.75 89.13 17.67
N LEU B 680 -45.47 89.17 18.98
CA LEU B 680 -46.30 88.55 20.01
C LEU B 680 -46.61 89.55 21.11
N LYS B 681 -47.05 90.76 20.73
CA LYS B 681 -47.07 91.88 21.66
C LYS B 681 -48.29 91.87 22.57
N ASN B 682 -49.36 91.15 22.20
CA ASN B 682 -50.55 91.14 23.06
C ASN B 682 -50.50 90.05 24.12
N LEU B 683 -49.46 89.23 24.12
CA LEU B 683 -49.34 88.15 25.09
C LEU B 683 -48.52 88.62 26.28
N PRO B 684 -49.02 88.50 27.53
CA PRO B 684 -48.20 88.83 28.71
C PRO B 684 -47.07 87.84 28.94
N ASP B 685 -47.37 86.55 28.93
CA ASP B 685 -46.36 85.51 29.08
C ASP B 685 -46.81 84.28 28.30
N CYS B 686 -45.85 83.38 28.08
CA CYS B 686 -46.03 82.25 27.16
C CYS B 686 -45.79 80.95 27.92
N TRP B 687 -46.85 80.40 28.53
CA TRP B 687 -46.69 79.11 29.19
C TRP B 687 -46.87 77.93 28.23
N ALA B 688 -47.67 78.07 27.18
CA ALA B 688 -47.86 76.94 26.27
C ALA B 688 -47.63 77.40 24.84
N VAL B 689 -46.78 76.67 24.11
CA VAL B 689 -46.63 76.84 22.67
C VAL B 689 -46.90 75.48 22.04
N ILE B 690 -47.92 75.41 21.17
CA ILE B 690 -48.28 74.17 20.49
C ILE B 690 -47.96 74.34 19.02
N LEU B 691 -47.15 73.43 18.49
CA LEU B 691 -46.84 73.39 17.07
C LEU B 691 -47.91 72.56 16.37
N LEU B 692 -48.60 73.18 15.41
CA LEU B 692 -49.74 72.55 14.75
C LEU B 692 -49.26 71.90 13.45
N VAL B 693 -48.59 70.76 13.60
CA VAL B 693 -48.15 69.95 12.47
C VAL B 693 -48.82 68.59 12.61
N PRO B 694 -48.97 67.81 11.51
CA PRO B 694 -49.41 66.41 11.69
C PRO B 694 -48.36 65.49 12.31
N GLU B 695 -47.09 65.87 12.33
CA GLU B 695 -46.03 65.11 12.97
C GLU B 695 -46.00 65.26 14.49
N SER B 696 -46.77 66.20 15.05
CA SER B 696 -46.85 66.34 16.51
C SER B 696 -47.66 65.21 17.12
N GLN B 697 -48.75 64.80 16.47
CA GLN B 697 -49.54 63.65 16.88
C GLN B 697 -49.66 62.66 15.74
N PRO B 698 -48.66 61.79 15.53
CA PRO B 698 -48.76 60.84 14.43
C PRO B 698 -49.40 59.50 14.81
N LEU B 699 -50.09 58.91 13.84
CA LEU B 699 -50.56 57.54 14.00
C LEU B 699 -49.56 56.53 13.48
N THR B 700 -48.49 56.99 12.85
CA THR B 700 -47.53 56.09 12.20
C THR B 700 -46.36 55.81 13.12
N SER B 701 -46.11 54.52 13.37
CA SER B 701 -44.96 54.10 14.16
C SER B 701 -43.65 54.20 13.39
N ALA B 702 -43.71 54.24 12.06
CA ALA B 702 -42.61 54.41 11.09
C ALA B 702 -41.54 53.32 11.20
N GLY B 703 -41.93 52.10 11.60
CA GLY B 703 -41.01 51.00 11.63
C GLY B 703 -41.74 49.67 11.53
N GLY B 704 -41.37 48.85 10.56
CA GLY B 704 -41.98 47.55 10.41
C GLY B 704 -41.30 46.65 9.41
N LYS B 705 -40.99 45.44 9.83
CA LYS B 705 -40.45 44.40 8.96
C LYS B 705 -40.85 43.04 9.54
N PRO B 706 -41.79 42.32 8.92
CA PRO B 706 -42.17 40.99 9.42
C PRO B 706 -41.08 39.95 9.19
N HIS B 707 -41.20 38.85 9.93
CA HIS B 707 -40.18 37.83 9.98
C HIS B 707 -40.81 36.54 10.51
N SER B 708 -39.98 35.48 10.51
CA SER B 708 -40.28 34.12 10.97
C SER B 708 -41.52 33.54 10.27
N LEU B 709 -41.55 33.70 8.96
CA LEU B 709 -42.69 33.28 8.16
C LEU B 709 -42.71 31.77 8.00
N LYS B 710 -43.86 31.17 8.31
CA LYS B 710 -44.05 29.74 8.32
C LYS B 710 -45.25 29.39 7.48
N ALA B 711 -45.07 28.45 6.54
CA ALA B 711 -46.12 28.04 5.63
C ALA B 711 -46.32 26.54 5.76
N LEU B 712 -47.55 26.14 6.06
CA LEU B 712 -47.93 24.73 6.14
C LEU B 712 -48.87 24.46 4.98
N LEU B 713 -48.46 23.58 4.08
CA LEU B 713 -49.08 23.48 2.78
C LEU B 713 -49.91 22.22 2.65
N GLY B 714 -50.97 22.32 1.86
CA GLY B 714 -51.81 21.19 1.55
C GLY B 714 -51.81 20.90 0.07
N ALA B 715 -52.80 20.14 -0.40
CA ALA B 715 -52.91 19.91 -1.83
C ALA B 715 -53.48 21.14 -2.54
N GLN B 716 -54.56 21.73 -2.00
CA GLN B 716 -55.18 22.88 -2.64
C GLN B 716 -55.26 24.10 -1.72
N ALA B 717 -54.58 24.09 -0.58
CA ALA B 717 -54.64 25.19 0.35
C ALA B 717 -53.33 25.29 1.11
N ALA B 718 -53.21 26.34 1.93
CA ALA B 718 -52.03 26.59 2.74
C ALA B 718 -52.40 27.47 3.91
N LYS B 719 -51.95 27.12 5.10
CA LYS B 719 -52.08 27.98 6.26
C LYS B 719 -50.74 28.63 6.53
N ILE B 720 -50.72 29.95 6.64
CA ILE B 720 -49.48 30.71 6.81
C ILE B 720 -49.57 31.58 8.05
N SER B 721 -48.50 31.56 8.83
CA SER B 721 -48.38 32.42 10.00
C SER B 721 -47.02 33.09 9.99
N TRP B 722 -47.00 34.38 10.30
CA TRP B 722 -45.78 35.14 10.39
C TRP B 722 -45.75 35.83 11.75
N LYS B 723 -44.54 36.06 12.26
CA LYS B 723 -44.40 36.79 13.51
C LYS B 723 -44.56 38.28 13.25
N GLU B 724 -45.21 38.95 14.19
CA GLU B 724 -45.29 40.40 14.20
C GLU B 724 -43.91 40.98 14.54
N PRO B 725 -43.57 42.15 13.98
CA PRO B 725 -42.38 42.88 14.44
C PRO B 725 -42.47 43.27 15.91
N GLU B 726 -41.40 42.99 16.65
CA GLU B 726 -41.43 43.05 18.10
C GLU B 726 -41.34 44.50 18.57
N ARG B 727 -41.69 44.70 19.83
CA ARG B 727 -41.65 46.02 20.41
C ARG B 727 -40.28 46.32 21.01
N ASN B 728 -39.81 47.52 20.74
CA ASN B 728 -38.67 48.18 21.34
C ASN B 728 -38.98 48.51 22.80
N PRO B 729 -37.94 48.70 23.65
CA PRO B 729 -38.22 49.09 25.05
C PRO B 729 -38.71 50.52 25.24
N TYR B 730 -38.60 51.38 24.22
CA TYR B 730 -39.03 52.76 24.34
C TYR B 730 -40.54 52.93 24.32
N GLN B 731 -41.28 52.09 23.60
CA GLN B 731 -42.73 52.18 23.66
C GLN B 731 -43.26 51.10 24.60
N SER B 732 -44.56 51.15 24.89
CA SER B 732 -45.15 50.33 25.94
C SER B 732 -45.86 49.14 25.32
N ALA B 733 -46.57 48.40 26.18
CA ALA B 733 -47.46 47.34 25.70
C ALA B 733 -48.79 47.91 25.25
N ASP B 734 -49.11 49.15 25.67
CA ASP B 734 -50.31 49.84 25.23
C ASP B 734 -50.10 50.62 23.93
N ALA B 735 -48.90 50.58 23.36
CA ALA B 735 -48.65 51.19 22.06
C ALA B 735 -49.32 50.38 20.95
N ALA B 736 -49.85 51.09 19.96
CA ALA B 736 -50.62 50.48 18.90
C ALA B 736 -49.79 50.40 17.62
N ARG B 737 -49.78 49.23 16.99
CA ARG B 737 -49.09 49.06 15.67
C ARG B 737 -50.07 48.29 14.78
N SER B 738 -51.33 48.68 14.80
CA SER B 738 -52.42 48.04 14.06
C SER B 738 -52.25 48.22 12.57
N TRP B 739 -52.04 47.09 11.88
CA TRP B 739 -51.57 47.08 10.50
C TRP B 739 -52.46 46.18 9.66
N SER B 740 -52.16 46.14 8.37
CA SER B 740 -52.73 45.16 7.46
C SER B 740 -51.59 44.53 6.67
N TYR B 741 -51.55 43.21 6.61
CA TYR B 741 -50.43 42.52 5.99
C TYR B 741 -50.78 42.11 4.56
N GLU B 742 -49.82 42.28 3.66
CA GLU B 742 -49.97 41.92 2.26
C GLU B 742 -49.03 40.76 1.93
N LEU B 743 -49.59 39.73 1.30
CA LEU B 743 -48.92 38.47 1.05
C LEU B 743 -48.90 38.22 -0.44
N GLU B 744 -47.76 37.79 -0.98
CA GLU B 744 -47.72 37.40 -2.37
C GLU B 744 -47.33 35.94 -2.51
N VAL B 745 -47.90 35.32 -3.53
CA VAL B 745 -47.52 34.00 -4.04
C VAL B 745 -46.91 34.22 -5.41
N LEU B 746 -45.67 33.77 -5.59
CA LEU B 746 -44.97 33.86 -6.86
C LEU B 746 -44.89 32.44 -7.39
N ASP B 747 -45.68 32.16 -8.41
CA ASP B 747 -45.58 30.87 -9.10
C ASP B 747 -44.34 30.86 -9.97
N VAL B 748 -43.53 29.82 -9.80
CA VAL B 748 -42.29 29.69 -10.56
C VAL B 748 -42.55 28.95 -11.86
N ALA B 749 -43.73 28.32 -11.99
CA ALA B 749 -44.09 27.68 -13.24
C ALA B 749 -44.53 28.70 -14.29
N SER B 750 -45.35 29.67 -13.89
CA SER B 750 -45.78 30.74 -14.77
C SER B 750 -45.03 32.04 -14.52
N GLN B 751 -44.15 32.06 -13.49
CA GLN B 751 -43.40 33.22 -12.99
C GLN B 751 -44.31 34.40 -12.62
N SER B 752 -45.44 34.09 -12.02
CA SER B 752 -46.53 35.04 -11.86
C SER B 752 -46.70 35.40 -10.39
N ALA B 753 -46.70 36.69 -10.09
CA ALA B 753 -46.83 37.17 -8.72
C ALA B 753 -48.25 37.65 -8.48
N PHE B 754 -48.92 37.03 -7.52
CA PHE B 754 -50.25 37.45 -7.09
C PHE B 754 -50.18 37.94 -5.65
N SER B 755 -50.74 39.12 -5.42
CA SER B 755 -50.65 39.75 -4.11
C SER B 755 -52.06 39.96 -3.56
N ILE B 756 -52.24 39.57 -2.31
CA ILE B 756 -53.50 39.80 -1.59
C ILE B 756 -53.19 40.64 -0.35
N ARG B 757 -53.98 41.67 -0.13
CA ARG B 757 -53.73 42.63 0.93
C ARG B 757 -54.90 42.63 1.92
N ASN B 758 -54.81 43.58 2.86
CA ASN B 758 -55.78 43.86 3.94
C ASN B 758 -56.05 42.64 4.82
N ILE B 759 -55.01 41.93 5.22
CA ILE B 759 -55.15 40.84 6.17
C ILE B 759 -54.94 41.39 7.58
N ARG B 760 -55.94 41.23 8.43
CA ARG B 760 -55.98 41.92 9.72
C ARG B 760 -55.31 41.12 10.84
N GLY B 761 -54.78 39.94 10.55
CA GLY B 761 -54.13 39.14 11.56
C GLY B 761 -52.88 38.47 11.04
N PRO B 762 -52.06 37.91 11.93
CA PRO B 762 -50.84 37.22 11.47
C PRO B 762 -51.11 35.85 10.87
N ILE B 763 -52.24 35.24 11.18
CA ILE B 763 -52.61 33.95 10.59
C ILE B 763 -53.44 34.21 9.35
N PHE B 764 -53.22 33.41 8.30
CA PHE B 764 -54.00 33.53 7.08
C PHE B 764 -54.22 32.15 6.47
N GLY B 765 -55.48 31.83 6.20
CA GLY B 765 -55.78 30.61 5.48
C GLY B 765 -55.95 30.85 3.99
N LEU B 766 -54.89 30.63 3.23
CA LEU B 766 -54.90 30.81 1.79
C LEU B 766 -55.48 29.57 1.13
N GLN B 767 -56.35 29.79 0.14
CA GLN B 767 -57.02 28.71 -0.56
C GLN B 767 -56.63 28.76 -2.04
N ARG B 768 -57.12 27.76 -2.78
CA ARG B 768 -57.14 27.66 -4.24
C ARG B 768 -55.74 27.66 -4.87
N LEU B 769 -54.94 26.68 -4.48
CA LEU B 769 -53.64 26.44 -5.08
C LEU B 769 -53.71 25.21 -5.97
N GLN B 770 -53.01 25.28 -7.09
CA GLN B 770 -52.89 24.09 -7.93
C GLN B 770 -51.91 23.11 -7.30
N PRO B 771 -52.21 21.81 -7.29
CA PRO B 771 -51.37 20.86 -6.55
C PRO B 771 -50.10 20.52 -7.30
N ASP B 772 -49.15 19.95 -6.54
CA ASP B 772 -47.82 19.49 -6.98
C ASP B 772 -46.99 20.62 -7.61
N ASN B 773 -47.13 21.82 -7.05
CA ASN B 773 -46.49 23.00 -7.61
C ASN B 773 -45.75 23.75 -6.51
N LEU B 774 -44.63 24.36 -6.88
CA LEU B 774 -43.78 25.09 -5.96
C LEU B 774 -43.93 26.58 -6.20
N TYR B 775 -43.93 27.34 -5.11
CA TYR B 775 -44.08 28.79 -5.19
C TYR B 775 -43.09 29.45 -4.25
N GLN B 776 -43.10 30.78 -4.27
CA GLN B 776 -42.34 31.61 -3.33
C GLN B 776 -43.31 32.55 -2.65
N LEU B 777 -43.32 32.54 -1.32
CA LEU B 777 -44.35 33.24 -0.55
C LEU B 777 -43.70 34.33 0.29
N ARG B 778 -44.15 35.57 0.11
CA ARG B 778 -43.52 36.70 0.80
C ARG B 778 -44.55 37.66 1.39
N VAL B 779 -44.25 38.18 2.58
CA VAL B 779 -45.20 38.97 3.36
C VAL B 779 -44.60 40.34 3.65
N ARG B 780 -45.46 41.35 3.77
CA ARG B 780 -45.10 42.71 4.20
C ARG B 780 -46.23 43.26 5.07
N ALA B 781 -45.92 44.34 5.79
CA ALA B 781 -46.87 44.97 6.70
C ALA B 781 -47.10 46.42 6.28
N ILE B 782 -48.34 46.75 5.97
CA ILE B 782 -48.76 48.08 5.55
C ILE B 782 -49.42 48.75 6.75
N ASN B 783 -49.09 50.02 6.98
CA ASN B 783 -49.63 50.78 8.10
C ASN B 783 -50.98 51.41 7.73
N VAL B 784 -51.43 52.36 8.55
CA VAL B 784 -52.61 53.15 8.25
C VAL B 784 -52.33 54.09 7.08
N ASP B 785 -51.12 54.65 7.03
CA ASP B 785 -50.74 55.64 6.02
C ASP B 785 -50.43 55.04 4.65
N GLY B 786 -50.38 53.72 4.52
CA GLY B 786 -50.11 53.13 3.23
C GLY B 786 -48.64 52.97 2.88
N GLU B 787 -47.74 53.14 3.84
CA GLU B 787 -46.32 52.91 3.61
C GLU B 787 -46.00 51.48 4.05
N PRO B 788 -45.73 50.56 3.13
CA PRO B 788 -45.55 49.16 3.52
C PRO B 788 -44.12 48.88 3.98
N GLY B 789 -43.94 47.66 4.50
CA GLY B 789 -42.63 47.23 4.92
C GLY B 789 -41.79 46.71 3.76
N GLU B 790 -40.60 46.22 4.09
CA GLU B 790 -39.73 45.63 3.10
C GLU B 790 -40.11 44.18 2.84
N TRP B 791 -39.40 43.56 1.90
CA TRP B 791 -39.74 42.19 1.54
C TRP B 791 -39.10 41.24 2.55
N THR B 792 -39.73 40.09 2.74
CA THR B 792 -39.06 39.02 3.46
C THR B 792 -38.27 38.17 2.48
N GLU B 793 -37.42 37.31 3.02
CA GLU B 793 -36.77 36.31 2.19
C GLU B 793 -37.77 35.22 1.82
N PRO B 794 -37.88 34.85 0.54
CA PRO B 794 -38.87 33.84 0.14
C PRO B 794 -38.45 32.44 0.51
N LEU B 795 -39.46 31.61 0.81
CA LEU B 795 -39.25 30.20 1.09
C LEU B 795 -39.88 29.37 -0.03
N ALA B 796 -39.20 28.30 -0.41
CA ALA B 796 -39.67 27.40 -1.47
C ALA B 796 -40.81 26.57 -0.90
N ALA B 797 -42.04 26.89 -1.29
CA ALA B 797 -43.23 26.28 -0.74
C ALA B 797 -43.87 25.40 -1.80
N ARG B 798 -43.68 24.09 -1.64
CA ARG B 798 -44.24 23.12 -2.60
C ARG B 798 -45.51 22.53 -2.01
N THR B 799 -46.56 22.46 -2.81
CA THR B 799 -47.82 21.88 -2.37
C THR B 799 -47.76 20.37 -2.35
N TRP B 800 -48.72 19.78 -1.66
CA TRP B 800 -48.96 18.35 -1.75
C TRP B 800 -49.58 18.03 -3.11
N PRO B 801 -49.39 16.81 -3.63
CA PRO B 801 -50.12 16.40 -4.82
C PRO B 801 -51.58 16.10 -4.52
N LEU B 802 -52.34 15.98 -5.60
CA LEU B 802 -53.79 15.87 -5.50
C LEU B 802 -54.19 14.46 -5.07
N GLY B 803 -55.06 14.38 -4.07
CA GLY B 803 -55.57 13.12 -3.61
C GLY B 803 -56.11 13.23 -2.20
N PRO B 804 -56.96 12.28 -1.79
CA PRO B 804 -57.44 12.28 -0.39
C PRO B 804 -56.38 11.77 0.57
N HIS B 805 -55.48 12.66 0.95
CA HIS B 805 -54.31 12.30 1.76
C HIS B 805 -54.65 12.51 3.22
N ARG B 806 -54.94 11.41 3.90
CA ARG B 806 -55.38 11.46 5.28
C ARG B 806 -54.26 11.01 6.21
N LEU B 807 -54.12 11.73 7.32
CA LEU B 807 -53.13 11.44 8.35
C LEU B 807 -53.85 10.88 9.57
N ARG B 808 -53.28 9.84 10.17
CA ARG B 808 -53.84 9.19 11.34
C ARG B 808 -53.06 9.61 12.57
N TRP B 809 -53.69 10.42 13.42
CA TRP B 809 -53.11 10.88 14.68
C TRP B 809 -53.61 10.02 15.82
N ALA B 810 -52.70 9.68 16.74
CA ALA B 810 -53.04 8.95 17.94
C ALA B 810 -52.45 9.67 19.14
N SER B 811 -53.27 9.86 20.17
CA SER B 811 -52.99 10.64 21.36
C SER B 811 -52.09 9.89 22.32
N ARG B 812 -51.85 10.49 23.49
CA ARG B 812 -51.32 9.72 24.60
C ARG B 812 -52.42 9.09 25.43
N GLN B 813 -53.68 9.45 25.19
CA GLN B 813 -54.81 8.86 25.91
C GLN B 813 -55.53 7.79 25.11
N GLY B 814 -55.04 7.46 23.93
CA GLY B 814 -55.63 6.42 23.12
C GLY B 814 -56.70 6.86 22.15
N SER B 815 -56.99 8.15 22.07
CA SER B 815 -57.92 8.64 21.07
C SER B 815 -57.22 8.75 19.72
N VAL B 816 -57.92 8.34 18.68
CA VAL B 816 -57.38 8.30 17.32
C VAL B 816 -58.29 9.14 16.43
N ILE B 817 -57.69 10.01 15.61
CA ILE B 817 -58.42 10.88 14.71
C ILE B 817 -57.77 10.83 13.34
N HIS B 818 -58.55 11.14 12.31
CA HIS B 818 -58.08 11.19 10.93
C HIS B 818 -58.24 12.63 10.44
N THR B 819 -57.12 13.29 10.16
CA THR B 819 -57.14 14.60 9.55
C THR B 819 -56.70 14.49 8.10
N ASN B 820 -56.65 15.63 7.42
CA ASN B 820 -55.88 15.70 6.19
C ASN B 820 -54.50 16.25 6.53
N GLU B 821 -53.73 16.59 5.50
CA GLU B 821 -52.34 17.00 5.66
C GLU B 821 -52.17 18.42 6.19
N LEU B 822 -53.23 19.22 6.25
CA LEU B 822 -53.20 20.50 6.93
C LEU B 822 -53.61 20.40 8.39
N GLY B 823 -54.14 19.26 8.82
CA GLY B 823 -54.60 19.12 10.19
C GLY B 823 -56.06 19.47 10.41
N GLU B 824 -56.84 19.63 9.34
CA GLU B 824 -58.26 19.92 9.42
C GLU B 824 -59.05 18.74 8.88
N GLY B 825 -60.39 18.90 8.85
CA GLY B 825 -61.29 17.91 8.30
C GLY B 825 -61.37 16.64 9.11
N LEU B 826 -61.40 16.83 10.44
CA LEU B 826 -61.26 15.71 11.41
C LEU B 826 -62.44 14.76 11.56
N GLU B 827 -62.17 13.46 11.52
CA GLU B 827 -63.14 12.41 11.83
C GLU B 827 -62.61 11.67 13.05
N VAL B 828 -63.36 11.72 14.14
CA VAL B 828 -62.99 10.98 15.34
C VAL B 828 -63.38 9.52 15.11
N GLN B 829 -62.39 8.64 15.18
CA GLN B 829 -62.64 7.23 14.87
C GLN B 829 -63.30 6.53 16.05
N GLN B 830 -63.96 5.42 15.75
CA GLN B 830 -64.79 4.70 16.69
C GLN B 830 -63.98 3.93 17.74
N GLU B 831 -62.81 3.43 17.38
CA GLU B 831 -62.05 2.56 18.27
C GLU B 831 -61.32 3.36 19.35
N GLN B 832 -60.98 2.65 20.43
CA GLN B 832 -60.29 3.24 21.58
C GLN B 832 -59.02 2.45 21.84
N LEU B 833 -57.88 3.10 21.67
CA LEU B 833 -56.60 2.46 21.89
C LEU B 833 -56.23 2.50 23.36
N GLU B 834 -55.12 1.86 23.71
CA GLU B 834 -54.62 1.91 25.07
C GLU B 834 -53.74 3.14 25.26
N ARG B 835 -53.20 3.28 26.46
CA ARG B 835 -52.43 4.45 26.81
C ARG B 835 -51.03 4.40 26.21
N LEU B 836 -50.58 5.56 25.73
CA LEU B 836 -49.38 5.85 24.94
C LEU B 836 -49.09 4.91 23.76
N PRO B 837 -49.94 4.80 22.72
CA PRO B 837 -49.64 3.85 21.66
C PRO B 837 -48.64 4.39 20.65
N GLY B 838 -47.99 3.46 19.95
CA GLY B 838 -47.10 3.80 18.88
C GLY B 838 -47.83 3.75 17.54
N PRO B 839 -47.08 3.65 16.43
CA PRO B 839 -47.72 3.56 15.12
C PRO B 839 -48.39 2.21 14.89
N MET B 840 -49.55 2.25 14.26
CA MET B 840 -50.42 1.09 14.12
C MET B 840 -50.05 0.35 12.84
N THR B 841 -49.77 -0.94 12.95
CA THR B 841 -49.39 -1.75 11.80
C THR B 841 -50.57 -2.62 11.39
N MET B 842 -51.00 -2.45 10.14
CA MET B 842 -52.21 -3.07 9.64
C MET B 842 -51.84 -4.37 8.93
N VAL B 843 -52.57 -5.43 9.22
CA VAL B 843 -52.35 -6.71 8.55
C VAL B 843 -53.28 -6.88 7.37
N ASN B 844 -54.57 -6.84 7.65
CA ASN B 844 -55.65 -6.68 6.70
C ASN B 844 -56.49 -5.52 7.20
N GLU B 845 -57.63 -5.26 6.56
CA GLU B 845 -58.30 -3.97 6.77
C GLU B 845 -59.09 -3.89 8.09
N SER B 846 -59.18 -4.99 8.83
CA SER B 846 -59.91 -5.01 10.08
C SER B 846 -58.98 -5.12 11.30
N VAL B 847 -57.86 -5.83 11.16
CA VAL B 847 -56.96 -6.16 12.27
C VAL B 847 -55.71 -5.30 12.21
N GLY B 848 -55.42 -4.60 13.30
CA GLY B 848 -54.19 -3.84 13.40
C GLY B 848 -53.41 -4.20 14.64
N TYR B 849 -52.10 -3.95 14.58
CA TYR B 849 -51.18 -4.22 15.68
C TYR B 849 -50.45 -2.94 16.04
N TYR B 850 -50.23 -2.73 17.33
CA TYR B 850 -49.48 -1.57 17.78
C TYR B 850 -48.72 -1.90 19.06
N VAL B 851 -47.74 -1.05 19.36
CA VAL B 851 -46.93 -1.18 20.57
C VAL B 851 -47.22 0.04 21.44
N THR B 852 -47.41 -0.19 22.74
CA THR B 852 -47.63 0.92 23.66
C THR B 852 -46.29 1.40 24.21
N GLY B 853 -46.35 2.36 25.13
CA GLY B 853 -45.15 2.99 25.64
C GLY B 853 -44.38 2.17 26.65
N ASP B 854 -45.04 1.19 27.27
CA ASP B 854 -44.38 0.32 28.24
C ASP B 854 -43.84 -0.96 27.61
N GLY B 855 -43.86 -1.07 26.29
CA GLY B 855 -43.35 -2.24 25.61
C GLY B 855 -44.37 -3.33 25.39
N LEU B 856 -45.63 -3.09 25.72
CA LEU B 856 -46.66 -4.09 25.49
C LEU B 856 -47.15 -4.02 24.04
N LEU B 857 -47.40 -5.18 23.46
CA LEU B 857 -47.88 -5.27 22.08
C LEU B 857 -49.35 -5.66 22.11
N HIS B 858 -50.18 -4.91 21.38
CA HIS B 858 -51.61 -5.13 21.39
C HIS B 858 -52.14 -5.32 19.98
N CYS B 859 -53.06 -6.26 19.85
CA CYS B 859 -53.85 -6.46 18.65
C CYS B 859 -55.21 -5.83 18.87
N ILE B 860 -55.79 -5.28 17.81
CA ILE B 860 -57.12 -4.71 17.87
C ILE B 860 -57.85 -5.06 16.58
N ASN B 861 -59.10 -5.47 16.70
CA ASN B 861 -59.97 -5.60 15.54
C ASN B 861 -60.86 -4.38 15.51
N LEU B 862 -60.75 -3.61 14.42
CA LEU B 862 -61.48 -2.35 14.30
C LEU B 862 -62.94 -2.57 13.96
N VAL B 863 -63.23 -3.61 13.17
CA VAL B 863 -64.58 -3.75 12.65
C VAL B 863 -65.45 -4.53 13.63
N HIS B 864 -65.08 -5.77 13.93
CA HIS B 864 -65.87 -6.61 14.85
C HIS B 864 -64.91 -7.14 15.92
N SER B 865 -65.16 -6.74 17.17
CA SER B 865 -64.16 -6.94 18.21
C SER B 865 -64.24 -8.31 18.87
N GLN B 866 -65.21 -9.14 18.47
CA GLN B 866 -65.40 -10.42 19.16
C GLN B 866 -64.45 -11.50 18.64
N TRP B 867 -63.82 -11.27 17.49
CA TRP B 867 -62.93 -12.23 16.86
C TRP B 867 -61.92 -11.51 16.00
N GLY B 868 -60.74 -12.10 15.83
CA GLY B 868 -59.76 -11.56 14.92
C GLY B 868 -58.33 -11.57 15.41
N CYS B 869 -58.13 -11.55 16.72
CA CYS B 869 -56.79 -11.52 17.29
C CYS B 869 -56.38 -12.93 17.69
N PRO B 870 -55.29 -13.47 17.15
CA PRO B 870 -54.93 -14.86 17.48
C PRO B 870 -54.26 -15.00 18.84
N ILE B 871 -53.68 -13.93 19.36
CA ILE B 871 -53.02 -13.98 20.66
C ILE B 871 -53.95 -13.32 21.69
N SER B 872 -54.15 -14.00 22.82
CA SER B 872 -55.17 -13.58 23.77
C SER B 872 -54.68 -12.42 24.63
N GLU B 873 -53.46 -12.49 25.12
CA GLU B 873 -52.91 -11.53 26.07
C GLU B 873 -51.94 -10.60 25.36
N PRO B 874 -51.71 -9.40 25.91
CA PRO B 874 -50.58 -8.58 25.41
C PRO B 874 -49.25 -9.20 25.78
N LEU B 875 -48.25 -8.92 24.93
CA LEU B 875 -46.92 -9.49 25.08
C LEU B 875 -45.95 -8.40 25.49
N GLN B 876 -45.22 -8.64 26.57
CA GLN B 876 -44.36 -7.60 27.12
C GLN B 876 -43.03 -7.53 26.37
N HIS B 877 -42.35 -6.39 26.57
CA HIS B 877 -40.97 -6.10 26.13
C HIS B 877 -40.80 -6.15 24.62
N VAL B 878 -41.67 -5.44 23.91
CA VAL B 878 -41.67 -5.40 22.45
C VAL B 878 -41.19 -4.01 22.03
N GLY B 879 -40.19 -3.96 21.17
CA GLY B 879 -39.69 -2.68 20.69
C GLY B 879 -40.55 -2.05 19.63
N SER B 880 -40.66 -2.71 18.47
CA SER B 880 -41.45 -2.19 17.36
C SER B 880 -42.19 -3.36 16.73
N VAL B 881 -42.96 -3.08 15.68
CA VAL B 881 -43.70 -4.11 14.96
C VAL B 881 -43.80 -3.69 13.49
N THR B 882 -43.80 -4.69 12.60
CA THR B 882 -43.99 -4.47 11.17
C THR B 882 -44.67 -5.71 10.60
N TYR B 883 -45.07 -5.60 9.33
CA TYR B 883 -45.81 -6.67 8.68
C TYR B 883 -45.34 -6.86 7.25
N ASP B 884 -45.13 -8.12 6.87
CA ASP B 884 -44.84 -8.49 5.49
C ASP B 884 -46.13 -8.93 4.83
N TRP B 885 -46.55 -8.18 3.81
CA TRP B 885 -47.76 -8.54 3.08
C TRP B 885 -47.54 -9.70 2.11
N ARG B 886 -46.32 -9.84 1.57
CA ARG B 886 -46.09 -10.89 0.60
C ARG B 886 -45.93 -12.25 1.28
N GLY B 887 -45.11 -12.32 2.31
CA GLY B 887 -45.13 -13.50 3.15
C GLY B 887 -46.36 -13.59 4.03
N GLY B 888 -46.91 -12.44 4.41
CA GLY B 888 -48.02 -12.40 5.34
C GLY B 888 -47.59 -12.78 6.72
N ARG B 889 -46.58 -12.09 7.27
CA ARG B 889 -46.01 -12.45 8.56
C ARG B 889 -45.76 -11.19 9.37
N VAL B 890 -46.08 -11.23 10.67
CA VAL B 890 -45.89 -10.10 11.57
C VAL B 890 -44.53 -10.27 12.22
N TYR B 891 -43.67 -9.27 12.09
CA TYR B 891 -42.33 -9.30 12.65
C TYR B 891 -42.22 -8.28 13.78
N TRP B 892 -41.80 -8.71 14.95
CA TRP B 892 -41.56 -7.76 16.03
C TRP B 892 -40.20 -8.06 16.68
N THR B 893 -39.66 -7.07 17.37
CA THR B 893 -38.45 -7.27 18.17
C THR B 893 -38.84 -7.53 19.61
N ASP B 894 -38.54 -8.73 20.09
CA ASP B 894 -38.69 -9.06 21.49
C ASP B 894 -37.41 -8.59 22.15
N LEU B 895 -37.50 -7.49 22.93
CA LEU B 895 -36.33 -6.86 23.51
C LEU B 895 -35.78 -7.64 24.70
N ALA B 896 -36.63 -8.44 25.35
CA ALA B 896 -36.15 -9.25 26.47
C ALA B 896 -35.32 -10.42 25.97
N ARG B 897 -35.63 -10.90 24.77
CA ARG B 897 -34.86 -12.02 24.18
C ARG B 897 -33.92 -11.47 23.13
N ASN B 898 -33.76 -10.17 23.03
CA ASN B 898 -33.02 -9.54 21.91
C ASN B 898 -33.16 -10.35 20.63
N CYS B 899 -34.41 -10.65 20.26
CA CYS B 899 -34.64 -11.48 19.09
C CYS B 899 -35.73 -10.85 18.24
N VAL B 900 -35.97 -11.45 17.09
CA VAL B 900 -37.06 -11.04 16.21
C VAL B 900 -38.02 -12.21 16.10
N VAL B 901 -39.28 -11.98 16.44
CA VAL B 901 -40.30 -13.00 16.45
C VAL B 901 -41.15 -12.79 15.20
N ARG B 902 -41.34 -13.86 14.44
CA ARG B 902 -42.20 -13.85 13.26
C ARG B 902 -43.44 -14.68 13.57
N MET B 903 -44.61 -14.11 13.33
CA MET B 903 -45.88 -14.71 13.69
C MET B 903 -46.80 -14.76 12.48
N ASP B 904 -47.40 -15.92 12.24
CA ASP B 904 -48.52 -16.02 11.32
C ASP B 904 -49.73 -15.34 11.95
N PRO B 905 -50.36 -14.36 11.30
CA PRO B 905 -51.52 -13.69 11.91
C PRO B 905 -52.80 -14.51 11.87
N TRP B 906 -52.86 -15.55 11.07
CA TRP B 906 -54.06 -16.36 11.01
C TRP B 906 -54.08 -17.46 12.06
N SER B 907 -52.93 -17.80 12.64
CA SER B 907 -52.84 -18.89 13.60
C SER B 907 -52.09 -18.56 14.87
N GLY B 908 -51.27 -17.52 14.89
CA GLY B 908 -50.52 -17.18 16.08
C GLY B 908 -49.34 -18.08 16.36
N SER B 909 -48.81 -18.74 15.33
CA SER B 909 -47.64 -19.60 15.48
C SER B 909 -46.40 -18.72 15.37
N ARG B 910 -45.56 -18.74 16.40
CA ARG B 910 -44.43 -17.83 16.51
C ARG B 910 -43.13 -18.55 16.19
N GLU B 911 -42.28 -17.90 15.42
CA GLU B 911 -40.94 -18.41 15.13
C GLU B 911 -39.92 -17.39 15.61
N LEU B 912 -38.96 -17.83 16.40
CA LEU B 912 -37.81 -17.01 16.72
C LEU B 912 -36.88 -16.94 15.50
N LEU B 913 -36.41 -15.77 15.19
CA LEU B 913 -35.61 -15.61 14.00
C LEU B 913 -34.28 -14.97 14.37
N PRO B 914 -33.12 -15.49 13.87
CA PRO B 914 -31.80 -15.08 14.37
C PRO B 914 -31.34 -13.68 13.96
N VAL B 915 -31.99 -12.66 14.51
CA VAL B 915 -31.55 -11.28 14.40
C VAL B 915 -31.44 -10.74 15.81
N PHE B 916 -30.25 -10.27 16.18
CA PHE B 916 -29.94 -10.01 17.58
C PHE B 916 -29.80 -8.53 17.85
N GLU B 917 -30.30 -8.14 19.04
CA GLU B 917 -30.24 -6.80 19.64
C GLU B 917 -30.91 -5.73 18.79
N ALA B 918 -31.96 -6.10 18.07
CA ALA B 918 -32.63 -5.22 17.15
C ALA B 918 -33.74 -4.46 17.88
N ASN B 919 -33.98 -3.23 17.45
CA ASN B 919 -35.09 -2.44 17.94
C ASN B 919 -36.17 -2.20 16.90
N PHE B 920 -35.80 -1.81 15.69
CA PHE B 920 -36.75 -1.45 14.65
C PHE B 920 -36.50 -2.30 13.40
N LEU B 921 -37.60 -2.68 12.75
CA LEU B 921 -37.58 -3.57 11.60
C LEU B 921 -38.29 -2.92 10.43
N ALA B 922 -37.83 -3.27 9.23
CA ALA B 922 -38.58 -3.02 8.00
C ALA B 922 -38.15 -4.11 7.02
N LEU B 923 -39.11 -4.79 6.40
CA LEU B 923 -38.74 -5.86 5.49
C LEU B 923 -39.09 -5.49 4.07
N ASP B 924 -38.13 -5.75 3.16
CA ASP B 924 -38.32 -5.53 1.74
C ASP B 924 -39.10 -6.71 1.17
N PRO B 925 -40.29 -6.51 0.60
CA PRO B 925 -41.10 -7.66 0.17
C PRO B 925 -40.67 -8.25 -1.15
N ARG B 926 -39.81 -7.56 -1.91
CA ARG B 926 -39.40 -8.05 -3.22
C ARG B 926 -38.41 -9.20 -3.11
N GLN B 927 -37.49 -9.11 -2.15
CA GLN B 927 -36.41 -10.06 -2.04
C GLN B 927 -36.42 -10.82 -0.72
N GLY B 928 -37.28 -10.46 0.21
CA GLY B 928 -37.33 -11.11 1.50
C GLY B 928 -36.30 -10.65 2.49
N HIS B 929 -35.54 -9.60 2.17
CA HIS B 929 -34.52 -9.10 3.08
C HIS B 929 -35.15 -8.34 4.24
N LEU B 930 -34.72 -8.66 5.45
CA LEU B 930 -35.10 -7.93 6.63
C LEU B 930 -34.04 -6.87 6.87
N TYR B 931 -34.48 -5.68 7.27
CA TYR B 931 -33.59 -4.57 7.57
C TYR B 931 -33.84 -4.20 9.02
N TYR B 932 -32.78 -4.13 9.81
CA TYR B 932 -32.98 -3.88 11.22
C TYR B 932 -32.02 -2.82 11.72
N ALA B 933 -32.45 -2.15 12.78
CA ALA B 933 -31.66 -1.09 13.41
C ALA B 933 -31.51 -1.43 14.88
N THR B 934 -30.26 -1.49 15.34
CA THR B 934 -29.99 -1.61 16.76
C THR B 934 -29.90 -0.22 17.38
N SER B 935 -29.43 -0.16 18.62
CA SER B 935 -29.11 1.13 19.19
C SER B 935 -27.80 1.67 18.66
N SER B 936 -26.91 0.79 18.20
CA SER B 936 -25.61 1.19 17.68
C SER B 936 -25.52 1.12 16.17
N GLN B 937 -26.09 0.10 15.54
CA GLN B 937 -25.84 -0.15 14.13
C GLN B 937 -27.16 -0.40 13.39
N LEU B 938 -27.09 -0.23 12.08
CA LEU B 938 -28.18 -0.50 11.16
C LEU B 938 -27.64 -1.37 10.04
N SER B 939 -28.34 -2.48 9.76
CA SER B 939 -27.82 -3.51 8.87
C SER B 939 -28.97 -4.34 8.31
N ARG B 940 -28.60 -5.41 7.61
CA ARG B 940 -29.51 -6.22 6.80
C ARG B 940 -29.30 -7.68 7.14
N HIS B 941 -30.38 -8.45 7.17
CA HIS B 941 -30.34 -9.90 7.30
C HIS B 941 -31.10 -10.52 6.15
N GLY B 942 -30.48 -11.47 5.47
CA GLY B 942 -31.11 -12.15 4.36
C GLY B 942 -31.35 -13.61 4.66
N SER B 943 -31.71 -14.39 3.64
CA SER B 943 -31.89 -15.83 3.84
C SER B 943 -30.55 -16.55 3.98
N THR B 944 -29.53 -16.06 3.29
CA THR B 944 -28.18 -16.58 3.32
C THR B 944 -27.29 -15.63 4.12
N PRO B 945 -26.17 -16.11 4.67
CA PRO B 945 -25.24 -15.17 5.33
C PRO B 945 -24.44 -14.27 4.39
N ASP B 946 -24.45 -14.53 3.08
CA ASP B 946 -23.74 -13.68 2.14
C ASP B 946 -24.46 -12.35 1.88
N GLU B 947 -25.76 -12.28 2.15
CA GLU B 947 -26.54 -11.08 1.87
C GLU B 947 -26.54 -10.09 3.02
N ALA B 948 -25.88 -10.39 4.14
CA ALA B 948 -25.88 -9.53 5.30
C ALA B 948 -24.85 -8.42 5.09
N VAL B 949 -25.32 -7.18 5.01
CA VAL B 949 -24.45 -6.02 4.80
C VAL B 949 -24.78 -5.01 5.89
N THR B 950 -23.74 -4.34 6.40
CA THR B 950 -23.90 -3.34 7.45
C THR B 950 -23.82 -1.95 6.85
N TYR B 951 -24.90 -1.18 6.98
CA TYR B 951 -24.95 0.16 6.43
C TYR B 951 -24.35 1.21 7.36
N TYR B 952 -24.64 1.13 8.66
CA TYR B 952 -24.23 2.23 9.52
C TYR B 952 -23.85 1.75 10.90
N ARG B 953 -22.79 2.36 11.44
CA ARG B 953 -22.45 2.24 12.86
C ARG B 953 -22.23 3.64 13.39
N VAL B 954 -22.70 3.90 14.61
CA VAL B 954 -22.53 5.23 15.21
C VAL B 954 -21.14 5.37 15.81
N GLY B 959 -24.52 9.29 19.17
CA GLY B 959 -25.74 8.98 19.90
C GLY B 959 -26.27 7.59 19.61
N SER B 960 -27.53 7.52 19.17
CA SER B 960 -28.17 6.25 18.88
C SER B 960 -29.20 6.45 17.77
N ILE B 961 -29.52 5.37 17.09
CA ILE B 961 -30.48 5.42 15.99
C ILE B 961 -31.89 5.43 16.57
N ALA B 962 -32.65 6.48 16.26
CA ALA B 962 -33.95 6.70 16.87
C ALA B 962 -35.08 6.02 16.12
N SER B 963 -35.08 6.09 14.78
CA SER B 963 -36.05 5.42 13.93
C SER B 963 -35.44 5.28 12.54
N PHE B 964 -35.99 4.38 11.73
CA PHE B 964 -35.61 4.34 10.33
C PHE B 964 -36.84 3.95 9.52
N VAL B 965 -36.71 4.09 8.20
CA VAL B 965 -37.78 3.75 7.28
C VAL B 965 -37.13 3.24 5.99
N LEU B 966 -37.80 2.29 5.34
CA LEU B 966 -37.30 1.66 4.12
C LEU B 966 -38.08 2.17 2.92
N ASP B 967 -37.36 2.59 1.89
CA ASP B 967 -37.97 3.00 0.63
C ASP B 967 -37.71 1.89 -0.39
N THR B 968 -38.71 1.05 -0.60
CA THR B 968 -38.56 -0.13 -1.46
C THR B 968 -38.58 0.23 -2.94
N GLN B 969 -39.26 1.33 -3.28
CA GLN B 969 -39.46 1.65 -4.72
C GLN B 969 -38.21 2.31 -5.29
N GLN B 970 -37.65 3.27 -4.58
CA GLN B 970 -36.51 4.03 -5.08
C GLN B 970 -35.18 3.46 -4.64
N ASP B 971 -35.20 2.34 -3.90
CA ASP B 971 -34.04 1.57 -3.40
C ASP B 971 -33.10 2.41 -2.54
N GLN B 972 -33.66 3.13 -1.59
CA GLN B 972 -32.86 3.90 -0.64
C GLN B 972 -33.39 3.66 0.75
N LEU B 973 -32.70 4.25 1.73
CA LEU B 973 -33.02 4.04 3.14
C LEU B 973 -32.67 5.32 3.86
N PHE B 974 -33.48 5.67 4.85
CA PHE B 974 -33.23 6.83 5.70
C PHE B 974 -33.26 6.42 7.16
N TRP B 975 -32.46 7.12 7.97
CA TRP B 975 -32.54 6.92 9.42
C TRP B 975 -32.20 8.21 10.16
N LEU B 976 -32.68 8.28 11.40
CA LEU B 976 -32.45 9.40 12.30
C LEU B 976 -31.45 8.97 13.35
N VAL B 977 -30.38 9.75 13.51
CA VAL B 977 -29.46 9.58 14.62
C VAL B 977 -29.75 10.67 15.64
N LYS B 978 -30.21 10.28 16.81
CA LYS B 978 -30.48 11.21 17.90
C LYS B 978 -29.22 11.28 18.74
N GLY B 979 -28.40 12.28 18.46
CA GLY B 979 -27.12 12.44 19.12
C GLY B 979 -27.24 13.28 20.37
N SER B 980 -26.23 14.13 20.59
CA SER B 980 -26.21 15.01 21.76
C SER B 980 -26.83 16.35 21.35
N GLY B 981 -28.15 16.42 21.43
CA GLY B 981 -28.89 17.62 21.11
C GLY B 981 -28.98 17.94 19.63
N ALA B 982 -28.78 16.97 18.75
CA ALA B 982 -28.81 17.23 17.31
C ALA B 982 -29.35 16.02 16.60
N LEU B 983 -30.53 16.15 16.00
CA LEU B 983 -31.07 15.09 15.16
C LEU B 983 -30.42 15.15 13.79
N ARG B 984 -29.70 14.08 13.43
CA ARG B 984 -28.99 14.03 12.15
C ARG B 984 -29.68 12.99 11.28
N LEU B 985 -30.20 13.42 10.14
CA LEU B 985 -30.92 12.50 9.26
C LEU B 985 -30.01 12.08 8.13
N TYR B 986 -30.14 10.84 7.69
CA TYR B 986 -29.20 10.30 6.71
C TYR B 986 -29.94 9.61 5.56
N ARG B 987 -29.16 9.12 4.61
CA ARG B 987 -29.68 8.40 3.45
C ARG B 987 -28.58 7.50 2.90
N ALA B 988 -28.92 6.25 2.62
CA ALA B 988 -27.98 5.32 1.99
C ALA B 988 -28.72 4.49 0.94
N PRO B 989 -28.04 4.11 -0.14
CA PRO B 989 -28.66 3.17 -1.09
C PRO B 989 -28.65 1.76 -0.53
N LEU B 990 -29.45 0.90 -1.16
CA LEU B 990 -29.60 -0.47 -0.72
C LEU B 990 -28.52 -1.40 -1.26
N THR B 991 -27.63 -0.90 -2.12
CA THR B 991 -26.58 -1.73 -2.70
C THR B 991 -25.45 -1.96 -1.71
N SER B 996 -23.04 5.50 -1.11
CA SER B 996 -23.02 6.93 -0.87
C SER B 996 -23.85 7.28 0.36
N LEU B 997 -23.17 7.49 1.49
CA LEU B 997 -23.82 7.87 2.73
C LEU B 997 -23.64 9.37 2.92
N GLN B 998 -24.76 10.10 2.99
CA GLN B 998 -24.73 11.53 3.23
C GLN B 998 -25.66 11.88 4.39
N MET B 999 -25.36 13.02 5.02
CA MET B 999 -26.20 13.60 6.05
C MET B 999 -27.12 14.59 5.33
N ILE B 1000 -28.43 14.37 5.43
CA ILE B 1000 -29.37 15.26 4.75
C ILE B 1000 -29.56 16.55 5.55
N GLN B 1001 -30.03 16.43 6.80
CA GLN B 1001 -30.33 17.62 7.57
C GLN B 1001 -30.06 17.36 9.05
N GLN B 1002 -29.39 18.33 9.68
CA GLN B 1002 -29.09 18.28 11.11
C GLN B 1002 -29.88 19.38 11.79
N ILE B 1003 -30.71 19.00 12.74
CA ILE B 1003 -31.56 19.94 13.48
C ILE B 1003 -31.05 19.99 14.91
N LYS B 1004 -30.62 21.16 15.35
CA LYS B 1004 -30.07 21.32 16.69
C LYS B 1004 -31.13 21.88 17.63
N GLY B 1005 -31.08 21.46 18.87
CA GLY B 1005 -32.05 21.89 19.87
C GLY B 1005 -32.26 20.81 20.91
N VAL B 1006 -32.96 21.20 21.97
CA VAL B 1006 -33.22 20.27 23.06
C VAL B 1006 -34.40 19.34 22.70
N PHE B 1007 -35.27 19.77 21.78
CA PHE B 1007 -36.38 18.94 21.34
C PHE B 1007 -35.89 17.89 20.35
N GLN B 1008 -36.44 16.68 20.47
CA GLN B 1008 -35.99 15.55 19.67
C GLN B 1008 -37.20 14.73 19.27
N ALA B 1009 -36.95 13.62 18.59
CA ALA B 1009 -38.02 12.80 18.04
C ALA B 1009 -38.43 11.71 19.03
N VAL B 1010 -39.68 11.28 18.89
CA VAL B 1010 -40.13 10.03 19.49
C VAL B 1010 -39.42 8.89 18.81
N PRO B 1011 -38.92 7.88 19.54
CA PRO B 1011 -38.43 6.66 18.89
C PRO B 1011 -39.57 5.91 18.22
N ASP B 1012 -39.24 5.32 17.05
CA ASP B 1012 -40.16 4.77 16.04
C ASP B 1012 -41.23 5.79 15.66
N SER B 1013 -40.78 6.89 15.07
CA SER B 1013 -41.71 7.89 14.56
C SER B 1013 -41.33 8.50 13.22
N LEU B 1014 -40.31 7.98 12.54
CA LEU B 1014 -39.97 8.50 11.22
C LEU B 1014 -40.76 7.74 10.16
N GLN B 1015 -41.74 8.40 9.54
CA GLN B 1015 -42.43 7.85 8.39
C GLN B 1015 -42.03 8.54 7.10
N LEU B 1016 -42.23 7.82 6.00
CA LEU B 1016 -41.91 8.29 4.66
C LEU B 1016 -43.20 8.71 3.98
N LEU B 1017 -43.37 10.01 3.77
CA LEU B 1017 -44.51 10.55 3.05
C LEU B 1017 -44.26 10.32 1.56
N ARG B 1018 -44.92 9.28 1.06
CA ARG B 1018 -44.70 8.92 -0.35
C ARG B 1018 -45.24 10.01 -1.26
N PRO B 1019 -46.54 10.40 -1.29
CA PRO B 1019 -46.94 11.37 -2.35
C PRO B 1019 -46.15 12.67 -2.36
N LEU B 1020 -45.91 13.28 -1.20
CA LEU B 1020 -45.09 14.47 -1.13
C LEU B 1020 -43.62 14.18 -1.38
N GLY B 1021 -43.14 12.99 -1.00
CA GLY B 1021 -41.73 12.71 -1.06
C GLY B 1021 -41.04 13.45 0.06
N ALA B 1022 -41.38 13.09 1.29
CA ALA B 1022 -40.86 13.79 2.45
C ALA B 1022 -40.68 12.80 3.59
N LEU B 1023 -40.10 13.29 4.68
CA LEU B 1023 -39.95 12.51 5.90
C LEU B 1023 -40.61 13.25 7.06
N LEU B 1024 -41.31 12.49 7.89
CA LEU B 1024 -42.06 13.01 9.02
C LEU B 1024 -41.50 12.41 10.30
N TRP B 1025 -41.35 13.23 11.33
CA TRP B 1025 -41.17 12.67 12.67
C TRP B 1025 -41.92 13.50 13.69
N LEU B 1026 -42.60 12.82 14.61
CA LEU B 1026 -43.25 13.47 15.72
C LEU B 1026 -42.21 13.88 16.76
N GLU B 1027 -42.40 15.05 17.35
CA GLU B 1027 -41.52 15.53 18.39
C GLU B 1027 -41.91 14.93 19.74
N ARG B 1028 -40.98 15.03 20.69
CA ARG B 1028 -41.12 14.33 21.97
C ARG B 1028 -42.12 15.02 22.90
N SER B 1029 -42.42 16.29 22.64
CA SER B 1029 -43.44 16.97 23.44
C SER B 1029 -44.84 16.52 23.08
N GLY B 1030 -45.04 16.05 21.85
CA GLY B 1030 -46.34 15.61 21.41
C GLY B 1030 -47.25 16.69 20.87
N ARG B 1031 -46.72 17.88 20.60
CA ARG B 1031 -47.52 18.98 20.09
C ARG B 1031 -47.00 19.50 18.75
N ARG B 1032 -46.03 18.82 18.14
CA ARG B 1032 -45.49 19.26 16.87
C ARG B 1032 -44.96 18.06 16.12
N ALA B 1033 -45.02 18.11 14.79
CA ALA B 1033 -44.36 17.15 13.93
C ALA B 1033 -43.49 17.93 12.96
N ARG B 1034 -42.38 17.36 12.53
CA ARG B 1034 -41.48 18.02 11.59
C ARG B 1034 -41.42 17.24 10.29
N LEU B 1035 -41.42 17.97 9.18
CA LEU B 1035 -41.48 17.42 7.83
C LEU B 1035 -40.34 18.00 7.00
N VAL B 1036 -39.56 17.13 6.37
CA VAL B 1036 -38.42 17.54 5.54
C VAL B 1036 -38.60 16.91 4.17
N ARG B 1037 -38.65 17.73 3.12
CA ARG B 1037 -38.75 17.21 1.76
C ARG B 1037 -37.40 16.75 1.26
N LEU B 1038 -37.40 15.95 0.19
CA LEU B 1038 -36.14 15.38 -0.30
C LEU B 1038 -35.47 16.29 -1.31
N ALA B 1039 -36.26 17.03 -2.10
CA ALA B 1039 -35.70 17.90 -3.13
C ALA B 1039 -35.10 19.16 -2.51
N ALA B 1040 -35.80 19.74 -1.55
CA ALA B 1040 -35.26 20.83 -0.73
C ALA B 1040 -34.97 20.27 0.64
N PRO B 1041 -33.70 20.04 1.00
CA PRO B 1041 -33.42 19.45 2.32
C PRO B 1041 -33.48 20.46 3.45
N LEU B 1042 -33.28 21.75 3.14
CA LEU B 1042 -33.00 22.73 4.20
C LEU B 1042 -34.27 23.18 4.89
N ASP B 1043 -35.40 23.21 4.18
CA ASP B 1043 -36.64 23.65 4.81
C ASP B 1043 -37.28 22.56 5.68
N VAL B 1044 -37.53 22.91 6.94
CA VAL B 1044 -38.17 22.01 7.88
C VAL B 1044 -39.52 22.61 8.26
N MET B 1045 -40.57 22.20 7.57
CA MET B 1045 -41.91 22.64 7.92
C MET B 1045 -42.37 21.94 9.18
N GLU B 1046 -43.22 22.60 9.95
CA GLU B 1046 -43.77 22.01 11.16
C GLU B 1046 -45.28 21.85 11.00
N LEU B 1047 -45.78 20.69 11.35
CA LEU B 1047 -47.21 20.47 11.41
C LEU B 1047 -47.68 20.54 12.86
N PRO B 1048 -48.56 21.46 13.19
CA PRO B 1048 -49.13 21.50 14.54
C PRO B 1048 -50.15 20.39 14.71
N THR B 1049 -50.39 20.04 15.95
CA THR B 1049 -51.21 18.95 16.39
C THR B 1049 -52.62 19.44 16.73
N PRO B 1050 -53.67 18.74 16.28
CA PRO B 1050 -55.04 19.12 16.67
C PRO B 1050 -55.31 18.93 18.16
N ASP B 1051 -56.16 19.81 18.69
CA ASP B 1051 -56.29 20.00 20.12
C ASP B 1051 -57.18 18.99 20.82
N GLN B 1052 -57.91 18.16 20.06
CA GLN B 1052 -58.65 17.06 20.68
C GLN B 1052 -57.72 15.96 21.14
N ALA B 1053 -56.71 15.64 20.35
CA ALA B 1053 -55.61 14.77 20.78
C ALA B 1053 -54.38 15.64 21.02
N SER B 1054 -54.32 16.27 22.21
CA SER B 1054 -53.36 17.35 22.41
C SER B 1054 -51.91 16.88 22.65
N PRO B 1055 -51.60 15.83 23.51
CA PRO B 1055 -50.29 15.22 23.33
C PRO B 1055 -50.32 14.05 22.36
N ALA B 1056 -49.66 14.19 21.22
CA ALA B 1056 -49.68 13.17 20.19
C ALA B 1056 -48.59 12.16 20.43
N SER B 1057 -48.92 10.87 20.34
CA SER B 1057 -47.91 9.83 20.44
C SER B 1057 -47.65 9.09 19.15
N ALA B 1058 -48.54 9.20 18.16
CA ALA B 1058 -48.29 8.54 16.88
C ALA B 1058 -48.87 9.34 15.74
N LEU B 1059 -48.16 9.37 14.62
CA LEU B 1059 -48.68 9.92 13.38
C LEU B 1059 -48.28 9.05 12.21
N GLN B 1060 -49.28 8.64 11.43
CA GLN B 1060 -49.08 7.75 10.30
C GLN B 1060 -49.68 8.39 9.06
N LEU B 1061 -49.05 8.17 7.91
CA LEU B 1061 -49.71 8.48 6.65
C LEU B 1061 -50.45 7.25 6.15
N LEU B 1062 -51.77 7.36 6.03
CA LEU B 1062 -52.56 6.24 5.52
C LEU B 1062 -52.42 6.16 4.01
N ASP B 1063 -52.21 4.96 3.50
CA ASP B 1063 -52.11 4.77 2.07
C ASP B 1063 -53.47 4.84 1.39
N PRO B 1064 -53.53 5.37 0.15
CA PRO B 1064 -54.83 5.45 -0.53
C PRO B 1064 -55.30 4.12 -1.08
N GLN B 1065 -54.39 3.30 -1.59
CA GLN B 1065 -54.76 1.95 -1.99
C GLN B 1065 -54.92 1.08 -0.75
N PRO B 1066 -55.74 0.04 -0.81
CA PRO B 1066 -55.74 -0.95 0.28
C PRO B 1066 -54.50 -1.83 0.24
N LEU B 1067 -54.31 -2.56 1.33
CA LEU B 1067 -53.15 -3.44 1.45
C LEU B 1067 -53.37 -4.67 0.58
N PRO B 1068 -52.34 -5.15 -0.14
CA PRO B 1068 -52.51 -6.34 -0.98
C PRO B 1068 -52.62 -7.60 -0.13
N PRO B 1069 -53.27 -8.64 -0.63
CA PRO B 1069 -53.38 -9.87 0.15
C PRO B 1069 -52.08 -10.68 0.14
N ARG B 1070 -52.11 -11.78 0.90
CA ARG B 1070 -50.94 -12.64 1.03
C ARG B 1070 -50.71 -13.42 -0.26
N ASP B 1071 -49.44 -13.72 -0.51
CA ASP B 1071 -49.07 -14.34 -1.78
C ASP B 1071 -48.94 -15.85 -1.58
N GLU B 1072 -49.59 -16.61 -2.44
CA GLU B 1072 -49.40 -18.05 -2.48
C GLU B 1072 -48.22 -18.45 -3.35
N GLY B 1073 -47.57 -17.49 -4.00
CA GLY B 1073 -46.39 -17.74 -4.78
C GLY B 1073 -45.11 -17.86 -3.98
N VAL B 1074 -45.13 -17.52 -2.69
CA VAL B 1074 -43.96 -17.66 -1.84
C VAL B 1074 -44.11 -18.77 -0.83
N ILE B 1075 -45.28 -19.40 -0.77
CA ILE B 1075 -45.51 -20.53 0.11
C ILE B 1075 -44.81 -21.75 -0.48
N PRO B 1076 -43.91 -22.41 0.26
CA PRO B 1076 -43.32 -23.65 -0.25
C PRO B 1076 -44.33 -24.77 -0.17
N MET B 1077 -44.34 -25.63 -1.19
CA MET B 1077 -45.20 -26.80 -1.16
C MET B 1077 -44.62 -27.84 -0.20
N THR B 1078 -45.50 -28.68 0.30
CA THR B 1078 -45.10 -29.72 1.24
C THR B 1078 -44.37 -30.82 0.50
N VAL B 1079 -43.25 -31.27 1.08
CA VAL B 1079 -42.44 -32.34 0.54
C VAL B 1079 -43.21 -33.65 0.63
N LEU B 1080 -43.25 -34.38 -0.50
CA LEU B 1080 -44.01 -35.62 -0.58
C LEU B 1080 -43.35 -36.72 0.24
N PRO B 1081 -44.06 -37.33 1.20
CA PRO B 1081 -43.39 -38.28 2.11
C PRO B 1081 -43.09 -39.63 1.48
N ASP B 1082 -43.74 -39.98 0.37
CA ASP B 1082 -43.37 -41.18 -0.35
C ASP B 1082 -42.07 -41.02 -1.14
N SER B 1083 -41.71 -39.79 -1.49
CA SER B 1083 -40.53 -39.56 -2.31
C SER B 1083 -39.25 -39.42 -1.50
N VAL B 1084 -39.34 -39.42 -0.17
CA VAL B 1084 -38.14 -39.36 0.67
C VAL B 1084 -37.52 -40.75 0.67
N ARG B 1085 -36.48 -40.94 -0.14
CA ARG B 1085 -35.84 -42.23 -0.27
C ARG B 1085 -34.48 -42.20 0.39
N LEU B 1086 -34.14 -43.30 1.06
CA LEU B 1086 -32.78 -43.50 1.57
C LEU B 1086 -32.01 -44.40 0.61
N ASP B 1087 -31.65 -43.86 -0.55
CA ASP B 1087 -30.88 -44.62 -1.51
C ASP B 1087 -29.39 -44.37 -1.30
N ASP B 1088 -28.65 -45.44 -1.09
CA ASP B 1088 -27.22 -45.35 -0.83
C ASP B 1088 -26.46 -45.90 -2.02
N GLY B 1089 -25.31 -45.30 -2.30
CA GLY B 1089 -24.47 -45.75 -3.39
C GLY B 1089 -23.33 -46.61 -2.89
N HIS B 1090 -22.34 -46.74 -3.76
CA HIS B 1090 -21.12 -47.43 -3.37
C HIS B 1090 -20.25 -46.53 -2.50
N TRP B 1091 -19.28 -47.16 -1.84
CA TRP B 1091 -18.29 -46.61 -0.87
C TRP B 1091 -19.06 -45.99 0.29
N ASP B 1092 -18.71 -44.79 0.76
CA ASP B 1092 -19.29 -44.22 1.96
C ASP B 1092 -20.44 -43.26 1.66
N ASP B 1093 -20.97 -43.27 0.45
CA ASP B 1093 -22.06 -42.38 0.07
C ASP B 1093 -23.37 -42.97 0.57
N PHE B 1094 -23.77 -42.59 1.77
CA PHE B 1094 -25.04 -42.98 2.37
C PHE B 1094 -25.87 -41.71 2.52
N HIS B 1095 -26.85 -41.52 1.64
CA HIS B 1095 -27.48 -40.22 1.54
C HIS B 1095 -28.99 -40.35 1.39
N VAL B 1096 -29.69 -39.24 1.67
CA VAL B 1096 -31.13 -39.16 1.58
C VAL B 1096 -31.50 -38.09 0.55
N ARG B 1097 -32.50 -38.40 -0.29
CA ARG B 1097 -33.01 -37.51 -1.32
C ARG B 1097 -34.52 -37.47 -1.25
N TRP B 1098 -35.11 -36.43 -1.83
CA TRP B 1098 -36.55 -36.31 -1.94
C TRP B 1098 -36.89 -35.52 -3.19
N GLN B 1099 -38.18 -35.50 -3.52
CA GLN B 1099 -38.67 -34.67 -4.62
C GLN B 1099 -38.61 -33.21 -4.21
N PRO B 1100 -38.02 -32.32 -5.03
CA PRO B 1100 -37.76 -30.94 -4.58
C PRO B 1100 -39.02 -30.09 -4.50
N SER B 1101 -39.19 -29.43 -3.36
CA SER B 1101 -40.36 -28.62 -3.13
C SER B 1101 -40.23 -27.29 -3.85
N THR B 1102 -41.25 -26.93 -4.59
CA THR B 1102 -41.29 -25.67 -5.32
C THR B 1102 -42.25 -24.73 -4.63
N SER B 1103 -42.32 -23.52 -5.15
CA SER B 1103 -43.32 -22.55 -4.75
C SER B 1103 -44.18 -22.21 -5.97
N GLY B 1104 -45.09 -21.26 -5.80
CA GLY B 1104 -45.97 -20.85 -6.87
C GLY B 1104 -45.25 -20.07 -7.94
N GLY B 1105 -44.83 -18.85 -7.62
CA GLY B 1105 -43.76 -18.23 -8.36
C GLY B 1105 -42.47 -18.95 -8.03
N ASN B 1106 -41.58 -19.08 -9.01
CA ASN B 1106 -40.42 -19.95 -8.85
C ASN B 1106 -39.33 -19.28 -8.02
N HIS B 1107 -39.39 -19.48 -6.72
CA HIS B 1107 -38.47 -18.88 -5.76
C HIS B 1107 -37.52 -19.93 -5.21
N SER B 1108 -36.50 -19.45 -4.51
CA SER B 1108 -35.46 -20.31 -3.97
C SER B 1108 -35.95 -20.99 -2.72
N VAL B 1109 -36.06 -22.31 -2.74
CA VAL B 1109 -36.55 -23.08 -1.61
C VAL B 1109 -35.38 -23.80 -0.97
N SER B 1110 -35.00 -23.39 0.23
CA SER B 1110 -33.99 -24.08 1.00
C SER B 1110 -34.65 -25.06 1.95
N TYR B 1111 -33.84 -25.88 2.60
CA TYR B 1111 -34.35 -26.94 3.44
C TYR B 1111 -33.60 -26.96 4.76
N ARG B 1112 -34.29 -27.40 5.80
CA ARG B 1112 -33.66 -27.70 7.08
C ARG B 1112 -34.03 -29.12 7.45
N LEU B 1113 -33.06 -29.90 7.93
CA LEU B 1113 -33.23 -31.32 8.05
C LEU B 1113 -32.78 -31.80 9.43
N LEU B 1114 -33.53 -32.75 9.98
CA LEU B 1114 -33.18 -33.35 11.27
C LEU B 1114 -33.15 -34.88 11.16
N LEU B 1115 -32.04 -35.46 11.62
CA LEU B 1115 -31.83 -36.90 11.72
C LEU B 1115 -31.98 -37.31 13.17
N GLU B 1116 -32.68 -38.41 13.39
CA GLU B 1116 -32.74 -39.09 14.69
C GLU B 1116 -32.30 -40.54 14.49
N PHE B 1117 -31.13 -40.89 15.03
CA PHE B 1117 -30.65 -42.26 15.23
C PHE B 1117 -30.96 -42.68 16.67
N GLY B 1118 -32.22 -42.59 17.05
CA GLY B 1118 -32.53 -42.93 18.43
C GLY B 1118 -32.25 -41.75 19.33
N GLN B 1119 -31.10 -41.76 20.00
CA GLN B 1119 -30.72 -40.63 20.84
C GLN B 1119 -29.68 -39.74 20.14
N ARG B 1120 -29.05 -40.27 19.08
CA ARG B 1120 -28.14 -39.41 18.28
C ARG B 1120 -28.98 -38.42 17.49
N LEU B 1121 -28.53 -37.19 17.36
CA LEU B 1121 -29.24 -36.11 16.71
C LEU B 1121 -28.31 -35.46 15.71
N GLN B 1122 -28.85 -35.06 14.56
CA GLN B 1122 -28.03 -34.33 13.59
C GLN B 1122 -28.88 -33.33 12.81
N THR B 1123 -28.48 -32.07 12.80
CA THR B 1123 -29.19 -31.03 12.07
C THR B 1123 -28.35 -30.60 10.87
N LEU B 1124 -29.02 -30.37 9.74
CA LEU B 1124 -28.36 -29.87 8.54
C LEU B 1124 -29.16 -28.73 7.95
N ASP B 1125 -28.47 -27.74 7.39
CA ASP B 1125 -29.09 -26.66 6.64
C ASP B 1125 -28.67 -26.87 5.19
N LEU B 1126 -29.65 -27.00 4.30
CA LEU B 1126 -29.42 -27.50 2.95
C LEU B 1126 -29.98 -26.51 1.93
N SER B 1127 -29.38 -26.52 0.75
CA SER B 1127 -29.90 -25.76 -0.37
C SER B 1127 -30.26 -26.62 -1.58
N THR B 1128 -30.16 -27.94 -1.44
CA THR B 1128 -30.49 -28.93 -2.46
C THR B 1128 -31.39 -30.00 -1.87
N PRO B 1129 -32.19 -30.71 -2.67
CA PRO B 1129 -32.90 -31.88 -2.14
C PRO B 1129 -32.03 -33.11 -1.95
N PHE B 1130 -31.11 -33.07 -0.96
CA PHE B 1130 -30.00 -34.01 -0.85
C PHE B 1130 -29.34 -33.79 0.50
N ALA B 1131 -29.02 -34.89 1.20
CA ALA B 1131 -28.24 -34.77 2.44
C ALA B 1131 -27.42 -36.03 2.64
N ARG B 1132 -26.12 -35.86 2.90
CA ARG B 1132 -25.24 -37.00 3.13
C ARG B 1132 -25.21 -37.32 4.61
N LEU B 1133 -25.42 -38.59 4.95
CA LEU B 1133 -25.39 -39.04 6.33
C LEU B 1133 -24.00 -39.58 6.64
N THR B 1134 -23.39 -39.10 7.72
CA THR B 1134 -21.99 -39.42 7.98
C THR B 1134 -21.81 -40.52 9.02
N GLN B 1135 -22.35 -40.33 10.23
CA GLN B 1135 -22.01 -41.18 11.37
C GLN B 1135 -23.03 -42.31 11.54
N LEU B 1136 -23.22 -43.09 10.45
CA LEU B 1136 -24.27 -44.08 10.31
C LEU B 1136 -23.99 -45.30 11.20
N PRO B 1137 -24.97 -45.71 12.03
CA PRO B 1137 -24.63 -46.56 13.17
C PRO B 1137 -24.55 -48.03 12.85
N GLN B 1138 -24.91 -48.43 11.62
CA GLN B 1138 -24.72 -49.73 10.93
C GLN B 1138 -25.55 -50.89 11.47
N ALA B 1139 -26.30 -50.73 12.57
CA ALA B 1139 -26.98 -51.84 13.23
C ALA B 1139 -28.49 -51.77 13.10
N GLN B 1140 -28.98 -51.33 11.93
CA GLN B 1140 -30.38 -51.43 11.44
C GLN B 1140 -31.39 -50.68 12.32
N LEU B 1141 -31.13 -49.39 12.55
CA LEU B 1141 -32.07 -48.61 13.31
C LEU B 1141 -33.15 -48.02 12.43
N GLN B 1142 -34.15 -47.44 13.08
CA GLN B 1142 -35.21 -46.70 12.42
C GLN B 1142 -34.87 -45.22 12.49
N LEU B 1143 -34.32 -44.69 11.40
CA LEU B 1143 -34.01 -43.27 11.26
C LEU B 1143 -35.28 -42.45 11.18
N LYS B 1144 -35.34 -41.36 11.93
CA LYS B 1144 -36.41 -40.39 11.78
C LYS B 1144 -35.87 -39.17 11.05
N ILE B 1145 -36.50 -38.82 9.93
CA ILE B 1145 -36.11 -37.69 9.09
C ILE B 1145 -37.22 -36.66 9.16
N SER B 1146 -36.90 -35.42 9.48
CA SER B 1146 -37.87 -34.35 9.29
C SER B 1146 -37.29 -33.29 8.36
N ILE B 1147 -38.11 -32.87 7.40
CA ILE B 1147 -37.79 -31.89 6.36
C ILE B 1147 -38.61 -30.64 6.66
N THR B 1148 -37.98 -29.48 6.71
CA THR B 1148 -38.71 -28.21 6.69
C THR B 1148 -38.27 -27.40 5.49
N PRO B 1149 -39.05 -27.35 4.42
CA PRO B 1149 -38.74 -26.44 3.33
C PRO B 1149 -39.09 -25.02 3.69
N ARG B 1150 -38.36 -24.08 3.09
CA ARG B 1150 -38.61 -22.67 3.34
C ARG B 1150 -38.23 -21.86 2.13
N THR B 1151 -38.74 -20.65 2.08
CA THR B 1151 -38.35 -19.62 1.13
C THR B 1151 -37.74 -18.48 1.91
N ALA B 1152 -37.53 -17.35 1.24
CA ALA B 1152 -37.05 -16.16 1.92
C ALA B 1152 -38.12 -15.51 2.79
N TRP B 1153 -39.40 -15.74 2.50
CA TRP B 1153 -40.48 -15.07 3.19
C TRP B 1153 -41.10 -15.88 4.31
N ARG B 1154 -41.43 -17.14 4.09
CA ARG B 1154 -42.06 -17.94 5.12
C ARG B 1154 -41.58 -19.37 5.00
N SER B 1155 -42.18 -20.26 5.78
CA SER B 1155 -41.79 -21.66 5.84
C SER B 1155 -42.99 -22.55 5.55
N GLY B 1156 -42.74 -23.67 4.88
CA GLY B 1156 -43.76 -24.65 4.63
C GLY B 1156 -43.95 -25.60 5.80
N ASP B 1157 -44.79 -26.61 5.58
CA ASP B 1157 -45.04 -27.60 6.61
C ASP B 1157 -43.90 -28.59 6.72
N THR B 1158 -43.81 -29.22 7.88
CA THR B 1158 -42.77 -30.20 8.17
C THR B 1158 -43.21 -31.57 7.66
N THR B 1159 -42.32 -32.25 6.96
CA THR B 1159 -42.55 -33.62 6.51
C THR B 1159 -41.74 -34.56 7.38
N ARG B 1160 -42.40 -35.46 8.10
CA ARG B 1160 -41.73 -36.38 9.00
C ARG B 1160 -41.93 -37.80 8.51
N VAL B 1161 -40.82 -38.49 8.23
CA VAL B 1161 -40.84 -39.89 7.83
C VAL B 1161 -39.92 -40.69 8.74
N GLN B 1162 -40.11 -42.00 8.72
CA GLN B 1162 -39.26 -42.95 9.41
C GLN B 1162 -38.80 -43.98 8.39
N LEU B 1163 -37.49 -44.16 8.27
CA LEU B 1163 -36.90 -45.01 7.26
C LEU B 1163 -35.99 -46.05 7.91
N THR B 1164 -35.97 -47.25 7.33
CA THR B 1164 -35.08 -48.30 7.76
C THR B 1164 -33.72 -48.09 7.11
N THR B 1165 -32.66 -48.34 7.87
CA THR B 1165 -31.31 -48.17 7.36
C THR B 1165 -30.96 -49.34 6.45
N PRO B 1166 -30.22 -49.14 5.36
CA PRO B 1166 -29.63 -50.26 4.65
C PRO B 1166 -28.52 -50.88 5.47
N PRO B 1167 -28.22 -52.18 5.24
CA PRO B 1167 -27.14 -52.81 6.01
C PRO B 1167 -25.74 -52.37 5.57
N VAL B 1168 -24.94 -51.99 6.56
CA VAL B 1168 -23.57 -51.56 6.32
C VAL B 1168 -22.62 -52.61 6.87
N ALA B 1169 -22.05 -53.42 5.99
CA ALA B 1169 -21.08 -54.42 6.43
C ALA B 1169 -19.67 -53.87 6.66
N PRO B 1170 -18.99 -53.06 5.71
CA PRO B 1170 -17.64 -52.60 6.09
C PRO B 1170 -17.61 -51.44 7.06
N SER B 1171 -16.73 -51.53 8.04
CA SER B 1171 -16.43 -50.43 8.95
C SER B 1171 -14.93 -50.15 8.85
N GLN B 1172 -14.58 -49.01 8.28
CA GLN B 1172 -13.20 -48.69 7.97
C GLN B 1172 -12.81 -47.42 8.69
N PRO B 1173 -11.56 -47.32 9.19
CA PRO B 1173 -11.11 -46.07 9.82
C PRO B 1173 -10.95 -44.94 8.82
N ARG B 1174 -11.25 -43.73 9.29
CA ARG B 1174 -11.38 -42.56 8.42
C ARG B 1174 -10.10 -41.76 8.52
N ARG B 1175 -9.50 -41.45 7.37
CA ARG B 1175 -8.17 -40.87 7.33
C ARG B 1175 -8.25 -39.36 7.20
N LEU B 1176 -7.15 -38.71 7.56
CA LEU B 1176 -7.04 -37.27 7.48
C LEU B 1176 -6.80 -36.84 6.05
N ARG B 1177 -7.67 -35.96 5.56
CA ARG B 1177 -7.68 -35.56 4.15
C ARG B 1177 -7.31 -34.09 4.08
N VAL B 1178 -6.10 -33.78 3.62
CA VAL B 1178 -5.62 -32.40 3.57
C VAL B 1178 -5.46 -32.02 2.10
N PHE B 1179 -6.06 -30.89 1.71
CA PHE B 1179 -5.90 -30.37 0.37
C PHE B 1179 -5.40 -28.94 0.47
N VAL B 1180 -4.39 -28.59 -0.30
CA VAL B 1180 -3.92 -27.21 -0.31
C VAL B 1180 -4.68 -26.50 -1.43
N GLU B 1181 -4.95 -25.22 -1.25
CA GLU B 1181 -5.58 -24.40 -2.28
C GLU B 1181 -4.88 -23.07 -2.36
N ARG B 1182 -4.80 -22.54 -3.58
CA ARG B 1182 -4.14 -21.28 -3.86
C ARG B 1182 -5.19 -20.31 -4.35
N LEU B 1183 -5.48 -19.29 -3.55
CA LEU B 1183 -6.57 -18.37 -3.86
C LEU B 1183 -5.95 -17.03 -4.22
N ALA B 1184 -6.37 -16.48 -5.36
CA ALA B 1184 -5.79 -15.26 -5.90
C ALA B 1184 -6.88 -14.26 -6.24
N THR B 1185 -6.89 -13.15 -5.51
CA THR B 1185 -7.70 -11.99 -5.83
C THR B 1185 -6.77 -10.99 -6.52
N ALA B 1186 -7.29 -10.32 -7.55
CA ALA B 1186 -6.60 -9.19 -8.17
C ALA B 1186 -6.43 -8.06 -7.16
N LEU B 1187 -5.28 -7.38 -7.28
CA LEU B 1187 -4.66 -6.38 -6.37
C LEU B 1187 -4.36 -6.95 -4.99
N GLN B 1188 -4.16 -8.25 -4.86
CA GLN B 1188 -3.74 -8.88 -3.63
C GLN B 1188 -2.77 -10.00 -3.97
N GLU B 1189 -2.00 -10.43 -2.97
CA GLU B 1189 -1.14 -11.57 -3.17
C GLU B 1189 -1.96 -12.84 -3.13
N ALA B 1190 -1.48 -13.87 -3.84
CA ALA B 1190 -2.17 -15.13 -3.85
C ALA B 1190 -1.84 -15.91 -2.60
N ASN B 1191 -2.80 -15.99 -1.70
CA ASN B 1191 -2.56 -16.72 -0.43
C ASN B 1191 -2.69 -18.21 -0.68
N VAL B 1192 -1.90 -19.00 0.03
CA VAL B 1192 -1.87 -20.45 -0.12
C VAL B 1192 -2.22 -21.05 1.23
N SER B 1193 -3.26 -21.87 1.28
CA SER B 1193 -3.77 -22.35 2.55
C SER B 1193 -4.15 -23.83 2.46
N ALA B 1194 -4.06 -24.51 3.59
CA ALA B 1194 -4.34 -25.93 3.66
C ALA B 1194 -5.68 -26.16 4.35
N VAL B 1195 -6.58 -26.85 3.67
CA VAL B 1195 -7.87 -27.23 4.21
C VAL B 1195 -7.73 -28.66 4.72
N LEU B 1196 -7.99 -28.87 6.01
CA LEU B 1196 -7.96 -30.20 6.58
C LEU B 1196 -9.39 -30.65 6.85
N ARG B 1197 -9.73 -31.83 6.36
CA ARG B 1197 -11.01 -32.44 6.67
C ARG B 1197 -10.77 -33.84 7.22
N TRP B 1198 -11.30 -34.10 8.39
CA TRP B 1198 -11.19 -35.40 9.03
C TRP B 1198 -12.56 -35.75 9.60
N ASP B 1199 -13.03 -36.95 9.30
CA ASP B 1199 -14.28 -37.41 9.86
C ASP B 1199 -14.08 -37.83 11.31
N ALA B 1200 -15.19 -37.92 12.01
CA ALA B 1200 -15.20 -38.39 13.38
C ALA B 1200 -14.97 -39.90 13.41
N PRO B 1201 -14.39 -40.42 14.49
CA PRO B 1201 -14.41 -41.87 14.71
C PRO B 1201 -15.80 -42.36 15.05
N GLU B 1202 -16.00 -43.67 14.86
CA GLU B 1202 -17.34 -44.26 14.96
C GLU B 1202 -17.80 -44.38 16.40
N GLN B 1203 -19.00 -43.87 16.66
CA GLN B 1203 -19.58 -43.83 17.99
C GLN B 1203 -20.76 -44.77 18.04
N GLY B 1204 -21.15 -45.16 19.25
CA GLY B 1204 -22.33 -45.99 19.40
C GLY B 1204 -23.60 -45.16 19.21
N GLN B 1205 -24.70 -45.86 18.92
CA GLN B 1205 -25.96 -45.15 18.71
C GLN B 1205 -26.64 -44.82 20.03
N GLU B 1206 -26.24 -45.47 21.12
CA GLU B 1206 -26.75 -45.11 22.44
C GLU B 1206 -26.14 -43.81 22.92
N ALA B 1207 -24.83 -43.65 22.72
CA ALA B 1207 -24.17 -42.41 23.11
C ALA B 1207 -24.47 -41.31 22.09
N PRO B 1208 -24.65 -40.07 22.54
CA PRO B 1208 -24.94 -38.98 21.59
C PRO B 1208 -23.69 -38.48 20.87
N MET B 1209 -23.90 -37.41 20.11
CA MET B 1209 -22.79 -36.80 19.37
C MET B 1209 -21.89 -36.01 20.32
N GLN B 1210 -20.60 -36.35 20.29
CA GLN B 1210 -19.64 -35.84 21.25
C GLN B 1210 -18.79 -34.76 20.62
N ALA B 1211 -18.40 -33.79 21.42
CA ALA B 1211 -17.43 -32.80 20.99
C ALA B 1211 -16.04 -33.41 20.95
N LEU B 1212 -15.39 -33.27 19.80
CA LEU B 1212 -14.01 -33.74 19.66
C LEU B 1212 -13.09 -32.55 19.58
N GLU B 1213 -12.18 -32.46 20.53
CA GLU B 1213 -11.19 -31.39 20.55
C GLU B 1213 -10.03 -31.80 19.65
N TYR B 1214 -9.80 -31.03 18.60
CA TYR B 1214 -8.77 -31.31 17.60
C TYR B 1214 -7.60 -30.38 17.85
N HIS B 1215 -6.45 -30.95 18.18
CA HIS B 1215 -5.23 -30.18 18.36
C HIS B 1215 -4.35 -30.42 17.14
N ILE B 1216 -4.00 -29.36 16.43
CA ILE B 1216 -3.18 -29.44 15.24
C ILE B 1216 -1.88 -28.65 15.48
N SER B 1217 -0.75 -29.32 15.28
CA SER B 1217 0.55 -28.69 15.29
C SER B 1217 1.12 -28.76 13.88
N CYS B 1218 1.39 -27.60 13.29
CA CYS B 1218 1.93 -27.52 11.94
C CYS B 1218 3.41 -27.24 12.04
N TRP B 1219 4.22 -27.99 11.31
CA TRP B 1219 5.67 -27.88 11.42
C TRP B 1219 6.30 -27.61 10.06
N VAL B 1220 7.18 -26.62 10.03
CA VAL B 1220 8.09 -26.35 8.93
C VAL B 1220 9.45 -26.91 9.33
N GLY B 1221 9.77 -28.11 8.85
CA GLY B 1221 11.07 -28.70 9.13
C GLY B 1221 11.16 -29.24 10.54
N SER B 1222 11.86 -28.49 11.39
CA SER B 1222 11.93 -28.74 12.82
C SER B 1222 11.26 -27.65 13.64
N GLU B 1223 10.56 -26.72 13.00
CA GLU B 1223 10.05 -25.54 13.69
C GLU B 1223 8.53 -25.47 13.61
N LEU B 1224 7.93 -24.76 14.56
CA LEU B 1224 6.48 -24.74 14.71
C LEU B 1224 5.92 -23.52 14.01
N HIS B 1225 4.97 -23.74 13.09
CA HIS B 1225 4.42 -22.68 12.26
C HIS B 1225 3.15 -22.10 12.86
N GLU B 1226 2.11 -22.93 12.98
CA GLU B 1226 0.86 -22.55 13.62
C GLU B 1226 0.44 -23.65 14.57
N GLU B 1227 -0.46 -23.31 15.49
CA GLU B 1227 -1.01 -24.28 16.42
C GLU B 1227 -2.43 -23.84 16.76
N LEU B 1228 -3.39 -24.73 16.53
CA LEU B 1228 -4.81 -24.40 16.71
C LEU B 1228 -5.47 -25.46 17.58
N ARG B 1229 -6.38 -25.02 18.45
CA ARG B 1229 -7.21 -25.90 19.26
C ARG B 1229 -8.65 -25.65 18.84
N LEU B 1230 -9.33 -26.66 18.33
CA LEU B 1230 -10.66 -26.49 17.76
C LEU B 1230 -11.60 -27.54 18.32
N ASN B 1231 -12.76 -27.09 18.78
CA ASN B 1231 -13.82 -27.95 19.26
C ASN B 1231 -14.87 -28.10 18.17
N GLN B 1232 -14.90 -29.27 17.53
CA GLN B 1232 -15.76 -29.50 16.39
C GLN B 1232 -16.27 -30.93 16.43
N SER B 1233 -17.42 -31.15 15.78
CA SER B 1233 -17.96 -32.51 15.67
C SER B 1233 -17.20 -33.33 14.64
N ALA B 1234 -16.78 -32.69 13.55
CA ALA B 1234 -15.85 -33.26 12.61
C ALA B 1234 -14.88 -32.17 12.22
N LEU B 1235 -13.64 -32.55 11.91
CA LEU B 1235 -12.58 -31.57 11.72
C LEU B 1235 -12.68 -30.95 10.33
N GLU B 1236 -12.93 -29.64 10.30
CA GLU B 1236 -12.84 -28.85 9.08
C GLU B 1236 -12.05 -27.61 9.46
N ALA B 1237 -10.77 -27.60 9.10
CA ALA B 1237 -9.85 -26.58 9.56
C ALA B 1237 -9.14 -25.96 8.38
N ARG B 1238 -8.54 -24.79 8.61
CA ARG B 1238 -7.77 -24.11 7.54
C ARG B 1238 -6.51 -23.48 8.11
N VAL B 1239 -5.35 -23.93 7.69
CA VAL B 1239 -4.06 -23.39 8.08
C VAL B 1239 -3.64 -22.41 6.99
N GLU B 1240 -3.49 -21.14 7.37
CA GLU B 1240 -3.22 -20.09 6.41
C GLU B 1240 -1.72 -19.84 6.28
N HIS B 1241 -1.38 -19.00 5.31
CA HIS B 1241 -0.04 -18.46 5.00
C HIS B 1241 1.00 -19.53 4.71
N LEU B 1242 0.65 -20.55 3.93
CA LEU B 1242 1.63 -21.55 3.56
C LEU B 1242 2.57 -21.01 2.48
N GLN B 1243 3.75 -21.58 2.42
CA GLN B 1243 4.70 -21.19 1.39
C GLN B 1243 4.79 -22.28 0.33
N PRO B 1244 4.93 -21.91 -0.94
CA PRO B 1244 5.09 -22.93 -1.99
C PRO B 1244 6.46 -23.58 -1.95
N ASP B 1245 6.50 -24.85 -2.42
CA ASP B 1245 7.69 -25.70 -2.60
C ASP B 1245 8.46 -25.95 -1.30
N GLN B 1246 7.75 -26.42 -0.26
CA GLN B 1246 8.38 -26.83 0.98
C GLN B 1246 7.46 -27.84 1.64
N THR B 1247 8.03 -28.81 2.35
CA THR B 1247 7.29 -29.90 2.97
C THR B 1247 6.86 -29.50 4.38
N TYR B 1248 5.56 -29.50 4.62
CA TYR B 1248 4.98 -29.20 5.93
C TYR B 1248 4.59 -30.51 6.59
N HIS B 1249 4.52 -30.51 7.91
CA HIS B 1249 4.06 -31.67 8.67
C HIS B 1249 2.94 -31.27 9.62
N PHE B 1250 1.74 -31.74 9.35
CA PHE B 1250 0.58 -31.49 10.20
C PHE B 1250 0.40 -32.68 11.13
N GLN B 1251 0.40 -32.42 12.43
CA GLN B 1251 0.31 -33.43 13.47
C GLN B 1251 -0.98 -33.17 14.23
N VAL B 1252 -2.00 -33.99 14.00
CA VAL B 1252 -3.34 -33.77 14.51
C VAL B 1252 -3.64 -34.82 15.55
N GLU B 1253 -4.07 -34.39 16.74
CA GLU B 1253 -4.53 -35.29 17.78
C GLU B 1253 -5.99 -34.97 18.09
N ALA B 1254 -6.83 -36.00 18.09
CA ALA B 1254 -8.25 -35.85 18.36
C ALA B 1254 -8.56 -36.49 19.69
N ARG B 1255 -9.09 -35.70 20.61
CA ARG B 1255 -9.55 -36.21 21.89
C ARG B 1255 -11.04 -35.94 22.03
N VAL B 1256 -11.72 -36.74 22.86
CA VAL B 1256 -13.06 -36.37 23.26
C VAL B 1256 -12.95 -35.22 24.25
N ALA B 1257 -13.69 -34.14 23.99
CA ALA B 1257 -13.43 -32.87 24.69
C ALA B 1257 -13.98 -32.87 26.10
N ALA B 1258 -15.03 -33.66 26.35
CA ALA B 1258 -15.61 -33.71 27.69
C ALA B 1258 -14.77 -34.54 28.64
N THR B 1259 -14.18 -35.64 28.15
CA THR B 1259 -13.50 -36.58 29.01
C THR B 1259 -11.98 -36.49 28.94
N GLY B 1260 -11.43 -36.10 27.79
CA GLY B 1260 -9.99 -36.13 27.61
C GLY B 1260 -9.45 -37.42 27.04
N ALA B 1261 -10.30 -38.39 26.77
CA ALA B 1261 -9.85 -39.65 26.17
C ALA B 1261 -9.52 -39.45 24.70
N ALA B 1262 -8.42 -40.03 24.27
CA ALA B 1262 -7.86 -39.79 22.95
C ALA B 1262 -8.63 -40.58 21.91
N ALA B 1263 -9.32 -39.87 21.01
CA ALA B 1263 -10.08 -40.53 19.96
C ALA B 1263 -9.17 -41.05 18.85
N GLY B 1264 -8.13 -40.30 18.53
CA GLY B 1264 -7.24 -40.74 17.47
C GLY B 1264 -6.12 -39.76 17.25
N ALA B 1265 -5.26 -40.09 16.28
CA ALA B 1265 -4.16 -39.22 15.90
C ALA B 1265 -3.86 -39.44 14.43
N ALA B 1266 -3.29 -38.43 13.81
CA ALA B 1266 -2.94 -38.47 12.40
C ALA B 1266 -1.73 -37.60 12.15
N SER B 1267 -1.00 -37.93 11.10
CA SER B 1267 0.22 -37.21 10.74
C SER B 1267 0.29 -37.13 9.22
N HIS B 1268 0.06 -35.94 8.69
CA HIS B 1268 0.10 -35.71 7.24
C HIS B 1268 1.27 -34.82 6.93
N ALA B 1269 2.23 -35.32 6.18
CA ALA B 1269 3.21 -34.43 5.59
C ALA B 1269 2.81 -34.12 4.17
N LEU B 1270 3.13 -32.91 3.74
CA LEU B 1270 2.63 -32.41 2.48
C LEU B 1270 3.65 -31.45 1.89
N HIS B 1271 4.30 -31.89 0.82
CA HIS B 1271 4.90 -30.96 -0.12
C HIS B 1271 3.74 -30.21 -0.77
N VAL B 1272 3.89 -28.89 -0.95
CA VAL B 1272 2.75 -28.05 -1.26
C VAL B 1272 2.38 -28.19 -2.74
N ALA B 1273 3.26 -27.71 -3.63
CA ALA B 1273 3.16 -27.74 -5.09
C ALA B 1273 1.80 -27.26 -5.65
N PRO B 1274 1.53 -25.96 -5.64
CA PRO B 1274 0.14 -25.51 -5.87
C PRO B 1274 -0.31 -25.54 -7.32
N GLU B 1275 0.57 -25.89 -8.25
CA GLU B 1275 0.19 -25.99 -9.65
C GLU B 1275 -0.43 -27.34 -9.97
N VAL B 1276 -0.30 -28.31 -9.07
CA VAL B 1276 -0.82 -29.66 -9.31
C VAL B 1276 -1.80 -30.11 -8.23
N GLN B 1277 -2.07 -29.27 -7.22
CA GLN B 1277 -2.93 -29.66 -6.12
C GLN B 1277 -3.99 -28.59 -5.86
N ALA B 1278 -5.24 -29.03 -5.68
CA ALA B 1278 -6.36 -28.16 -5.37
C ALA B 1278 -7.39 -28.95 -4.59
N VAL B 1279 -8.47 -28.27 -4.23
CA VAL B 1279 -9.59 -28.87 -3.51
C VAL B 1279 -10.57 -29.40 -4.56
N PRO B 1280 -11.02 -30.66 -4.48
CA PRO B 1280 -11.92 -31.21 -5.52
C PRO B 1280 -13.35 -30.69 -5.46
N ARG B 1281 -13.57 -29.49 -5.99
CA ARG B 1281 -14.88 -28.88 -6.07
C ARG B 1281 -15.18 -28.50 -7.51
N VAL B 1282 -16.35 -28.89 -8.00
CA VAL B 1282 -16.78 -28.52 -9.34
C VAL B 1282 -18.02 -27.65 -9.23
N LEU B 1283 -18.33 -26.96 -10.32
CA LEU B 1283 -19.56 -26.21 -10.48
C LEU B 1283 -20.42 -26.92 -11.50
N TYR B 1284 -21.56 -27.41 -11.06
CA TYR B 1284 -22.46 -28.16 -11.92
C TYR B 1284 -23.73 -27.35 -12.13
N ALA B 1285 -24.27 -27.43 -13.33
CA ALA B 1285 -25.46 -26.66 -13.68
C ALA B 1285 -26.46 -27.60 -14.34
N ASN B 1286 -27.57 -27.86 -13.65
CA ASN B 1286 -28.72 -28.53 -14.23
C ASN B 1286 -29.73 -27.50 -14.74
N ALA B 1287 -30.96 -27.96 -14.98
CA ALA B 1287 -32.02 -27.09 -15.47
C ALA B 1287 -32.56 -26.13 -14.42
N GLU B 1288 -32.35 -26.41 -13.14
CA GLU B 1288 -32.92 -25.59 -12.08
C GLU B 1288 -31.94 -24.58 -11.50
N PHE B 1289 -30.69 -24.97 -11.28
CA PHE B 1289 -29.79 -24.15 -10.47
C PHE B 1289 -28.35 -24.40 -10.87
N ILE B 1290 -27.45 -23.61 -10.27
CA ILE B 1290 -26.01 -23.79 -10.40
C ILE B 1290 -25.46 -24.03 -9.01
N GLY B 1291 -24.81 -25.17 -8.81
CA GLY B 1291 -24.34 -25.55 -7.50
C GLY B 1291 -22.88 -25.97 -7.52
N GLU B 1292 -22.33 -26.10 -6.32
CA GLU B 1292 -20.98 -26.58 -6.12
C GLU B 1292 -21.05 -27.99 -5.57
N LEU B 1293 -20.35 -28.90 -6.23
CA LEU B 1293 -20.23 -30.27 -5.76
C LEU B 1293 -18.80 -30.47 -5.28
N ASP B 1294 -18.64 -30.56 -3.97
CA ASP B 1294 -17.35 -30.90 -3.37
C ASP B 1294 -17.23 -32.42 -3.46
N LEU B 1295 -16.17 -32.90 -4.12
CA LEU B 1295 -16.08 -34.34 -4.35
C LEU B 1295 -15.48 -35.09 -3.18
N ASP B 1296 -14.92 -34.38 -2.20
CA ASP B 1296 -14.43 -35.08 -1.01
C ASP B 1296 -15.57 -35.43 -0.07
N THR B 1297 -16.31 -34.43 0.38
CA THR B 1297 -17.36 -34.61 1.36
C THR B 1297 -18.66 -35.09 0.75
N ARG B 1298 -18.73 -35.16 -0.59
CA ARG B 1298 -19.90 -35.51 -1.42
C ARG B 1298 -21.11 -34.64 -1.12
N ASN B 1299 -20.87 -33.34 -0.95
CA ASN B 1299 -21.89 -32.39 -0.54
C ASN B 1299 -22.19 -31.42 -1.66
N ARG B 1300 -23.48 -31.10 -1.81
CA ARG B 1300 -23.91 -30.23 -2.92
C ARG B 1300 -24.53 -28.95 -2.37
N ARG B 1301 -24.25 -27.83 -2.99
CA ARG B 1301 -24.75 -26.52 -2.61
C ARG B 1301 -25.62 -25.98 -3.74
N ARG B 1302 -26.07 -24.74 -3.58
CA ARG B 1302 -26.75 -23.99 -4.64
C ARG B 1302 -26.22 -22.58 -4.58
N LEU B 1303 -25.47 -22.17 -5.60
CA LEU B 1303 -24.96 -20.80 -5.61
C LEU B 1303 -26.04 -19.84 -6.09
N VAL B 1304 -26.77 -20.21 -7.13
CA VAL B 1304 -27.76 -19.31 -7.72
C VAL B 1304 -28.89 -20.16 -8.29
N HIS B 1305 -30.13 -19.71 -8.08
CA HIS B 1305 -31.31 -20.36 -8.63
C HIS B 1305 -31.65 -19.69 -9.95
N THR B 1306 -31.74 -20.47 -11.01
CA THR B 1306 -32.01 -19.94 -12.34
C THR B 1306 -33.46 -20.20 -12.73
N ALA B 1307 -34.13 -19.17 -13.24
CA ALA B 1307 -35.51 -19.34 -13.68
C ALA B 1307 -35.57 -20.08 -15.01
N SER B 1308 -34.53 -19.95 -15.82
CA SER B 1308 -34.39 -20.57 -17.13
C SER B 1308 -33.04 -21.26 -17.19
N PRO B 1309 -32.93 -22.41 -17.89
CA PRO B 1309 -31.73 -23.26 -17.73
C PRO B 1309 -30.48 -22.73 -18.41
N VAL B 1310 -29.34 -23.18 -17.90
CA VAL B 1310 -28.03 -22.67 -18.28
C VAL B 1310 -27.50 -23.48 -19.44
N GLU B 1311 -27.04 -22.79 -20.49
CA GLU B 1311 -26.43 -23.44 -21.65
C GLU B 1311 -24.92 -23.43 -21.63
N HIS B 1312 -24.29 -22.31 -21.28
CA HIS B 1312 -22.84 -22.22 -21.14
C HIS B 1312 -22.52 -21.51 -19.83
N LEU B 1313 -21.36 -21.82 -19.26
CA LEU B 1313 -21.02 -21.29 -17.94
C LEU B 1313 -19.50 -21.15 -17.82
N VAL B 1314 -19.04 -19.93 -17.59
CA VAL B 1314 -17.64 -19.62 -17.27
C VAL B 1314 -17.62 -18.77 -16.01
N GLY B 1315 -16.44 -18.53 -15.47
CA GLY B 1315 -16.38 -17.73 -14.26
C GLY B 1315 -15.12 -16.92 -14.03
N ILE B 1316 -15.22 -15.89 -13.18
CA ILE B 1316 -14.07 -15.20 -12.61
C ILE B 1316 -14.07 -15.50 -11.13
N GLU B 1317 -13.00 -16.12 -10.64
CA GLU B 1317 -13.00 -16.66 -9.29
C GLU B 1317 -12.15 -15.88 -8.31
N GLY B 1318 -11.55 -14.78 -8.75
CA GLY B 1318 -10.94 -13.86 -7.80
C GLY B 1318 -11.98 -13.07 -7.05
N GLU B 1319 -13.11 -12.79 -7.70
CA GLU B 1319 -14.22 -12.07 -7.09
C GLU B 1319 -15.48 -12.93 -7.02
N GLN B 1320 -15.35 -14.26 -7.24
CA GLN B 1320 -16.39 -15.29 -7.13
C GLN B 1320 -17.57 -15.05 -8.07
N ARG B 1321 -17.28 -14.51 -9.26
CA ARG B 1321 -18.32 -14.08 -10.18
C ARG B 1321 -18.62 -15.20 -11.18
N LEU B 1322 -19.90 -15.54 -11.31
CA LEU B 1322 -20.36 -16.50 -12.30
C LEU B 1322 -20.95 -15.74 -13.47
N LEU B 1323 -20.64 -16.18 -14.69
CA LEU B 1323 -21.16 -15.59 -15.92
C LEU B 1323 -21.77 -16.70 -16.76
N TRP B 1324 -23.04 -16.56 -17.14
CA TRP B 1324 -23.66 -17.66 -17.86
C TRP B 1324 -24.66 -17.16 -18.90
N VAL B 1325 -25.05 -18.06 -19.79
CA VAL B 1325 -25.97 -17.79 -20.88
C VAL B 1325 -27.18 -18.68 -20.68
N ASN B 1326 -28.37 -18.08 -20.65
CA ASN B 1326 -29.56 -18.86 -20.36
C ASN B 1326 -30.21 -19.41 -21.64
N GLU B 1327 -31.35 -20.08 -21.47
CA GLU B 1327 -32.06 -20.67 -22.61
C GLU B 1327 -32.78 -19.62 -23.42
N HIS B 1328 -33.49 -18.71 -22.76
CA HIS B 1328 -33.72 -17.40 -23.37
C HIS B 1328 -32.35 -16.76 -23.44
N VAL B 1329 -31.94 -16.33 -24.63
CA VAL B 1329 -30.52 -16.14 -24.90
C VAL B 1329 -30.15 -14.76 -24.34
N GLU B 1330 -29.74 -14.81 -23.07
CA GLU B 1330 -29.50 -13.68 -22.20
C GLU B 1330 -28.30 -14.04 -21.34
N LEU B 1331 -27.34 -13.14 -21.28
CA LEU B 1331 -26.11 -13.38 -20.56
C LEU B 1331 -26.16 -12.63 -19.23
N LEU B 1332 -25.90 -13.37 -18.16
CA LEU B 1332 -26.18 -12.96 -16.79
C LEU B 1332 -24.94 -13.20 -15.93
N THR B 1333 -24.91 -12.55 -14.77
CA THR B 1333 -23.82 -12.71 -13.83
C THR B 1333 -24.35 -12.88 -12.41
N HIS B 1334 -23.47 -13.33 -11.52
CA HIS B 1334 -23.81 -13.45 -10.10
C HIS B 1334 -22.55 -13.27 -9.26
N VAL B 1335 -22.64 -12.33 -8.32
CA VAL B 1335 -21.67 -12.15 -7.25
C VAL B 1335 -22.40 -12.69 -6.03
N PRO B 1336 -21.73 -13.30 -5.04
CA PRO B 1336 -22.43 -13.74 -3.83
C PRO B 1336 -22.88 -12.57 -2.97
N GLY B 1337 -24.14 -12.61 -2.58
CA GLY B 1337 -24.74 -11.53 -1.82
C GLY B 1337 -25.62 -10.59 -2.63
N SER B 1338 -26.04 -10.98 -3.83
CA SER B 1338 -26.87 -10.10 -4.64
C SER B 1338 -27.77 -10.93 -5.54
N ALA B 1339 -28.60 -10.21 -6.30
CA ALA B 1339 -29.47 -10.81 -7.29
C ALA B 1339 -28.66 -11.19 -8.53
N PRO B 1340 -29.17 -12.11 -9.37
CA PRO B 1340 -28.59 -12.27 -10.71
C PRO B 1340 -28.83 -11.05 -11.57
N ALA B 1341 -27.74 -10.43 -12.00
CA ALA B 1341 -27.80 -9.21 -12.78
C ALA B 1341 -27.73 -9.54 -14.26
N LYS B 1342 -28.56 -8.86 -15.05
CA LYS B 1342 -28.59 -9.07 -16.49
C LYS B 1342 -27.47 -8.25 -17.13
N LEU B 1343 -26.60 -8.91 -17.89
CA LEU B 1343 -25.55 -8.17 -18.58
C LEU B 1343 -25.93 -7.86 -20.03
N ALA B 1344 -26.39 -8.85 -20.77
CA ALA B 1344 -26.69 -8.62 -22.18
C ALA B 1344 -27.85 -9.50 -22.61
N ARG B 1345 -28.45 -9.13 -23.74
CA ARG B 1345 -29.46 -9.94 -24.38
C ARG B 1345 -29.10 -10.08 -25.85
N MET B 1346 -28.97 -11.33 -26.29
CA MET B 1346 -28.57 -11.63 -27.66
C MET B 1346 -29.74 -12.22 -28.42
N ARG B 1347 -29.68 -12.08 -29.75
CA ARG B 1347 -30.79 -12.35 -30.63
C ARG B 1347 -30.53 -13.52 -31.58
N ALA B 1348 -29.47 -14.28 -31.33
CA ALA B 1348 -29.13 -15.42 -32.16
C ALA B 1348 -28.65 -16.55 -31.26
N GLU B 1349 -28.35 -17.69 -31.86
CA GLU B 1349 -27.90 -18.83 -31.08
C GLU B 1349 -26.43 -18.69 -30.71
N VAL B 1350 -26.16 -18.74 -29.41
CA VAL B 1350 -24.81 -18.63 -28.88
C VAL B 1350 -24.17 -20.01 -28.89
N LEU B 1351 -23.04 -20.12 -29.58
CA LEU B 1351 -22.32 -21.37 -29.72
C LEU B 1351 -21.34 -21.63 -28.59
N ALA B 1352 -20.66 -20.60 -28.09
CA ALA B 1352 -19.63 -20.79 -27.08
C ALA B 1352 -19.50 -19.52 -26.25
N LEU B 1353 -18.78 -19.65 -25.14
CA LEU B 1353 -18.62 -18.56 -24.18
C LEU B 1353 -17.26 -18.69 -23.50
N ALA B 1354 -16.59 -17.56 -23.30
CA ALA B 1354 -15.28 -17.53 -22.64
C ALA B 1354 -15.12 -16.20 -21.94
N VAL B 1355 -14.17 -16.15 -21.00
CA VAL B 1355 -13.88 -14.94 -20.26
C VAL B 1355 -12.36 -14.77 -20.15
N ASP B 1356 -11.88 -13.57 -20.44
CA ASP B 1356 -10.58 -13.12 -19.96
C ASP B 1356 -10.78 -12.58 -18.55
N TRP B 1357 -10.16 -13.23 -17.56
CA TRP B 1357 -10.35 -12.80 -16.18
C TRP B 1357 -9.55 -11.56 -15.83
N ILE B 1358 -8.46 -11.29 -16.54
CA ILE B 1358 -7.62 -10.14 -16.22
C ILE B 1358 -8.28 -8.85 -16.67
N GLN B 1359 -8.56 -8.74 -17.98
CA GLN B 1359 -9.11 -7.52 -18.55
C GLN B 1359 -10.63 -7.41 -18.40
N ARG B 1360 -11.27 -8.44 -17.81
CA ARG B 1360 -12.71 -8.54 -17.51
C ARG B 1360 -13.56 -8.41 -18.77
N ILE B 1361 -13.14 -9.11 -19.82
CA ILE B 1361 -13.85 -9.11 -21.10
C ILE B 1361 -14.49 -10.48 -21.29
N VAL B 1362 -15.78 -10.48 -21.57
CA VAL B 1362 -16.53 -11.70 -21.86
C VAL B 1362 -16.66 -11.81 -23.37
N TYR B 1363 -16.16 -12.90 -23.93
CA TYR B 1363 -16.26 -13.19 -25.35
C TYR B 1363 -17.27 -14.30 -25.56
N TRP B 1364 -18.14 -14.13 -26.55
CA TRP B 1364 -19.01 -15.23 -26.94
C TRP B 1364 -19.10 -15.27 -28.46
N ALA B 1365 -19.83 -16.25 -28.96
CA ALA B 1365 -19.98 -16.47 -30.38
C ALA B 1365 -21.45 -16.63 -30.71
N GLU B 1366 -21.91 -15.92 -31.73
CA GLU B 1366 -23.29 -15.98 -32.17
C GLU B 1366 -23.36 -16.60 -33.56
N LEU B 1367 -24.40 -17.39 -33.79
CA LEU B 1367 -24.66 -17.99 -35.08
C LEU B 1367 -25.18 -16.92 -36.05
N ASP B 1368 -24.60 -16.88 -37.24
CA ASP B 1368 -25.09 -16.03 -38.32
C ASP B 1368 -25.80 -16.92 -39.33
N ALA B 1369 -27.09 -16.68 -39.51
CA ALA B 1369 -27.98 -17.60 -40.21
C ALA B 1369 -28.21 -17.19 -41.67
N THR B 1370 -27.18 -16.67 -42.33
CA THR B 1370 -27.22 -16.54 -43.78
C THR B 1370 -26.89 -17.90 -44.42
N ALA B 1371 -27.02 -17.96 -45.75
CA ALA B 1371 -26.96 -19.23 -46.47
C ALA B 1371 -25.55 -19.85 -46.53
N PRO B 1372 -24.44 -19.09 -46.49
CA PRO B 1372 -23.29 -19.60 -45.74
C PRO B 1372 -23.39 -19.18 -44.28
N GLN B 1373 -23.57 -20.15 -43.40
CA GLN B 1373 -23.73 -19.89 -41.96
C GLN B 1373 -22.37 -19.56 -41.37
N ALA B 1374 -22.34 -18.60 -40.45
CA ALA B 1374 -21.09 -18.15 -39.86
C ALA B 1374 -21.22 -18.10 -38.35
N ALA B 1375 -20.15 -17.69 -37.70
CA ALA B 1375 -20.12 -17.48 -36.26
C ALA B 1375 -19.34 -16.22 -35.96
N ILE B 1376 -20.01 -15.23 -35.39
CA ILE B 1376 -19.45 -13.92 -35.15
C ILE B 1376 -19.05 -13.84 -33.69
N ILE B 1377 -17.83 -13.40 -33.41
CA ILE B 1377 -17.37 -13.30 -32.03
C ILE B 1377 -17.71 -11.91 -31.49
N TYR B 1378 -18.50 -11.88 -30.44
CA TYR B 1378 -18.92 -10.65 -29.79
C TYR B 1378 -18.18 -10.54 -28.46
N ARG B 1379 -17.90 -9.31 -28.04
CA ARG B 1379 -17.21 -9.10 -26.78
C ARG B 1379 -17.95 -8.05 -25.96
N LEU B 1380 -17.73 -8.10 -24.65
CA LEU B 1380 -18.36 -7.18 -23.70
C LEU B 1380 -17.37 -6.92 -22.58
N ASP B 1381 -17.32 -5.70 -22.09
CA ASP B 1381 -16.43 -5.36 -20.99
C ASP B 1381 -17.24 -5.29 -19.70
N LEU B 1382 -16.73 -5.93 -18.65
CA LEU B 1382 -17.43 -5.91 -17.37
C LEU B 1382 -17.19 -4.62 -16.59
N CYS B 1383 -16.18 -3.84 -16.98
CA CYS B 1383 -15.91 -2.58 -16.30
C CYS B 1383 -16.85 -1.48 -16.74
N ASN B 1384 -17.57 -1.66 -17.85
CA ASN B 1384 -18.57 -0.71 -18.31
C ASN B 1384 -19.96 -1.03 -17.78
N PHE B 1385 -20.08 -1.99 -16.88
CA PHE B 1385 -21.36 -2.40 -16.33
C PHE B 1385 -21.64 -1.65 -15.04
N GLU B 1386 -22.70 -0.82 -15.06
CA GLU B 1386 -23.08 -0.06 -13.88
C GLU B 1386 -24.48 -0.40 -13.39
N GLY B 1387 -25.08 -1.48 -13.89
CA GLY B 1387 -26.40 -1.90 -13.45
C GLY B 1387 -27.45 -1.99 -14.52
N LYS B 1388 -27.15 -1.62 -15.76
CA LYS B 1388 -28.11 -1.67 -16.84
C LYS B 1388 -27.60 -2.57 -17.95
N ILE B 1389 -28.49 -2.89 -18.89
CA ILE B 1389 -28.20 -3.88 -19.92
C ILE B 1389 -27.29 -3.28 -20.99
N LEU B 1390 -26.12 -3.87 -21.16
CA LEU B 1390 -25.16 -3.45 -22.17
C LEU B 1390 -25.42 -4.20 -23.46
N GLN B 1391 -24.66 -3.86 -24.49
CA GLN B 1391 -24.74 -4.54 -25.78
C GLN B 1391 -23.35 -4.86 -26.27
N GLY B 1392 -23.20 -6.04 -26.88
CA GLY B 1392 -21.91 -6.49 -27.31
C GLY B 1392 -21.43 -5.84 -28.59
N GLU B 1393 -20.12 -5.91 -28.80
CA GLU B 1393 -19.48 -5.35 -29.98
C GLU B 1393 -18.88 -6.49 -30.80
N ARG B 1394 -19.07 -6.44 -32.11
CA ARG B 1394 -18.41 -7.38 -33.00
C ARG B 1394 -16.93 -7.06 -33.08
N VAL B 1395 -16.10 -8.08 -32.88
CA VAL B 1395 -14.65 -7.90 -32.92
C VAL B 1395 -14.00 -8.75 -34.01
N TRP B 1396 -14.44 -10.01 -34.19
CA TRP B 1396 -13.93 -10.87 -35.24
C TRP B 1396 -15.05 -11.73 -35.77
N SER B 1397 -14.78 -12.38 -36.89
CA SER B 1397 -15.72 -13.35 -37.44
C SER B 1397 -14.93 -14.45 -38.13
N THR B 1398 -15.55 -15.62 -38.25
CA THR B 1398 -14.95 -16.72 -38.96
C THR B 1398 -15.21 -16.55 -40.47
N PRO B 1399 -14.43 -17.23 -41.31
CA PRO B 1399 -14.82 -17.34 -42.73
C PRO B 1399 -16.11 -18.13 -42.92
N ARG B 1400 -16.79 -17.82 -44.02
CA ARG B 1400 -18.16 -18.28 -44.27
C ARG B 1400 -18.21 -19.77 -44.60
N GLY B 1401 -19.24 -20.43 -44.09
CA GLY B 1401 -19.37 -21.86 -44.19
C GLY B 1401 -18.73 -22.62 -43.05
N ARG B 1402 -18.02 -21.94 -42.15
CA ARG B 1402 -17.37 -22.57 -41.02
C ARG B 1402 -18.03 -22.09 -39.74
N LEU B 1403 -17.93 -22.89 -38.69
CA LEU B 1403 -18.63 -22.61 -37.44
C LEU B 1403 -17.70 -22.79 -36.25
N LEU B 1404 -18.05 -22.14 -35.16
CA LEU B 1404 -17.27 -22.15 -33.92
C LEU B 1404 -17.81 -23.17 -32.93
N LYS B 1405 -16.93 -23.57 -32.02
CA LYS B 1405 -17.20 -24.45 -30.90
C LYS B 1405 -16.05 -24.27 -29.91
N ASP B 1406 -16.42 -24.20 -28.62
CA ASP B 1406 -15.55 -24.31 -27.44
C ASP B 1406 -14.49 -23.21 -27.37
N LEU B 1407 -14.96 -21.98 -27.19
CA LEU B 1407 -14.11 -20.81 -27.05
C LEU B 1407 -13.38 -20.84 -25.72
N VAL B 1408 -12.05 -20.78 -25.75
CA VAL B 1408 -11.21 -20.75 -24.57
C VAL B 1408 -10.30 -19.52 -24.67
N ALA B 1409 -10.36 -18.65 -23.67
CA ALA B 1409 -9.54 -17.45 -23.64
C ALA B 1409 -8.27 -17.71 -22.85
N LEU B 1410 -7.12 -17.42 -23.46
CA LEU B 1410 -5.81 -17.53 -22.82
C LEU B 1410 -5.29 -16.12 -22.62
N PRO B 1411 -5.37 -15.57 -21.40
CA PRO B 1411 -4.99 -14.15 -21.22
C PRO B 1411 -3.49 -13.92 -21.18
N GLN B 1412 -2.75 -14.84 -20.58
CA GLN B 1412 -1.31 -14.65 -20.45
C GLN B 1412 -0.58 -14.99 -21.74
N ALA B 1413 -1.20 -15.78 -22.61
CA ALA B 1413 -0.67 -15.96 -23.96
C ALA B 1413 -1.26 -14.95 -24.94
N GLN B 1414 -2.26 -14.17 -24.48
CA GLN B 1414 -3.04 -13.20 -25.27
C GLN B 1414 -3.68 -13.81 -26.52
N SER B 1415 -4.35 -14.93 -26.34
CA SER B 1415 -4.96 -15.67 -27.42
C SER B 1415 -6.42 -15.96 -27.11
N LEU B 1416 -7.20 -16.14 -28.17
CA LEU B 1416 -8.58 -16.57 -28.09
C LEU B 1416 -8.68 -17.78 -29.01
N ILE B 1417 -8.76 -18.97 -28.43
CA ILE B 1417 -8.61 -20.21 -29.17
C ILE B 1417 -9.94 -20.93 -29.22
N TRP B 1418 -10.41 -21.24 -30.42
CA TRP B 1418 -11.60 -22.05 -30.58
C TRP B 1418 -11.29 -23.27 -31.44
N LEU B 1419 -12.30 -24.12 -31.55
CA LEU B 1419 -12.31 -25.24 -32.47
C LEU B 1419 -13.17 -24.84 -33.67
N GLU B 1420 -12.52 -24.60 -34.81
CA GLU B 1420 -13.20 -24.18 -36.02
C GLU B 1420 -13.51 -25.44 -36.83
N TYR B 1421 -14.80 -25.68 -37.04
CA TYR B 1421 -15.24 -26.81 -37.85
C TYR B 1421 -16.06 -26.26 -39.01
N GLU B 1422 -16.23 -27.08 -40.04
CA GLU B 1422 -17.00 -26.71 -41.22
C GLU B 1422 -18.38 -27.32 -41.05
N GLN B 1423 -19.41 -26.61 -41.48
CA GLN B 1423 -20.80 -27.04 -41.35
C GLN B 1423 -21.09 -28.25 -42.23
N GLY B 1424 -21.60 -29.31 -41.60
CA GLY B 1424 -21.73 -30.60 -42.22
C GLY B 1424 -20.62 -31.57 -41.88
N SER B 1425 -19.49 -31.09 -41.37
CA SER B 1425 -18.38 -31.94 -40.97
C SER B 1425 -17.95 -31.55 -39.56
N PRO B 1426 -18.64 -32.05 -38.53
CA PRO B 1426 -18.29 -31.63 -37.17
C PRO B 1426 -17.08 -32.35 -36.60
N ARG B 1427 -16.67 -33.47 -37.21
CA ARG B 1427 -15.49 -34.16 -36.74
C ARG B 1427 -14.21 -33.71 -37.43
N ASN B 1428 -14.31 -32.85 -38.44
CA ASN B 1428 -13.17 -32.04 -38.88
C ASN B 1428 -13.06 -30.79 -38.03
N GLY B 1429 -12.34 -30.92 -36.92
CA GLY B 1429 -11.99 -29.79 -36.07
C GLY B 1429 -10.57 -29.33 -36.35
N SER B 1430 -10.40 -28.03 -36.51
CA SER B 1430 -9.08 -27.44 -36.62
C SER B 1430 -8.95 -26.33 -35.58
N LEU B 1431 -7.78 -26.24 -34.97
CA LEU B 1431 -7.64 -25.47 -33.74
C LEU B 1431 -7.19 -24.06 -34.09
N ARG B 1432 -8.15 -23.13 -34.15
CA ARG B 1432 -7.91 -21.77 -34.65
C ARG B 1432 -7.90 -20.79 -33.48
N GLY B 1433 -7.48 -19.55 -33.75
CA GLY B 1433 -7.60 -18.53 -32.72
C GLY B 1433 -7.29 -17.15 -33.27
N ARG B 1434 -7.44 -16.17 -32.40
CA ARG B 1434 -7.02 -14.79 -32.68
C ARG B 1434 -6.06 -14.33 -31.60
N ASN B 1435 -5.19 -13.38 -31.97
CA ASN B 1435 -4.43 -12.65 -30.97
C ASN B 1435 -5.35 -11.67 -30.27
N LEU B 1436 -5.14 -11.48 -28.97
CA LEU B 1436 -6.02 -10.61 -28.21
C LEU B 1436 -5.56 -9.14 -28.22
N THR B 1437 -4.39 -8.84 -28.76
CA THR B 1437 -3.91 -7.46 -28.71
C THR B 1437 -4.13 -6.74 -30.04
N ASP B 1438 -3.58 -7.26 -31.13
CA ASP B 1438 -3.69 -6.60 -32.42
C ASP B 1438 -4.69 -7.27 -33.37
N GLY B 1439 -5.34 -8.34 -32.96
CA GLY B 1439 -6.38 -8.94 -33.77
C GLY B 1439 -5.90 -9.81 -34.91
N SER B 1440 -4.63 -10.22 -34.91
CA SER B 1440 -4.13 -11.08 -35.97
C SER B 1440 -4.59 -12.52 -35.76
N GLU B 1441 -4.86 -13.20 -36.87
CA GLU B 1441 -5.31 -14.58 -36.81
C GLU B 1441 -4.14 -15.51 -36.53
N LEU B 1442 -4.35 -16.46 -35.62
CA LEU B 1442 -3.31 -17.37 -35.19
C LEU B 1442 -3.79 -18.81 -35.34
N GLU B 1443 -2.84 -19.70 -35.62
CA GLU B 1443 -3.14 -21.08 -35.95
C GLU B 1443 -2.31 -22.00 -35.08
N TRP B 1444 -2.93 -23.08 -34.62
CA TRP B 1444 -2.26 -24.11 -33.84
C TRP B 1444 -2.36 -25.44 -34.57
N ALA B 1445 -1.24 -26.17 -34.63
CA ALA B 1445 -1.12 -27.33 -35.48
C ALA B 1445 -1.47 -28.59 -34.71
N THR B 1446 -2.41 -29.37 -35.25
CA THR B 1446 -2.79 -30.66 -34.68
C THR B 1446 -2.45 -31.77 -35.66
N VAL B 1447 -2.26 -32.98 -35.14
CA VAL B 1447 -1.93 -34.11 -35.98
C VAL B 1447 -3.18 -34.85 -36.46
N GLN B 1448 -4.36 -34.50 -35.95
CA GLN B 1448 -5.58 -35.20 -36.30
C GLN B 1448 -6.72 -34.20 -36.22
N PRO B 1449 -7.81 -34.41 -36.98
CA PRO B 1449 -9.01 -33.59 -36.77
C PRO B 1449 -9.68 -33.87 -35.43
N LEU B 1450 -10.39 -32.86 -34.93
CA LEU B 1450 -10.86 -32.80 -33.56
C LEU B 1450 -12.37 -32.81 -33.49
N ILE B 1451 -12.89 -33.11 -32.31
CA ILE B 1451 -14.32 -33.04 -32.05
C ILE B 1451 -14.65 -32.08 -30.91
N ARG B 1452 -13.73 -31.89 -29.96
CA ARG B 1452 -14.06 -31.21 -28.72
C ARG B 1452 -12.80 -30.65 -28.09
N LEU B 1453 -12.93 -29.48 -27.47
CA LEU B 1453 -11.81 -28.76 -26.89
C LEU B 1453 -12.19 -28.30 -25.48
N HIS B 1454 -11.30 -28.54 -24.51
CA HIS B 1454 -11.50 -28.04 -23.15
C HIS B 1454 -10.24 -27.35 -22.67
N ALA B 1455 -10.43 -26.40 -21.75
CA ALA B 1455 -9.33 -25.66 -21.17
C ALA B 1455 -8.53 -26.54 -20.20
N GLY B 1456 -7.27 -26.18 -20.00
CA GLY B 1456 -6.39 -27.03 -19.22
C GLY B 1456 -5.79 -26.45 -17.96
N SER B 1457 -4.48 -26.18 -17.99
CA SER B 1457 -3.77 -25.82 -16.77
C SER B 1457 -3.95 -24.34 -16.43
N LEU B 1458 -3.87 -23.48 -17.46
CA LEU B 1458 -3.99 -22.00 -17.42
C LEU B 1458 -2.93 -21.35 -16.53
N GLU B 1459 -1.76 -21.96 -16.42
CA GLU B 1459 -0.63 -21.51 -15.64
C GLU B 1459 0.30 -20.74 -16.55
N PRO B 1460 0.96 -19.64 -16.09
CA PRO B 1460 1.84 -18.87 -16.99
C PRO B 1460 3.11 -19.58 -17.40
N GLY B 1461 3.27 -19.78 -18.71
CA GLY B 1461 4.40 -20.50 -19.26
C GLY B 1461 4.16 -21.97 -19.49
N SER B 1462 3.08 -22.53 -18.94
CA SER B 1462 2.76 -23.94 -19.10
C SER B 1462 1.29 -24.15 -19.45
N GLU B 1463 0.79 -23.41 -20.42
CA GLU B 1463 -0.63 -23.46 -20.77
C GLU B 1463 -0.93 -24.71 -21.58
N THR B 1464 -1.80 -25.56 -21.05
CA THR B 1464 -2.20 -26.78 -21.72
C THR B 1464 -3.66 -26.66 -22.13
N LEU B 1465 -4.05 -27.47 -23.11
CA LEU B 1465 -5.43 -27.57 -23.56
C LEU B 1465 -5.76 -29.05 -23.75
N ASN B 1466 -6.86 -29.52 -23.16
CA ASN B 1466 -7.30 -30.88 -23.45
C ASN B 1466 -8.02 -30.84 -24.79
N LEU B 1467 -7.72 -31.78 -25.67
CA LEU B 1467 -8.43 -31.79 -26.95
C LEU B 1467 -8.61 -33.22 -27.43
N VAL B 1468 -9.81 -33.50 -27.93
CA VAL B 1468 -10.23 -34.86 -28.26
C VAL B 1468 -10.27 -35.00 -29.77
N ASP B 1469 -9.61 -36.02 -30.29
CA ASP B 1469 -9.53 -36.29 -31.71
C ASP B 1469 -10.82 -36.97 -32.19
N ASN B 1470 -10.89 -37.19 -33.51
CA ASN B 1470 -12.06 -37.80 -34.10
C ASN B 1470 -12.17 -39.30 -33.86
N GLN B 1471 -11.09 -39.95 -33.43
CA GLN B 1471 -11.12 -41.34 -32.98
C GLN B 1471 -11.35 -41.44 -31.47
N GLY B 1472 -11.58 -40.31 -30.80
CA GLY B 1472 -11.86 -40.32 -29.39
C GLY B 1472 -10.65 -40.52 -28.51
N LYS B 1473 -9.53 -39.93 -28.89
CA LYS B 1473 -8.30 -40.00 -28.10
C LYS B 1473 -7.94 -38.59 -27.67
N LEU B 1474 -7.44 -38.44 -26.45
CA LEU B 1474 -7.09 -37.12 -25.94
C LEU B 1474 -5.62 -36.82 -26.16
N CYS B 1475 -5.32 -35.57 -26.51
CA CYS B 1475 -3.99 -35.02 -26.26
C CYS B 1475 -4.06 -33.90 -25.24
N VAL B 1476 -2.99 -33.79 -24.46
CA VAL B 1476 -2.73 -32.60 -23.64
C VAL B 1476 -1.83 -31.72 -24.49
N TYR B 1477 -2.42 -30.69 -25.09
CA TYR B 1477 -1.70 -29.77 -25.95
C TYR B 1477 -0.90 -28.78 -25.13
N ASP B 1478 0.35 -28.58 -25.53
CA ASP B 1478 1.16 -27.46 -25.06
C ASP B 1478 1.20 -26.45 -26.19
N VAL B 1479 0.79 -25.21 -25.89
CA VAL B 1479 0.66 -24.19 -26.94
C VAL B 1479 1.98 -23.44 -27.12
N ALA B 1480 2.90 -23.58 -26.16
CA ALA B 1480 4.24 -23.02 -26.34
C ALA B 1480 5.04 -23.87 -27.32
N ARG B 1481 4.91 -25.19 -27.21
CA ARG B 1481 5.53 -26.09 -28.17
C ARG B 1481 4.59 -26.45 -29.31
N GLN B 1482 3.29 -26.17 -29.15
CA GLN B 1482 2.17 -26.54 -30.01
C GLN B 1482 2.11 -28.04 -30.31
N LEU B 1483 2.32 -28.89 -29.30
CA LEU B 1483 2.41 -30.32 -29.52
C LEU B 1483 1.59 -31.10 -28.50
N CYS B 1484 1.25 -32.34 -28.85
CA CYS B 1484 0.67 -33.28 -27.90
C CYS B 1484 1.72 -33.67 -26.87
N THR B 1485 1.27 -33.89 -25.64
CA THR B 1485 2.17 -34.24 -24.54
C THR B 1485 1.66 -35.51 -23.88
N ALA B 1486 2.57 -36.46 -23.70
CA ALA B 1486 2.25 -37.75 -23.11
C ALA B 1486 2.13 -37.60 -21.60
N SER B 1487 1.09 -38.17 -21.02
CA SER B 1487 0.90 -38.22 -19.59
C SER B 1487 0.31 -39.56 -19.20
N ALA B 1488 0.31 -39.85 -17.90
CA ALA B 1488 -0.25 -41.10 -17.42
C ALA B 1488 -1.76 -41.06 -17.28
N LEU B 1489 -2.37 -39.87 -17.39
CA LEU B 1489 -3.82 -39.76 -17.30
C LEU B 1489 -4.48 -40.02 -18.64
N ARG B 1490 -3.68 -40.06 -19.72
CA ARG B 1490 -4.21 -40.06 -21.08
C ARG B 1490 -4.84 -41.41 -21.45
N ALA B 1491 -4.19 -42.51 -21.05
CA ALA B 1491 -4.73 -43.84 -21.33
C ALA B 1491 -5.93 -44.15 -20.44
N GLN B 1492 -5.93 -43.61 -19.22
CA GLN B 1492 -7.06 -43.83 -18.32
C GLN B 1492 -8.27 -43.00 -18.72
N LEU B 1493 -8.05 -41.83 -19.33
CA LEU B 1493 -9.16 -41.07 -19.89
C LEU B 1493 -9.64 -41.68 -21.19
N ASN B 1494 -8.73 -42.27 -21.98
CA ASN B 1494 -9.14 -42.87 -23.25
C ASN B 1494 -9.80 -44.23 -23.06
N LEU B 1495 -9.63 -44.85 -21.89
CA LEU B 1495 -10.33 -46.08 -21.57
C LEU B 1495 -11.82 -45.84 -21.28
N LEU B 1496 -12.22 -44.61 -20.95
CA LEU B 1496 -13.61 -44.35 -20.55
C LEU B 1496 -14.57 -44.36 -21.72
N GLY B 1497 -14.09 -44.08 -22.92
CA GLY B 1497 -14.92 -44.04 -24.10
C GLY B 1497 -15.10 -42.62 -24.61
N GLU B 1498 -15.65 -42.54 -25.83
CA GLU B 1498 -15.68 -41.29 -26.58
C GLU B 1498 -16.74 -40.32 -26.06
N ASP B 1499 -17.88 -40.85 -25.61
CA ASP B 1499 -19.01 -40.02 -25.18
C ASP B 1499 -18.73 -39.35 -23.85
N SER B 1500 -18.00 -40.05 -22.98
CA SER B 1500 -17.62 -39.49 -21.68
C SER B 1500 -16.56 -38.41 -21.82
N ILE B 1501 -15.62 -38.58 -22.76
CA ILE B 1501 -14.54 -37.61 -22.88
C ILE B 1501 -14.97 -36.45 -23.78
N ALA B 1502 -16.04 -36.63 -24.55
CA ALA B 1502 -16.54 -35.56 -25.41
C ALA B 1502 -17.69 -34.79 -24.81
N GLY B 1503 -18.43 -35.37 -23.86
CA GLY B 1503 -19.55 -34.66 -23.28
C GLY B 1503 -19.17 -33.59 -22.28
N GLN B 1504 -18.64 -33.98 -21.12
CA GLN B 1504 -18.29 -33.03 -20.07
C GLN B 1504 -16.88 -33.36 -19.58
N LEU B 1505 -15.98 -32.39 -19.69
CA LEU B 1505 -14.63 -32.54 -19.18
C LEU B 1505 -14.18 -31.19 -18.63
N ALA B 1506 -13.65 -31.19 -17.42
CA ALA B 1506 -13.20 -29.96 -16.80
C ALA B 1506 -11.84 -30.21 -16.15
N GLN B 1507 -11.06 -29.16 -15.99
CA GLN B 1507 -9.74 -29.30 -15.37
C GLN B 1507 -9.42 -28.05 -14.57
N ASP B 1508 -9.28 -28.21 -13.26
CA ASP B 1508 -8.76 -27.15 -12.41
C ASP B 1508 -7.25 -27.33 -12.26
N SER B 1509 -6.66 -26.67 -11.26
CA SER B 1509 -5.22 -26.80 -11.07
C SER B 1509 -4.84 -28.15 -10.47
N GLY B 1510 -5.73 -28.79 -9.72
CA GLY B 1510 -5.36 -30.00 -9.03
C GLY B 1510 -5.87 -31.30 -9.62
N TYR B 1511 -7.04 -31.27 -10.26
CA TYR B 1511 -7.69 -32.48 -10.69
C TYR B 1511 -8.14 -32.35 -12.13
N LEU B 1512 -8.84 -33.37 -12.60
CA LEU B 1512 -9.36 -33.43 -13.96
C LEU B 1512 -10.60 -34.31 -13.94
N TYR B 1513 -11.74 -33.73 -14.30
CA TYR B 1513 -13.04 -34.31 -14.05
C TYR B 1513 -13.71 -34.73 -15.34
N ALA B 1514 -14.28 -35.93 -15.33
CA ALA B 1514 -15.05 -36.45 -16.45
C ALA B 1514 -16.36 -37.03 -15.91
N VAL B 1515 -17.34 -37.14 -16.79
CA VAL B 1515 -18.64 -37.72 -16.44
C VAL B 1515 -18.84 -38.98 -17.25
N LYS B 1516 -18.99 -40.12 -16.58
CA LYS B 1516 -19.24 -41.40 -17.25
C LYS B 1516 -20.21 -42.20 -16.41
N ASN B 1517 -21.35 -42.56 -17.03
CA ASN B 1517 -22.40 -43.46 -16.52
C ASN B 1517 -23.01 -42.96 -15.20
N TRP B 1518 -23.45 -41.70 -15.25
CA TRP B 1518 -24.06 -40.91 -14.16
C TRP B 1518 -23.15 -40.82 -12.94
N SER B 1519 -21.86 -40.64 -13.18
CA SER B 1519 -20.88 -40.58 -12.11
C SER B 1519 -19.75 -39.67 -12.54
N ILE B 1520 -19.34 -38.78 -11.65
CA ILE B 1520 -18.25 -37.87 -11.91
C ILE B 1520 -16.96 -38.46 -11.36
N ARG B 1521 -15.95 -38.55 -12.21
CA ARG B 1521 -14.67 -39.14 -11.87
C ARG B 1521 -13.62 -38.05 -11.86
N ALA B 1522 -12.92 -37.93 -10.74
CA ALA B 1522 -11.85 -36.96 -10.59
C ALA B 1522 -10.51 -37.67 -10.57
N TYR B 1523 -9.66 -37.29 -11.52
CA TYR B 1523 -8.34 -37.88 -11.69
C TYR B 1523 -7.35 -36.84 -11.20
N GLY B 1524 -6.44 -37.24 -10.33
CA GLY B 1524 -5.47 -36.29 -9.78
C GLY B 1524 -4.38 -36.00 -10.78
N ARG B 1525 -3.83 -34.80 -10.71
CA ARG B 1525 -2.77 -34.43 -11.65
C ARG B 1525 -1.39 -34.77 -11.12
N ARG B 1526 -1.21 -34.71 -9.79
CA ARG B 1526 0.11 -34.99 -9.22
C ARG B 1526 0.39 -36.48 -9.16
N ARG B 1527 -0.52 -37.24 -8.58
CA ARG B 1527 -0.32 -38.68 -8.45
C ARG B 1527 -0.65 -39.46 -9.71
N GLN B 1528 -1.33 -38.80 -10.68
CA GLN B 1528 -1.74 -39.34 -12.00
C GLN B 1528 -2.60 -40.59 -11.87
N GLN B 1529 -3.50 -40.61 -10.91
CA GLN B 1529 -4.35 -41.76 -10.65
C GLN B 1529 -5.78 -41.30 -10.50
N LEU B 1530 -6.70 -42.26 -10.49
CA LEU B 1530 -8.10 -41.96 -10.20
C LEU B 1530 -8.25 -41.74 -8.70
N GLU B 1531 -8.68 -40.54 -8.33
CA GLU B 1531 -8.83 -40.20 -6.93
C GLU B 1531 -10.25 -40.27 -6.42
N TYR B 1532 -11.24 -39.75 -7.16
CA TYR B 1532 -12.59 -39.72 -6.63
C TYR B 1532 -13.58 -40.22 -7.68
N THR B 1533 -14.64 -40.86 -7.21
CA THR B 1533 -15.74 -41.29 -8.07
C THR B 1533 -17.03 -41.09 -7.28
N VAL B 1534 -17.86 -40.16 -7.74
CA VAL B 1534 -19.06 -39.77 -7.01
C VAL B 1534 -20.26 -40.04 -7.89
N GLU B 1535 -21.20 -40.84 -7.38
CA GLU B 1535 -22.40 -41.18 -8.11
C GLU B 1535 -23.35 -39.99 -8.14
N LEU B 1536 -24.14 -39.90 -9.21
CA LEU B 1536 -25.07 -38.81 -9.41
C LEU B 1536 -26.47 -39.35 -9.63
N GLU B 1537 -27.43 -38.43 -9.75
CA GLU B 1537 -28.74 -38.72 -10.32
C GLU B 1537 -28.62 -38.63 -11.83
N PRO B 1538 -29.59 -39.18 -12.60
CA PRO B 1538 -29.55 -39.02 -14.07
C PRO B 1538 -29.68 -37.61 -14.63
N GLU B 1539 -30.20 -36.64 -13.86
CA GLU B 1539 -30.23 -35.26 -14.31
C GLU B 1539 -29.73 -34.29 -13.24
N GLU B 1540 -28.55 -34.57 -12.69
CA GLU B 1540 -27.99 -33.62 -11.71
C GLU B 1540 -26.92 -32.77 -12.39
N VAL B 1541 -26.25 -33.32 -13.40
CA VAL B 1541 -25.21 -32.59 -14.09
C VAL B 1541 -25.57 -32.51 -15.56
N ARG B 1542 -25.78 -31.29 -16.05
CA ARG B 1542 -25.80 -31.01 -17.47
C ARG B 1542 -24.60 -30.22 -17.93
N LEU B 1543 -24.09 -29.32 -17.10
CA LEU B 1543 -22.84 -28.63 -17.35
C LEU B 1543 -21.89 -28.81 -16.20
N LEU B 1544 -20.62 -28.99 -16.53
CA LEU B 1544 -19.56 -29.13 -15.54
C LEU B 1544 -18.52 -28.05 -15.80
N GLN B 1545 -18.02 -27.45 -14.73
CA GLN B 1545 -16.98 -26.44 -14.83
C GLN B 1545 -16.12 -26.57 -13.59
N ALA B 1546 -14.86 -26.16 -13.67
CA ALA B 1546 -13.94 -26.36 -12.57
C ALA B 1546 -13.44 -25.02 -12.04
N HIS B 1547 -12.97 -25.03 -10.80
CA HIS B 1547 -12.35 -23.85 -10.21
C HIS B 1547 -10.87 -23.81 -10.59
N ASN B 1548 -10.63 -23.42 -11.84
CA ASN B 1548 -9.27 -23.36 -12.37
C ASN B 1548 -8.55 -22.13 -11.83
N TYR B 1549 -7.24 -22.27 -11.64
CA TYR B 1549 -6.47 -21.23 -11.00
C TYR B 1549 -6.20 -20.09 -11.96
N GLN B 1550 -6.92 -19.00 -11.78
CA GLN B 1550 -6.80 -17.82 -12.60
C GLN B 1550 -5.66 -16.99 -12.06
N ALA B 1551 -4.50 -17.10 -12.70
CA ALA B 1551 -3.27 -16.49 -12.21
C ALA B 1551 -3.28 -15.00 -12.51
N TYR B 1552 -3.25 -14.20 -11.48
CA TYR B 1552 -3.33 -12.77 -11.68
C TYR B 1552 -1.94 -12.16 -11.85
N PRO B 1553 -1.83 -11.06 -12.59
CA PRO B 1553 -0.57 -10.29 -12.62
C PRO B 1553 -0.30 -9.58 -11.31
N PRO B 1554 0.94 -9.11 -11.08
CA PRO B 1554 1.22 -8.32 -9.87
C PRO B 1554 0.60 -6.93 -9.89
N LYS B 1555 0.76 -6.25 -8.75
CA LYS B 1555 -0.05 -5.08 -8.40
C LYS B 1555 0.32 -3.84 -9.20
N ASN B 1556 1.53 -3.78 -9.75
CA ASN B 1556 1.86 -2.67 -10.64
C ASN B 1556 1.24 -2.84 -12.02
N CYS B 1557 1.02 -4.10 -12.45
CA CYS B 1557 0.55 -4.35 -13.81
C CYS B 1557 -0.94 -4.10 -13.96
N LEU B 1558 -1.73 -4.44 -12.94
CA LEU B 1558 -3.17 -4.21 -13.00
C LEU B 1558 -3.53 -2.75 -12.83
N LEU B 1559 -2.72 -2.00 -12.11
CA LEU B 1559 -3.09 -0.68 -11.68
C LEU B 1559 -2.69 0.33 -12.77
N LEU B 1560 -3.00 1.60 -12.53
CA LEU B 1560 -2.64 2.68 -13.42
C LEU B 1560 -1.11 2.88 -13.42
N PRO B 1561 -0.51 3.21 -14.57
CA PRO B 1561 0.95 3.36 -14.61
C PRO B 1561 1.39 4.65 -13.95
N SER B 1562 2.65 4.66 -13.50
CA SER B 1562 3.19 5.85 -12.86
C SER B 1562 3.53 6.91 -13.88
N SER B 1563 4.38 6.57 -14.85
CA SER B 1563 4.81 7.51 -15.88
C SER B 1563 3.71 7.69 -16.92
N GLY B 1564 3.51 8.92 -17.35
CA GLY B 1564 2.53 9.18 -18.40
C GLY B 1564 3.01 8.76 -19.76
N GLY B 1565 4.03 9.45 -20.28
CA GLY B 1565 4.60 9.11 -21.56
C GLY B 1565 3.77 9.62 -22.74
N SER B 1566 4.27 9.34 -23.94
CA SER B 1566 3.60 9.72 -25.17
C SER B 1566 2.77 8.56 -25.72
N LEU B 1567 1.73 8.20 -24.96
CA LEU B 1567 0.80 7.16 -25.38
C LEU B 1567 -0.10 7.63 -26.52
N LEU B 1568 -0.44 8.91 -26.56
CA LEU B 1568 -1.27 9.48 -27.61
C LEU B 1568 -0.37 9.76 -28.81
N LYS B 1569 -0.69 9.14 -29.95
CA LYS B 1569 0.07 9.30 -31.17
C LYS B 1569 -0.81 9.88 -32.25
N ALA B 1570 -0.39 11.01 -32.83
CA ALA B 1570 -1.18 11.66 -33.86
C ALA B 1570 -0.95 11.00 -35.21
N THR B 1571 -2.05 10.77 -35.93
CA THR B 1571 -1.97 10.23 -37.28
C THR B 1571 -1.82 11.36 -38.29
N ASP B 1572 -1.83 10.99 -39.57
CA ASP B 1572 -1.74 11.98 -40.64
C ASP B 1572 -3.08 12.68 -40.81
N CYS B 1573 -3.12 13.97 -40.47
CA CYS B 1573 -4.35 14.74 -40.47
C CYS B 1573 -4.74 15.16 -41.87
N GLU B 1574 -6.05 15.13 -42.14
CA GLU B 1574 -6.63 15.93 -43.19
C GLU B 1574 -6.95 17.32 -42.67
N GLU B 1575 -7.51 18.15 -43.55
CA GLU B 1575 -7.88 19.50 -43.15
C GLU B 1575 -9.16 19.51 -42.32
N GLN B 1576 -10.07 18.58 -42.59
CA GLN B 1576 -11.36 18.58 -41.92
C GLN B 1576 -11.34 17.80 -40.61
N ARG B 1577 -10.68 16.64 -40.59
CA ARG B 1577 -10.71 15.80 -39.40
C ARG B 1577 -9.39 15.03 -39.27
N CYS B 1578 -9.08 14.67 -38.02
CA CYS B 1578 -7.91 13.87 -37.67
C CYS B 1578 -8.37 12.60 -36.99
N LEU B 1579 -7.83 11.47 -37.40
CA LEU B 1579 -8.17 10.19 -36.78
C LEU B 1579 -7.20 9.93 -35.63
N LEU B 1580 -7.58 10.38 -34.43
CA LEU B 1580 -6.78 10.10 -33.25
C LEU B 1580 -7.02 8.67 -32.81
N ASN B 1581 -5.95 7.88 -32.77
CA ASN B 1581 -6.01 6.48 -32.38
C ASN B 1581 -5.82 6.38 -30.88
N LEU B 1582 -6.59 5.52 -30.25
CA LEU B 1582 -6.50 5.31 -28.81
C LEU B 1582 -5.94 3.92 -28.58
N PRO B 1583 -4.63 3.77 -28.35
CA PRO B 1583 -4.07 2.43 -28.16
C PRO B 1583 -4.29 1.90 -26.75
N MET B 1584 -3.77 0.71 -26.47
CA MET B 1584 -4.02 0.09 -25.20
C MET B 1584 -2.67 0.04 -24.46
N ILE B 1585 -2.72 0.32 -23.16
CA ILE B 1585 -1.56 0.70 -22.38
C ILE B 1585 -1.15 -0.48 -21.52
N THR B 1586 0.14 -0.81 -21.53
CA THR B 1586 0.76 -1.61 -20.49
C THR B 1586 1.51 -0.69 -19.54
N ALA B 1587 1.68 -1.15 -18.30
CA ALA B 1587 2.11 -0.26 -17.22
C ALA B 1587 3.61 0.05 -17.28
N SER B 1588 4.42 -0.93 -17.64
CA SER B 1588 5.86 -0.75 -17.76
C SER B 1588 6.37 -1.72 -18.81
N GLU B 1589 7.69 -1.91 -18.85
CA GLU B 1589 8.24 -2.98 -19.67
C GLU B 1589 8.22 -4.31 -18.92
N ASP B 1590 8.00 -4.27 -17.61
CA ASP B 1590 7.91 -5.49 -16.82
C ASP B 1590 6.50 -6.08 -16.82
N CYS B 1591 5.52 -5.37 -17.38
CA CYS B 1591 4.15 -5.85 -17.45
C CYS B 1591 3.81 -6.17 -18.89
N PRO B 1592 3.78 -7.44 -19.31
CA PRO B 1592 3.47 -7.74 -20.71
C PRO B 1592 1.98 -7.72 -21.01
N LEU B 1593 1.16 -7.81 -19.98
CA LEU B 1593 -0.27 -7.93 -20.15
C LEU B 1593 -0.92 -6.54 -20.08
N PRO B 1594 -2.04 -6.32 -20.80
CA PRO B 1594 -2.72 -5.01 -20.76
C PRO B 1594 -3.37 -4.64 -19.45
N ILE B 1595 -3.47 -3.35 -19.21
CA ILE B 1595 -4.11 -2.81 -18.00
C ILE B 1595 -5.62 -2.96 -18.12
N PRO B 1596 -6.30 -3.51 -17.10
CA PRO B 1596 -7.75 -3.71 -17.22
C PRO B 1596 -8.54 -2.43 -17.04
N GLY B 1597 -9.62 -2.32 -17.80
CA GLY B 1597 -10.62 -1.26 -17.65
C GLY B 1597 -10.17 0.13 -18.03
N VAL B 1598 -9.40 0.25 -19.10
CA VAL B 1598 -8.77 1.52 -19.48
C VAL B 1598 -9.81 2.43 -20.12
N ARG B 1599 -9.95 3.63 -19.54
CA ARG B 1599 -10.84 4.66 -20.04
C ARG B 1599 -10.06 5.97 -20.13
N TYR B 1600 -9.86 6.45 -21.34
CA TYR B 1600 -9.41 7.81 -21.55
C TYR B 1600 -10.57 8.78 -21.34
N GLN B 1601 -10.24 9.97 -20.84
CA GLN B 1601 -11.18 11.08 -20.83
C GLN B 1601 -10.51 12.28 -21.46
N LEU B 1602 -11.12 12.80 -22.52
CA LEU B 1602 -10.53 13.83 -23.35
C LEU B 1602 -11.40 15.08 -23.38
N ASN B 1603 -10.73 16.22 -23.25
CA ASN B 1603 -11.19 17.50 -23.74
C ASN B 1603 -10.42 17.92 -24.99
N LEU B 1604 -11.16 18.43 -25.98
CA LEU B 1604 -10.60 19.04 -27.17
C LEU B 1604 -10.62 20.56 -26.99
N THR B 1605 -9.51 21.21 -27.34
CA THR B 1605 -9.40 22.66 -27.25
C THR B 1605 -8.75 23.19 -28.53
N LEU B 1606 -9.02 24.46 -28.81
CA LEU B 1606 -8.45 25.13 -29.98
C LEU B 1606 -7.12 25.75 -29.56
N ALA B 1607 -6.02 25.16 -30.04
CA ALA B 1607 -4.69 25.62 -29.67
C ALA B 1607 -4.30 26.86 -30.47
N PRO B 1621 -14.84 23.56 -23.14
CA PRO B 1621 -14.10 22.76 -24.11
C PRO B 1621 -14.86 22.53 -25.42
N LEU B 1622 -14.14 22.19 -26.48
CA LEU B 1622 -14.80 21.93 -27.76
C LEU B 1622 -15.48 20.57 -27.77
N GLY B 1623 -14.93 19.59 -27.06
CA GLY B 1623 -15.52 18.27 -27.04
C GLY B 1623 -15.08 17.49 -25.83
N GLN B 1624 -15.99 16.68 -25.29
CA GLN B 1624 -15.77 15.86 -24.11
C GLN B 1624 -16.03 14.41 -24.50
N TRP B 1625 -15.07 13.52 -24.19
CA TRP B 1625 -15.24 12.10 -24.45
C TRP B 1625 -14.76 11.27 -23.27
N LEU B 1626 -15.54 10.25 -22.92
CA LEU B 1626 -15.12 9.16 -22.05
C LEU B 1626 -15.09 7.91 -22.91
N LEU B 1627 -13.91 7.52 -23.35
CA LEU B 1627 -13.80 6.47 -24.36
C LEU B 1627 -12.79 5.41 -23.92
N GLY B 1628 -13.13 4.14 -24.15
CA GLY B 1628 -12.26 3.06 -23.78
C GLY B 1628 -11.13 2.85 -24.77
N ALA B 1629 -10.29 1.87 -24.46
CA ALA B 1629 -9.15 1.56 -25.29
C ALA B 1629 -9.56 0.67 -26.47
N GLY B 1630 -8.80 0.78 -27.57
CA GLY B 1630 -8.97 -0.06 -28.73
C GLY B 1630 -9.62 0.63 -29.91
N GLU B 1631 -10.47 1.61 -29.66
CA GLU B 1631 -11.16 2.34 -30.70
C GLU B 1631 -10.40 3.63 -31.03
N SER B 1632 -11.05 4.53 -31.77
CA SER B 1632 -10.41 5.76 -32.21
C SER B 1632 -11.37 6.93 -32.05
N LEU B 1633 -10.80 8.14 -31.98
CA LEU B 1633 -11.57 9.37 -31.88
C LEU B 1633 -11.35 10.18 -33.15
N ASN B 1634 -12.41 10.77 -33.67
CA ASN B 1634 -12.43 10.91 -35.11
C ASN B 1634 -12.47 12.38 -35.52
N LEU B 1635 -12.93 13.23 -34.59
CA LEU B 1635 -12.57 14.65 -34.45
C LEU B 1635 -13.06 15.51 -35.63
N THR B 1636 -14.37 15.52 -35.81
CA THR B 1636 -15.00 16.24 -36.89
C THR B 1636 -15.11 17.73 -36.57
N ASP B 1637 -15.44 18.50 -37.61
CA ASP B 1637 -15.67 19.97 -37.63
C ASP B 1637 -14.46 20.76 -37.12
N LEU B 1638 -13.27 20.33 -37.53
CA LEU B 1638 -12.04 21.06 -37.25
C LEU B 1638 -11.72 22.00 -38.41
N LEU B 1639 -11.22 23.18 -38.05
CA LEU B 1639 -10.93 24.20 -39.06
C LEU B 1639 -9.64 23.86 -39.80
N PRO B 1640 -9.56 24.14 -41.11
CA PRO B 1640 -8.32 23.87 -41.85
C PRO B 1640 -7.24 24.89 -41.54
N PHE B 1641 -5.98 24.40 -41.62
CA PHE B 1641 -4.74 25.13 -41.30
C PHE B 1641 -4.74 25.71 -39.89
N THR B 1642 -5.26 24.95 -38.94
CA THR B 1642 -5.49 25.43 -37.58
C THR B 1642 -4.95 24.42 -36.59
N ARG B 1643 -4.16 24.89 -35.63
CA ARG B 1643 -3.65 24.05 -34.57
C ARG B 1643 -4.75 23.71 -33.58
N TYR B 1644 -4.71 22.48 -33.05
CA TYR B 1644 -5.66 22.02 -32.05
C TYR B 1644 -4.91 21.25 -30.98
N ARG B 1645 -5.52 21.15 -29.81
CA ARG B 1645 -4.91 20.46 -28.68
C ARG B 1645 -5.93 19.49 -28.10
N VAL B 1646 -5.45 18.33 -27.66
CA VAL B 1646 -6.26 17.41 -26.89
C VAL B 1646 -5.57 17.17 -25.55
N SER B 1647 -6.38 17.14 -24.50
CA SER B 1647 -5.88 16.84 -23.17
C SER B 1647 -6.79 15.81 -22.55
N GLY B 1648 -6.22 14.93 -21.74
CA GLY B 1648 -7.03 13.87 -21.17
C GLY B 1648 -6.37 13.24 -19.98
N ILE B 1649 -7.21 12.67 -19.12
CA ILE B 1649 -6.74 11.86 -18.02
C ILE B 1649 -6.91 10.39 -18.40
N LEU B 1650 -6.11 9.54 -17.79
CA LEU B 1650 -6.18 8.10 -17.98
C LEU B 1650 -6.75 7.50 -16.71
N SER B 1651 -7.72 6.60 -16.86
CA SER B 1651 -8.34 5.95 -15.73
C SER B 1651 -8.39 4.45 -15.98
N SER B 1652 -8.35 3.69 -14.91
CA SER B 1652 -8.50 2.25 -14.96
C SER B 1652 -9.65 1.86 -14.05
N PHE B 1653 -10.02 0.58 -14.12
CA PHE B 1653 -11.04 0.05 -13.22
C PHE B 1653 -10.53 -0.06 -11.79
N TYR B 1654 -9.26 -0.43 -11.64
CA TYR B 1654 -8.74 -0.71 -10.31
C TYR B 1654 -8.35 0.56 -9.57
N GLN B 1655 -8.06 1.65 -10.29
CA GLN B 1655 -7.82 2.90 -9.60
C GLN B 1655 -9.13 3.57 -9.19
N LYS B 1656 -10.24 3.22 -9.84
CA LYS B 1656 -11.54 3.62 -9.33
C LYS B 1656 -11.96 2.74 -8.17
N LYS B 1657 -11.51 1.48 -8.16
CA LYS B 1657 -11.86 0.59 -7.07
C LYS B 1657 -11.06 0.88 -5.81
N LEU B 1658 -9.79 1.28 -5.95
CA LEU B 1658 -8.96 1.58 -4.81
C LEU B 1658 -9.04 3.03 -4.35
N ALA B 1659 -9.75 3.87 -5.11
CA ALA B 1659 -9.81 5.34 -5.04
C ALA B 1659 -8.43 5.98 -5.10
N LEU B 1660 -7.55 5.48 -5.97
CA LEU B 1660 -6.29 6.13 -6.24
C LEU B 1660 -6.57 7.38 -7.09
N PRO B 1661 -5.77 8.43 -6.98
CA PRO B 1661 -5.86 9.52 -7.95
C PRO B 1661 -5.39 9.11 -9.33
N THR B 1662 -5.99 9.75 -10.33
CA THR B 1662 -5.78 9.47 -11.74
C THR B 1662 -4.45 10.05 -12.22
N LEU B 1663 -4.09 9.69 -13.45
CA LEU B 1663 -2.85 10.15 -14.07
C LEU B 1663 -3.21 11.07 -15.23
N VAL B 1664 -2.67 12.29 -15.20
CA VAL B 1664 -2.83 13.23 -16.29
C VAL B 1664 -1.74 12.91 -17.31
N LEU B 1665 -2.14 12.64 -18.54
CA LEU B 1665 -1.19 12.27 -19.58
C LEU B 1665 -0.63 13.51 -20.26
N ALA B 1666 0.11 13.28 -21.34
CA ALA B 1666 0.68 14.37 -22.09
C ALA B 1666 -0.38 15.01 -22.97
N PRO B 1667 -0.60 16.32 -22.87
CA PRO B 1667 -1.54 16.98 -23.80
C PRO B 1667 -0.93 17.12 -25.18
N LEU B 1668 -1.58 16.51 -26.16
CA LEU B 1668 -1.00 16.33 -27.49
C LEU B 1668 -1.54 17.39 -28.44
N GLU B 1669 -0.64 18.00 -29.21
CA GLU B 1669 -1.00 19.01 -30.18
C GLU B 1669 -1.11 18.36 -31.56
N LEU B 1670 -2.18 18.65 -32.27
CA LEU B 1670 -2.43 18.12 -33.61
C LEU B 1670 -2.67 19.28 -34.55
N LEU B 1671 -1.97 19.27 -35.68
CA LEU B 1671 -2.09 20.34 -36.66
C LEU B 1671 -3.01 19.94 -37.79
N THR B 1672 -3.98 20.80 -38.08
CA THR B 1672 -4.85 20.61 -39.25
C THR B 1672 -4.45 21.59 -40.34
N PRO B 1679 -9.02 28.90 -49.93
CA PRO B 1679 -7.94 28.46 -50.82
C PRO B 1679 -6.87 29.52 -51.01
N PRO B 1680 -6.04 29.38 -52.04
CA PRO B 1680 -5.04 30.41 -52.34
C PRO B 1680 -5.70 31.62 -52.99
N ARG B 1681 -5.72 32.72 -52.27
CA ARG B 1681 -6.50 33.90 -52.63
C ARG B 1681 -5.81 34.68 -53.74
N ASN B 1682 -6.43 34.65 -54.94
CA ASN B 1682 -5.96 35.24 -56.20
C ASN B 1682 -4.59 34.63 -56.54
N PHE B 1683 -4.60 33.39 -57.02
CA PHE B 1683 -3.50 32.95 -57.87
C PHE B 1683 -3.56 33.71 -59.18
N SER B 1684 -2.43 34.23 -59.62
CA SER B 1684 -2.38 35.02 -60.84
C SER B 1684 -1.21 34.54 -61.70
N VAL B 1685 -1.35 34.66 -63.01
CA VAL B 1685 -0.39 34.16 -63.96
C VAL B 1685 0.00 35.27 -64.93
N ARG B 1686 1.30 35.49 -65.09
CA ARG B 1686 1.81 36.50 -66.01
C ARG B 1686 2.71 35.81 -67.03
N VAL B 1687 2.50 36.14 -68.30
CA VAL B 1687 3.32 35.59 -69.38
C VAL B 1687 4.54 36.49 -69.55
N LEU B 1688 5.68 36.04 -69.04
CA LEU B 1688 6.91 36.82 -69.12
C LEU B 1688 7.67 36.60 -70.42
N SER B 1689 7.97 35.36 -70.77
CA SER B 1689 8.67 35.03 -72.00
C SER B 1689 8.02 33.79 -72.59
N PRO B 1690 8.47 33.37 -73.78
CA PRO B 1690 7.76 32.30 -74.50
C PRO B 1690 7.98 30.90 -73.94
N ARG B 1691 8.92 30.73 -73.03
CA ARG B 1691 8.98 29.54 -72.19
C ARG B 1691 8.96 29.89 -70.71
N GLU B 1692 8.56 31.11 -70.34
CA GLU B 1692 8.68 31.54 -68.95
C GLU B 1692 7.41 32.23 -68.49
N LEU B 1693 6.76 31.66 -67.48
CA LEU B 1693 5.57 32.24 -66.90
C LEU B 1693 5.85 32.68 -65.47
N GLU B 1694 5.15 33.72 -65.04
CA GLU B 1694 5.29 34.24 -63.69
C GLU B 1694 4.00 33.98 -62.92
N VAL B 1695 4.06 33.10 -61.93
CA VAL B 1695 2.92 32.77 -61.09
C VAL B 1695 3.05 33.55 -59.79
N SER B 1696 1.91 34.01 -59.26
CA SER B 1696 1.90 34.73 -58.00
C SER B 1696 0.64 34.37 -57.23
N TRP B 1697 0.83 33.96 -55.99
CA TRP B 1697 -0.27 33.47 -55.16
C TRP B 1697 -0.04 33.90 -53.71
N LEU B 1698 -1.12 33.91 -52.96
CA LEU B 1698 -1.12 34.30 -51.56
C LEU B 1698 -1.77 33.22 -50.70
N PRO B 1699 -1.50 33.21 -49.38
CA PRO B 1699 -2.00 32.20 -48.44
C PRO B 1699 -3.49 32.35 -48.12
N VAL B 1708 1.91 25.31 -43.95
CA VAL B 1708 1.20 24.85 -45.14
C VAL B 1708 2.06 25.06 -46.38
N TYR B 1709 2.10 24.04 -47.24
CA TYR B 1709 2.84 24.08 -48.49
C TYR B 1709 1.89 24.26 -49.66
N TYR B 1710 2.47 24.41 -50.85
CA TYR B 1710 1.70 24.62 -52.07
C TYR B 1710 2.17 23.66 -53.15
N THR B 1711 1.23 23.28 -54.02
CA THR B 1711 1.50 22.42 -55.16
C THR B 1711 1.00 23.13 -56.41
N LEU B 1712 1.90 23.43 -57.33
CA LEU B 1712 1.54 24.13 -58.55
C LEU B 1712 1.44 23.15 -59.70
N HIS B 1713 0.28 23.12 -60.35
CA HIS B 1713 0.04 22.25 -61.49
C HIS B 1713 -0.19 23.07 -62.74
N TRP B 1714 0.58 22.77 -63.79
CA TRP B 1714 0.44 23.44 -65.07
C TRP B 1714 0.34 22.38 -66.17
N GLN B 1715 -0.71 22.49 -66.98
CA GLN B 1715 -0.98 21.51 -68.02
C GLN B 1715 -1.11 22.20 -69.35
N GLN B 1716 -0.44 21.65 -70.38
CA GLN B 1716 -0.52 22.21 -71.72
C GLN B 1716 -1.84 21.85 -72.38
N GLU B 1717 -2.48 22.84 -72.99
CA GLU B 1717 -3.75 22.63 -73.67
C GLU B 1717 -3.54 22.03 -75.06
N GLU B 1733 3.52 19.13 -61.71
CA GLU B 1733 3.33 19.64 -60.35
C GLU B 1733 4.66 19.94 -59.68
N ARG B 1734 4.72 21.07 -58.97
CA ARG B 1734 5.94 21.49 -58.28
C ARG B 1734 5.57 21.85 -56.84
N ARG B 1735 6.35 21.36 -55.89
CA ARG B 1735 6.10 21.65 -54.49
C ARG B 1735 6.86 22.90 -54.05
N LEU B 1736 6.15 23.79 -53.37
CA LEU B 1736 6.73 25.02 -52.86
C LEU B 1736 6.42 25.13 -51.38
N GLU B 1737 7.37 25.68 -50.61
CA GLU B 1737 7.20 25.76 -49.17
C GLU B 1737 6.42 27.01 -48.74
N THR B 1738 6.47 28.08 -49.52
CA THR B 1738 5.83 29.33 -49.16
C THR B 1738 5.12 29.92 -50.37
N ALA B 1739 4.08 30.71 -50.09
CA ALA B 1739 3.38 31.43 -51.14
C ALA B 1739 4.15 32.67 -51.54
N GLY B 1740 3.74 33.27 -52.66
CA GLY B 1740 4.40 34.44 -53.17
C GLY B 1740 4.55 34.39 -54.68
N THR B 1741 5.67 34.86 -55.19
CA THR B 1741 5.94 34.89 -56.62
C THR B 1741 6.94 33.79 -56.97
N HIS B 1742 6.66 33.08 -58.06
CA HIS B 1742 7.52 32.02 -58.55
C HIS B 1742 7.57 32.09 -60.08
N ARG B 1743 8.62 31.51 -60.64
CA ARG B 1743 8.82 31.48 -62.08
C ARG B 1743 8.77 30.04 -62.58
N LEU B 1744 7.89 29.78 -63.54
CA LEU B 1744 7.73 28.47 -64.15
C LEU B 1744 8.41 28.50 -65.52
N THR B 1745 9.46 27.70 -65.68
CA THR B 1745 10.23 27.65 -66.90
C THR B 1745 9.81 26.45 -67.74
N GLY B 1746 10.18 26.50 -69.02
CA GLY B 1746 9.86 25.44 -69.94
C GLY B 1746 8.43 25.45 -70.42
N GLY B 1752 -1.35 27.55 -74.94
CA GLY B 1752 -2.44 27.09 -74.10
C GLY B 1752 -1.97 26.32 -72.89
N TYR B 1753 -2.25 26.85 -71.70
CA TYR B 1753 -1.83 26.22 -70.45
C TYR B 1753 -2.81 26.56 -69.36
N SER B 1754 -3.27 25.54 -68.65
CA SER B 1754 -4.16 25.69 -67.50
C SER B 1754 -3.34 25.46 -66.24
N LEU B 1755 -3.41 26.42 -65.32
CA LEU B 1755 -2.60 26.40 -64.11
C LEU B 1755 -3.50 26.49 -62.88
N TRP B 1756 -3.08 25.77 -61.83
CA TRP B 1756 -3.80 25.78 -60.57
C TRP B 1756 -2.78 25.64 -59.44
N VAL B 1757 -3.17 26.12 -58.26
CA VAL B 1757 -2.34 26.06 -57.07
C VAL B 1757 -3.16 25.47 -55.94
N GLN B 1758 -2.64 24.39 -55.35
CA GLN B 1758 -3.30 23.72 -54.23
C GLN B 1758 -2.56 24.01 -52.95
N ALA B 1759 -3.31 24.40 -51.91
CA ALA B 1759 -2.73 24.70 -50.61
C ALA B 1759 -2.97 23.52 -49.68
N HIS B 1760 -1.89 22.83 -49.29
CA HIS B 1760 -1.99 21.67 -48.42
C HIS B 1760 -1.39 21.95 -47.05
N SER B 1766 -7.42 19.68 -48.07
CA SER B 1766 -6.64 20.56 -48.93
C SER B 1766 -7.42 20.94 -50.19
N ASN B 1767 -7.69 22.23 -50.34
CA ASN B 1767 -8.39 22.76 -51.49
C ASN B 1767 -7.43 23.44 -52.46
N SER B 1768 -7.86 23.60 -53.71
CA SER B 1768 -7.07 24.25 -54.74
C SER B 1768 -7.75 25.56 -55.17
N SER B 1769 -7.00 26.37 -55.90
CA SER B 1769 -7.52 27.61 -56.43
C SER B 1769 -8.19 27.37 -57.78
N GLU B 1770 -8.62 28.48 -58.41
CA GLU B 1770 -9.24 28.40 -59.71
C GLU B 1770 -8.19 28.18 -60.79
N ARG B 1771 -8.58 27.45 -61.83
CA ARG B 1771 -7.69 27.14 -62.94
C ARG B 1771 -7.68 28.28 -63.93
N LEU B 1772 -6.50 28.83 -64.20
CA LEU B 1772 -6.34 29.95 -65.12
C LEU B 1772 -5.76 29.45 -66.44
N HIS B 1773 -6.36 29.89 -67.53
CA HIS B 1773 -5.93 29.52 -68.87
C HIS B 1773 -5.16 30.68 -69.50
N VAL B 1774 -3.96 30.39 -69.98
CA VAL B 1774 -3.08 31.41 -70.55
C VAL B 1774 -2.46 30.89 -71.84
N ARG B 1775 -1.88 31.79 -72.61
CA ARG B 1775 -1.21 31.43 -73.85
C ARG B 1775 0.26 31.83 -73.80
N GLU B 1779 6.86 30.43 -79.09
CA GLU B 1779 8.19 30.92 -79.41
C GLU B 1779 8.13 32.19 -80.24
N LEU B 1780 9.03 33.13 -79.94
CA LEU B 1780 9.07 34.37 -80.68
C LEU B 1780 9.77 34.16 -82.04
N PRO B 1781 9.39 34.92 -83.05
CA PRO B 1781 10.08 34.81 -84.34
C PRO B 1781 11.41 35.53 -84.32
N GLU B 1782 12.29 35.13 -85.23
CA GLU B 1782 13.60 35.77 -85.34
C GLU B 1782 13.50 37.11 -86.05
N LEU B 1783 14.53 37.93 -85.87
CA LEU B 1783 14.53 39.26 -86.46
C LEU B 1783 14.91 39.21 -87.94
N GLN B 1784 14.03 39.73 -88.78
CA GLN B 1784 14.26 39.81 -90.22
C GLN B 1784 14.59 41.23 -90.60
N LEU B 1785 15.69 41.41 -91.32
CA LEU B 1785 16.14 42.74 -91.71
C LEU B 1785 15.33 43.22 -92.91
N LEU B 1786 14.50 44.24 -92.70
CA LEU B 1786 13.68 44.80 -93.76
C LEU B 1786 14.43 45.86 -94.56
N GLU B 1787 15.20 46.72 -93.87
CA GLU B 1787 15.95 47.76 -94.52
C GLU B 1787 17.25 48.02 -93.76
N LEU B 1788 18.36 48.07 -94.49
CA LEU B 1788 19.68 48.30 -93.91
C LEU B 1788 20.23 49.61 -94.47
N GLY B 1789 20.45 50.58 -93.59
CA GLY B 1789 20.98 51.86 -94.00
C GLY B 1789 22.25 52.20 -93.25
N PRO B 1790 22.84 53.37 -93.57
CA PRO B 1790 24.06 53.78 -92.88
C PRO B 1790 23.80 54.37 -91.50
N TYR B 1791 22.66 55.03 -91.30
CA TYR B 1791 22.32 55.63 -90.01
C TYR B 1791 20.99 55.12 -89.46
N SER B 1792 20.42 54.08 -90.06
CA SER B 1792 19.15 53.53 -89.60
C SER B 1792 19.09 52.05 -89.95
N LEU B 1793 18.21 51.33 -89.26
CA LEU B 1793 17.97 49.92 -89.53
C LEU B 1793 16.52 49.59 -89.22
N SER B 1794 15.77 49.14 -90.23
CA SER B 1794 14.37 48.78 -90.07
C SER B 1794 14.28 47.26 -90.05
N LEU B 1795 13.73 46.71 -88.96
CA LEU B 1795 13.60 45.28 -88.77
C LEU B 1795 12.15 44.91 -88.55
N THR B 1796 11.79 43.67 -88.88
CA THR B 1796 10.42 43.20 -88.77
C THR B 1796 10.39 41.80 -88.17
N TRP B 1797 9.30 41.52 -87.45
CA TRP B 1797 9.04 40.20 -86.90
C TRP B 1797 7.54 40.01 -86.79
N ALA B 1798 7.11 38.76 -86.94
CA ALA B 1798 5.68 38.46 -86.92
C ALA B 1798 5.15 38.39 -85.50
N GLY B 1799 5.66 37.44 -84.71
CA GLY B 1799 5.30 37.30 -83.31
C GLY B 1799 3.97 36.58 -83.11
N THR B 1800 3.74 36.18 -81.87
CA THR B 1800 2.45 35.64 -81.51
C THR B 1800 1.43 36.76 -81.35
N PRO B 1801 0.16 36.54 -81.75
CA PRO B 1801 -0.85 37.60 -81.62
C PRO B 1801 -1.49 37.65 -80.25
N ASP B 1802 -0.70 38.07 -79.25
CA ASP B 1802 -1.14 38.18 -77.88
C ASP B 1802 -0.74 39.54 -77.33
N PRO B 1803 -1.48 40.08 -76.36
CA PRO B 1803 -1.12 41.40 -75.83
C PRO B 1803 -0.01 41.30 -74.81
N LEU B 1804 1.04 42.10 -75.01
CA LEU B 1804 2.18 42.17 -74.11
C LEU B 1804 2.22 43.55 -73.47
N GLY B 1805 2.58 43.59 -72.18
CA GLY B 1805 2.72 44.87 -71.50
C GLY B 1805 3.96 45.62 -71.94
N SER B 1806 5.04 44.90 -72.21
CA SER B 1806 6.29 45.48 -72.68
C SER B 1806 6.70 44.79 -73.96
N LEU B 1807 7.21 45.57 -74.92
CA LEU B 1807 7.72 45.03 -76.18
C LEU B 1807 8.77 46.03 -76.69
N GLN B 1808 10.04 45.67 -76.59
CA GLN B 1808 11.12 46.58 -76.93
C GLN B 1808 12.18 45.87 -77.77
N LEU B 1809 12.92 46.66 -78.54
CA LEU B 1809 14.04 46.15 -79.33
C LEU B 1809 15.32 46.82 -78.84
N GLU B 1810 16.30 46.02 -78.46
CA GLU B 1810 17.56 46.51 -77.93
C GLU B 1810 18.69 46.17 -78.90
N CYS B 1811 19.41 47.19 -79.37
CA CYS B 1811 20.56 47.02 -80.23
C CYS B 1811 21.80 47.54 -79.52
N ARG B 1812 22.73 46.64 -79.24
CA ARG B 1812 23.96 46.97 -78.52
C ARG B 1812 25.14 46.84 -79.45
N SER B 1813 25.93 47.89 -79.55
CA SER B 1813 27.19 47.90 -80.28
C SER B 1813 28.34 47.89 -79.28
N SER B 1814 29.56 48.06 -79.80
CA SER B 1814 30.74 48.06 -78.92
C SER B 1814 30.87 49.36 -78.14
N ALA B 1815 30.30 50.46 -78.65
CA ALA B 1815 30.40 51.76 -78.01
C ALA B 1815 29.07 52.34 -77.56
N GLU B 1816 27.95 51.85 -78.09
CA GLU B 1816 26.64 52.39 -77.77
C GLU B 1816 25.63 51.26 -77.62
N GLN B 1817 24.57 51.52 -76.86
CA GLN B 1817 23.46 50.58 -76.70
C GLN B 1817 22.17 51.38 -76.70
N LEU B 1818 21.26 51.06 -77.62
CA LEU B 1818 20.01 51.79 -77.79
C LEU B 1818 18.84 50.84 -77.62
N ARG B 1819 17.90 51.22 -76.75
CA ARG B 1819 16.66 50.47 -76.56
C ARG B 1819 15.51 51.31 -77.08
N ARG B 1820 14.71 50.72 -77.97
CA ARG B 1820 13.59 51.42 -78.60
C ARG B 1820 12.30 50.71 -78.24
N ASN B 1821 11.31 51.48 -77.81
CA ASN B 1821 10.00 50.93 -77.51
C ASN B 1821 9.24 50.69 -78.80
N VAL B 1822 8.87 49.43 -79.05
CA VAL B 1822 8.15 49.06 -80.26
C VAL B 1822 6.68 49.42 -80.11
N LYS B 1828 7.43 45.54 -86.36
CA LYS B 1828 8.51 46.24 -87.02
C LYS B 1828 9.00 47.43 -86.19
N MET B 1829 10.28 47.75 -86.31
CA MET B 1829 10.87 48.87 -85.59
C MET B 1829 12.05 49.40 -86.37
N VAL B 1830 12.22 50.73 -86.35
CA VAL B 1830 13.33 51.39 -87.01
C VAL B 1830 14.25 51.98 -85.94
N VAL B 1831 15.49 51.53 -85.92
CA VAL B 1831 16.50 52.01 -84.99
C VAL B 1831 17.30 53.08 -85.71
N GLU B 1832 17.26 54.30 -85.16
CA GLU B 1832 17.95 55.45 -85.70
C GLU B 1832 18.15 56.46 -84.58
N PRO B 1833 19.32 57.12 -84.51
CA PRO B 1833 20.53 57.02 -85.36
C PRO B 1833 21.48 55.90 -84.93
N LEU B 1834 22.29 55.41 -85.85
CA LEU B 1834 23.33 54.43 -85.58
C LEU B 1834 24.61 54.84 -86.29
N GLN B 1835 25.74 54.34 -85.78
CA GLN B 1835 27.04 54.68 -86.37
C GLN B 1835 27.25 53.91 -87.67
N PRO B 1836 27.90 54.53 -88.64
CA PRO B 1836 28.15 53.85 -89.92
C PRO B 1836 29.29 52.86 -89.82
N ARG B 1837 29.10 51.73 -90.52
CA ARG B 1837 29.96 50.51 -90.51
C ARG B 1837 30.19 49.99 -89.09
N THR B 1838 29.12 49.95 -88.31
CA THR B 1838 29.16 49.50 -86.92
C THR B 1838 28.23 48.31 -86.76
N ARG B 1839 28.73 47.25 -86.12
CA ARG B 1839 27.93 46.06 -85.87
C ARG B 1839 27.19 46.20 -84.55
N TYR B 1840 25.91 45.80 -84.55
CA TYR B 1840 25.08 45.84 -83.37
C TYR B 1840 24.29 44.55 -83.26
N GLN B 1841 24.23 44.00 -82.05
CA GLN B 1841 23.40 42.83 -81.76
C GLN B 1841 22.04 43.32 -81.27
N CYS B 1842 20.99 42.95 -81.98
CA CYS B 1842 19.64 43.38 -81.68
C CYS B 1842 18.81 42.20 -81.20
N ARG B 1843 17.97 42.45 -80.19
CA ARG B 1843 17.15 41.41 -79.59
C ARG B 1843 15.82 42.01 -79.17
N LEU B 1844 14.84 41.13 -78.98
CA LEU B 1844 13.51 41.54 -78.57
C LEU B 1844 13.29 41.18 -77.11
N LEU B 1845 12.85 42.17 -76.33
CA LEU B 1845 12.58 42.01 -74.90
C LEU B 1845 11.09 42.19 -74.67
N LEU B 1846 10.49 41.25 -73.94
CA LEU B 1846 9.07 41.30 -73.65
C LEU B 1846 8.83 41.54 -72.16
N GLY B 1859 14.82 38.00 -76.21
CA GLY B 1859 14.79 36.91 -77.18
C GLY B 1859 16.14 36.61 -77.79
N THR B 1860 16.13 36.01 -78.99
CA THR B 1860 17.36 35.70 -79.68
C THR B 1860 17.97 36.97 -80.28
N ALA B 1861 19.30 37.04 -80.25
CA ALA B 1861 20.04 38.21 -80.68
C ALA B 1861 20.62 37.97 -82.06
N GLU B 1862 20.40 38.92 -82.96
CA GLU B 1862 20.97 38.87 -84.30
C GLU B 1862 21.90 40.06 -84.50
N VAL B 1863 23.08 39.78 -85.05
CA VAL B 1863 24.11 40.78 -85.28
C VAL B 1863 23.92 41.34 -86.69
N TYR B 1864 23.84 42.66 -86.79
CA TYR B 1864 23.68 43.35 -88.06
C TYR B 1864 24.73 44.44 -88.18
N GLU B 1865 25.33 44.56 -89.37
CA GLU B 1865 26.34 45.56 -89.65
C GLU B 1865 25.72 46.66 -90.50
N THR B 1866 25.91 47.90 -90.07
CA THR B 1866 25.34 49.04 -90.79
C THR B 1866 26.18 49.38 -92.01
N LEU B 1867 25.58 50.13 -92.94
CA LEU B 1867 26.26 50.53 -94.16
C LEU B 1867 27.23 51.69 -93.89
N GLY B 1868 28.12 51.91 -94.85
CA GLY B 1868 29.08 52.98 -94.75
C GLY B 1868 28.75 54.16 -95.65
C1 NAG C . -3.02 -14.56 35.65
C2 NAG C . -3.51 -15.41 34.44
C3 NAG C . -4.53 -16.46 34.89
C4 NAG C . -4.01 -17.36 36.03
C5 NAG C . -3.60 -16.44 37.20
C6 NAG C . -2.96 -17.15 38.37
C7 NAG C . -3.52 -14.66 32.13
C8 NAG C . -4.17 -13.76 31.11
N2 NAG C . -4.03 -14.60 33.36
O3 NAG C . -4.89 -17.17 33.74
O4 NAG C . -5.02 -18.28 36.39
O5 NAG C . -2.67 -15.48 36.69
O6 NAG C . -1.71 -17.66 37.97
O7 NAG C . -2.59 -15.39 31.83
C1 NAG C . -4.63 -19.63 36.04
C2 NAG C . -5.52 -20.63 36.81
C3 NAG C . -5.29 -22.05 36.25
C4 NAG C . -5.37 -22.18 34.72
C5 NAG C . -4.44 -21.13 34.08
C6 NAG C . -4.53 -21.05 32.58
C7 NAG C . -5.94 -19.94 39.12
C8 NAG C . -5.45 -20.03 40.54
N2 NAG C . -5.21 -20.60 38.21
O3 NAG C . -6.22 -22.90 36.88
O4 NAG C . -5.00 -23.50 34.38
O5 NAG C . -4.77 -19.85 34.63
O6 NAG C . -5.88 -20.88 32.20
O7 NAG C . -6.95 -19.30 38.83
C1 FUC C . -1.33 -18.71 38.88
C2 FUC C . -0.28 -19.56 38.15
C3 FUC C . 0.98 -18.70 37.98
C4 FUC C . 1.56 -18.13 39.29
C5 FUC C . 0.44 -17.40 40.05
C6 FUC C . 0.80 -17.06 41.48
O2 FUC C . -0.83 -19.98 36.93
O3 FUC C . 1.92 -19.48 37.27
O4 FUC C . 2.11 -19.18 40.04
O5 FUC C . -0.76 -18.19 40.07
C1 NAG D . 47.51 -18.38 31.30
C2 NAG D . 48.79 -18.12 32.15
C3 NAG D . 48.84 -19.13 33.30
C4 NAG D . 47.60 -19.08 34.23
C5 NAG D . 46.31 -19.14 33.38
C6 NAG D . 45.07 -18.79 34.18
C7 NAG D . 51.00 -17.40 31.30
C8 NAG D . 52.13 -17.85 30.41
N2 NAG D . 50.00 -18.28 31.39
O3 NAG D . 50.06 -18.92 33.95
O4 NAG D . 47.69 -20.20 35.08
O5 NAG D . 46.40 -18.31 32.21
O6 NAG D . 43.97 -19.37 33.53
O7 NAG D . 51.04 -16.33 31.89
C1 NAG D . 48.03 -19.85 36.45
C2 NAG D . 47.20 -20.72 37.40
C3 NAG D . 47.76 -20.65 38.84
C4 NAG D . 49.28 -20.82 38.98
C5 NAG D . 49.98 -19.86 37.99
C6 NAG D . 51.48 -20.05 37.93
C7 NAG D . 44.78 -21.15 37.36
C8 NAG D . 43.43 -20.49 37.31
N2 NAG D . 45.82 -20.31 37.36
O3 NAG D . 47.07 -21.62 39.59
O4 NAG D . 49.61 -20.53 40.31
O5 NAG D . 49.42 -20.03 36.69
O6 NAG D . 51.78 -21.29 37.35
O7 NAG D . 44.91 -22.36 37.43
C1 NAG E . -13.16 -27.41 24.07
C2 NAG E . -12.62 -26.04 24.53
C3 NAG E . -11.98 -26.22 25.93
C4 NAG E . -12.89 -26.88 26.99
C5 NAG E . -13.37 -28.22 26.40
C6 NAG E . -14.43 -28.92 27.21
C7 NAG E . -11.67 -24.32 23.00
C8 NAG E . -10.49 -24.02 22.12
N2 NAG E . -11.63 -25.52 23.62
O3 NAG E . -11.55 -24.93 26.29
O4 NAG E . -12.15 -27.05 28.17
O5 NAG E . -13.95 -27.97 25.12
O6 NAG E . -15.65 -28.35 26.89
O7 NAG E . -12.58 -23.52 23.14
C1 NAG E . -12.70 -26.19 29.20
C2 NAG E . -12.42 -26.80 30.59
C3 NAG E . -12.78 -25.76 31.68
C4 NAG E . -12.26 -24.33 31.46
C5 NAG E . -12.58 -23.88 30.02
C6 NAG E . -11.98 -22.56 29.60
C7 NAG E . -12.68 -29.24 30.63
C8 NAG E . -13.66 -30.37 30.84
N2 NAG E . -13.19 -28.00 30.75
O3 NAG E . -12.37 -26.28 32.92
O4 NAG E . -12.88 -23.50 32.42
O5 NAG E . -12.13 -24.89 29.12
O6 NAG E . -10.56 -22.64 29.62
O7 NAG E . -11.52 -29.47 30.35
C1 FUC E . -16.57 -28.58 27.96
C2 FUC E . -17.41 -27.31 28.15
C3 FUC E . -18.31 -27.14 26.91
C4 FUC E . -19.18 -28.37 26.56
C5 FUC E . -18.27 -29.62 26.50
C6 FUC E . -19.02 -30.93 26.44
O2 FUC E . -16.52 -26.23 28.32
O3 FUC E . -19.06 -25.97 27.10
O4 FUC E . -20.20 -28.49 27.52
O5 FUC E . -17.42 -29.67 27.66
C1 NAG F . -58.76 -9.82 8.83
C2 NAG F . -60.16 -10.39 8.53
C3 NAG F . -60.68 -11.16 9.75
C4 NAG F . -59.72 -12.26 10.29
C5 NAG F . -58.29 -11.70 10.42
C6 NAG F . -57.25 -12.77 10.66
C7 NAG F . -61.50 -9.36 6.81
C8 NAG F . -62.47 -8.28 6.44
N2 NAG F . -61.08 -9.38 8.08
O3 NAG F . -61.94 -11.66 9.37
O4 NAG F . -60.18 -12.71 11.56
O5 NAG F . -57.98 -10.97 9.23
O6 NAG F . -56.04 -12.20 11.09
O7 NAG F . -61.11 -10.17 5.98
C1 NAG F . -60.81 -14.00 11.51
C2 NAG F . -60.58 -14.74 12.86
C3 NAG F . -61.57 -15.93 13.02
C4 NAG F . -63.03 -15.62 12.69
C5 NAG F . -63.09 -14.98 11.29
C6 NAG F . -64.47 -14.51 10.92
C7 NAG F . -58.53 -15.24 14.14
C8 NAG F . -57.13 -15.78 14.02
N2 NAG F . -59.23 -15.22 12.98
O3 NAG F . -61.48 -16.41 14.33
O4 NAG F . -63.74 -16.83 12.75
O5 NAG F . -62.21 -13.86 11.26
O6 NAG F . -64.82 -13.45 11.78
O7 NAG F . -58.99 -14.86 15.20
C1 NAG G . 7.33 30.84 1.83
C2 NAG G . 6.11 31.71 2.23
C3 NAG G . 4.83 31.14 1.59
C4 NAG G . 4.92 30.87 0.07
C5 NAG G . 6.15 30.00 -0.19
C6 NAG G . 6.45 29.78 -1.65
C7 NAG G . 5.76 32.76 4.44
C8 NAG G . 5.57 32.45 5.90
N2 NAG G . 5.92 31.68 3.65
O3 NAG G . 3.78 32.03 1.89
O4 NAG G . 3.73 30.23 -0.32
O5 NAG G . 7.29 30.61 0.42
O6 NAG G . 6.49 31.03 -2.30
O7 NAG G . 5.75 33.90 4.02
C1 NAG H . 16.46 47.80 20.49
C2 NAG H . 16.95 49.25 20.67
C3 NAG H . 16.17 50.21 19.73
C4 NAG H . 16.01 49.76 18.27
C5 NAG H . 15.53 48.30 18.24
C6 NAG H . 15.51 47.70 16.84
C7 NAG H . 17.90 49.97 22.78
C8 NAG H . 17.62 50.50 24.17
N2 NAG H . 16.83 49.73 22.01
O3 NAG H . 16.80 51.46 19.83
O4 NAG H . 15.10 50.65 17.68
O5 NAG H . 16.47 47.59 19.07
O6 NAG H . 16.80 47.84 16.32
O7 NAG H . 19.03 49.76 22.41
C1 NAG I . 37.80 9.22 29.86
C2 NAG I . 38.79 9.85 28.85
C3 NAG I . 39.82 10.72 29.60
C4 NAG I . 39.21 11.74 30.59
C5 NAG I . 38.20 11.02 31.50
C6 NAG I . 37.39 11.97 32.36
C7 NAG I . 40.21 7.84 28.17
C8 NAG I . 40.60 7.11 26.91
N2 NAG I . 39.39 8.90 27.94
O3 NAG I . 40.63 11.34 28.64
O4 NAG I . 40.26 12.32 31.31
O5 NAG I . 37.30 10.27 30.69
O6 NAG I . 36.57 12.77 31.54
O7 NAG I . 40.63 7.46 29.26
C1 NAG J . 15.47 25.34 46.98
C2 NAG J . 14.40 25.26 48.08
C3 NAG J . 15.09 25.12 49.45
C4 NAG J . 16.11 23.99 49.55
C5 NAG J . 17.10 24.07 48.37
C6 NAG J . 17.99 22.86 48.25
C7 NAG J . 12.18 26.29 47.87
C8 NAG J . 11.43 27.59 47.84
N2 NAG J . 13.51 26.39 48.03
O3 NAG J . 14.07 24.98 50.41
O4 NAG J . 16.76 24.09 50.79
O5 NAG J . 16.37 24.24 47.14
O6 NAG J . 18.52 22.56 49.51
O7 NAG J . 11.60 25.22 47.74
C1 NAG K . 22.91 7.70 -17.87
C2 NAG K . 21.82 6.91 -17.08
C3 NAG K . 22.48 5.66 -16.44
C4 NAG K . 23.18 4.75 -17.47
C5 NAG K . 24.14 5.59 -18.36
C6 NAG K . 24.71 4.84 -19.53
C7 NAG K . 19.75 7.86 -16.28
C8 NAG K . 19.08 8.78 -15.31
N2 NAG K . 21.08 7.75 -16.18
O3 NAG K . 21.47 4.96 -15.75
O4 NAG K . 23.85 3.74 -16.77
O5 NAG K . 23.46 6.77 -18.82
O6 NAG K . 23.69 4.16 -20.21
O7 NAG K . 19.11 7.26 -17.13
C1 NAG L . 32.95 -29.01 -33.94
C2 NAG L . 34.05 -28.87 -32.86
C3 NAG L . 33.63 -27.77 -31.86
C4 NAG L . 33.17 -26.45 -32.50
C5 NAG L . 32.26 -26.69 -33.75
C6 NAG L . 31.97 -25.43 -34.55
C7 NAG L . 35.46 -30.77 -32.31
C8 NAG L . 35.57 -32.08 -31.55
N2 NAG L . 34.29 -30.12 -32.20
O3 NAG L . 34.70 -27.62 -30.96
O4 NAG L . 32.49 -25.72 -31.50
O5 NAG L . 32.80 -27.74 -34.59
O6 NAG L . 32.96 -24.45 -34.30
O7 NAG L . 36.39 -30.35 -32.98
C1 NAG M . 34.52 34.96 -49.79
C2 NAG M . 35.40 36.15 -50.28
C3 NAG M . 36.77 35.71 -50.82
C4 NAG M . 37.48 34.76 -49.86
C5 NAG M . 36.61 33.49 -49.68
C6 NAG M . 36.73 32.84 -48.33
C7 NAG M . 34.19 38.16 -51.01
C8 NAG M . 33.48 38.81 -52.17
N2 NAG M . 34.69 36.94 -51.25
O3 NAG M . 37.52 36.87 -51.07
O4 NAG M . 38.75 34.46 -50.39
O5 NAG M . 35.21 33.71 -49.95
O6 NAG M . 37.99 33.12 -47.75
O7 NAG M . 34.29 38.73 -49.93
C1 NAG N . 33.63 32.93 -32.90
C2 NAG N . 33.97 31.62 -32.16
C3 NAG N . 35.51 31.50 -32.02
C4 NAG N . 36.31 31.72 -33.30
C5 NAG N . 35.89 33.07 -33.92
C6 NAG N . 36.48 33.35 -35.28
C7 NAG N . 32.68 30.51 -30.38
C8 NAG N . 32.12 30.69 -28.99
N2 NAG N . 33.35 31.57 -30.87
O3 NAG N . 35.78 30.25 -31.45
O4 NAG N . 37.68 31.71 -32.96
O5 NAG N . 34.47 33.07 -34.04
O6 NAG N . 35.97 32.44 -36.22
O7 NAG N . 32.51 29.46 -30.99
C1 NAG O . 27.00 27.83 -11.57
C2 NAG O . 25.79 28.83 -11.44
C3 NAG O . 25.63 29.27 -9.96
C4 NAG O . 25.59 28.11 -8.94
C5 NAG O . 26.82 27.22 -9.13
C6 NAG O . 26.78 25.96 -8.29
C7 NAG O . 26.16 31.06 -12.84
C8 NAG O . 27.52 31.51 -12.35
N2 NAG O . 25.56 29.93 -12.40
O3 NAG O . 24.50 30.08 -9.86
O4 NAG O . 25.59 28.69 -7.66
O5 NAG O . 26.90 26.87 -10.51
O6 NAG O . 25.47 25.44 -8.26
O7 NAG O . 25.61 31.75 -13.67
C1 NAG P . 1.70 2.19 14.71
C2 NAG P . 2.98 1.65 15.32
C3 NAG P . 3.84 1.06 14.21
C4 NAG P . 3.04 -0.01 13.51
C5 NAG P . 1.75 0.59 12.96
C6 NAG P . 0.93 -0.46 12.24
C7 NAG P . 3.53 2.77 17.38
C8 NAG P . 4.33 1.79 18.20
N2 NAG P . 3.69 2.67 16.06
O3 NAG P . 5.03 0.49 14.78
O4 NAG P . 3.80 -0.55 12.41
O5 NAG P . 0.99 1.16 14.03
O6 NAG P . -0.22 0.15 11.64
O7 NAG P . 2.79 3.59 17.88
C1 NAG Q . -0.01 -11.61 -29.76
C2 NAG Q . 1.19 -12.59 -29.82
C3 NAG Q . 2.36 -11.99 -29.02
C4 NAG Q . 2.73 -10.53 -29.34
C5 NAG Q . 1.46 -9.68 -29.28
C6 NAG Q . 1.66 -8.25 -29.72
C7 NAG Q . 0.93 -15.01 -30.00
C8 NAG Q . 0.53 -16.26 -29.24
N2 NAG Q . 0.85 -13.88 -29.29
O3 NAG Q . 3.46 -12.85 -29.21
O4 NAG Q . 3.70 -10.10 -28.42
O5 NAG Q . 0.48 -10.31 -30.10
O6 NAG Q . 2.23 -8.24 -31.01
O7 NAG Q . 1.27 -15.05 -31.16
C1 NAG R . -10.51 -31.93 -43.01
C2 NAG R . -10.68 -32.48 -44.45
C3 NAG R . -9.43 -32.16 -45.29
C4 NAG R . -8.87 -30.73 -45.21
C5 NAG R . -8.77 -30.31 -43.74
C6 NAG R . -8.39 -28.86 -43.56
C7 NAG R . -12.06 -34.41 -44.92
C8 NAG R . -12.16 -35.92 -44.96
N2 NAG R . -10.91 -33.89 -44.51
O3 NAG R . -9.76 -32.52 -46.62
O4 NAG R . -7.63 -30.74 -45.88
O5 NAG R . -10.07 -30.58 -43.20
O6 NAG R . -9.39 -28.10 -44.20
O7 NAG R . -13.01 -33.72 -45.22
C1 NAG S . -42.36 -21.13 -13.00
C2 NAG S . -42.76 -20.20 -14.17
C3 NAG S . -43.75 -20.95 -15.09
C4 NAG S . -43.28 -22.36 -15.54
C5 NAG S . -42.85 -23.17 -14.30
C6 NAG S . -42.18 -24.48 -14.64
C7 NAG S . -44.29 -18.52 -13.01
C8 NAG S . -44.40 -17.02 -12.84
N2 NAG S . -43.23 -18.89 -13.75
O3 NAG S . -44.01 -20.12 -16.18
O4 NAG S . -44.36 -22.96 -16.22
O5 NAG S . -41.94 -22.38 -13.53
O6 NAG S . -40.98 -24.23 -15.30
O7 NAG S . -45.14 -19.26 -12.52
C1 NAG T . -23.98 -47.84 -15.24
C2 NAG T . -23.39 -49.06 -14.49
C3 NAG T . -24.51 -50.07 -14.22
C4 NAG T . -25.75 -49.49 -13.52
C5 NAG T . -26.23 -48.24 -14.26
C6 NAG T . -27.28 -47.46 -13.51
C7 NAG T . -21.06 -49.76 -14.73
C8 NAG T . -20.07 -50.42 -15.66
N2 NAG T . -22.31 -49.65 -15.22
O3 NAG T . -23.96 -51.13 -13.48
O4 NAG T . -26.75 -50.49 -13.48
O5 NAG T . -25.11 -47.37 -14.51
O6 NAG T . -28.28 -48.36 -13.08
O7 NAG T . -20.73 -49.37 -13.62
C1 NAG U . -6.80 -15.01 1.60
C2 NAG U . -7.02 -13.94 2.65
C3 NAG U . -8.48 -13.53 2.68
C4 NAG U . -8.87 -13.05 1.30
C5 NAG U . -8.59 -14.15 0.31
C6 NAG U . -8.83 -13.70 -1.11
C7 NAG U . -5.44 -14.05 4.49
C8 NAG U . -5.52 -13.04 5.60
N2 NAG U . -6.60 -14.41 3.95
O3 NAG U . -8.66 -12.48 3.63
O4 NAG U . -10.26 -12.72 1.26
O5 NAG U . -7.22 -14.52 0.34
O6 NAG U . -7.61 -13.13 -1.59
O7 NAG U . -4.37 -14.51 4.12
C1 NAG V . -12.69 18.98 -19.30
C2 NAG V . -12.07 18.36 -18.04
C3 NAG V . -13.19 18.28 -16.97
C4 NAG V . -14.00 19.57 -16.71
C5 NAG V . -14.40 20.20 -18.06
C6 NAG V . -15.01 21.59 -17.98
C7 NAG V . -10.25 16.71 -18.06
C8 NAG V . -9.91 15.32 -18.51
N2 NAG V . -11.52 17.09 -18.34
O3 NAG V . -12.63 17.81 -15.78
O4 NAG V . -15.15 19.19 -16.00
O5 NAG V . -13.27 20.23 -18.92
O6 NAG V . -14.06 22.53 -17.54
O7 NAG V . -9.45 17.43 -17.48
C1 NAG W . -25.69 49.49 5.27
C2 NAG W . -26.92 48.55 5.16
C3 NAG W . -26.40 47.17 4.72
C4 NAG W . -25.44 47.14 3.52
C5 NAG W . -24.42 48.33 3.60
C6 NAG W . -23.58 48.50 2.35
C7 NAG W . -28.84 48.91 6.69
C8 NAG W . -29.27 48.72 8.12
N2 NAG W . -27.58 48.49 6.43
O3 NAG W . -27.52 46.35 4.48
O4 NAG W . -24.79 45.88 3.53
O5 NAG W . -25.05 49.59 4.00
O6 NAG W . -24.09 47.72 1.30
O7 NAG W . -29.58 49.39 5.85
C1 NAG X . -5.96 40.11 -56.55
C2 NAG X . -6.38 40.66 -57.95
C3 NAG X . -7.65 41.52 -57.95
C4 NAG X . -8.79 40.85 -57.17
C5 NAG X . -8.33 40.65 -55.70
C6 NAG X . -9.37 39.93 -54.87
C7 NAG X . -4.95 40.60 -59.95
C8 NAG X . -3.81 41.20 -60.74
N2 NAG X . -5.30 41.18 -58.77
O3 NAG X . -7.97 41.69 -59.31
O4 NAG X . -9.93 41.67 -57.27
O5 NAG X . -7.08 39.92 -55.64
O6 NAG X . -9.90 38.84 -55.59
O7 NAG X . -5.50 39.59 -60.34
C1 NAG Y . -11.47 25.74 -50.09
C2 NAG Y . -12.38 25.60 -48.85
C3 NAG Y . -13.85 25.87 -49.25
C4 NAG Y . -14.08 27.16 -50.07
C5 NAG Y . -13.12 27.15 -51.27
C6 NAG Y . -13.12 28.42 -52.10
C7 NAG Y . -12.07 24.07 -46.93
C8 NAG Y . -11.99 22.61 -46.53
N2 NAG Y . -12.27 24.30 -48.25
O3 NAG Y . -14.61 25.87 -48.08
O4 NAG Y . -15.43 27.18 -50.47
O5 NAG Y . -11.79 26.93 -50.79
O6 NAG Y . -12.61 29.49 -51.35
O7 NAG Y . -11.98 24.96 -46.10
C1 NAG Z . -13.98 6.75 -37.40
C2 NAG Z . -12.68 5.97 -37.86
C3 NAG Z . -12.92 4.45 -37.79
C4 NAG Z . -13.51 3.94 -36.46
C5 NAG Z . -14.77 4.73 -36.12
C6 NAG Z . -15.33 4.43 -34.74
C7 NAG Z . -12.00 6.51 -40.38
C8 NAG Z . -13.30 6.23 -41.10
N2 NAG Z . -11.88 6.38 -39.02
O3 NAG Z . -11.73 3.79 -38.12
O4 NAG Z . -13.82 2.58 -36.62
O5 NAG Z . -14.46 6.13 -36.22
O6 NAG Z . -14.27 4.27 -33.82
O7 NAG Z . -11.04 6.87 -41.04
#